data_7EG2
#
_entry.id   7EG2
#
_cell.length_a   91.310
_cell.length_b   98.140
_cell.length_c   121.480
_cell.angle_alpha   77.470
_cell.angle_beta   73.470
_cell.angle_gamma   75.160
#
_symmetry.space_group_name_H-M   'P 1'
#
loop_
_entity.id
_entity.type
_entity.pdbx_description
1 polymer Aequorin-2
2 non-polymer (2~{S})-2-(hydroxymethyl)-6-(4-hydroxyphenyl)-2-[(4-hydroxyphenyl)methyl]-4-(phenylmethyl)-3~{H}-inden-1-one
3 water water
#
_entity_poly.entity_id   1
_entity_poly.type   'polypeptide(L)'
_entity_poly.pdbx_seq_one_letter_code
;ANSHHHHHHGKLTSDFDNPRWIGRHKHMFNFLDVNHNGKISLDEMVYKASDIVINNLGATPEQAKRHKDAVEAFFGGAGM
KYGVETDWPAYIEGWKKLATDELEKYAKNEPTLIRIWGDALFDIVDKDQNGAITLDEWKAYTKAAGIIQSSEDCEETFRV
CDIDESGQLDVDEMTRQHLGFWYTMDPACEKLYGGAVP
;
_entity_poly.pdbx_strand_id   A,B,C,D,E,F,G,H,I,J,K,L,M,N,O,P
#
# COMPACT_ATOMS: atom_id res chain seq x y z
N HIS A 7 -29.21 12.03 41.71
CA HIS A 7 -28.45 10.91 42.25
C HIS A 7 -26.95 11.24 42.25
N HIS A 8 -26.20 10.54 43.10
CA HIS A 8 -24.79 10.84 43.33
C HIS A 8 -23.94 9.96 42.43
N HIS A 9 -23.33 10.57 41.40
CA HIS A 9 -22.44 9.86 40.51
C HIS A 9 -21.03 9.71 41.07
N GLY A 10 -20.64 10.58 41.98
CA GLY A 10 -19.29 10.52 42.54
C GLY A 10 -19.08 11.55 43.61
N LYS A 11 -17.82 11.85 43.86
CA LYS A 11 -17.42 12.75 44.94
C LYS A 11 -16.14 13.45 44.52
N LEU A 12 -16.21 14.76 44.31
CA LEU A 12 -15.06 15.54 43.87
C LEU A 12 -14.48 16.41 44.98
N THR A 13 -14.71 16.05 46.24
CA THR A 13 -14.20 16.80 47.37
C THR A 13 -13.23 15.92 48.17
N SER A 14 -12.15 16.54 48.63
CA SER A 14 -11.15 15.82 49.39
C SER A 14 -11.62 15.63 50.84
N ASP A 15 -11.03 14.65 51.51
CA ASP A 15 -11.32 14.35 52.90
C ASP A 15 -10.02 13.93 53.59
N PHE A 16 -9.05 14.84 53.59
CA PHE A 16 -7.71 14.52 54.07
C PHE A 16 -7.63 14.42 55.59
N ASP A 17 -8.56 15.05 56.30
CA ASP A 17 -8.58 14.95 57.76
C ASP A 17 -9.27 13.68 58.25
N ASN A 18 -9.93 12.95 57.36
CA ASN A 18 -10.53 11.67 57.70
C ASN A 18 -9.43 10.70 58.15
N PRO A 19 -9.46 10.22 59.39
CA PRO A 19 -8.39 9.32 59.84
C PRO A 19 -8.33 8.01 59.05
N ARG A 20 -9.45 7.58 58.47
CA ARG A 20 -9.42 6.35 57.67
C ARG A 20 -8.74 6.57 56.33
N TRP A 21 -8.74 7.81 55.81
CA TRP A 21 -7.97 8.09 54.61
C TRP A 21 -6.48 8.07 54.90
N ILE A 22 -6.06 8.68 56.02
CA ILE A 22 -4.67 8.63 56.43
C ILE A 22 -4.24 7.19 56.68
N GLY A 23 -5.09 6.43 57.40
CA GLY A 23 -4.77 5.04 57.68
C GLY A 23 -4.74 4.18 56.45
N ARG A 24 -5.51 4.54 55.42
CA ARG A 24 -5.48 3.79 54.17
C ARG A 24 -4.13 3.91 53.48
N HIS A 25 -3.59 5.14 53.41
CA HIS A 25 -2.31 5.35 52.77
C HIS A 25 -1.13 5.04 53.69
N LYS A 26 -1.33 5.11 55.02
CA LYS A 26 -0.30 4.63 55.92
C LYS A 26 -0.13 3.11 55.79
N HIS A 27 -1.25 2.38 55.65
CA HIS A 27 -1.17 0.96 55.35
C HIS A 27 -0.41 0.72 54.05
N MET A 28 -0.70 1.52 53.02
CA MET A 28 0.02 1.38 51.75
C MET A 28 1.49 1.74 51.91
N PHE A 29 1.79 2.77 52.72
CA PHE A 29 3.18 3.14 52.94
C PHE A 29 3.96 2.00 53.58
N ASN A 30 3.41 1.41 54.64
CA ASN A 30 4.08 0.28 55.29
C ASN A 30 4.18 -0.92 54.35
N PHE A 31 3.21 -1.07 53.44
CA PHE A 31 3.29 -2.15 52.45
C PHE A 31 4.40 -1.90 51.44
N LEU A 32 4.65 -0.64 51.08
CA LEU A 32 5.71 -0.31 50.14
C LEU A 32 7.09 -0.28 50.79
N ASP A 33 7.15 -0.08 52.11
CA ASP A 33 8.42 -0.03 52.83
C ASP A 33 8.81 -1.44 53.28
N VAL A 34 9.17 -2.27 52.29
CA VAL A 34 9.40 -3.68 52.56
C VAL A 34 10.65 -3.89 53.42
N ASN A 35 11.59 -2.95 53.38
CA ASN A 35 12.82 -3.04 54.16
C ASN A 35 12.75 -2.28 55.47
N HIS A 36 11.57 -1.76 55.83
CA HIS A 36 11.34 -1.13 57.14
C HIS A 36 12.32 -0.01 57.43
N ASN A 37 12.58 0.82 56.42
CA ASN A 37 13.46 1.97 56.58
C ASN A 37 12.73 3.21 57.06
N GLY A 38 11.40 3.21 57.08
CA GLY A 38 10.65 4.42 57.29
C GLY A 38 10.67 5.39 56.13
N LYS A 39 11.35 5.04 55.04
CA LYS A 39 11.47 5.89 53.87
C LYS A 39 11.45 5.04 52.62
N ILE A 40 10.84 5.57 51.55
CA ILE A 40 10.83 4.92 50.25
C ILE A 40 11.19 5.95 49.20
N SER A 41 11.67 5.46 48.06
CA SER A 41 12.14 6.32 46.97
C SER A 41 11.39 6.00 45.68
N LEU A 42 11.43 6.95 44.75
CA LEU A 42 10.83 6.72 43.43
C LEU A 42 11.55 5.60 42.70
N ASP A 43 12.85 5.43 42.94
CA ASP A 43 13.59 4.34 42.32
C ASP A 43 12.99 2.99 42.71
N GLU A 44 12.65 2.81 43.98
CA GLU A 44 12.10 1.55 44.45
C GLU A 44 10.70 1.31 43.88
N MET A 45 9.88 2.35 43.81
CA MET A 45 8.52 2.19 43.34
C MET A 45 8.49 1.82 41.87
N VAL A 46 9.27 2.53 41.04
CA VAL A 46 9.28 2.22 39.62
C VAL A 46 9.95 0.88 39.35
N TYR A 47 10.95 0.52 40.16
CA TYR A 47 11.56 -0.80 40.00
C TYR A 47 10.53 -1.90 40.28
N LYS A 48 9.82 -1.79 41.40
CA LYS A 48 8.76 -2.75 41.72
C LYS A 48 7.75 -2.83 40.58
N ALA A 49 7.30 -1.67 40.09
CA ALA A 49 6.28 -1.63 39.04
C ALA A 49 6.75 -2.31 37.77
N SER A 50 7.97 -1.98 37.32
CA SER A 50 8.48 -2.58 36.09
C SER A 50 8.82 -4.05 36.29
N ASP A 51 9.30 -4.42 37.49
CA ASP A 51 9.65 -5.80 37.75
C ASP A 51 8.43 -6.71 37.64
N ILE A 52 7.27 -6.23 38.07
CA ILE A 52 6.06 -7.04 38.00
C ILE A 52 5.66 -7.30 36.55
N VAL A 53 5.55 -6.24 35.76
CA VAL A 53 5.02 -6.41 34.40
C VAL A 53 6.03 -7.13 33.50
N ILE A 54 7.33 -6.94 33.74
CA ILE A 54 8.33 -7.55 32.89
C ILE A 54 8.60 -9.00 33.30
N ASN A 55 8.85 -9.22 34.59
CA ASN A 55 9.30 -10.52 35.06
C ASN A 55 8.19 -11.42 35.58
N ASN A 56 6.96 -10.93 35.69
CA ASN A 56 5.83 -11.76 36.08
C ASN A 56 4.73 -11.80 35.04
N LEU A 57 4.47 -10.70 34.34
CA LEU A 57 3.35 -10.61 33.42
C LEU A 57 3.75 -10.61 31.96
N GLY A 58 5.05 -10.74 31.65
CA GLY A 58 5.50 -10.87 30.28
C GLY A 58 5.26 -9.66 29.41
N ALA A 59 5.49 -8.46 29.94
CA ALA A 59 5.29 -7.24 29.15
C ALA A 59 6.36 -7.10 28.09
N THR A 60 5.94 -6.65 26.91
CA THR A 60 6.89 -6.34 25.85
C THR A 60 7.64 -5.06 26.20
N PRO A 61 8.82 -4.85 25.61
CA PRO A 61 9.55 -3.60 25.87
C PRO A 61 8.74 -2.35 25.59
N GLU A 62 7.87 -2.38 24.57
CA GLU A 62 7.02 -1.23 24.30
C GLU A 62 6.00 -1.03 25.41
N GLN A 63 5.38 -2.13 25.87
CA GLN A 63 4.40 -2.02 26.95
C GLN A 63 5.06 -1.55 28.24
N ALA A 64 6.24 -2.09 28.56
CA ALA A 64 6.91 -1.73 29.81
C ALA A 64 7.32 -0.27 29.82
N LYS A 65 7.70 0.27 28.65
CA LYS A 65 8.07 1.69 28.59
C LYS A 65 6.88 2.57 28.90
N ARG A 66 5.74 2.30 28.26
CA ARG A 66 4.53 3.07 28.53
C ARG A 66 4.10 2.92 29.99
N HIS A 67 4.17 1.69 30.52
CA HIS A 67 3.81 1.45 31.91
C HIS A 67 4.76 2.16 32.87
N LYS A 68 6.05 2.19 32.53
CA LYS A 68 7.03 2.83 33.41
C LYS A 68 6.78 4.33 33.53
N ASP A 69 6.52 5.00 32.40
CA ASP A 69 6.24 6.43 32.45
C ASP A 69 4.99 6.73 33.26
N ALA A 70 4.02 5.82 33.24
CA ALA A 70 2.77 6.05 33.97
C ALA A 70 2.98 5.94 35.47
N VAL A 71 3.67 4.88 35.92
CA VAL A 71 3.97 4.74 37.34
C VAL A 71 4.86 5.88 37.82
N GLU A 72 5.85 6.23 37.02
CA GLU A 72 6.76 7.33 37.36
C GLU A 72 5.98 8.63 37.57
N ALA A 73 5.06 8.93 36.66
CA ALA A 73 4.25 10.13 36.80
C ALA A 73 3.32 10.04 38.02
N PHE A 74 2.85 8.84 38.35
CA PHE A 74 1.92 8.67 39.46
C PHE A 74 2.59 8.99 40.79
N PHE A 75 3.62 8.22 41.15
CA PHE A 75 4.30 8.48 42.41
C PHE A 75 5.06 9.80 42.39
N GLY A 76 5.48 10.25 41.21
CA GLY A 76 6.05 11.58 41.11
C GLY A 76 5.06 12.67 41.45
N GLY A 77 3.78 12.45 41.14
CA GLY A 77 2.74 13.39 41.52
C GLY A 77 2.55 13.52 43.02
N ALA A 78 2.99 12.52 43.79
CA ALA A 78 2.98 12.58 45.24
C ALA A 78 4.28 13.16 45.80
N GLY A 79 5.10 13.78 44.96
CA GLY A 79 6.33 14.42 45.41
C GLY A 79 7.54 13.51 45.51
N MET A 80 7.42 12.25 45.11
CA MET A 80 8.55 11.35 45.16
C MET A 80 9.47 11.58 43.95
N LYS A 81 10.77 11.49 44.18
CA LYS A 81 11.77 11.78 43.16
C LYS A 81 12.86 10.73 43.19
N TYR A 82 13.52 10.57 42.04
CA TYR A 82 14.65 9.64 41.96
C TYR A 82 15.79 10.14 42.83
N GLY A 83 16.39 9.20 43.58
CA GLY A 83 17.49 9.52 44.47
C GLY A 83 17.10 10.21 45.75
N VAL A 84 15.81 10.41 46.00
CA VAL A 84 15.33 11.08 47.20
C VAL A 84 14.51 10.09 48.01
N GLU A 85 14.81 10.01 49.30
CA GLU A 85 14.06 9.14 50.22
C GLU A 85 12.92 9.92 50.83
N THR A 86 11.72 9.36 50.78
CA THR A 86 10.50 10.02 51.24
C THR A 86 10.02 9.32 52.51
N ASP A 87 10.07 10.03 53.64
CA ASP A 87 9.56 9.48 54.88
C ASP A 87 8.04 9.67 54.94
N TRP A 88 7.42 9.15 56.00
CA TRP A 88 5.96 9.18 56.10
C TRP A 88 5.40 10.59 56.14
N PRO A 89 5.93 11.54 56.95
CA PRO A 89 5.37 12.91 56.90
C PRO A 89 5.40 13.53 55.51
N ALA A 90 6.52 13.38 54.79
CA ALA A 90 6.59 13.89 53.43
C ALA A 90 5.73 13.07 52.48
N TYR A 91 5.48 11.80 52.81
CA TYR A 91 4.68 10.94 51.94
C TYR A 91 3.21 11.35 51.98
N ILE A 92 2.61 11.37 53.17
CA ILE A 92 1.19 11.69 53.28
C ILE A 92 0.92 13.13 52.84
N GLU A 93 1.87 14.03 53.06
CA GLU A 93 1.72 15.40 52.58
C GLU A 93 1.75 15.45 51.06
N GLY A 94 2.63 14.66 50.44
CA GLY A 94 2.63 14.58 49.00
C GLY A 94 1.40 13.90 48.43
N TRP A 95 0.79 13.01 49.21
CA TRP A 95 -0.44 12.36 48.74
C TRP A 95 -1.62 13.31 48.80
N LYS A 96 -1.58 14.32 49.67
CA LYS A 96 -2.57 15.38 49.62
C LYS A 96 -2.45 16.17 48.32
N LYS A 97 -1.22 16.42 47.88
CA LYS A 97 -1.01 17.12 46.61
C LYS A 97 -1.40 16.25 45.43
N LEU A 98 -1.11 14.95 45.50
CA LEU A 98 -1.49 14.04 44.42
C LEU A 98 -3.01 13.97 44.29
N ALA A 99 -3.71 13.75 45.40
CA ALA A 99 -5.17 13.66 45.36
C ALA A 99 -5.79 14.98 44.90
N THR A 100 -5.22 16.10 45.32
CA THR A 100 -5.74 17.40 44.89
C THR A 100 -5.57 17.59 43.39
N ASP A 101 -4.40 17.25 42.86
CA ASP A 101 -4.17 17.40 41.42
C ASP A 101 -5.03 16.42 40.63
N GLU A 102 -5.28 15.22 41.16
CA GLU A 102 -6.10 14.26 40.45
C GLU A 102 -7.56 14.70 40.41
N LEU A 103 -8.07 15.23 41.54
CA LEU A 103 -9.44 15.73 41.55
C LEU A 103 -9.63 16.90 40.61
N GLU A 104 -8.59 17.71 40.40
CA GLU A 104 -8.65 18.76 39.39
C GLU A 104 -8.76 18.17 38.00
N LYS A 105 -8.03 17.08 37.74
CA LYS A 105 -8.14 16.41 36.45
C LYS A 105 -9.49 15.73 36.28
N TYR A 106 -10.04 15.17 37.37
CA TYR A 106 -11.38 14.58 37.31
C TYR A 106 -12.41 15.62 36.91
N ALA A 107 -12.37 16.79 37.55
CA ALA A 107 -13.36 17.82 37.27
C ALA A 107 -13.20 18.38 35.86
N LYS A 108 -11.96 18.52 35.39
CA LYS A 108 -11.70 19.03 34.04
C LYS A 108 -11.93 17.98 32.97
N ASN A 109 -12.35 16.76 33.34
CA ASN A 109 -12.52 15.66 32.39
C ASN A 109 -11.24 15.42 31.61
N GLU A 110 -10.11 15.56 32.28
CA GLU A 110 -8.72 15.43 31.88
C GLU A 110 -8.18 14.08 32.32
N PRO A 111 -7.43 13.38 31.46
CA PRO A 111 -6.89 12.07 31.84
C PRO A 111 -6.04 12.15 33.10
N THR A 112 -6.47 11.41 34.12
CA THR A 112 -5.79 11.42 35.40
C THR A 112 -4.57 10.50 35.38
N LEU A 113 -3.70 10.68 36.37
CA LEU A 113 -2.53 9.82 36.50
C LEU A 113 -2.93 8.37 36.78
N ILE A 114 -4.00 8.18 37.57
CA ILE A 114 -4.42 6.82 37.91
C ILE A 114 -5.03 6.13 36.70
N ARG A 115 -5.67 6.88 35.80
CA ARG A 115 -6.22 6.29 34.59
C ARG A 115 -5.10 5.91 33.62
N ILE A 116 -4.13 6.80 33.44
CA ILE A 116 -3.03 6.53 32.52
C ILE A 116 -2.27 5.28 32.94
N TRP A 117 -2.06 5.12 34.25
CA TRP A 117 -1.43 3.89 34.75
C TRP A 117 -2.31 2.68 34.47
N GLY A 118 -3.63 2.82 34.67
CA GLY A 118 -4.51 1.69 34.42
C GLY A 118 -4.52 1.26 32.96
N ASP A 119 -4.57 2.24 32.04
CA ASP A 119 -4.55 1.91 30.62
C ASP A 119 -3.27 1.17 30.25
N ALA A 120 -2.12 1.68 30.70
CA ALA A 120 -0.85 1.04 30.39
C ALA A 120 -0.76 -0.34 31.04
N LEU A 121 -1.25 -0.47 32.27
CA LEU A 121 -1.18 -1.76 32.95
C LEU A 121 -2.16 -2.76 32.37
N PHE A 122 -3.39 -2.34 32.09
CA PHE A 122 -4.39 -3.28 31.59
C PHE A 122 -4.03 -3.79 30.19
N ASP A 123 -3.33 -2.98 29.40
CA ASP A 123 -2.85 -3.49 28.11
C ASP A 123 -1.89 -4.66 28.30
N ILE A 124 -1.22 -4.73 29.45
CA ILE A 124 -0.34 -5.85 29.77
C ILE A 124 -1.12 -6.99 30.41
N VAL A 125 -1.99 -6.67 31.37
CA VAL A 125 -2.69 -7.70 32.12
C VAL A 125 -3.73 -8.40 31.25
N ASP A 126 -4.36 -7.66 30.33
CA ASP A 126 -5.33 -8.25 29.42
C ASP A 126 -4.59 -9.00 28.32
N LYS A 127 -4.76 -10.33 28.27
CA LYS A 127 -4.12 -11.12 27.23
C LYS A 127 -4.62 -10.78 25.84
N ASP A 128 -5.84 -10.24 25.74
CA ASP A 128 -6.36 -9.74 24.47
C ASP A 128 -5.95 -8.30 24.20
N GLN A 129 -5.41 -7.59 25.18
CA GLN A 129 -4.97 -6.21 25.05
C GLN A 129 -6.11 -5.32 24.57
N ASN A 130 -7.25 -5.41 25.26
CA ASN A 130 -8.43 -4.61 24.95
C ASN A 130 -8.88 -3.78 26.13
N GLY A 131 -8.01 -3.57 27.12
CA GLY A 131 -8.37 -2.77 28.28
C GLY A 131 -9.46 -3.36 29.14
N ALA A 132 -9.50 -4.68 29.26
CA ALA A 132 -10.50 -5.35 30.09
C ALA A 132 -9.90 -6.65 30.60
N ILE A 133 -9.82 -6.80 31.92
CA ILE A 133 -9.14 -7.93 32.54
C ILE A 133 -10.18 -8.84 33.19
N THR A 134 -9.93 -10.14 33.13
CA THR A 134 -10.78 -11.12 33.79
C THR A 134 -10.45 -11.17 35.28
N LEU A 135 -11.20 -12.00 36.02
CA LEU A 135 -10.96 -12.15 37.44
C LEU A 135 -9.60 -12.83 37.70
N ASP A 136 -9.27 -13.85 36.90
CA ASP A 136 -7.99 -14.52 37.07
C ASP A 136 -6.82 -13.58 36.81
N GLU A 137 -6.94 -12.73 35.79
CA GLU A 137 -5.87 -11.77 35.50
C GLU A 137 -5.74 -10.73 36.61
N TRP A 138 -6.86 -10.34 37.22
CA TRP A 138 -6.78 -9.44 38.37
C TRP A 138 -6.15 -10.12 39.57
N LYS A 139 -6.41 -11.42 39.75
CA LYS A 139 -5.73 -12.17 40.79
C LYS A 139 -4.25 -12.30 40.49
N ALA A 140 -3.89 -12.42 39.21
CA ALA A 140 -2.48 -12.61 38.84
C ALA A 140 -1.67 -11.36 39.11
N TYR A 141 -2.24 -10.18 38.85
CA TYR A 141 -1.49 -8.94 39.07
C TYR A 141 -1.40 -8.60 40.56
N THR A 142 -2.55 -8.59 41.25
CA THR A 142 -2.56 -8.12 42.63
C THR A 142 -1.75 -9.00 43.55
N LYS A 143 -1.72 -10.31 43.30
CA LYS A 143 -0.89 -11.20 44.11
C LYS A 143 0.59 -11.03 43.77
N ALA A 144 0.90 -10.84 42.48
CA ALA A 144 2.28 -10.57 42.10
C ALA A 144 2.78 -9.26 42.72
N ALA A 145 1.95 -8.21 42.68
CA ALA A 145 2.29 -6.97 43.36
C ALA A 145 2.21 -7.11 44.87
N GLY A 146 1.38 -8.04 45.35
CA GLY A 146 1.19 -8.23 46.78
C GLY A 146 0.17 -7.32 47.42
N ILE A 147 -0.43 -6.40 46.67
CA ILE A 147 -1.42 -5.50 47.26
C ILE A 147 -2.64 -6.27 47.74
N ILE A 148 -2.91 -7.42 47.13
CA ILE A 148 -3.93 -8.35 47.61
C ILE A 148 -3.27 -9.73 47.72
N GLN A 149 -3.52 -10.41 48.83
CA GLN A 149 -2.90 -11.71 49.10
C GLN A 149 -3.82 -12.88 48.85
N SER A 150 -5.11 -12.76 49.17
CA SER A 150 -6.05 -13.87 49.07
C SER A 150 -6.95 -13.70 47.85
N SER A 151 -7.35 -14.83 47.27
CA SER A 151 -8.31 -14.79 46.17
C SER A 151 -9.65 -14.27 46.62
N GLU A 152 -9.99 -14.45 47.89
CA GLU A 152 -11.27 -13.96 48.41
C GLU A 152 -11.37 -12.45 48.32
N ASP A 153 -10.27 -11.75 48.60
CA ASP A 153 -10.29 -10.29 48.50
C ASP A 153 -10.28 -9.84 47.04
N CYS A 154 -9.64 -10.60 46.15
CA CYS A 154 -9.68 -10.28 44.73
C CYS A 154 -11.11 -10.39 44.19
N GLU A 155 -11.87 -11.36 44.68
CA GLU A 155 -13.26 -11.53 44.24
C GLU A 155 -14.13 -10.38 44.73
N GLU A 156 -13.78 -9.77 45.86
CA GLU A 156 -14.53 -8.60 46.33
C GLU A 156 -14.42 -7.44 45.36
N THR A 157 -13.27 -7.31 44.68
CA THR A 157 -13.09 -6.23 43.72
C THR A 157 -14.13 -6.32 42.60
N PHE A 158 -14.33 -7.52 42.07
CA PHE A 158 -15.31 -7.72 41.01
C PHE A 158 -16.74 -7.65 41.51
N ARG A 159 -16.95 -7.69 42.83
CA ARG A 159 -18.28 -7.43 43.38
C ARG A 159 -18.53 -5.94 43.50
N VAL A 160 -17.53 -5.17 43.93
CA VAL A 160 -17.69 -3.73 44.08
C VAL A 160 -17.77 -3.05 42.71
N CYS A 161 -16.96 -3.50 41.76
CA CYS A 161 -16.90 -2.85 40.45
C CYS A 161 -18.09 -3.24 39.58
N ASP A 162 -18.50 -2.31 38.73
CA ASP A 162 -19.54 -2.56 37.73
C ASP A 162 -18.90 -3.31 36.56
N ILE A 163 -18.81 -4.62 36.72
CA ILE A 163 -18.24 -5.49 35.70
C ILE A 163 -19.16 -5.54 34.48
N ASP A 164 -18.58 -5.70 33.30
CA ASP A 164 -19.37 -5.77 32.08
C ASP A 164 -19.94 -7.19 31.92
N GLU A 165 -20.49 -7.48 30.75
CA GLU A 165 -21.20 -8.73 30.52
C GLU A 165 -20.28 -9.91 30.25
N SER A 166 -18.97 -9.69 30.14
CA SER A 166 -18.06 -10.78 29.79
C SER A 166 -17.98 -11.87 30.86
N GLY A 167 -17.74 -11.51 32.13
CA GLY A 167 -17.58 -10.16 32.65
C GLY A 167 -16.17 -9.80 33.07
N GLN A 168 -15.65 -8.73 32.47
CA GLN A 168 -14.32 -8.24 32.75
C GLN A 168 -14.39 -6.84 33.34
N LEU A 169 -13.26 -6.40 33.90
CA LEU A 169 -13.13 -5.07 34.48
C LEU A 169 -12.27 -4.20 33.56
N ASP A 170 -12.76 -3.02 33.20
CA ASP A 170 -12.04 -2.10 32.35
C ASP A 170 -11.53 -0.90 33.16
N VAL A 171 -10.72 -0.08 32.49
CA VAL A 171 -10.07 1.04 33.17
C VAL A 171 -11.10 2.10 33.54
N ASP A 172 -12.16 2.27 32.73
CA ASP A 172 -13.20 3.24 33.07
C ASP A 172 -13.80 2.95 34.44
N GLU A 173 -14.18 1.70 34.68
CA GLU A 173 -14.79 1.34 35.95
C GLU A 173 -13.79 1.41 37.10
N MET A 174 -12.56 0.96 36.86
CA MET A 174 -11.56 0.97 37.93
C MET A 174 -11.13 2.39 38.27
N THR A 175 -11.07 3.28 37.27
CA THR A 175 -10.81 4.69 37.55
C THR A 175 -11.93 5.31 38.36
N ARG A 176 -13.17 4.88 38.12
CA ARG A 176 -14.30 5.35 38.91
C ARG A 176 -14.19 4.88 40.36
N GLN A 177 -13.81 3.61 40.56
CA GLN A 177 -13.67 3.09 41.91
C GLN A 177 -12.45 3.66 42.61
N HIS A 178 -11.36 3.90 41.86
CA HIS A 178 -10.16 4.46 42.47
C HIS A 178 -10.34 5.92 42.85
N LEU A 179 -11.24 6.63 42.17
CA LEU A 179 -11.58 7.99 42.55
C LEU A 179 -12.03 8.05 44.01
N GLY A 180 -12.95 7.16 44.38
CA GLY A 180 -13.46 7.14 45.74
C GLY A 180 -12.63 6.37 46.73
N PHE A 181 -11.82 5.43 46.27
CA PHE A 181 -11.04 4.61 47.19
C PHE A 181 -9.76 5.31 47.62
N TRP A 182 -9.01 5.87 46.68
CA TRP A 182 -7.73 6.49 47.01
C TRP A 182 -7.84 7.98 47.33
N TYR A 183 -8.83 8.68 46.79
CA TYR A 183 -8.84 10.13 46.81
C TYR A 183 -9.90 10.74 47.73
N THR A 184 -11.15 10.30 47.65
CA THR A 184 -12.24 11.00 48.32
C THR A 184 -12.94 10.20 49.41
N MET A 185 -12.57 8.94 49.65
CA MET A 185 -13.18 8.12 50.68
C MET A 185 -14.68 7.95 50.45
N ASP A 186 -15.03 7.58 49.22
CA ASP A 186 -16.44 7.33 48.89
C ASP A 186 -16.90 6.07 49.60
N PRO A 187 -17.96 6.14 50.41
CA PRO A 187 -18.42 4.92 51.11
C PRO A 187 -18.84 3.82 50.16
N ALA A 188 -19.32 4.16 48.96
CA ALA A 188 -19.71 3.14 47.99
C ALA A 188 -18.52 2.38 47.41
N CYS A 189 -17.30 2.90 47.59
CA CYS A 189 -16.10 2.25 47.09
C CYS A 189 -15.39 1.43 48.16
N GLU A 190 -16.00 1.29 49.34
CA GLU A 190 -15.42 0.44 50.37
C GLU A 190 -15.34 -1.00 49.90
N LYS A 191 -14.38 -1.73 50.46
CA LYS A 191 -14.12 -3.13 50.12
C LYS A 191 -13.70 -3.32 48.66
N LEU A 192 -13.22 -2.25 48.01
CA LEU A 192 -12.72 -2.37 46.64
C LEU A 192 -11.58 -3.37 46.56
N TYR A 193 -10.75 -3.44 47.60
CA TYR A 193 -9.69 -4.44 47.70
C TYR A 193 -9.99 -5.49 48.76
N GLY A 194 -11.27 -5.68 49.06
CA GLY A 194 -11.66 -6.64 50.09
C GLY A 194 -11.14 -6.21 51.44
N GLY A 195 -10.66 -7.17 52.21
CA GLY A 195 -10.02 -6.91 53.48
C GLY A 195 -8.53 -6.68 53.40
N ALA A 196 -7.97 -6.63 52.19
CA ALA A 196 -6.53 -6.47 52.03
C ALA A 196 -6.08 -5.05 52.33
N VAL A 197 -6.88 -4.06 51.96
CA VAL A 197 -6.54 -2.65 52.14
C VAL A 197 -7.66 -2.01 52.97
N PRO A 198 -7.35 -1.41 54.13
CA PRO A 198 -8.35 -0.77 55.00
C PRO A 198 -8.90 0.51 54.40
N HIS B 7 -36.74 -27.74 23.39
CA HIS B 7 -36.13 -28.89 22.74
C HIS B 7 -34.61 -28.77 22.78
N HIS B 8 -33.97 -29.64 23.55
CA HIS B 8 -32.54 -29.57 23.83
C HIS B 8 -31.78 -30.45 22.85
N HIS B 9 -30.85 -29.85 22.12
CA HIS B 9 -30.01 -30.57 21.16
C HIS B 9 -28.58 -30.74 21.64
N GLY B 10 -28.08 -29.84 22.47
CA GLY B 10 -26.72 -29.95 22.95
C GLY B 10 -26.43 -28.93 24.03
N LYS B 11 -25.17 -28.84 24.40
CA LYS B 11 -24.71 -27.95 25.46
C LYS B 11 -23.43 -27.28 25.01
N LEU B 12 -23.45 -25.95 24.93
CA LEU B 12 -22.29 -25.17 24.51
C LEU B 12 -21.67 -24.37 25.65
N THR B 13 -22.12 -24.59 26.89
CA THR B 13 -21.59 -23.89 28.04
C THR B 13 -20.60 -24.80 28.76
N SER B 14 -19.41 -24.28 29.04
CA SER B 14 -18.39 -25.06 29.72
C SER B 14 -18.78 -25.27 31.19
N ASP B 15 -18.05 -26.16 31.85
CA ASP B 15 -18.27 -26.49 33.24
C ASP B 15 -16.97 -26.96 33.88
N PHE B 16 -15.95 -26.10 33.86
CA PHE B 16 -14.61 -26.52 34.25
C PHE B 16 -14.44 -26.62 35.76
N ASP B 17 -15.28 -25.94 36.54
CA ASP B 17 -15.25 -26.06 37.99
C ASP B 17 -16.00 -27.28 38.50
N ASN B 18 -16.68 -28.00 37.61
CA ASN B 18 -17.33 -29.25 37.98
C ASN B 18 -16.28 -30.28 38.39
N PRO B 19 -16.30 -30.78 39.63
CA PRO B 19 -15.28 -31.75 40.03
C PRO B 19 -15.35 -33.06 39.24
N ARG B 20 -16.50 -33.40 38.68
CA ARG B 20 -16.59 -34.60 37.85
C ARG B 20 -15.99 -34.40 36.47
N TRP B 21 -15.85 -33.16 36.02
CA TRP B 21 -15.10 -32.88 34.80
C TRP B 21 -13.61 -33.00 35.04
N ILE B 22 -13.14 -32.54 36.20
CA ILE B 22 -11.73 -32.68 36.54
C ILE B 22 -11.37 -34.14 36.77
N GLY B 23 -12.22 -34.87 37.50
CA GLY B 23 -11.94 -36.27 37.76
C GLY B 23 -12.04 -37.14 36.52
N ARG B 24 -12.91 -36.77 35.58
CA ARG B 24 -13.01 -37.52 34.32
C ARG B 24 -11.70 -37.45 33.54
N HIS B 25 -11.13 -36.25 33.42
CA HIS B 25 -9.87 -36.11 32.73
C HIS B 25 -8.69 -36.57 33.58
N LYS B 26 -8.83 -36.52 34.91
CA LYS B 26 -7.81 -37.10 35.78
C LYS B 26 -7.71 -38.60 35.59
N HIS B 27 -8.86 -39.26 35.42
CA HIS B 27 -8.86 -40.69 35.09
C HIS B 27 -8.15 -40.94 33.77
N MET B 28 -8.37 -40.05 32.79
CA MET B 28 -7.72 -40.21 31.50
C MET B 28 -6.22 -39.96 31.60
N PHE B 29 -5.82 -38.94 32.37
CA PHE B 29 -4.39 -38.66 32.56
C PHE B 29 -3.67 -39.85 33.16
N ASN B 30 -4.26 -40.47 34.19
CA ASN B 30 -3.66 -41.66 34.79
C ASN B 30 -3.67 -42.83 33.81
N PHE B 31 -4.69 -42.92 32.96
CA PHE B 31 -4.72 -43.97 31.95
C PHE B 31 -3.65 -43.75 30.90
N LEU B 32 -3.38 -42.48 30.55
CA LEU B 32 -2.35 -42.16 29.58
C LEU B 32 -0.95 -42.27 30.17
N ASP B 33 -0.82 -42.19 31.49
CA ASP B 33 0.48 -42.27 32.15
C ASP B 33 0.76 -43.72 32.53
N VAL B 34 1.04 -44.53 31.50
CA VAL B 34 1.22 -45.96 31.70
C VAL B 34 2.49 -46.29 32.47
N ASN B 35 3.47 -45.38 32.51
CA ASN B 35 4.72 -45.60 33.22
C ASN B 35 4.75 -44.90 34.57
N HIS B 36 3.63 -44.32 35.00
CA HIS B 36 3.52 -43.70 36.33
C HIS B 36 4.60 -42.64 36.56
N ASN B 37 4.83 -41.82 35.55
CA ASN B 37 5.80 -40.73 35.65
C ASN B 37 5.19 -39.43 36.16
N GLY B 38 3.86 -39.34 36.25
CA GLY B 38 3.23 -38.07 36.52
C GLY B 38 3.34 -37.08 35.38
N LYS B 39 3.89 -37.49 34.24
CA LYS B 39 4.08 -36.62 33.09
C LYS B 39 3.83 -37.43 31.82
N ILE B 40 3.18 -36.81 30.85
CA ILE B 40 2.99 -37.40 29.53
C ILE B 40 3.40 -36.38 28.49
N SER B 41 3.86 -36.86 27.34
CA SER B 41 4.33 -36.00 26.26
C SER B 41 3.52 -36.25 25.00
N LEU B 42 3.58 -35.29 24.08
CA LEU B 42 2.93 -35.46 22.79
C LEU B 42 3.57 -36.59 21.99
N ASP B 43 4.87 -36.82 22.19
CA ASP B 43 5.54 -37.95 21.53
C ASP B 43 4.87 -39.26 21.89
N GLU B 44 4.54 -39.46 23.17
CA GLU B 44 3.92 -40.71 23.60
C GLU B 44 2.49 -40.83 23.10
N MET B 45 1.74 -39.72 23.11
CA MET B 45 0.34 -39.76 22.67
C MET B 45 0.23 -40.12 21.20
N VAL B 46 1.02 -39.44 20.36
CA VAL B 46 0.97 -39.72 18.93
C VAL B 46 1.55 -41.09 18.61
N TYR B 47 2.54 -41.54 19.38
CA TYR B 47 3.06 -42.89 19.18
C TYR B 47 1.98 -43.92 19.48
N LYS B 48 1.34 -43.80 20.65
CA LYS B 48 0.26 -44.70 21.00
C LYS B 48 -0.84 -44.69 19.93
N ALA B 49 -1.18 -43.50 19.42
CA ALA B 49 -2.24 -43.39 18.43
C ALA B 49 -1.86 -44.08 17.12
N SER B 50 -0.64 -43.84 16.63
CA SER B 50 -0.23 -44.45 15.37
C SER B 50 0.00 -45.94 15.54
N ASP B 51 0.53 -46.37 16.68
CA ASP B 51 0.78 -47.79 16.90
C ASP B 51 -0.52 -48.59 16.85
N ILE B 52 -1.61 -48.03 17.39
CA ILE B 52 -2.88 -48.74 17.39
C ILE B 52 -3.40 -48.93 15.97
N VAL B 53 -3.44 -47.84 15.20
CA VAL B 53 -4.06 -47.93 13.88
C VAL B 53 -3.17 -48.67 12.89
N ILE B 54 -1.84 -48.55 13.01
CA ILE B 54 -0.96 -49.20 12.06
C ILE B 54 -0.80 -50.68 12.37
N ASN B 55 -0.53 -51.01 13.64
CA ASN B 55 -0.16 -52.36 14.02
C ASN B 55 -1.31 -53.18 14.60
N ASN B 56 -2.45 -52.57 14.90
CA ASN B 56 -3.61 -53.32 15.37
C ASN B 56 -4.81 -53.24 14.44
N LEU B 57 -4.98 -52.14 13.71
CA LEU B 57 -6.15 -51.94 12.87
C LEU B 57 -5.84 -51.97 11.38
N GLY B 58 -4.59 -52.20 11.00
CA GLY B 58 -4.24 -52.36 9.59
C GLY B 58 -4.48 -51.14 8.73
N ALA B 59 -4.09 -49.97 9.22
CA ALA B 59 -4.26 -48.74 8.46
C ALA B 59 -3.24 -48.65 7.34
N THR B 60 -3.68 -48.10 6.21
CA THR B 60 -2.76 -47.80 5.12
C THR B 60 -1.88 -46.61 5.52
N PRO B 61 -0.74 -46.43 4.84
CA PRO B 61 0.08 -45.25 5.14
C PRO B 61 -0.67 -43.93 4.99
N GLU B 62 -1.60 -43.84 4.04
CA GLU B 62 -2.38 -42.62 3.88
C GLU B 62 -3.35 -42.43 5.04
N GLN B 63 -4.02 -43.51 5.46
CA GLN B 63 -4.92 -43.42 6.61
C GLN B 63 -4.16 -43.07 7.88
N ALA B 64 -2.99 -43.68 8.09
CA ALA B 64 -2.21 -43.42 9.29
C ALA B 64 -1.68 -41.98 9.31
N LYS B 65 -1.35 -41.42 8.14
CA LYS B 65 -0.89 -40.04 8.09
C LYS B 65 -2.00 -39.08 8.47
N ARG B 66 -3.17 -39.24 7.84
CA ARG B 66 -4.33 -38.42 8.19
C ARG B 66 -4.69 -38.59 9.67
N HIS B 67 -4.59 -39.81 10.18
CA HIS B 67 -4.88 -40.05 11.59
C HIS B 67 -3.81 -39.41 12.48
N LYS B 68 -2.55 -39.41 12.02
CA LYS B 68 -1.48 -38.84 12.84
C LYS B 68 -1.65 -37.33 13.00
N ASP B 69 -1.93 -36.63 11.89
CA ASP B 69 -2.14 -35.19 11.98
C ASP B 69 -3.32 -34.85 12.86
N ALA B 70 -4.37 -35.69 12.87
CA ALA B 70 -5.55 -35.40 13.67
C ALA B 70 -5.26 -35.53 15.16
N VAL B 71 -4.65 -36.65 15.57
CA VAL B 71 -4.31 -36.84 16.98
C VAL B 71 -3.30 -35.80 17.43
N GLU B 72 -2.33 -35.49 16.56
CA GLU B 72 -1.33 -34.48 16.89
C GLU B 72 -1.99 -33.13 17.19
N ALA B 73 -2.99 -32.75 16.40
CA ALA B 73 -3.68 -31.49 16.62
C ALA B 73 -4.57 -31.55 17.86
N PHE B 74 -5.17 -32.70 18.14
CA PHE B 74 -6.06 -32.82 19.29
C PHE B 74 -5.31 -32.59 20.60
N PHE B 75 -4.32 -33.44 20.90
CA PHE B 75 -3.54 -33.27 22.10
C PHE B 75 -2.69 -32.00 22.04
N GLY B 76 -2.35 -31.54 20.84
CA GLY B 76 -1.68 -30.26 20.71
C GLY B 76 -2.56 -29.10 21.13
N GLY B 77 -3.86 -29.20 20.89
CA GLY B 77 -4.78 -28.17 21.34
C GLY B 77 -4.83 -28.05 22.85
N ALA B 78 -4.49 -29.13 23.55
CA ALA B 78 -4.42 -29.14 25.01
C ALA B 78 -3.08 -28.63 25.52
N GLY B 79 -2.24 -28.04 24.66
CA GLY B 79 -0.97 -27.50 25.07
C GLY B 79 0.18 -28.48 25.09
N MET B 80 -0.05 -29.73 24.72
CA MET B 80 1.03 -30.72 24.67
C MET B 80 1.88 -30.52 23.44
N LYS B 81 3.19 -30.61 23.61
CA LYS B 81 4.15 -30.36 22.54
C LYS B 81 5.18 -31.48 22.49
N TYR B 82 5.81 -31.63 21.34
CA TYR B 82 6.86 -32.62 21.18
C TYR B 82 8.08 -32.24 22.01
N GLY B 83 8.64 -33.23 22.72
CA GLY B 83 9.80 -33.00 23.55
C GLY B 83 9.51 -32.34 24.88
N VAL B 84 8.24 -32.12 25.22
CA VAL B 84 7.84 -31.49 26.48
C VAL B 84 6.98 -32.48 27.26
N GLU B 85 7.34 -32.71 28.51
CA GLU B 85 6.56 -33.57 29.40
C GLU B 85 5.54 -32.72 30.15
N THR B 86 4.26 -33.06 30.01
CA THR B 86 3.17 -32.30 30.61
C THR B 86 2.74 -32.98 31.90
N ASP B 87 2.81 -32.24 33.01
CA ASP B 87 2.30 -32.76 34.28
C ASP B 87 0.82 -32.43 34.43
N TRP B 88 0.21 -32.98 35.48
CA TRP B 88 -1.23 -32.82 35.67
C TRP B 88 -1.68 -31.37 35.78
N PRO B 89 -1.02 -30.49 36.55
CA PRO B 89 -1.46 -29.08 36.56
C PRO B 89 -1.45 -28.43 35.20
N ALA B 90 -0.39 -28.64 34.42
CA ALA B 90 -0.36 -28.09 33.06
C ALA B 90 -1.29 -28.85 32.12
N TYR B 91 -1.62 -30.10 32.44
CA TYR B 91 -2.48 -30.89 31.56
C TYR B 91 -3.93 -30.45 31.66
N ILE B 92 -4.47 -30.34 32.87
CA ILE B 92 -5.87 -29.99 33.03
C ILE B 92 -6.11 -28.53 32.65
N GLU B 93 -5.12 -27.66 32.86
CA GLU B 93 -5.26 -26.28 32.43
C GLU B 93 -5.28 -26.17 30.92
N GLY B 94 -4.45 -26.97 30.23
CA GLY B 94 -4.48 -26.99 28.79
C GLY B 94 -5.77 -27.59 28.24
N TRP B 95 -6.40 -28.49 28.98
CA TRP B 95 -7.68 -29.04 28.56
C TRP B 95 -8.81 -28.02 28.67
N LYS B 96 -8.67 -27.02 29.54
CA LYS B 96 -9.63 -25.93 29.55
C LYS B 96 -9.51 -25.09 28.29
N LYS B 97 -8.28 -24.88 27.82
CA LYS B 97 -8.07 -24.16 26.56
C LYS B 97 -8.57 -24.98 25.37
N LEU B 98 -8.36 -26.29 25.41
CA LEU B 98 -8.82 -27.15 24.32
C LEU B 98 -10.35 -27.15 24.24
N ALA B 99 -11.01 -27.37 25.39
CA ALA B 99 -12.47 -27.37 25.40
C ALA B 99 -13.03 -26.02 24.99
N THR B 100 -12.37 -24.93 25.40
CA THR B 100 -12.84 -23.60 25.02
C THR B 100 -12.72 -23.37 23.52
N ASP B 101 -11.56 -23.72 22.95
CA ASP B 101 -11.39 -23.58 21.51
C ASP B 101 -12.32 -24.51 20.74
N GLU B 102 -12.59 -25.71 21.27
CA GLU B 102 -13.49 -26.62 20.59
C GLU B 102 -14.92 -26.10 20.62
N LEU B 103 -15.34 -25.51 21.75
CA LEU B 103 -16.70 -24.97 21.84
C LEU B 103 -16.88 -23.76 20.92
N GLU B 104 -15.83 -22.96 20.72
CA GLU B 104 -15.92 -21.88 19.76
C GLU B 104 -16.11 -22.41 18.34
N LYS B 105 -15.45 -23.53 18.02
CA LYS B 105 -15.65 -24.15 16.71
C LYS B 105 -17.06 -24.74 16.60
N TYR B 106 -17.61 -25.26 17.70
CA TYR B 106 -18.98 -25.77 17.67
C TYR B 106 -19.97 -24.67 17.35
N ALA B 107 -19.86 -23.53 18.04
CA ALA B 107 -20.80 -22.43 17.83
C ALA B 107 -20.68 -21.85 16.43
N LYS B 108 -19.47 -21.81 15.87
CA LYS B 108 -19.26 -21.33 14.52
C LYS B 108 -19.53 -22.39 13.46
N ASN B 109 -19.98 -23.58 13.86
CA ASN B 109 -20.23 -24.69 12.94
C ASN B 109 -18.98 -25.02 12.12
N GLU B 110 -17.82 -24.84 12.73
CA GLU B 110 -16.48 -25.12 12.24
C GLU B 110 -16.02 -26.49 12.68
N PRO B 111 -15.39 -27.28 11.81
CA PRO B 111 -14.95 -28.62 12.19
C PRO B 111 -14.02 -28.59 13.39
N THR B 112 -14.36 -29.36 14.42
CA THR B 112 -13.60 -29.40 15.66
C THR B 112 -12.48 -30.43 15.57
N LEU B 113 -11.55 -30.35 16.52
CA LEU B 113 -10.43 -31.28 16.53
C LEU B 113 -10.90 -32.71 16.81
N ILE B 114 -11.82 -32.88 17.77
CA ILE B 114 -12.35 -34.21 18.05
C ILE B 114 -13.17 -34.72 16.86
N ARG B 115 -13.71 -33.80 16.06
CA ARG B 115 -14.40 -34.20 14.83
C ARG B 115 -13.43 -34.73 13.80
N ILE B 116 -12.32 -34.01 13.58
CA ILE B 116 -11.34 -34.42 12.58
C ILE B 116 -10.69 -35.74 12.96
N TRP B 117 -10.46 -35.96 14.25
CA TRP B 117 -9.90 -37.23 14.70
C TRP B 117 -10.88 -38.37 14.44
N GLY B 118 -12.17 -38.15 14.71
CA GLY B 118 -13.15 -39.19 14.49
C GLY B 118 -13.25 -39.61 13.04
N ASP B 119 -13.27 -38.63 12.13
CA ASP B 119 -13.33 -38.94 10.70
C ASP B 119 -12.13 -39.77 10.27
N ALA B 120 -10.92 -39.35 10.69
CA ALA B 120 -9.72 -40.08 10.31
C ALA B 120 -9.70 -41.47 10.94
N LEU B 121 -10.21 -41.60 12.17
CA LEU B 121 -10.19 -42.90 12.86
C LEU B 121 -11.25 -43.83 12.29
N PHE B 122 -12.48 -43.34 12.13
CA PHE B 122 -13.56 -44.20 11.66
C PHE B 122 -13.29 -44.71 10.25
N ASP B 123 -12.52 -43.95 9.45
CA ASP B 123 -12.15 -44.44 8.12
C ASP B 123 -11.28 -45.69 8.22
N ILE B 124 -10.52 -45.83 9.31
CA ILE B 124 -9.68 -47.01 9.52
C ILE B 124 -10.48 -48.13 10.16
N VAL B 125 -11.28 -47.81 11.19
CA VAL B 125 -11.96 -48.86 11.95
C VAL B 125 -13.09 -49.48 11.13
N ASP B 126 -13.78 -48.67 10.34
CA ASP B 126 -14.87 -49.18 9.51
C ASP B 126 -14.29 -49.95 8.32
N LYS B 127 -14.63 -51.24 8.22
CA LYS B 127 -14.17 -52.03 7.10
C LYS B 127 -14.74 -51.52 5.78
N ASP B 128 -15.95 -50.95 5.82
CA ASP B 128 -16.55 -50.37 4.63
C ASP B 128 -16.09 -48.94 4.37
N GLN B 129 -15.46 -48.30 5.35
CA GLN B 129 -14.98 -46.92 5.23
C GLN B 129 -16.12 -45.97 4.90
N ASN B 130 -17.28 -46.20 5.51
CA ASN B 130 -18.46 -45.36 5.34
C ASN B 130 -18.67 -44.41 6.50
N GLY B 131 -17.64 -44.19 7.32
CA GLY B 131 -17.78 -43.31 8.46
C GLY B 131 -18.70 -43.83 9.55
N ALA B 132 -18.94 -45.13 9.60
CA ALA B 132 -19.80 -45.74 10.62
C ALA B 132 -19.25 -47.10 10.99
N ILE B 133 -19.13 -47.36 12.29
CA ILE B 133 -18.54 -48.60 12.78
C ILE B 133 -19.59 -49.41 13.51
N THR B 134 -19.39 -50.72 13.54
CA THR B 134 -20.28 -51.63 14.23
C THR B 134 -19.85 -51.77 15.69
N LEU B 135 -20.58 -52.61 16.44
CA LEU B 135 -20.23 -52.82 17.84
C LEU B 135 -18.91 -53.56 17.98
N ASP B 136 -18.70 -54.59 17.15
CA ASP B 136 -17.44 -55.33 17.21
C ASP B 136 -16.25 -54.45 16.87
N GLU B 137 -16.41 -53.56 15.89
CA GLU B 137 -15.33 -52.64 15.55
C GLU B 137 -15.08 -51.64 16.66
N TRP B 138 -16.13 -51.22 17.37
CA TRP B 138 -15.96 -50.34 18.52
C TRP B 138 -15.26 -51.07 19.67
N LYS B 139 -15.64 -52.32 19.91
CA LYS B 139 -14.91 -53.13 20.88
C LYS B 139 -13.47 -53.35 20.43
N ALA B 140 -13.23 -53.44 19.13
CA ALA B 140 -11.87 -53.69 18.64
C ALA B 140 -10.95 -52.51 18.92
N TYR B 141 -11.43 -51.29 18.69
CA TYR B 141 -10.57 -50.13 18.89
C TYR B 141 -10.39 -49.82 20.37
N THR B 142 -11.49 -49.79 21.14
CA THR B 142 -11.40 -49.37 22.53
C THR B 142 -10.57 -50.35 23.36
N LYS B 143 -10.69 -51.64 23.07
CA LYS B 143 -9.87 -52.61 23.79
C LYS B 143 -8.41 -52.54 23.37
N ALA B 144 -8.15 -52.34 22.07
CA ALA B 144 -6.78 -52.11 21.62
C ALA B 144 -6.22 -50.83 22.20
N ALA B 145 -7.03 -49.78 22.29
CA ALA B 145 -6.55 -48.55 22.89
C ALA B 145 -6.52 -48.66 24.42
N GLY B 146 -7.33 -49.55 24.99
CA GLY B 146 -7.40 -49.73 26.42
C GLY B 146 -8.36 -48.80 27.13
N ILE B 147 -8.99 -47.87 26.42
CA ILE B 147 -9.90 -46.94 27.06
C ILE B 147 -11.12 -47.68 27.60
N ILE B 148 -11.48 -48.79 26.99
CA ILE B 148 -12.52 -49.69 27.51
C ILE B 148 -11.96 -51.10 27.52
N GLN B 149 -12.12 -51.79 28.64
CA GLN B 149 -11.60 -53.14 28.82
C GLN B 149 -12.66 -54.22 28.59
N SER B 150 -13.87 -54.02 29.10
CA SER B 150 -14.90 -55.03 29.05
C SER B 150 -15.90 -54.75 27.93
N SER B 151 -16.48 -55.82 27.39
CA SER B 151 -17.53 -55.68 26.37
C SER B 151 -18.80 -55.07 26.94
N GLU B 152 -19.01 -55.18 28.25
CA GLU B 152 -20.20 -54.60 28.87
C GLU B 152 -20.22 -53.09 28.72
N ASP B 153 -19.06 -52.44 28.92
CA ASP B 153 -18.99 -50.99 28.77
C ASP B 153 -19.08 -50.56 27.31
N CYS B 154 -18.60 -51.40 26.39
CA CYS B 154 -18.71 -51.07 24.97
C CYS B 154 -20.16 -51.04 24.53
N GLU B 155 -20.98 -51.96 25.03
CA GLU B 155 -22.40 -51.98 24.68
C GLU B 155 -23.14 -50.81 25.31
N GLU B 156 -22.65 -50.30 26.44
CA GLU B 156 -23.23 -49.10 27.03
C GLU B 156 -23.08 -47.90 26.11
N THR B 157 -21.96 -47.84 25.37
CA THR B 157 -21.76 -46.74 24.42
C THR B 157 -22.88 -46.71 23.39
N PHE B 158 -23.23 -47.87 22.83
CA PHE B 158 -24.29 -47.93 21.84
C PHE B 158 -25.65 -47.67 22.46
N ARG B 159 -25.84 -48.05 23.73
CA ARG B 159 -27.09 -47.77 24.41
C ARG B 159 -27.27 -46.26 24.60
N VAL B 160 -26.19 -45.53 24.83
CA VAL B 160 -26.28 -44.09 25.04
C VAL B 160 -26.44 -43.36 23.70
N CYS B 161 -25.77 -43.84 22.66
CA CYS B 161 -25.75 -43.16 21.38
C CYS B 161 -27.00 -43.47 20.56
N ASP B 162 -27.19 -42.70 19.51
CA ASP B 162 -28.24 -42.96 18.52
C ASP B 162 -27.68 -43.92 17.48
N ILE B 163 -28.05 -45.18 17.57
CA ILE B 163 -27.59 -46.19 16.64
C ILE B 163 -28.59 -46.30 15.50
N ASP B 164 -28.11 -46.66 14.31
CA ASP B 164 -28.93 -46.63 13.12
C ASP B 164 -29.55 -48.01 12.85
N GLU B 165 -29.99 -48.21 11.61
CA GLU B 165 -30.75 -49.40 11.23
C GLU B 165 -29.86 -50.62 11.11
N SER B 166 -28.67 -50.46 10.52
CA SER B 166 -27.71 -51.54 10.44
C SER B 166 -27.02 -51.82 11.77
N GLY B 167 -27.29 -51.03 12.80
CA GLY B 167 -26.64 -51.19 14.08
C GLY B 167 -25.22 -50.65 14.08
N GLN B 168 -25.04 -49.44 13.58
CA GLN B 168 -23.72 -48.84 13.46
C GLN B 168 -23.72 -47.43 14.05
N LEU B 169 -22.54 -47.02 14.52
CA LEU B 169 -22.33 -45.69 15.08
C LEU B 169 -21.45 -44.88 14.14
N ASP B 170 -21.85 -43.64 13.87
CA ASP B 170 -21.15 -42.78 12.93
C ASP B 170 -20.43 -41.65 13.66
N VAL B 171 -19.59 -40.94 12.91
CA VAL B 171 -18.80 -39.86 13.49
C VAL B 171 -19.69 -38.72 13.96
N ASP B 172 -20.81 -38.48 13.26
CA ASP B 172 -21.69 -37.36 13.62
C ASP B 172 -22.28 -37.56 15.01
N GLU B 173 -22.85 -38.74 15.27
CA GLU B 173 -23.43 -38.99 16.58
C GLU B 173 -22.37 -39.06 17.67
N MET B 174 -21.21 -39.65 17.35
CA MET B 174 -20.15 -39.74 18.35
C MET B 174 -19.53 -38.38 18.64
N THR B 175 -19.54 -37.47 17.66
CA THR B 175 -19.02 -36.13 17.91
C THR B 175 -19.89 -35.37 18.90
N ARG B 176 -21.22 -35.51 18.78
CA ARG B 176 -22.12 -34.88 19.74
C ARG B 176 -21.94 -35.47 21.13
N GLN B 177 -21.80 -36.80 21.22
CA GLN B 177 -21.58 -37.42 22.52
C GLN B 177 -20.27 -36.98 23.14
N HIS B 178 -19.21 -36.88 22.32
CA HIS B 178 -17.94 -36.39 22.82
C HIS B 178 -18.01 -34.91 23.18
N LEU B 179 -18.90 -34.16 22.53
CA LEU B 179 -19.12 -32.77 22.90
C LEU B 179 -19.57 -32.66 24.36
N GLY B 180 -20.57 -33.46 24.74
CA GLY B 180 -21.07 -33.45 26.10
C GLY B 180 -20.29 -34.28 27.10
N PHE B 181 -19.43 -35.17 26.64
CA PHE B 181 -18.71 -36.05 27.55
C PHE B 181 -17.34 -35.48 27.93
N TRP B 182 -16.59 -34.94 26.97
CA TRP B 182 -15.27 -34.42 27.27
C TRP B 182 -15.26 -32.93 27.58
N TYR B 183 -16.23 -32.18 27.07
CA TYR B 183 -16.16 -30.72 27.10
C TYR B 183 -17.15 -30.08 28.07
N THR B 184 -18.45 -30.37 27.95
CA THR B 184 -19.47 -29.60 28.65
C THR B 184 -20.15 -30.36 29.78
N MET B 185 -19.85 -31.65 29.97
CA MET B 185 -20.48 -32.46 31.01
C MET B 185 -22.00 -32.49 30.86
N ASP B 186 -22.45 -32.88 29.67
CA ASP B 186 -23.87 -33.01 29.42
C ASP B 186 -24.40 -34.24 30.15
N PRO B 187 -25.39 -34.10 31.04
CA PRO B 187 -25.91 -35.29 31.75
C PRO B 187 -26.47 -36.35 30.82
N ALA B 188 -26.94 -35.97 29.63
CA ALA B 188 -27.42 -36.95 28.67
C ALA B 188 -26.30 -37.84 28.15
N CYS B 189 -25.06 -37.39 28.22
CA CYS B 189 -23.91 -38.12 27.70
C CYS B 189 -23.23 -38.98 28.77
N GLU B 190 -23.83 -39.11 29.95
CA GLU B 190 -23.25 -39.96 30.97
C GLU B 190 -23.25 -41.42 30.51
N LYS B 191 -22.32 -42.20 31.06
CA LYS B 191 -22.15 -43.62 30.74
C LYS B 191 -21.84 -43.84 29.26
N LEU B 192 -21.27 -42.83 28.59
CA LEU B 192 -20.88 -43.00 27.20
C LEU B 192 -19.83 -44.09 27.04
N TYR B 193 -18.97 -44.25 28.04
CA TYR B 193 -17.97 -45.32 28.06
C TYR B 193 -18.28 -46.34 29.15
N GLY B 194 -19.55 -46.47 29.53
CA GLY B 194 -19.92 -47.40 30.59
C GLY B 194 -19.31 -46.99 31.91
N GLY B 195 -18.86 -47.99 32.66
CA GLY B 195 -18.14 -47.77 33.89
C GLY B 195 -16.64 -47.66 33.74
N ALA B 196 -16.14 -47.60 32.50
CA ALA B 196 -14.71 -47.53 32.28
C ALA B 196 -14.15 -46.12 32.46
N VAL B 197 -14.97 -45.09 32.24
CA VAL B 197 -14.55 -43.71 32.39
C VAL B 197 -15.56 -42.98 33.26
N PRO B 198 -15.15 -42.38 34.39
CA PRO B 198 -16.03 -41.62 35.29
C PRO B 198 -16.62 -40.38 34.64
N HIS C 7 23.70 18.20 33.03
CA HIS C 7 24.28 16.92 32.63
C HIS C 7 24.13 16.68 31.14
N HIS C 8 22.99 17.12 30.58
CA HIS C 8 22.65 16.87 29.19
C HIS C 8 23.10 18.05 28.32
N HIS C 9 23.93 17.76 27.32
CA HIS C 9 24.39 18.77 26.38
C HIS C 9 23.94 18.53 24.94
N GLY C 10 23.40 17.36 24.64
CA GLY C 10 22.97 17.05 23.30
C GLY C 10 22.63 15.59 23.15
N LYS C 11 22.49 15.17 21.90
CA LYS C 11 22.12 13.80 21.57
C LYS C 11 22.90 13.37 20.35
N LEU C 12 23.63 12.25 20.46
CA LEU C 12 24.41 11.70 19.36
C LEU C 12 23.86 10.39 18.83
N THR C 13 22.63 10.04 19.21
CA THR C 13 22.00 8.81 18.77
C THR C 13 20.98 9.12 17.68
N SER C 14 21.04 8.35 16.59
CA SER C 14 20.11 8.55 15.49
C SER C 14 18.71 8.07 15.88
N ASP C 15 17.73 8.48 15.09
CA ASP C 15 16.34 8.12 15.28
C ASP C 15 15.67 8.06 13.91
N PHE C 16 16.21 7.22 13.02
CA PHE C 16 15.77 7.19 11.63
C PHE C 16 14.39 6.57 11.47
N ASP C 17 13.96 5.73 12.41
CA ASP C 17 12.63 5.13 12.34
C ASP C 17 11.53 6.05 12.90
N ASN C 18 11.90 7.21 13.41
CA ASN C 18 10.92 8.16 13.93
C ASN C 18 10.10 8.74 12.77
N PRO C 19 8.77 8.59 12.77
CA PRO C 19 7.97 9.17 11.67
C PRO C 19 8.09 10.68 11.58
N ARG C 20 8.41 11.36 12.68
CA ARG C 20 8.58 12.81 12.62
C ARG C 20 9.95 13.21 12.06
N TRP C 21 10.93 12.31 12.12
CA TRP C 21 12.20 12.56 11.42
C TRP C 21 12.03 12.39 9.91
N ILE C 22 11.27 11.36 9.51
CA ILE C 22 10.99 11.15 8.09
C ILE C 22 10.15 12.29 7.54
N GLY C 23 9.08 12.65 8.27
CA GLY C 23 8.23 13.74 7.83
C GLY C 23 8.92 15.09 7.79
N ARG C 24 9.94 15.27 8.63
CA ARG C 24 10.69 16.53 8.60
C ARG C 24 11.45 16.68 7.31
N HIS C 25 12.15 15.62 6.87
CA HIS C 25 12.88 15.67 5.62
C HIS C 25 11.98 15.42 4.41
N LYS C 26 10.81 14.82 4.60
CA LYS C 26 9.83 14.75 3.53
C LYS C 26 9.29 16.13 3.21
N HIS C 27 9.03 16.93 4.24
CA HIS C 27 8.64 18.32 4.02
C HIS C 27 9.72 19.09 3.29
N MET C 28 10.99 18.85 3.64
CA MET C 28 12.08 19.54 2.96
C MET C 28 12.24 19.06 1.53
N PHE C 29 12.03 17.77 1.29
CA PHE C 29 12.13 17.25 -0.07
C PHE C 29 11.08 17.89 -0.97
N ASN C 30 9.84 17.98 -0.49
CA ASN C 30 8.79 18.64 -1.26
C ASN C 30 9.08 20.13 -1.41
N PHE C 31 9.66 20.75 -0.38
CA PHE C 31 10.03 22.16 -0.47
C PHE C 31 11.11 22.37 -1.52
N LEU C 32 12.08 21.45 -1.60
CA LEU C 32 13.13 21.54 -2.61
C LEU C 32 12.63 21.14 -3.99
N ASP C 33 11.55 20.37 -4.07
CA ASP C 33 10.99 19.94 -5.35
C ASP C 33 9.94 20.96 -5.81
N VAL C 34 10.44 22.12 -6.26
CA VAL C 34 9.56 23.22 -6.62
C VAL C 34 8.77 22.93 -7.90
N ASN C 35 9.27 22.06 -8.76
CA ASN C 35 8.60 21.74 -10.02
C ASN C 35 7.78 20.46 -9.94
N HIS C 36 7.69 19.85 -8.76
CA HIS C 36 6.85 18.67 -8.53
C HIS C 36 7.23 17.51 -9.47
N ASN C 37 8.52 17.26 -9.59
CA ASN C 37 9.01 16.14 -10.38
C ASN C 37 9.14 14.87 -9.56
N GLY C 38 8.94 14.94 -8.25
CA GLY C 38 9.19 13.79 -7.39
C GLY C 38 10.64 13.40 -7.28
N LYS C 39 11.56 14.25 -7.74
CA LYS C 39 12.97 13.97 -7.72
C LYS C 39 13.74 15.27 -7.92
N ILE C 40 14.92 15.35 -7.32
CA ILE C 40 15.77 16.53 -7.39
C ILE C 40 17.21 16.11 -7.64
N SER C 41 18.02 17.07 -8.06
CA SER C 41 19.41 16.82 -8.41
C SER C 41 20.32 17.77 -7.65
N LEU C 42 21.60 17.40 -7.57
CA LEU C 42 22.58 18.29 -6.97
C LEU C 42 22.77 19.56 -7.79
N ASP C 43 22.57 19.48 -9.10
CA ASP C 43 22.69 20.66 -9.95
C ASP C 43 21.70 21.74 -9.53
N GLU C 44 20.48 21.34 -9.15
CA GLU C 44 19.46 22.28 -8.73
C GLU C 44 19.74 22.82 -7.33
N MET C 45 20.12 21.94 -6.39
CA MET C 45 20.38 22.38 -5.03
C MET C 45 21.52 23.38 -4.98
N VAL C 46 22.61 23.09 -5.68
CA VAL C 46 23.75 24.01 -5.69
C VAL C 46 23.40 25.29 -6.44
N TYR C 47 22.60 25.18 -7.50
CA TYR C 47 22.14 26.38 -8.20
C TYR C 47 21.29 27.26 -7.28
N LYS C 48 20.37 26.64 -6.54
CA LYS C 48 19.56 27.39 -5.59
C LYS C 48 20.43 28.08 -4.55
N ALA C 49 21.40 27.35 -4.00
CA ALA C 49 22.23 27.91 -2.93
C ALA C 49 23.05 29.09 -3.43
N SER C 50 23.71 28.94 -4.59
CA SER C 50 24.56 30.00 -5.09
C SER C 50 23.75 31.20 -5.56
N ASP C 51 22.56 30.98 -6.12
CA ASP C 51 21.75 32.10 -6.59
C ASP C 51 21.29 32.98 -5.43
N ILE C 52 21.04 32.38 -4.26
CA ILE C 52 20.61 33.16 -3.11
C ILE C 52 21.74 34.06 -2.62
N VAL C 53 22.95 33.50 -2.47
CA VAL C 53 24.04 34.28 -1.90
C VAL C 53 24.58 35.30 -2.91
N ILE C 54 24.54 35.00 -4.20
CA ILE C 54 25.11 35.90 -5.18
C ILE C 54 24.12 37.00 -5.56
N ASN C 55 22.88 36.61 -5.87
CA ASN C 55 21.90 37.54 -6.43
C ASN C 55 20.94 38.13 -5.41
N ASN C 56 20.95 37.65 -4.17
CA ASN C 56 20.10 38.21 -3.12
C ASN C 56 20.85 38.75 -1.93
N LEU C 57 22.07 38.30 -1.68
CA LEU C 57 22.85 38.73 -0.52
C LEU C 57 24.17 39.40 -0.88
N GLY C 58 24.50 39.49 -2.16
CA GLY C 58 25.69 40.21 -2.59
C GLY C 58 27.01 39.60 -2.15
N ALA C 59 27.17 38.30 -2.40
CA ALA C 59 28.40 37.61 -2.03
C ALA C 59 29.50 37.89 -3.05
N THR C 60 30.73 37.99 -2.55
CA THR C 60 31.87 38.15 -3.43
C THR C 60 32.16 36.83 -4.15
N PRO C 61 32.90 36.86 -5.26
CA PRO C 61 33.24 35.61 -5.94
C PRO C 61 33.92 34.59 -5.04
N GLU C 62 34.78 35.05 -4.12
CA GLU C 62 35.47 34.12 -3.22
C GLU C 62 34.50 33.55 -2.18
N GLN C 63 33.61 34.39 -1.65
CA GLN C 63 32.60 33.89 -0.71
C GLN C 63 31.68 32.89 -1.39
N ALA C 64 31.28 33.18 -2.64
CA ALA C 64 30.42 32.26 -3.36
C ALA C 64 31.11 30.93 -3.62
N LYS C 65 32.41 30.96 -3.93
CA LYS C 65 33.16 29.72 -4.14
C LYS C 65 33.20 28.89 -2.87
N ARG C 66 33.54 29.51 -1.74
CA ARG C 66 33.57 28.79 -0.47
C ARG C 66 32.19 28.26 -0.11
N HIS C 67 31.15 29.09 -0.31
CA HIS C 67 29.79 28.65 -0.02
C HIS C 67 29.35 27.54 -0.96
N LYS C 68 29.74 27.62 -2.24
CA LYS C 68 29.33 26.60 -3.20
C LYS C 68 29.91 25.24 -2.85
N ASP C 69 31.20 25.20 -2.49
CA ASP C 69 31.81 23.93 -2.08
C ASP C 69 31.12 23.35 -0.85
N ALA C 70 30.73 24.20 0.09
CA ALA C 70 30.11 23.74 1.32
C ALA C 70 28.75 23.10 1.05
N VAL C 71 27.90 23.79 0.26
CA VAL C 71 26.60 23.23 -0.06
C VAL C 71 26.75 21.97 -0.91
N GLU C 72 27.67 22.00 -1.87
CA GLU C 72 27.91 20.84 -2.72
C GLU C 72 28.25 19.61 -1.89
N ALA C 73 29.13 19.77 -0.89
CA ALA C 73 29.50 18.64 -0.05
C ALA C 73 28.37 18.23 0.89
N PHE C 74 27.52 19.18 1.28
CA PHE C 74 26.43 18.87 2.20
C PHE C 74 25.40 17.95 1.56
N PHE C 75 24.87 18.36 0.40
CA PHE C 75 23.90 17.51 -0.29
C PHE C 75 24.59 16.31 -0.94
N GLY C 76 25.85 16.46 -1.37
CA GLY C 76 26.60 15.32 -1.83
C GLY C 76 26.76 14.25 -0.75
N GLY C 77 26.88 14.69 0.51
CA GLY C 77 26.91 13.75 1.62
C GLY C 77 25.62 13.00 1.83
N ALA C 78 24.53 13.49 1.24
CA ALA C 78 23.24 12.81 1.28
C ALA C 78 23.00 11.94 0.06
N GLY C 79 24.03 11.67 -0.73
CA GLY C 79 23.93 10.79 -1.87
C GLY C 79 23.63 11.46 -3.19
N MET C 80 23.34 12.75 -3.19
CA MET C 80 23.00 13.46 -4.42
C MET C 80 24.25 13.74 -5.24
N LYS C 81 24.11 13.62 -6.56
CA LYS C 81 25.23 13.80 -7.48
C LYS C 81 24.80 14.66 -8.66
N TYR C 82 25.78 15.24 -9.34
CA TYR C 82 25.50 16.05 -10.52
C TYR C 82 24.98 15.18 -11.66
N GLY C 83 23.98 15.68 -12.37
CA GLY C 83 23.39 14.94 -13.47
C GLY C 83 22.57 13.74 -13.08
N VAL C 84 22.28 13.58 -11.79
CA VAL C 84 21.52 12.45 -11.28
C VAL C 84 20.30 12.98 -10.55
N GLU C 85 19.13 12.43 -10.84
CA GLU C 85 17.89 12.81 -10.18
C GLU C 85 17.60 11.85 -9.04
N THR C 86 17.37 12.40 -7.86
CA THR C 86 17.20 11.62 -6.63
C THR C 86 15.74 11.68 -6.21
N ASP C 87 15.05 10.53 -6.31
CA ASP C 87 13.67 10.46 -5.85
C ASP C 87 13.62 10.34 -4.33
N TRP C 88 12.40 10.40 -3.80
CA TRP C 88 12.22 10.34 -2.36
C TRP C 88 12.80 9.09 -1.70
N PRO C 89 12.64 7.88 -2.26
CA PRO C 89 13.28 6.72 -1.61
C PRO C 89 14.80 6.83 -1.54
N ALA C 90 15.46 7.22 -2.63
CA ALA C 90 16.91 7.38 -2.60
C ALA C 90 17.34 8.60 -1.80
N TYR C 91 16.44 9.58 -1.64
CA TYR C 91 16.76 10.80 -0.89
C TYR C 91 16.76 10.53 0.61
N ILE C 92 15.70 9.90 1.13
CA ILE C 92 15.62 9.65 2.56
C ILE C 92 16.65 8.61 2.99
N GLU C 93 17.04 7.71 2.08
CA GLU C 93 18.07 6.74 2.41
C GLU C 93 19.45 7.39 2.45
N GLY C 94 19.68 8.39 1.60
CA GLY C 94 20.93 9.12 1.67
C GLY C 94 21.02 10.05 2.85
N TRP C 95 19.88 10.52 3.35
CA TRP C 95 19.90 11.34 4.56
C TRP C 95 20.20 10.51 5.80
N LYS C 96 19.88 9.22 5.77
CA LYS C 96 20.34 8.33 6.83
C LYS C 96 21.85 8.23 6.83
N LYS C 97 22.47 8.18 5.63
CA LYS C 97 23.92 8.12 5.55
C LYS C 97 24.56 9.47 5.86
N LEU C 98 23.91 10.56 5.44
CA LEU C 98 24.43 11.89 5.74
C LEU C 98 24.44 12.15 7.25
N ALA C 99 23.31 11.86 7.91
CA ALA C 99 23.24 12.06 9.35
C ALA C 99 24.23 11.16 10.09
N THR C 100 24.42 9.94 9.61
CA THR C 100 25.37 9.03 10.25
C THR C 100 26.79 9.56 10.13
N ASP C 101 27.18 10.03 8.94
CA ASP C 101 28.50 10.59 8.78
C ASP C 101 28.68 11.87 9.58
N GLU C 102 27.60 12.64 9.76
CA GLU C 102 27.69 13.87 10.54
C GLU C 102 27.80 13.57 12.02
N LEU C 103 27.01 12.61 12.52
CA LEU C 103 27.10 12.23 13.93
C LEU C 103 28.48 11.70 14.27
N GLU C 104 29.11 10.99 13.33
CA GLU C 104 30.49 10.54 13.53
C GLU C 104 31.43 11.72 13.65
N LYS C 105 31.21 12.76 12.83
CA LYS C 105 32.06 13.95 12.92
C LYS C 105 31.81 14.73 14.20
N TYR C 106 30.58 14.72 14.72
CA TYR C 106 30.32 15.34 16.02
C TYR C 106 31.11 14.65 17.12
N ALA C 107 31.01 13.32 17.20
CA ALA C 107 31.68 12.58 18.27
C ALA C 107 33.19 12.69 18.16
N LYS C 108 33.72 12.72 16.93
CA LYS C 108 35.14 12.90 16.72
C LYS C 108 35.60 14.34 16.89
N ASN C 109 34.68 15.27 17.18
CA ASN C 109 34.98 16.70 17.25
C ASN C 109 35.66 17.18 15.97
N GLU C 110 35.23 16.61 14.84
CA GLU C 110 35.64 16.88 13.48
C GLU C 110 34.67 17.87 12.83
N PRO C 111 35.18 18.85 12.08
CA PRO C 111 34.29 19.82 11.42
C PRO C 111 33.21 19.14 10.58
N THR C 112 31.96 19.37 10.93
CA THR C 112 30.84 18.75 10.23
C THR C 112 30.51 19.51 8.96
N LEU C 113 29.80 18.83 8.05
CA LEU C 113 29.38 19.47 6.81
C LEU C 113 28.40 20.61 7.08
N ILE C 114 27.50 20.41 8.05
CA ILE C 114 26.52 21.46 8.37
C ILE C 114 27.21 22.67 8.98
N ARG C 115 28.35 22.46 9.67
CA ARG C 115 29.09 23.59 10.21
C ARG C 115 29.84 24.35 9.12
N ILE C 116 30.49 23.62 8.22
CA ILE C 116 31.25 24.26 7.14
C ILE C 116 30.32 25.11 6.28
N TRP C 117 29.11 24.60 6.01
CA TRP C 117 28.11 25.42 5.32
C TRP C 117 27.73 26.64 6.15
N GLY C 118 27.52 26.45 7.46
CA GLY C 118 27.14 27.56 8.31
C GLY C 118 28.21 28.64 8.38
N ASP C 119 29.47 28.23 8.53
CA ASP C 119 30.56 29.19 8.55
C ASP C 119 30.66 29.95 7.22
N ALA C 120 30.50 29.23 6.10
CA ALA C 120 30.58 29.88 4.80
C ALA C 120 29.38 30.77 4.55
N LEU C 121 28.21 30.41 5.08
CA LEU C 121 27.00 31.22 4.84
C LEU C 121 26.99 32.47 5.70
N PHE C 122 27.32 32.34 6.99
CA PHE C 122 27.26 33.49 7.89
C PHE C 122 28.30 34.55 7.54
N ASP C 123 29.39 34.16 6.88
CA ASP C 123 30.33 35.16 6.38
C ASP C 123 29.71 36.02 5.30
N ILE C 124 28.69 35.53 4.61
CA ILE C 124 27.96 36.30 3.62
C ILE C 124 26.79 37.05 4.24
N VAL C 125 26.02 36.36 5.09
CA VAL C 125 24.80 36.95 5.64
C VAL C 125 25.13 38.09 6.59
N ASP C 126 26.13 37.91 7.46
CA ASP C 126 26.53 38.95 8.38
C ASP C 126 27.38 39.99 7.64
N LYS C 127 26.94 41.25 7.66
CA LYS C 127 27.67 42.30 6.97
C LYS C 127 28.98 42.65 7.65
N ASP C 128 29.11 42.35 8.95
CA ASP C 128 30.38 42.53 9.64
C ASP C 128 31.35 41.39 9.37
N GLN C 129 30.86 40.25 8.90
CA GLN C 129 31.69 39.09 8.57
C GLN C 129 32.46 38.60 9.80
N ASN C 130 31.77 38.48 10.93
CA ASN C 130 32.35 37.96 12.16
C ASN C 130 31.63 36.69 12.63
N GLY C 131 30.92 36.01 11.73
CA GLY C 131 30.28 34.76 12.07
C GLY C 131 29.09 34.87 12.99
N ALA C 132 28.40 36.01 13.01
CA ALA C 132 27.24 36.21 13.86
C ALA C 132 26.25 37.11 13.13
N ILE C 133 25.02 36.63 12.95
CA ILE C 133 24.00 37.34 12.20
C ILE C 133 22.93 37.85 13.15
N THR C 134 22.32 38.97 12.78
CA THR C 134 21.23 39.55 13.55
C THR C 134 19.90 38.87 13.16
N LEU C 135 18.81 39.31 13.79
CA LEU C 135 17.51 38.73 13.49
C LEU C 135 17.05 39.10 12.08
N ASP C 136 17.27 40.36 11.67
CA ASP C 136 16.89 40.78 10.33
C ASP C 136 17.69 40.02 9.27
N GLU C 137 18.97 39.78 9.54
CA GLU C 137 19.78 39.02 8.60
C GLU C 137 19.35 37.55 8.56
N TRP C 138 18.83 37.02 9.66
CA TRP C 138 18.27 35.68 9.65
C TRP C 138 16.96 35.63 8.89
N LYS C 139 16.16 36.70 8.99
CA LYS C 139 14.94 36.79 8.19
C LYS C 139 15.26 36.93 6.71
N ALA C 140 16.29 37.73 6.38
CA ALA C 140 16.60 38.01 4.99
C ALA C 140 17.07 36.75 4.26
N TYR C 141 17.83 35.89 4.93
CA TYR C 141 18.28 34.67 4.27
C TYR C 141 17.16 33.64 4.16
N THR C 142 16.50 33.35 5.29
CA THR C 142 15.51 32.28 5.30
C THR C 142 14.31 32.60 4.42
N LYS C 143 13.97 33.88 4.27
CA LYS C 143 12.92 34.24 3.33
C LYS C 143 13.41 34.21 1.89
N ALA C 144 14.68 34.54 1.65
CA ALA C 144 15.24 34.40 0.31
C ALA C 144 15.29 32.94 -0.11
N ALA C 145 15.69 32.06 0.81
CA ALA C 145 15.69 30.62 0.52
C ALA C 145 14.29 30.03 0.55
N GLY C 146 13.37 30.65 1.27
CA GLY C 146 12.01 30.14 1.37
C GLY C 146 11.81 29.08 2.42
N ILE C 147 12.84 28.71 3.19
CA ILE C 147 12.65 27.72 4.24
C ILE C 147 11.76 28.27 5.34
N ILE C 148 11.75 29.58 5.53
CA ILE C 148 10.82 30.26 6.43
C ILE C 148 10.15 31.39 5.67
N GLN C 149 8.84 31.52 5.85
CA GLN C 149 8.06 32.55 5.17
C GLN C 149 7.67 33.70 6.09
N SER C 150 7.19 33.41 7.30
CA SER C 150 6.71 34.43 8.21
C SER C 150 7.81 34.88 9.16
N SER C 151 7.73 36.15 9.57
CA SER C 151 8.72 36.71 10.48
C SER C 151 8.63 36.09 11.87
N GLU C 152 7.44 35.64 12.27
CA GLU C 152 7.28 35.06 13.61
C GLU C 152 8.02 33.74 13.75
N ASP C 153 8.14 32.97 12.66
CA ASP C 153 8.91 31.73 12.72
C ASP C 153 10.40 32.03 12.81
N CYS C 154 10.86 33.08 12.11
CA CYS C 154 12.25 33.50 12.27
C CYS C 154 12.53 33.91 13.71
N GLU C 155 11.55 34.55 14.36
CA GLU C 155 11.73 34.94 15.76
C GLU C 155 11.71 33.72 16.68
N GLU C 156 11.03 32.64 16.27
CA GLU C 156 11.08 31.40 17.04
C GLU C 156 12.49 30.82 17.06
N THR C 157 13.25 31.01 15.98
CA THR C 157 14.63 30.52 15.94
C THR C 157 15.47 31.16 17.05
N PHE C 158 15.39 32.49 17.16
CA PHE C 158 16.12 33.19 18.21
C PHE C 158 15.60 32.87 19.60
N ARG C 159 14.33 32.46 19.71
CA ARG C 159 13.81 32.06 21.02
C ARG C 159 14.34 30.70 21.43
N VAL C 160 14.41 29.76 20.48
CA VAL C 160 14.94 28.42 20.79
C VAL C 160 16.42 28.50 21.11
N CYS C 161 17.18 29.32 20.37
CA CYS C 161 18.59 29.50 20.64
C CYS C 161 18.88 30.36 21.86
N ASP C 162 17.83 30.87 22.52
CA ASP C 162 17.97 31.72 23.70
C ASP C 162 18.81 32.96 23.40
N ILE C 163 18.42 33.68 22.34
CA ILE C 163 19.09 34.90 21.92
C ILE C 163 18.03 35.98 21.71
N ASP C 164 18.27 37.15 22.28
CA ASP C 164 17.33 38.26 22.14
C ASP C 164 17.28 38.74 20.70
N GLU C 165 16.15 39.35 20.32
CA GLU C 165 15.99 39.88 18.97
C GLU C 165 17.04 40.93 18.63
N SER C 166 17.64 41.57 19.64
CA SER C 166 18.72 42.52 19.41
C SER C 166 20.09 41.87 19.37
N GLY C 167 20.22 40.64 19.86
CA GLY C 167 21.48 39.93 19.84
C GLY C 167 21.79 39.33 18.49
N GLN C 168 22.80 38.47 18.47
CA GLN C 168 23.27 37.83 17.25
C GLN C 168 23.34 36.32 17.44
N LEU C 169 23.25 35.60 16.33
CA LEU C 169 23.31 34.16 16.30
C LEU C 169 24.55 33.71 15.55
N ASP C 170 25.36 32.85 16.18
CA ASP C 170 26.60 32.37 15.60
C ASP C 170 26.45 30.93 15.14
N VAL C 171 27.43 30.48 14.34
CA VAL C 171 27.40 29.13 13.79
C VAL C 171 27.53 28.09 14.89
N ASP C 172 28.31 28.38 15.93
CA ASP C 172 28.48 27.43 17.03
C ASP C 172 27.14 27.05 17.64
N GLU C 173 26.31 28.05 17.96
CA GLU C 173 25.01 27.77 18.55
C GLU C 173 24.09 27.07 17.55
N MET C 174 24.10 27.52 16.29
CA MET C 174 23.21 26.93 15.29
C MET C 174 23.62 25.51 14.93
N THR C 175 24.93 25.21 14.98
CA THR C 175 25.38 23.85 14.73
C THR C 175 24.87 22.90 15.80
N ARG C 176 24.83 23.36 17.06
CA ARG C 176 24.25 22.55 18.12
C ARG C 176 22.75 22.34 17.91
N GLN C 177 22.04 23.40 17.49
CA GLN C 177 20.61 23.26 17.25
C GLN C 177 20.34 22.35 16.06
N HIS C 178 21.12 22.49 14.99
CA HIS C 178 20.96 21.62 13.82
C HIS C 178 21.33 20.17 14.12
N LEU C 179 22.18 19.93 15.11
CA LEU C 179 22.45 18.57 15.55
C LEU C 179 21.17 17.88 15.98
N GLY C 180 20.38 18.54 16.83
CA GLY C 180 19.14 17.94 17.31
C GLY C 180 17.95 18.11 16.39
N PHE C 181 18.00 19.08 15.47
CA PHE C 181 16.85 19.33 14.61
C PHE C 181 16.88 18.48 13.36
N TRP C 182 18.02 18.42 12.67
CA TRP C 182 18.11 17.65 11.42
C TRP C 182 18.54 16.21 11.64
N TYR C 183 19.34 15.93 12.66
CA TYR C 183 20.02 14.64 12.78
C TYR C 183 19.41 13.72 13.82
N THR C 184 19.13 14.19 15.03
CA THR C 184 18.80 13.30 16.14
C THR C 184 17.41 13.49 16.72
N MET C 185 16.63 14.47 16.26
CA MET C 185 15.28 14.72 16.75
C MET C 185 15.27 15.02 18.26
N ASP C 186 16.16 15.91 18.67
CA ASP C 186 16.23 16.32 20.06
C ASP C 186 14.98 17.13 20.42
N PRO C 187 14.20 16.72 21.41
CA PRO C 187 12.98 17.49 21.76
C PRO C 187 13.27 18.93 22.13
N ALA C 188 14.47 19.23 22.65
CA ALA C 188 14.81 20.60 23.02
C ALA C 188 15.03 21.49 21.80
N CYS C 189 15.15 20.91 20.60
CA CYS C 189 15.37 21.67 19.38
C CYS C 189 14.09 21.84 18.56
N GLU C 190 12.94 21.51 19.13
CA GLU C 190 11.68 21.70 18.43
C GLU C 190 11.41 23.19 18.21
N LYS C 191 10.62 23.49 17.17
CA LYS C 191 10.26 24.85 16.78
C LYS C 191 11.48 25.71 16.47
N LEU C 192 12.60 25.09 16.07
CA LEU C 192 13.76 25.87 15.67
C LEU C 192 13.47 26.72 14.45
N TYR C 193 12.60 26.24 13.56
CA TYR C 193 12.16 26.99 12.39
C TYR C 193 10.69 27.37 12.49
N GLY C 194 10.20 27.53 13.72
CA GLY C 194 8.79 27.87 13.92
C GLY C 194 7.88 26.78 13.41
N GLY C 195 6.80 27.18 12.75
CA GLY C 195 5.91 26.25 12.10
C GLY C 195 6.22 25.99 10.65
N ALA C 196 7.29 26.60 10.12
CA ALA C 196 7.62 26.43 8.72
C ALA C 196 8.07 25.00 8.41
N VAL C 197 8.82 24.39 9.32
CA VAL C 197 9.33 23.04 9.15
C VAL C 197 8.79 22.18 10.29
N PRO C 198 8.13 21.05 10.00
CA PRO C 198 7.58 20.13 11.00
C PRO C 198 8.65 19.46 11.85
N HIS D 9 14.90 -25.33 6.38
CA HIS D 9 15.70 -24.47 5.52
C HIS D 9 15.31 -24.61 4.05
N GLY D 10 15.08 -25.84 3.62
CA GLY D 10 14.73 -26.08 2.23
C GLY D 10 14.41 -27.54 1.99
N LYS D 11 14.36 -27.90 0.71
CA LYS D 11 14.00 -29.25 0.29
C LYS D 11 14.87 -29.62 -0.91
N LEU D 12 15.54 -30.76 -0.84
CA LEU D 12 16.44 -31.22 -1.89
C LEU D 12 16.03 -32.57 -2.48
N THR D 13 14.79 -32.99 -2.26
CA THR D 13 14.29 -34.26 -2.77
C THR D 13 13.28 -33.98 -3.88
N SER D 14 13.46 -34.64 -5.02
CA SER D 14 12.58 -34.44 -6.15
C SER D 14 11.22 -35.09 -5.90
N ASP D 15 10.25 -34.73 -6.75
CA ASP D 15 8.89 -35.23 -6.65
C ASP D 15 8.26 -35.22 -8.04
N PHE D 16 8.88 -35.93 -8.97
CA PHE D 16 8.46 -35.90 -10.37
C PHE D 16 7.18 -36.68 -10.62
N ASP D 17 6.80 -37.57 -9.70
CA ASP D 17 5.53 -38.29 -9.82
C ASP D 17 4.36 -37.52 -9.23
N ASN D 18 4.63 -36.40 -8.56
CA ASN D 18 3.57 -35.56 -8.04
C ASN D 18 2.76 -34.99 -9.20
N PRO D 19 1.44 -35.19 -9.24
CA PRO D 19 0.64 -34.61 -10.34
C PRO D 19 0.65 -33.09 -10.36
N ARG D 20 0.89 -32.44 -9.22
CA ARG D 20 0.94 -30.98 -9.20
C ARG D 20 2.28 -30.43 -9.66
N TRP D 21 3.34 -31.26 -9.66
CA TRP D 21 4.58 -30.85 -10.29
C TRP D 21 4.47 -30.91 -11.81
N ILE D 22 3.86 -31.99 -12.33
CA ILE D 22 3.64 -32.09 -13.77
C ILE D 22 2.68 -31.01 -14.23
N GLY D 23 1.61 -30.78 -13.48
CA GLY D 23 0.64 -29.75 -13.85
C GLY D 23 1.22 -28.35 -13.79
N ARG D 24 2.15 -28.11 -12.87
CA ARG D 24 2.79 -26.80 -12.79
C ARG D 24 3.62 -26.52 -14.04
N HIS D 25 4.35 -27.51 -14.53
CA HIS D 25 5.13 -27.34 -15.75
C HIS D 25 4.30 -27.52 -17.01
N LYS D 26 3.15 -28.21 -16.92
CA LYS D 26 2.23 -28.25 -18.04
C LYS D 26 1.57 -26.89 -18.24
N HIS D 27 1.28 -26.19 -17.15
CA HIS D 27 0.77 -24.82 -17.24
C HIS D 27 1.82 -23.91 -17.87
N MET D 28 3.09 -24.07 -17.50
CA MET D 28 4.14 -23.25 -18.09
C MET D 28 4.36 -23.62 -19.55
N PHE D 29 4.25 -24.90 -19.90
CA PHE D 29 4.39 -25.33 -21.29
C PHE D 29 3.34 -24.67 -22.17
N ASN D 30 2.09 -24.67 -21.73
CA ASN D 30 1.04 -24.02 -22.50
C ASN D 30 1.24 -22.52 -22.57
N PHE D 31 1.68 -21.92 -21.45
CA PHE D 31 1.99 -20.49 -21.45
C PHE D 31 3.11 -20.15 -22.41
N LEU D 32 4.10 -21.03 -22.54
CA LEU D 32 5.18 -20.80 -23.50
C LEU D 32 4.72 -21.07 -24.92
N ASP D 33 3.74 -21.96 -25.11
CA ASP D 33 3.24 -22.31 -26.44
C ASP D 33 2.15 -21.33 -26.84
N VAL D 34 2.58 -20.10 -27.16
CA VAL D 34 1.62 -19.05 -27.47
C VAL D 34 0.92 -19.31 -28.80
N ASN D 35 1.57 -20.01 -29.73
CA ASN D 35 0.99 -20.29 -31.03
C ASN D 35 0.24 -21.62 -31.08
N HIS D 36 0.16 -22.34 -29.96
CA HIS D 36 -0.60 -23.59 -29.86
C HIS D 36 -0.13 -24.60 -30.89
N ASN D 37 1.19 -24.78 -30.97
CA ASN D 37 1.77 -25.76 -31.88
C ASN D 37 2.03 -27.10 -31.23
N GLY D 38 1.76 -27.23 -29.94
CA GLY D 38 2.15 -28.41 -29.19
C GLY D 38 3.64 -28.61 -29.08
N LYS D 39 4.44 -27.70 -29.61
CA LYS D 39 5.90 -27.80 -29.54
C LYS D 39 6.49 -26.40 -29.38
N ILE D 40 7.64 -26.32 -28.73
CA ILE D 40 8.38 -25.07 -28.61
C ILE D 40 9.86 -25.36 -28.82
N SER D 41 10.60 -24.31 -29.16
CA SER D 41 12.01 -24.44 -29.49
C SER D 41 12.82 -23.50 -28.62
N LEU D 42 14.13 -23.78 -28.55
CA LEU D 42 15.02 -22.89 -27.82
C LEU D 42 15.13 -21.53 -28.49
N ASP D 43 14.96 -21.49 -29.82
CA ASP D 43 14.99 -20.21 -30.53
C ASP D 43 13.90 -19.29 -30.02
N GLU D 44 12.71 -19.83 -29.76
CA GLU D 44 11.60 -19.01 -29.29
C GLU D 44 11.83 -18.55 -27.85
N MET D 45 12.29 -19.46 -26.98
CA MET D 45 12.51 -19.10 -25.58
C MET D 45 13.55 -17.99 -25.46
N VAL D 46 14.67 -18.13 -26.17
CA VAL D 46 15.72 -17.12 -26.09
C VAL D 46 15.27 -15.82 -26.73
N TYR D 47 14.51 -15.90 -27.83
CA TYR D 47 13.97 -14.69 -28.43
C TYR D 47 13.05 -13.97 -27.46
N LYS D 48 12.11 -14.70 -26.87
CA LYS D 48 11.21 -14.11 -25.88
C LYS D 48 11.99 -13.51 -24.71
N ALA D 49 13.01 -14.21 -24.23
CA ALA D 49 13.79 -13.74 -23.09
C ALA D 49 14.48 -12.41 -23.40
N SER D 50 15.16 -12.34 -24.55
CA SER D 50 15.90 -11.13 -24.90
C SER D 50 14.96 -9.99 -25.26
N ASP D 51 13.84 -10.31 -25.93
CA ASP D 51 12.89 -9.28 -26.31
C ASP D 51 12.34 -8.55 -25.09
N ILE D 52 12.13 -9.28 -23.98
CA ILE D 52 11.60 -8.67 -22.77
C ILE D 52 12.61 -7.70 -22.18
N VAL D 53 13.87 -8.14 -22.03
CA VAL D 53 14.86 -7.29 -21.36
C VAL D 53 15.34 -6.16 -22.27
N ILE D 54 15.38 -6.38 -23.58
CA ILE D 54 15.89 -5.37 -24.48
C ILE D 54 14.82 -4.34 -24.82
N ASN D 55 13.64 -4.81 -25.23
CA ASN D 55 12.60 -3.92 -25.76
C ASN D 55 11.62 -3.42 -24.70
N ASN D 56 11.61 -4.02 -23.51
CA ASN D 56 10.71 -3.59 -22.45
C ASN D 56 11.41 -3.07 -21.21
N LEU D 57 12.62 -3.53 -20.91
CA LEU D 57 13.30 -3.16 -19.67
C LEU D 57 14.58 -2.37 -19.90
N GLY D 58 14.87 -1.97 -21.15
CA GLY D 58 16.01 -1.12 -21.45
C GLY D 58 17.35 -1.68 -21.01
N ALA D 59 17.63 -2.93 -21.34
CA ALA D 59 18.89 -3.55 -20.98
C ALA D 59 20.00 -3.13 -21.93
N THR D 60 21.19 -2.93 -21.39
CA THR D 60 22.35 -2.62 -22.21
C THR D 60 22.78 -3.86 -23.00
N PRO D 61 23.49 -3.67 -24.11
CA PRO D 61 23.93 -4.84 -24.90
C PRO D 61 24.76 -5.83 -24.10
N GLU D 62 25.54 -5.37 -23.13
CA GLU D 62 26.31 -6.29 -22.30
C GLU D 62 25.42 -7.06 -21.34
N GLN D 63 24.44 -6.36 -20.73
CA GLN D 63 23.48 -7.03 -19.86
C GLN D 63 22.67 -8.07 -20.63
N ALA D 64 22.21 -7.72 -21.83
CA ALA D 64 21.42 -8.65 -22.62
C ALA D 64 22.26 -9.86 -23.07
N LYS D 65 23.55 -9.66 -23.28
CA LYS D 65 24.43 -10.78 -23.62
C LYS D 65 24.55 -11.75 -22.46
N ARG D 66 24.81 -11.22 -21.25
CA ARG D 66 24.87 -12.06 -20.06
C ARG D 66 23.53 -12.73 -19.80
N HIS D 67 22.44 -12.01 -20.03
CA HIS D 67 21.11 -12.58 -19.82
C HIS D 67 20.80 -13.67 -20.84
N LYS D 68 21.16 -13.44 -22.12
CA LYS D 68 20.88 -14.43 -23.15
C LYS D 68 21.58 -15.75 -22.87
N ASP D 69 22.84 -15.70 -22.43
CA ASP D 69 23.57 -16.92 -22.12
C ASP D 69 22.90 -17.71 -21.01
N ALA D 70 22.41 -17.00 -19.98
CA ALA D 70 21.82 -17.68 -18.83
C ALA D 70 20.50 -18.35 -19.19
N VAL D 71 19.64 -17.66 -19.94
CA VAL D 71 18.38 -18.27 -20.37
C VAL D 71 18.65 -19.44 -21.31
N GLU D 72 19.61 -19.27 -22.22
CA GLU D 72 19.98 -20.34 -23.13
C GLU D 72 20.38 -21.60 -22.37
N ALA D 73 21.21 -21.45 -21.35
CA ALA D 73 21.67 -22.61 -20.58
C ALA D 73 20.55 -23.18 -19.72
N PHE D 74 19.63 -22.33 -19.25
CA PHE D 74 18.52 -22.81 -18.42
C PHE D 74 17.61 -23.74 -19.21
N PHE D 75 17.02 -23.23 -20.30
CA PHE D 75 16.18 -24.08 -21.14
C PHE D 75 16.99 -25.15 -21.86
N GLY D 76 18.26 -24.85 -22.17
CA GLY D 76 19.12 -25.88 -22.72
C GLY D 76 19.35 -27.03 -21.76
N GLY D 77 19.33 -26.75 -20.45
CA GLY D 77 19.43 -27.80 -19.45
C GLY D 77 18.21 -28.68 -19.39
N ALA D 78 17.08 -28.24 -19.94
CA ALA D 78 15.88 -29.05 -20.05
C ALA D 78 15.80 -29.80 -21.38
N GLY D 79 16.88 -29.84 -22.14
CA GLY D 79 16.92 -30.58 -23.39
C GLY D 79 16.59 -29.78 -24.63
N MET D 80 16.17 -28.53 -24.48
CA MET D 80 15.80 -27.73 -25.64
C MET D 80 17.05 -27.24 -26.37
N LYS D 81 16.99 -27.29 -27.70
CA LYS D 81 18.12 -26.92 -28.55
C LYS D 81 17.64 -26.01 -29.67
N TYR D 82 18.60 -25.33 -30.30
CA TYR D 82 18.28 -24.44 -31.40
C TYR D 82 17.91 -25.26 -32.64
N GLY D 83 16.85 -24.83 -33.32
CA GLY D 83 16.38 -25.52 -34.51
C GLY D 83 15.67 -26.82 -34.25
N VAL D 84 15.36 -27.14 -32.99
CA VAL D 84 14.67 -28.36 -32.61
C VAL D 84 13.39 -27.99 -31.90
N GLU D 85 12.29 -28.61 -32.29
CA GLU D 85 10.99 -28.38 -31.68
C GLU D 85 10.73 -29.44 -30.62
N THR D 86 10.46 -28.99 -29.39
CA THR D 86 10.27 -29.88 -28.25
C THR D 86 8.79 -29.95 -27.91
N ASP D 87 8.20 -31.14 -28.08
CA ASP D 87 6.81 -31.35 -27.71
C ASP D 87 6.72 -31.62 -26.20
N TRP D 88 5.49 -31.81 -25.72
CA TRP D 88 5.27 -31.99 -24.28
C TRP D 88 5.97 -33.20 -23.70
N PRO D 89 5.91 -34.41 -24.30
CA PRO D 89 6.63 -35.55 -23.69
C PRO D 89 8.12 -35.31 -23.56
N ALA D 90 8.77 -34.82 -24.62
CA ALA D 90 10.19 -34.50 -24.52
C ALA D 90 10.45 -33.33 -23.57
N TYR D 91 9.45 -32.46 -23.39
CA TYR D 91 9.62 -31.29 -22.54
C TYR D 91 9.64 -31.66 -21.06
N ILE D 92 8.59 -32.33 -20.58
CA ILE D 92 8.50 -32.65 -19.17
C ILE D 92 9.56 -33.68 -18.78
N GLU D 93 9.96 -34.54 -19.71
CA GLU D 93 11.04 -35.47 -19.42
C GLU D 93 12.38 -34.74 -19.35
N GLY D 94 12.55 -33.69 -20.16
CA GLY D 94 13.74 -32.88 -20.07
C GLY D 94 13.75 -31.99 -18.83
N TRP D 95 12.58 -31.64 -18.31
CA TRP D 95 12.51 -30.87 -17.07
C TRP D 95 12.85 -31.73 -15.87
N LYS D 96 12.64 -33.05 -15.97
CA LYS D 96 13.08 -33.95 -14.90
C LYS D 96 14.60 -33.98 -14.83
N LYS D 97 15.27 -33.95 -15.99
CA LYS D 97 16.73 -33.92 -15.99
C LYS D 97 17.25 -32.57 -15.51
N LEU D 98 16.62 -31.48 -15.94
CA LEU D 98 17.03 -30.15 -15.48
C LEU D 98 16.89 -30.05 -13.97
N ALA D 99 15.76 -30.50 -13.43
CA ALA D 99 15.54 -30.42 -11.99
C ALA D 99 16.58 -31.24 -11.22
N THR D 100 16.90 -32.44 -11.71
CA THR D 100 17.90 -33.26 -11.04
C THR D 100 19.28 -32.62 -11.10
N ASP D 101 19.66 -32.07 -12.26
CA ASP D 101 20.95 -31.40 -12.36
C ASP D 101 21.00 -30.17 -11.47
N GLU D 102 19.90 -29.42 -11.38
CA GLU D 102 19.85 -28.26 -10.50
C GLU D 102 19.94 -28.67 -9.04
N LEU D 103 19.19 -29.71 -8.65
CA LEU D 103 19.26 -30.19 -7.27
C LEU D 103 20.65 -30.68 -6.92
N GLU D 104 21.34 -31.30 -7.89
CA GLU D 104 22.71 -31.71 -7.67
C GLU D 104 23.61 -30.51 -7.42
N LYS D 105 23.42 -29.43 -8.19
CA LYS D 105 24.21 -28.23 -7.99
C LYS D 105 23.90 -27.57 -6.64
N TYR D 106 22.63 -27.63 -6.22
CA TYR D 106 22.27 -27.13 -4.90
C TYR D 106 23.05 -27.86 -3.81
N ALA D 107 23.03 -29.21 -3.85
CA ALA D 107 23.69 -30.00 -2.82
C ALA D 107 25.20 -29.79 -2.83
N LYS D 108 25.79 -29.62 -4.02
CA LYS D 108 27.21 -29.35 -4.14
C LYS D 108 27.57 -27.90 -3.88
N ASN D 109 26.58 -27.06 -3.57
CA ASN D 109 26.79 -25.62 -3.36
C ASN D 109 27.46 -25.00 -4.59
N GLU D 110 27.10 -25.50 -5.75
CA GLU D 110 27.50 -25.11 -7.10
C GLU D 110 26.49 -24.13 -7.68
N PRO D 111 26.94 -23.09 -8.37
CA PRO D 111 26.00 -22.12 -8.97
C PRO D 111 25.02 -22.81 -9.91
N THR D 112 23.73 -22.69 -9.58
CA THR D 112 22.69 -23.32 -10.37
C THR D 112 22.34 -22.45 -11.58
N LEU D 113 21.67 -23.07 -12.55
CA LEU D 113 21.27 -22.35 -13.74
C LEU D 113 20.20 -21.30 -13.44
N ILE D 114 19.26 -21.63 -12.54
CA ILE D 114 18.23 -20.66 -12.18
C ILE D 114 18.84 -19.50 -11.40
N ARG D 115 19.95 -19.74 -10.70
CA ARG D 115 20.65 -18.66 -10.01
C ARG D 115 21.35 -17.74 -11.00
N ILE D 116 22.03 -18.32 -12.00
CA ILE D 116 22.74 -17.52 -12.98
C ILE D 116 21.77 -16.65 -13.78
N TRP D 117 20.60 -17.20 -14.10
CA TRP D 117 19.56 -16.40 -14.77
C TRP D 117 19.09 -15.26 -13.87
N GLY D 118 18.86 -15.55 -12.59
CA GLY D 118 18.40 -14.51 -11.68
C GLY D 118 19.40 -13.40 -11.50
N ASP D 119 20.69 -13.75 -11.39
CA ASP D 119 21.73 -12.74 -11.27
C ASP D 119 21.76 -11.84 -12.50
N ALA D 120 21.65 -12.42 -13.69
CA ALA D 120 21.72 -11.64 -14.92
C ALA D 120 20.45 -10.82 -15.13
N LEU D 121 19.30 -11.36 -14.75
CA LEU D 121 18.05 -10.63 -14.96
C LEU D 121 17.87 -9.50 -13.95
N PHE D 122 18.18 -9.75 -12.67
CA PHE D 122 17.98 -8.74 -11.64
C PHE D 122 18.92 -7.55 -11.83
N ASP D 123 20.08 -7.76 -12.47
CA ASP D 123 20.95 -6.64 -12.80
C ASP D 123 20.28 -5.70 -13.79
N ILE D 124 19.35 -6.22 -14.60
CA ILE D 124 18.59 -5.40 -15.52
C ILE D 124 17.37 -4.78 -14.85
N VAL D 125 16.63 -5.59 -14.09
CA VAL D 125 15.38 -5.12 -13.49
C VAL D 125 15.67 -4.09 -12.41
N ASP D 126 16.71 -4.30 -11.62
CA ASP D 126 17.10 -3.31 -10.61
C ASP D 126 17.75 -2.12 -11.28
N LYS D 127 17.11 -0.95 -11.18
CA LYS D 127 17.67 0.26 -11.77
C LYS D 127 18.95 0.69 -11.05
N ASP D 128 19.07 0.35 -9.78
CA ASP D 128 20.32 0.60 -9.05
C ASP D 128 21.37 -0.48 -9.32
N GLN D 129 20.97 -1.60 -9.93
CA GLN D 129 21.88 -2.66 -10.34
C GLN D 129 22.67 -3.22 -9.16
N ASN D 130 21.93 -3.61 -8.10
CA ASN D 130 22.52 -4.22 -6.92
C ASN D 130 21.90 -5.58 -6.63
N GLY D 131 21.27 -6.20 -7.62
CA GLY D 131 20.68 -7.51 -7.43
C GLY D 131 19.51 -7.53 -6.46
N ALA D 132 18.73 -6.47 -6.42
CA ALA D 132 17.57 -6.39 -5.54
C ALA D 132 16.53 -5.49 -6.19
N ILE D 133 15.33 -6.03 -6.41
CA ILE D 133 14.29 -5.35 -7.15
C ILE D 133 13.13 -5.01 -6.22
N THR D 134 12.48 -3.88 -6.50
CA THR D 134 11.33 -3.45 -5.73
C THR D 134 10.07 -4.19 -6.21
N LEU D 135 8.95 -3.89 -5.57
CA LEU D 135 7.69 -4.52 -5.98
C LEU D 135 7.25 -4.04 -7.36
N ASP D 136 7.40 -2.74 -7.63
CA ASP D 136 7.04 -2.22 -8.95
C ASP D 136 7.92 -2.81 -10.05
N GLU D 137 9.20 -3.06 -9.74
CA GLU D 137 10.09 -3.67 -10.72
C GLU D 137 9.73 -5.14 -10.95
N TRP D 138 9.33 -5.84 -9.89
CA TRP D 138 8.88 -7.22 -10.05
C TRP D 138 7.59 -7.30 -10.84
N LYS D 139 6.68 -6.34 -10.63
CA LYS D 139 5.48 -6.26 -11.45
C LYS D 139 5.83 -5.97 -12.91
N ALA D 140 6.80 -5.09 -13.14
CA ALA D 140 7.15 -4.68 -14.50
C ALA D 140 7.65 -5.87 -15.31
N TYR D 141 8.52 -6.69 -14.73
CA TYR D 141 9.08 -7.82 -15.48
C TYR D 141 8.03 -8.91 -15.70
N THR D 142 7.37 -9.35 -14.63
CA THR D 142 6.46 -10.48 -14.74
C THR D 142 5.27 -10.18 -15.64
N LYS D 143 4.80 -8.93 -15.66
CA LYS D 143 3.73 -8.57 -16.58
C LYS D 143 4.25 -8.47 -18.00
N ALA D 144 5.47 -7.98 -18.19
CA ALA D 144 6.07 -7.98 -19.51
C ALA D 144 6.25 -9.39 -20.03
N ALA D 145 6.72 -10.31 -19.18
CA ALA D 145 6.88 -11.70 -19.57
C ALA D 145 5.53 -12.40 -19.70
N GLY D 146 4.55 -12.00 -18.89
CA GLY D 146 3.25 -12.62 -18.90
C GLY D 146 3.07 -13.73 -17.89
N ILE D 147 4.14 -14.15 -17.20
CA ILE D 147 4.02 -15.22 -16.22
C ILE D 147 3.07 -14.83 -15.10
N ILE D 148 2.99 -13.53 -14.80
CA ILE D 148 1.99 -12.99 -13.88
C ILE D 148 1.27 -11.85 -14.59
N GLN D 149 -0.06 -11.84 -14.50
CA GLN D 149 -0.88 -10.82 -15.14
C GLN D 149 -1.37 -9.75 -14.18
N SER D 150 -1.87 -10.15 -13.01
CA SER D 150 -2.48 -9.22 -12.08
C SER D 150 -1.47 -8.75 -11.04
N SER D 151 -1.64 -7.50 -10.60
CA SER D 151 -0.76 -6.94 -9.59
C SER D 151 -0.94 -7.65 -8.25
N GLU D 152 -2.13 -8.20 -7.99
CA GLU D 152 -2.36 -8.89 -6.72
C GLU D 152 -1.48 -10.12 -6.59
N ASP D 153 -1.26 -10.84 -7.69
CA ASP D 153 -0.39 -12.00 -7.64
C ASP D 153 1.08 -11.61 -7.46
N CYS D 154 1.48 -10.47 -8.01
CA CYS D 154 2.83 -9.97 -7.77
C CYS D 154 3.06 -9.65 -6.31
N GLU D 155 2.04 -9.14 -5.62
CA GLU D 155 2.19 -8.79 -4.21
C GLU D 155 2.27 -10.03 -3.33
N GLU D 156 1.66 -11.14 -3.77
CA GLU D 156 1.76 -12.38 -3.00
C GLU D 156 3.16 -12.98 -3.08
N THR D 157 3.93 -12.65 -4.11
CA THR D 157 5.33 -13.07 -4.15
C THR D 157 6.11 -12.47 -3.00
N PHE D 158 5.94 -11.17 -2.77
CA PHE D 158 6.62 -10.52 -1.65
C PHE D 158 6.08 -11.02 -0.31
N ARG D 159 4.83 -11.46 -0.27
CA ARG D 159 4.28 -12.02 0.96
C ARG D 159 4.89 -13.38 1.27
N VAL D 160 5.08 -14.22 0.24
CA VAL D 160 5.70 -15.52 0.44
C VAL D 160 7.18 -15.36 0.79
N CYS D 161 7.86 -14.42 0.13
CA CYS D 161 9.27 -14.16 0.41
C CYS D 161 9.49 -13.36 1.68
N ASP D 162 8.41 -12.99 2.38
CA ASP D 162 8.49 -12.26 3.65
C ASP D 162 9.25 -10.93 3.48
N ILE D 163 8.86 -10.18 2.45
CA ILE D 163 9.42 -8.86 2.18
C ILE D 163 8.26 -7.88 2.07
N ASP D 164 8.38 -6.74 2.76
CA ASP D 164 7.35 -5.72 2.68
C ASP D 164 7.26 -5.15 1.27
N GLU D 165 6.13 -4.51 0.98
CA GLU D 165 5.93 -3.91 -0.34
C GLU D 165 6.92 -2.78 -0.60
N SER D 166 7.42 -2.14 0.47
CA SER D 166 8.48 -1.15 0.33
C SER D 166 9.86 -1.79 0.24
N GLY D 167 10.02 -3.01 0.73
CA GLY D 167 11.27 -3.71 0.66
C GLY D 167 11.58 -4.20 -0.74
N GLN D 168 12.71 -4.88 -0.86
CA GLN D 168 13.21 -5.37 -2.14
C GLN D 168 13.43 -6.87 -2.08
N LEU D 169 13.33 -7.51 -3.25
CA LEU D 169 13.57 -8.93 -3.42
C LEU D 169 14.90 -9.13 -4.14
N ASP D 170 15.74 -10.00 -3.61
CA ASP D 170 17.06 -10.27 -4.17
C ASP D 170 17.14 -11.69 -4.71
N VAL D 171 18.21 -11.95 -5.45
CA VAL D 171 18.37 -13.25 -6.13
C VAL D 171 18.57 -14.36 -5.10
N ASP D 172 19.29 -14.08 -4.01
CA ASP D 172 19.49 -15.10 -2.98
C ASP D 172 18.17 -15.63 -2.47
N GLU D 173 17.25 -14.72 -2.14
CA GLU D 173 15.94 -15.15 -1.63
C GLU D 173 15.12 -15.84 -2.71
N MET D 174 15.14 -15.31 -3.93
CA MET D 174 14.32 -15.89 -5.00
C MET D 174 14.86 -17.24 -5.45
N THR D 175 16.18 -17.42 -5.42
CA THR D 175 16.75 -18.73 -5.75
C THR D 175 16.25 -19.80 -4.80
N ARG D 176 16.18 -19.48 -3.50
CA ARG D 176 15.68 -20.43 -2.52
C ARG D 176 14.19 -20.70 -2.73
N GLN D 177 13.43 -19.67 -3.12
CA GLN D 177 12.02 -19.88 -3.39
C GLN D 177 11.82 -20.72 -4.66
N HIS D 178 12.60 -20.45 -5.70
CA HIS D 178 12.50 -21.23 -6.93
C HIS D 178 12.94 -22.67 -6.70
N LEU D 179 13.79 -22.92 -5.71
CA LEU D 179 14.17 -24.29 -5.36
C LEU D 179 12.94 -25.12 -5.03
N GLY D 180 12.04 -24.58 -4.20
CA GLY D 180 10.85 -25.31 -3.83
C GLY D 180 9.69 -25.19 -4.79
N PHE D 181 9.68 -24.14 -5.62
CA PHE D 181 8.55 -23.93 -6.51
C PHE D 181 8.69 -24.70 -7.82
N TRP D 182 9.85 -24.59 -8.47
CA TRP D 182 10.03 -25.25 -9.76
C TRP D 182 10.55 -26.67 -9.65
N TYR D 183 11.29 -27.00 -8.58
CA TYR D 183 12.04 -28.25 -8.52
C TYR D 183 11.46 -29.26 -7.56
N THR D 184 11.19 -28.90 -6.31
CA THR D 184 10.94 -29.88 -5.26
C THR D 184 9.51 -29.87 -4.71
N MET D 185 8.66 -28.93 -5.15
CA MET D 185 7.28 -28.85 -4.68
C MET D 185 7.22 -28.67 -3.17
N ASP D 186 7.99 -27.72 -2.67
CA ASP D 186 7.98 -27.39 -1.24
C ASP D 186 6.67 -26.67 -0.91
N PRO D 187 5.87 -27.18 0.04
CA PRO D 187 4.61 -26.48 0.38
C PRO D 187 4.81 -25.08 0.91
N ALA D 188 5.98 -24.76 1.47
CA ALA D 188 6.23 -23.40 1.92
C ALA D 188 6.37 -22.42 0.78
N CYS D 189 6.63 -22.89 -0.43
CA CYS D 189 6.77 -22.04 -1.60
C CYS D 189 5.48 -21.89 -2.40
N GLU D 190 4.37 -22.44 -1.90
CA GLU D 190 3.09 -22.26 -2.58
C GLU D 190 2.72 -20.78 -2.66
N LYS D 191 1.97 -20.43 -3.70
CA LYS D 191 1.54 -19.06 -3.97
C LYS D 191 2.71 -18.11 -4.17
N LEU D 192 3.88 -18.63 -4.56
CA LEU D 192 5.00 -17.77 -4.89
C LEU D 192 4.66 -16.88 -6.07
N TYR D 193 3.88 -17.39 -7.02
CA TYR D 193 3.38 -16.61 -8.14
C TYR D 193 1.88 -16.35 -8.02
N GLY D 194 1.37 -16.33 -6.78
CA GLY D 194 -0.04 -16.10 -6.56
C GLY D 194 -0.88 -17.17 -7.22
N GLY D 195 -1.97 -16.74 -7.85
CA GLY D 195 -2.81 -17.62 -8.64
C GLY D 195 -2.41 -17.74 -10.09
N ALA D 196 -1.37 -17.02 -10.51
CA ALA D 196 -0.97 -17.03 -11.91
C ALA D 196 -0.37 -18.36 -12.33
N VAL D 197 0.37 -19.02 -11.43
CA VAL D 197 1.01 -20.29 -11.72
C VAL D 197 0.54 -21.31 -10.67
N PRO D 198 -0.05 -22.44 -11.08
CA PRO D 198 -0.50 -23.50 -10.16
C PRO D 198 0.67 -24.17 -9.43
N HIS E 7 5.39 57.92 -37.76
CA HIS E 7 5.60 57.70 -36.33
C HIS E 7 6.08 56.28 -36.07
N HIS E 8 7.13 56.16 -35.25
CA HIS E 8 7.77 54.88 -34.97
C HIS E 8 7.10 54.24 -33.76
N HIS E 9 6.52 53.05 -33.96
CA HIS E 9 5.85 52.33 -32.88
C HIS E 9 6.67 51.14 -32.36
N GLY E 10 7.56 50.60 -33.17
CA GLY E 10 8.35 49.45 -32.74
C GLY E 10 9.34 49.06 -33.80
N LYS E 11 10.10 48.01 -33.50
CA LYS E 11 11.17 47.52 -34.38
C LYS E 11 10.98 46.03 -34.59
N LEU E 12 10.91 45.62 -35.86
CA LEU E 12 10.77 44.21 -36.21
C LEU E 12 12.03 43.61 -36.82
N THR E 13 13.03 44.42 -37.15
CA THR E 13 14.24 43.92 -37.77
C THR E 13 15.20 43.40 -36.71
N SER E 14 15.79 42.23 -36.96
CA SER E 14 16.75 41.64 -36.05
C SER E 14 18.11 42.31 -36.22
N ASP E 15 18.98 42.07 -35.25
CA ASP E 15 20.31 42.67 -35.21
C ASP E 15 21.25 41.73 -34.45
N PHE E 16 21.46 40.54 -35.00
CA PHE E 16 22.19 39.50 -34.29
C PHE E 16 23.70 39.68 -34.40
N ASP E 17 24.20 40.34 -35.43
CA ASP E 17 25.62 40.64 -35.52
C ASP E 17 26.00 41.91 -34.76
N ASN E 18 25.02 42.60 -34.19
CA ASN E 18 25.29 43.74 -33.33
C ASN E 18 26.10 43.28 -32.12
N PRO E 19 27.28 43.84 -31.88
CA PRO E 19 28.05 43.43 -30.68
C PRO E 19 27.29 43.66 -29.39
N ARG E 20 26.53 44.75 -29.29
CA ARG E 20 25.79 45.03 -28.06
C ARG E 20 24.61 44.08 -27.85
N TRP E 21 24.21 43.31 -28.86
CA TRP E 21 23.20 42.27 -28.68
C TRP E 21 23.84 40.97 -28.19
N ILE E 22 25.02 40.64 -28.69
CA ILE E 22 25.75 39.49 -28.19
C ILE E 22 26.21 39.74 -26.76
N GLY E 23 26.66 40.96 -26.47
CA GLY E 23 27.10 41.27 -25.12
C GLY E 23 25.97 41.33 -24.11
N ARG E 24 24.79 41.79 -24.54
CA ARG E 24 23.64 41.82 -23.64
C ARG E 24 23.26 40.42 -23.18
N HIS E 25 23.22 39.47 -24.11
CA HIS E 25 22.91 38.08 -23.77
C HIS E 25 24.12 37.33 -23.25
N LYS E 26 25.33 37.85 -23.43
CA LYS E 26 26.48 37.29 -22.74
C LYS E 26 26.44 37.63 -21.26
N HIS E 27 26.06 38.87 -20.93
CA HIS E 27 25.86 39.25 -19.53
C HIS E 27 24.80 38.38 -18.88
N MET E 28 23.66 38.21 -19.55
CA MET E 28 22.59 37.38 -18.99
C MET E 28 23.04 35.95 -18.83
N PHE E 29 23.85 35.43 -19.75
CA PHE E 29 24.38 34.08 -19.61
C PHE E 29 25.24 33.96 -18.37
N ASN E 30 26.10 34.95 -18.11
CA ASN E 30 26.92 34.94 -16.91
C ASN E 30 26.06 35.06 -15.66
N PHE E 31 25.03 35.91 -15.71
CA PHE E 31 24.13 36.07 -14.56
C PHE E 31 23.42 34.76 -14.24
N LEU E 32 23.05 33.99 -15.27
CA LEU E 32 22.39 32.71 -15.07
C LEU E 32 23.37 31.61 -14.69
N ASP E 33 24.65 31.74 -15.06
CA ASP E 33 25.66 30.75 -14.73
C ASP E 33 26.25 31.08 -13.36
N VAL E 34 25.43 30.89 -12.33
CA VAL E 34 25.82 31.27 -10.97
C VAL E 34 26.95 30.41 -10.43
N ASN E 35 27.12 29.19 -10.95
CA ASN E 35 28.15 28.28 -10.47
C ASN E 35 29.39 28.27 -11.35
N HIS E 36 29.46 29.15 -12.35
CA HIS E 36 30.63 29.29 -13.22
C HIS E 36 31.01 27.97 -13.86
N ASN E 37 30.00 27.17 -14.19
CA ASN E 37 30.23 25.91 -14.89
C ASN E 37 30.41 26.10 -16.40
N GLY E 38 30.25 27.32 -16.90
CA GLY E 38 30.26 27.57 -18.32
C GLY E 38 29.10 26.99 -19.08
N LYS E 39 28.16 26.33 -18.39
CA LYS E 39 27.02 25.68 -19.02
C LYS E 39 25.81 25.82 -18.12
N ILE E 40 24.64 25.99 -18.72
CA ILE E 40 23.38 26.04 -17.99
C ILE E 40 22.39 25.10 -18.66
N SER E 41 21.49 24.54 -17.86
CA SER E 41 20.51 23.57 -18.32
C SER E 41 19.10 24.12 -18.13
N LEU E 42 18.15 23.50 -18.83
CA LEU E 42 16.75 23.90 -18.66
C LEU E 42 16.24 23.54 -17.27
N ASP E 43 16.77 22.47 -16.66
CA ASP E 43 16.39 22.13 -15.29
C ASP E 43 16.71 23.27 -14.35
N GLU E 44 17.85 23.93 -14.54
CA GLU E 44 18.24 25.04 -13.67
C GLU E 44 17.35 26.26 -13.88
N MET E 45 17.11 26.62 -15.14
CA MET E 45 16.31 27.81 -15.43
C MET E 45 14.90 27.68 -14.89
N VAL E 46 14.25 26.54 -15.15
CA VAL E 46 12.89 26.34 -14.66
C VAL E 46 12.87 26.26 -13.14
N TYR E 47 13.90 25.66 -12.54
CA TYR E 47 13.98 25.63 -11.08
C TYR E 47 14.08 27.04 -10.51
N LYS E 48 14.96 27.86 -11.08
CA LYS E 48 15.11 29.24 -10.62
C LYS E 48 13.80 30.00 -10.73
N ALA E 49 13.09 29.84 -11.85
CA ALA E 49 11.84 30.57 -12.05
C ALA E 49 10.78 30.15 -11.05
N SER E 50 10.57 28.84 -10.90
CA SER E 50 9.54 28.37 -9.98
C SER E 50 9.90 28.65 -8.53
N ASP E 51 11.19 28.62 -8.20
CA ASP E 51 11.61 28.93 -6.83
C ASP E 51 11.25 30.36 -6.47
N ILE E 52 11.37 31.29 -7.42
CA ILE E 52 11.08 32.69 -7.14
C ILE E 52 9.59 32.88 -6.87
N VAL E 53 8.74 32.37 -7.76
CA VAL E 53 7.31 32.68 -7.65
C VAL E 53 6.68 31.91 -6.48
N ILE E 54 7.19 30.73 -6.16
CA ILE E 54 6.58 29.93 -5.10
C ILE E 54 7.08 30.35 -3.73
N ASN E 55 8.41 30.44 -3.57
CA ASN E 55 9.01 30.64 -2.26
C ASN E 55 9.28 32.10 -1.92
N ASN E 56 9.22 33.01 -2.90
CA ASN E 56 9.42 34.42 -2.63
C ASN E 56 8.19 35.27 -2.89
N LEU E 57 7.35 34.91 -3.85
CA LEU E 57 6.19 35.71 -4.23
C LEU E 57 4.87 35.04 -3.90
N GLY E 58 4.90 33.86 -3.28
CA GLY E 58 3.69 33.22 -2.78
C GLY E 58 2.64 32.89 -3.83
N ALA E 59 3.07 32.30 -4.95
CA ALA E 59 2.14 31.93 -6.00
C ALA E 59 1.39 30.66 -5.64
N THR E 60 0.15 30.58 -6.12
CA THR E 60 -0.66 29.38 -5.94
C THR E 60 -0.12 28.26 -6.83
N PRO E 61 -0.46 27.01 -6.53
CA PRO E 61 -0.01 25.90 -7.41
C PRO E 61 -0.43 26.07 -8.85
N GLU E 62 -1.60 26.64 -9.11
CA GLU E 62 -2.03 26.84 -10.49
C GLU E 62 -1.28 28.01 -11.14
N GLN E 63 -1.00 29.06 -10.37
CA GLN E 63 -0.19 30.16 -10.89
C GLN E 63 1.23 29.70 -11.17
N ALA E 64 1.77 28.82 -10.32
CA ALA E 64 3.13 28.34 -10.54
C ALA E 64 3.20 27.43 -11.76
N LYS E 65 2.17 26.61 -11.99
CA LYS E 65 2.16 25.72 -13.14
C LYS E 65 2.08 26.52 -14.44
N ARG E 66 1.19 27.51 -14.50
CA ARG E 66 1.10 28.37 -15.67
C ARG E 66 2.41 29.11 -15.89
N HIS E 67 3.03 29.60 -14.81
CA HIS E 67 4.32 30.27 -14.93
C HIS E 67 5.41 29.32 -15.36
N LYS E 68 5.40 28.08 -14.83
CA LYS E 68 6.43 27.11 -15.18
C LYS E 68 6.38 26.75 -16.66
N ASP E 69 5.18 26.53 -17.20
CA ASP E 69 5.06 26.20 -18.62
C ASP E 69 5.54 27.36 -19.49
N ALA E 70 5.34 28.60 -19.05
CA ALA E 70 5.77 29.75 -19.83
C ALA E 70 7.28 29.88 -19.84
N VAL E 71 7.92 29.71 -18.69
CA VAL E 71 9.38 29.78 -18.63
C VAL E 71 10.00 28.63 -19.41
N GLU E 72 9.46 27.43 -19.24
CA GLU E 72 9.95 26.26 -19.98
C GLU E 72 9.89 26.49 -21.47
N ALA E 73 8.78 27.05 -21.96
CA ALA E 73 8.66 27.33 -23.39
C ALA E 73 9.58 28.45 -23.83
N PHE E 74 9.86 29.41 -22.94
CA PHE E 74 10.71 30.53 -23.31
C PHE E 74 12.15 30.07 -23.54
N PHE E 75 12.77 29.48 -22.52
CA PHE E 75 14.14 28.98 -22.68
C PHE E 75 14.19 27.76 -23.58
N GLY E 76 13.14 26.94 -23.58
CA GLY E 76 13.06 25.86 -24.55
C GLY E 76 13.05 26.34 -25.99
N GLY E 77 12.50 27.53 -26.22
CA GLY E 77 12.56 28.12 -27.55
C GLY E 77 13.94 28.58 -27.94
N ALA E 78 14.86 28.64 -26.98
CA ALA E 78 16.26 28.99 -27.24
C ALA E 78 17.15 27.75 -27.35
N GLY E 79 16.55 26.57 -27.52
CA GLY E 79 17.30 25.34 -27.71
C GLY E 79 17.65 24.59 -26.44
N MET E 80 17.39 25.16 -25.27
CA MET E 80 17.71 24.49 -24.02
C MET E 80 16.70 23.38 -23.73
N LYS E 81 17.18 22.28 -23.18
CA LYS E 81 16.36 21.11 -22.93
C LYS E 81 16.72 20.51 -21.57
N TYR E 82 15.78 19.76 -21.01
CA TYR E 82 16.01 19.09 -19.73
C TYR E 82 17.11 18.05 -19.88
N GLY E 83 17.96 17.94 -18.86
CA GLY E 83 19.05 17.00 -18.88
C GLY E 83 20.16 17.33 -19.85
N VAL E 84 20.12 18.49 -20.48
CA VAL E 84 21.12 18.91 -21.46
C VAL E 84 21.77 20.19 -20.97
N GLU E 85 23.10 20.19 -20.92
CA GLU E 85 23.86 21.38 -20.53
C GLU E 85 24.20 22.19 -21.77
N THR E 86 23.89 23.48 -21.73
CA THR E 86 24.06 24.37 -22.87
C THR E 86 25.22 25.32 -22.60
N ASP E 87 26.27 25.23 -23.40
CA ASP E 87 27.38 26.15 -23.28
C ASP E 87 27.08 27.46 -24.02
N TRP E 88 27.99 28.41 -23.88
CA TRP E 88 27.77 29.73 -24.48
C TRP E 88 27.61 29.70 -26.00
N PRO E 89 28.42 28.98 -26.78
CA PRO E 89 28.19 28.97 -28.24
C PRO E 89 26.82 28.44 -28.62
N ALA E 90 26.38 27.33 -28.01
CA ALA E 90 25.05 26.81 -28.29
C ALA E 90 23.96 27.67 -27.68
N TYR E 91 24.29 28.48 -26.67
CA TYR E 91 23.29 29.33 -26.04
C TYR E 91 22.94 30.52 -26.93
N ILE E 92 23.96 31.26 -27.38
CA ILE E 92 23.71 32.45 -28.19
C ILE E 92 23.14 32.05 -29.55
N GLU E 93 23.50 30.87 -30.06
CA GLU E 93 22.96 30.43 -31.33
C GLU E 93 21.47 30.07 -31.20
N GLY E 94 21.10 29.43 -30.09
CA GLY E 94 19.69 29.20 -29.83
C GLY E 94 18.92 30.47 -29.56
N TRP E 95 19.61 31.51 -29.06
CA TRP E 95 18.94 32.79 -28.86
C TRP E 95 18.70 33.50 -30.19
N LYS E 96 19.55 33.28 -31.18
CA LYS E 96 19.22 33.71 -32.54
C LYS E 96 17.96 33.02 -33.04
N LYS E 97 17.82 31.73 -32.74
CA LYS E 97 16.63 30.99 -33.14
C LYS E 97 15.39 31.48 -32.39
N LEU E 98 15.53 31.74 -31.09
CA LEU E 98 14.40 32.21 -30.30
C LEU E 98 13.93 33.57 -30.78
N ALA E 99 14.86 34.53 -30.90
CA ALA E 99 14.49 35.87 -31.35
C ALA E 99 13.90 35.84 -32.75
N THR E 100 14.40 34.96 -33.61
CA THR E 100 13.86 34.85 -34.96
C THR E 100 12.42 34.34 -34.94
N ASP E 101 12.18 33.27 -34.17
CA ASP E 101 10.82 32.74 -34.07
C ASP E 101 9.89 33.70 -33.35
N GLU E 102 10.42 34.48 -32.40
CA GLU E 102 9.59 35.45 -31.69
C GLU E 102 9.18 36.61 -32.61
N LEU E 103 10.12 37.07 -33.44
CA LEU E 103 9.78 38.15 -34.36
C LEU E 103 8.83 37.68 -35.46
N GLU E 104 8.82 36.38 -35.76
CA GLU E 104 7.86 35.84 -36.71
C GLU E 104 6.44 35.90 -36.15
N LYS E 105 6.26 35.45 -34.91
CA LYS E 105 4.97 35.60 -34.25
C LYS E 105 4.63 37.07 -34.02
N TYR E 106 5.65 37.87 -33.73
CA TYR E 106 5.47 39.32 -33.59
C TYR E 106 4.84 39.92 -34.84
N ALA E 107 5.36 39.54 -36.02
CA ALA E 107 4.89 40.13 -37.26
C ALA E 107 3.50 39.65 -37.63
N LYS E 108 3.13 38.43 -37.24
CA LYS E 108 1.81 37.88 -37.52
C LYS E 108 0.77 38.27 -36.48
N ASN E 109 1.13 39.14 -35.53
CA ASN E 109 0.24 39.54 -34.43
C ASN E 109 -0.18 38.33 -33.59
N GLU E 110 0.72 37.33 -33.47
CA GLU E 110 0.51 36.15 -32.64
C GLU E 110 1.17 36.35 -31.27
N PRO E 111 0.61 35.72 -30.23
CA PRO E 111 1.22 35.84 -28.89
C PRO E 111 2.64 35.29 -28.87
N THR E 112 3.57 36.14 -28.47
CA THR E 112 4.97 35.72 -28.36
C THR E 112 5.19 34.98 -27.04
N LEU E 113 6.29 34.20 -27.02
CA LEU E 113 6.64 33.49 -25.79
C LEU E 113 6.94 34.45 -24.65
N ILE E 114 7.52 35.62 -24.96
CA ILE E 114 7.84 36.58 -23.92
C ILE E 114 6.57 37.22 -23.36
N ARG E 115 5.50 37.26 -24.15
CA ARG E 115 4.23 37.78 -23.65
C ARG E 115 3.54 36.77 -22.73
N ILE E 116 3.56 35.49 -23.11
CA ILE E 116 2.91 34.47 -22.29
C ILE E 116 3.60 34.35 -20.94
N TRP E 117 4.93 34.50 -20.91
CA TRP E 117 5.64 34.55 -19.63
C TRP E 117 5.23 35.79 -18.83
N GLY E 118 5.17 36.94 -19.49
CA GLY E 118 4.78 38.15 -18.78
C GLY E 118 3.36 38.08 -18.24
N ASP E 119 2.45 37.49 -19.00
CA ASP E 119 1.07 37.34 -18.53
C ASP E 119 1.01 36.41 -17.32
N ALA E 120 1.75 35.31 -17.35
CA ALA E 120 1.73 34.38 -16.23
C ALA E 120 2.42 34.96 -14.99
N LEU E 121 3.49 35.75 -15.21
CA LEU E 121 4.22 36.31 -14.08
C LEU E 121 3.46 37.46 -13.43
N PHE E 122 2.93 38.38 -14.24
CA PHE E 122 2.23 39.53 -13.70
C PHE E 122 0.97 39.12 -12.94
N ASP E 123 0.39 37.97 -13.29
CA ASP E 123 -0.72 37.45 -12.50
C ASP E 123 -0.29 37.10 -11.09
N ILE E 124 0.99 36.80 -10.90
CA ILE E 124 1.53 36.46 -9.58
C ILE E 124 2.02 37.70 -8.86
N VAL E 125 2.79 38.55 -9.55
CA VAL E 125 3.43 39.69 -8.91
C VAL E 125 2.41 40.73 -8.49
N ASP E 126 1.39 40.95 -9.32
CA ASP E 126 0.35 41.93 -9.00
C ASP E 126 -0.66 41.31 -8.04
N LYS E 127 -0.87 41.97 -6.90
CA LYS E 127 -1.82 41.46 -5.91
C LYS E 127 -3.27 41.61 -6.37
N ASP E 128 -3.54 42.54 -7.29
CA ASP E 128 -4.87 42.72 -7.83
C ASP E 128 -5.20 41.77 -8.98
N GLN E 129 -4.17 41.14 -9.56
CA GLN E 129 -4.34 40.20 -10.66
C GLN E 129 -5.09 40.84 -11.84
N ASN E 130 -4.61 42.02 -12.26
CA ASN E 130 -5.18 42.71 -13.42
C ASN E 130 -4.15 42.96 -14.52
N GLY E 131 -2.99 42.30 -14.45
CA GLY E 131 -1.99 42.46 -15.48
C GLY E 131 -1.20 43.75 -15.40
N ALA E 132 -1.08 44.34 -14.22
CA ALA E 132 -0.34 45.58 -14.04
C ALA E 132 0.28 45.58 -12.64
N ILE E 133 1.57 45.89 -12.56
CA ILE E 133 2.31 45.84 -11.31
C ILE E 133 2.80 47.24 -10.96
N THR E 134 2.96 47.49 -9.66
CA THR E 134 3.47 48.75 -9.16
C THR E 134 4.99 48.74 -9.15
N LEU E 135 5.58 49.88 -8.79
CA LEU E 135 7.04 49.96 -8.73
C LEU E 135 7.60 49.09 -7.63
N ASP E 136 6.92 49.02 -6.49
CA ASP E 136 7.37 48.15 -5.40
C ASP E 136 7.27 46.69 -5.80
N GLU E 137 6.23 46.32 -6.54
CA GLU E 137 6.10 44.95 -7.01
C GLU E 137 7.15 44.61 -8.06
N TRP E 138 7.56 45.60 -8.87
CA TRP E 138 8.63 45.38 -9.84
C TRP E 138 9.98 45.30 -9.15
N LYS E 139 10.19 46.11 -8.11
CA LYS E 139 11.40 45.98 -7.31
C LYS E 139 11.46 44.62 -6.61
N ALA E 140 10.31 44.15 -6.13
CA ALA E 140 10.27 42.90 -5.39
C ALA E 140 10.68 41.72 -6.26
N TYR E 141 10.14 41.63 -7.48
CA TYR E 141 10.45 40.50 -8.34
C TYR E 141 11.88 40.58 -8.86
N THR E 142 12.27 41.73 -9.40
CA THR E 142 13.58 41.83 -10.03
C THR E 142 14.72 41.63 -9.05
N LYS E 143 14.53 42.05 -7.79
CA LYS E 143 15.55 41.80 -6.78
C LYS E 143 15.54 40.33 -6.35
N ALA E 144 14.36 39.73 -6.25
CA ALA E 144 14.26 38.32 -5.91
C ALA E 144 14.88 37.46 -7.01
N ALA E 145 14.67 37.83 -8.27
CA ALA E 145 15.30 37.11 -9.37
C ALA E 145 16.78 37.46 -9.48
N GLY E 146 17.17 38.65 -9.03
CA GLY E 146 18.54 39.09 -9.12
C GLY E 146 18.90 39.79 -10.42
N ILE E 147 17.96 39.91 -11.36
CA ILE E 147 18.26 40.58 -12.63
C ILE E 147 18.51 42.07 -12.40
N ILE E 148 17.90 42.65 -11.36
CA ILE E 148 18.19 44.02 -10.95
C ILE E 148 18.51 43.99 -9.45
N GLN E 149 19.57 44.69 -9.06
CA GLN E 149 19.99 44.75 -7.67
C GLN E 149 19.56 46.05 -6.98
N SER E 150 19.76 47.18 -7.64
CA SER E 150 19.50 48.49 -7.05
C SER E 150 18.13 48.99 -7.44
N SER E 151 17.48 49.70 -6.52
CA SER E 151 16.17 50.30 -6.80
C SER E 151 16.26 51.44 -7.80
N GLU E 152 17.44 52.05 -7.95
CA GLU E 152 17.60 53.11 -8.95
C GLU E 152 17.40 52.56 -10.36
N ASP E 153 17.84 51.32 -10.61
CA ASP E 153 17.63 50.72 -11.91
C ASP E 153 16.18 50.31 -12.12
N CYS E 154 15.50 49.87 -11.06
CA CYS E 154 14.09 49.54 -11.17
C CYS E 154 13.26 50.77 -11.51
N GLU E 155 13.60 51.92 -10.93
CA GLU E 155 12.92 53.16 -11.28
C GLU E 155 13.24 53.59 -12.70
N GLU E 156 14.42 53.23 -13.19
CA GLU E 156 14.76 53.52 -14.58
C GLU E 156 13.88 52.75 -15.56
N THR E 157 13.35 51.60 -15.13
CA THR E 157 12.46 50.83 -15.98
C THR E 157 11.15 51.57 -16.21
N PHE E 158 10.55 52.10 -15.15
CA PHE E 158 9.30 52.84 -15.29
C PHE E 158 9.50 54.14 -16.07
N ARG E 159 10.71 54.69 -16.03
CA ARG E 159 10.98 55.92 -16.78
C ARG E 159 11.06 55.63 -18.28
N VAL E 160 11.68 54.51 -18.65
CA VAL E 160 11.76 54.14 -20.07
C VAL E 160 10.38 53.75 -20.58
N CYS E 161 9.60 53.05 -19.76
CA CYS E 161 8.24 52.67 -20.14
C CYS E 161 7.25 53.83 -20.06
N ASP E 162 7.69 54.99 -19.54
CA ASP E 162 6.84 56.17 -19.41
C ASP E 162 5.62 55.89 -18.51
N ILE E 163 5.91 55.56 -17.26
CA ILE E 163 4.88 55.34 -16.25
C ILE E 163 5.36 55.96 -14.94
N ASP E 164 4.49 56.73 -14.29
CA ASP E 164 4.84 57.38 -13.04
C ASP E 164 5.15 56.33 -11.97
N GLU E 165 5.96 56.74 -10.98
CA GLU E 165 6.34 55.81 -9.91
C GLU E 165 5.13 55.37 -9.09
N SER E 166 4.08 56.20 -9.06
CA SER E 166 2.84 55.80 -8.41
C SER E 166 1.94 55.00 -9.34
N GLY E 167 2.17 55.06 -10.65
CA GLY E 167 1.42 54.29 -11.61
C GLY E 167 1.87 52.84 -11.67
N GLN E 168 1.24 52.10 -12.59
CA GLN E 168 1.50 50.68 -12.74
C GLN E 168 2.02 50.37 -14.13
N LEU E 169 2.72 49.23 -14.23
CA LEU E 169 3.30 48.76 -15.48
C LEU E 169 2.56 47.51 -15.93
N ASP E 170 2.00 47.55 -17.14
CA ASP E 170 1.19 46.47 -17.66
C ASP E 170 2.02 45.54 -18.56
N VAL E 171 1.47 44.35 -18.79
CA VAL E 171 2.14 43.37 -19.64
C VAL E 171 2.24 43.89 -21.07
N ASP E 172 1.24 44.62 -21.53
CA ASP E 172 1.23 45.09 -22.91
C ASP E 172 2.42 46.00 -23.20
N GLU E 173 2.61 47.03 -22.37
CA GLU E 173 3.74 47.93 -22.57
C GLU E 173 5.06 47.22 -22.33
N MET E 174 5.12 46.37 -21.30
CA MET E 174 6.36 45.66 -21.00
C MET E 174 6.73 44.68 -22.09
N THR E 175 5.74 44.13 -22.79
CA THR E 175 6.03 43.24 -23.91
C THR E 175 6.73 43.99 -25.03
N ARG E 176 6.24 45.17 -25.38
CA ARG E 176 6.89 45.97 -26.42
C ARG E 176 8.34 46.30 -26.03
N GLN E 177 8.56 46.66 -24.77
CA GLN E 177 9.91 47.00 -24.32
C GLN E 177 10.82 45.78 -24.37
N HIS E 178 10.30 44.61 -24.01
CA HIS E 178 11.11 43.40 -24.01
C HIS E 178 11.45 42.95 -25.43
N LEU E 179 10.52 43.11 -26.36
CA LEU E 179 10.81 42.78 -27.76
C LEU E 179 11.90 43.69 -28.31
N GLY E 180 11.91 44.96 -27.90
CA GLY E 180 12.96 45.86 -28.33
C GLY E 180 14.26 45.69 -27.59
N PHE E 181 14.20 45.24 -26.34
CA PHE E 181 15.39 45.09 -25.51
C PHE E 181 16.10 43.76 -25.76
N TRP E 182 15.35 42.66 -25.81
CA TRP E 182 15.95 41.34 -25.93
C TRP E 182 16.15 40.90 -27.37
N TYR E 183 15.30 41.35 -28.31
CA TYR E 183 15.27 40.79 -29.65
C TYR E 183 15.85 41.72 -30.71
N THR E 184 15.43 42.98 -30.74
CA THR E 184 15.73 43.85 -31.89
C THR E 184 16.70 44.98 -31.59
N MET E 185 17.11 45.17 -30.34
CA MET E 185 18.03 46.24 -29.96
C MET E 185 17.48 47.61 -30.37
N ASP E 186 16.24 47.87 -29.97
CA ASP E 186 15.60 49.14 -30.28
C ASP E 186 16.23 50.24 -29.43
N PRO E 187 16.80 51.29 -30.03
CA PRO E 187 17.42 52.35 -29.21
C PRO E 187 16.46 53.03 -28.26
N ALA E 188 15.15 52.99 -28.53
CA ALA E 188 14.18 53.55 -27.60
C ALA E 188 14.03 52.70 -26.34
N CYS E 189 14.47 51.44 -26.38
CA CYS E 189 14.37 50.54 -25.25
C CYS E 189 15.64 50.46 -24.42
N GLU E 190 16.60 51.35 -24.67
CA GLU E 190 17.82 51.39 -23.88
C GLU E 190 17.52 51.78 -22.45
N LYS E 191 18.39 51.34 -21.53
CA LYS E 191 18.26 51.59 -20.10
C LYS E 191 16.95 51.05 -19.54
N LEU E 192 16.34 50.06 -20.20
CA LEU E 192 15.13 49.46 -19.67
C LEU E 192 15.38 48.80 -18.32
N TYR E 193 16.58 48.28 -18.10
CA TYR E 193 16.99 47.73 -16.81
C TYR E 193 18.04 48.59 -16.13
N GLY E 194 18.09 49.88 -16.48
CA GLY E 194 19.10 50.76 -15.93
C GLY E 194 20.50 50.31 -16.32
N GLY E 195 21.39 50.29 -15.35
CA GLY E 195 22.73 49.78 -15.55
C GLY E 195 22.89 48.31 -15.21
N ALA E 196 21.83 47.66 -14.74
CA ALA E 196 21.93 46.27 -14.34
C ALA E 196 22.16 45.34 -15.53
N VAL E 197 21.67 45.72 -16.71
CA VAL E 197 21.83 44.92 -17.92
C VAL E 197 22.39 45.82 -19.01
N PRO E 198 23.53 45.47 -19.63
CA PRO E 198 24.15 46.26 -20.69
C PRO E 198 23.33 46.25 -21.98
N HIS F 8 -2.90 15.07 -53.87
CA HIS F 8 -1.97 14.18 -53.19
C HIS F 8 -2.65 13.45 -52.03
N HIS F 9 -3.18 12.27 -52.33
CA HIS F 9 -3.79 11.42 -51.31
C HIS F 9 -2.89 10.29 -50.85
N GLY F 10 -1.85 9.98 -51.62
CA GLY F 10 -0.95 8.90 -51.26
C GLY F 10 0.09 8.72 -52.34
N LYS F 11 0.84 7.62 -52.23
CA LYS F 11 1.91 7.32 -53.17
C LYS F 11 1.88 5.83 -53.48
N LEU F 12 1.76 5.50 -54.77
CA LEU F 12 1.76 4.11 -55.21
C LEU F 12 3.05 3.73 -55.92
N THR F 13 4.03 4.62 -55.98
CA THR F 13 5.29 4.35 -56.65
C THR F 13 6.35 3.97 -55.61
N SER F 14 7.05 2.87 -55.86
CA SER F 14 8.08 2.41 -54.94
C SER F 14 9.34 3.29 -55.07
N ASP F 15 10.23 3.13 -54.11
CA ASP F 15 11.49 3.86 -54.06
C ASP F 15 12.54 2.98 -53.40
N PHE F 16 12.75 1.79 -53.97
CA PHE F 16 13.59 0.78 -53.33
C PHE F 16 15.07 1.16 -53.34
N ASP F 17 15.51 1.99 -54.28
CA ASP F 17 16.90 2.43 -54.32
C ASP F 17 17.19 3.60 -53.38
N ASN F 18 16.17 4.13 -52.72
CA ASN F 18 16.37 5.19 -51.74
C ASN F 18 17.10 4.62 -50.53
N PRO F 19 18.31 5.08 -50.22
CA PRO F 19 19.03 4.51 -49.06
C PRO F 19 18.31 4.73 -47.74
N ARG F 20 17.41 5.71 -47.66
CA ARG F 20 16.60 5.87 -46.45
C ARG F 20 15.53 4.79 -46.34
N TRP F 21 15.10 4.21 -47.46
CA TRP F 21 14.18 3.08 -47.40
C TRP F 21 14.90 1.81 -46.98
N ILE F 22 16.11 1.59 -47.50
CA ILE F 22 16.92 0.46 -47.06
C ILE F 22 17.28 0.61 -45.58
N GLY F 23 17.63 1.83 -45.17
CA GLY F 23 18.00 2.05 -43.79
C GLY F 23 16.84 1.97 -42.83
N ARG F 24 15.63 2.25 -43.30
CA ARG F 24 14.45 2.14 -42.45
C ARG F 24 14.18 0.68 -42.10
N HIS F 25 14.26 -0.21 -43.08
CA HIS F 25 14.07 -1.64 -42.82
C HIS F 25 15.32 -2.30 -42.26
N LYS F 26 16.49 -1.67 -42.43
CA LYS F 26 17.68 -2.15 -41.72
C LYS F 26 17.56 -1.90 -40.22
N HIS F 27 17.02 -0.73 -39.85
CA HIS F 27 16.73 -0.46 -38.45
C HIS F 27 15.73 -1.48 -37.90
N MET F 28 14.70 -1.80 -38.67
CA MET F 28 13.72 -2.77 -38.23
C MET F 28 14.32 -4.17 -38.15
N PHE F 29 15.18 -4.53 -39.11
CA PHE F 29 15.86 -5.82 -39.05
C PHE F 29 16.67 -5.95 -37.76
N ASN F 30 17.43 -4.90 -37.42
CA ASN F 30 18.19 -4.92 -36.17
C ASN F 30 17.26 -5.01 -34.97
N PHE F 31 16.15 -4.28 -35.00
CA PHE F 31 15.19 -4.32 -33.90
C PHE F 31 14.60 -5.72 -33.74
N LEU F 32 14.36 -6.41 -34.85
CA LEU F 32 13.80 -7.75 -34.80
C LEU F 32 14.83 -8.81 -34.44
N ASP F 33 16.12 -8.52 -34.64
CA ASP F 33 17.19 -9.48 -34.34
C ASP F 33 17.71 -9.22 -32.93
N VAL F 34 16.90 -9.60 -31.94
CA VAL F 34 17.19 -9.25 -30.56
C VAL F 34 18.40 -10.00 -30.03
N ASN F 35 18.71 -11.17 -30.60
CA ASN F 35 19.82 -11.98 -30.14
C ASN F 35 21.09 -11.78 -30.97
N HIS F 36 21.10 -10.77 -31.85
CA HIS F 36 22.30 -10.41 -32.62
C HIS F 36 22.83 -11.60 -33.42
N ASN F 37 21.93 -12.39 -33.98
CA ASN F 37 22.32 -13.52 -34.80
C ASN F 37 22.55 -13.15 -36.27
N GLY F 38 22.19 -11.94 -36.67
CA GLY F 38 22.18 -11.61 -38.08
C GLY F 38 21.20 -12.40 -38.91
N LYS F 39 20.33 -13.17 -38.26
CA LYS F 39 19.33 -13.98 -38.94
C LYS F 39 18.06 -13.99 -38.10
N ILE F 40 16.91 -13.99 -38.77
CA ILE F 40 15.63 -14.10 -38.08
C ILE F 40 14.75 -15.09 -38.83
N SER F 41 13.82 -15.69 -38.10
CA SER F 41 12.93 -16.71 -38.66
C SER F 41 11.48 -16.28 -38.49
N LEU F 42 10.61 -16.85 -39.32
CA LEU F 42 9.19 -16.63 -39.16
C LEU F 42 8.68 -17.18 -37.84
N ASP F 43 9.32 -18.24 -37.34
CA ASP F 43 8.95 -18.79 -36.03
C ASP F 43 9.11 -17.73 -34.94
N GLU F 44 10.17 -16.93 -35.02
CA GLU F 44 10.41 -15.91 -34.00
C GLU F 44 9.47 -14.73 -34.17
N MET F 45 9.20 -14.33 -35.42
CA MET F 45 8.31 -13.20 -35.65
C MET F 45 6.90 -13.48 -35.16
N VAL F 46 6.36 -14.65 -35.53
CA VAL F 46 4.99 -14.99 -35.13
C VAL F 46 4.91 -15.22 -33.62
N TYR F 47 5.96 -15.80 -33.03
CA TYR F 47 5.98 -15.96 -31.58
C TYR F 47 5.91 -14.61 -30.88
N LYS F 48 6.76 -13.67 -31.30
CA LYS F 48 6.75 -12.34 -30.72
C LYS F 48 5.39 -11.68 -30.86
N ALA F 49 4.75 -11.84 -32.02
CA ALA F 49 3.46 -11.20 -32.26
C ALA F 49 2.39 -11.77 -31.34
N SER F 50 2.31 -13.10 -31.26
CA SER F 50 1.29 -13.72 -30.43
C SER F 50 1.55 -13.48 -28.95
N ASP F 51 2.82 -13.45 -28.54
CA ASP F 51 3.16 -13.19 -27.14
C ASP F 51 2.66 -11.82 -26.70
N ILE F 52 2.78 -10.81 -27.56
CA ILE F 52 2.37 -9.47 -27.21
C ILE F 52 0.87 -9.41 -26.95
N VAL F 53 0.08 -9.92 -27.90
CA VAL F 53 -1.37 -9.78 -27.79
C VAL F 53 -1.95 -10.70 -26.73
N ILE F 54 -1.33 -11.86 -26.50
CA ILE F 54 -1.88 -12.81 -25.53
C ILE F 54 -1.45 -12.45 -24.12
N ASN F 55 -0.17 -12.19 -23.91
CA ASN F 55 0.39 -12.03 -22.58
C ASN F 55 0.54 -10.57 -22.15
N ASN F 56 0.44 -9.61 -23.07
CA ASN F 56 0.53 -8.20 -22.71
C ASN F 56 -0.74 -7.41 -23.00
N LEU F 57 -1.62 -7.89 -23.88
CA LEU F 57 -2.80 -7.15 -24.26
C LEU F 57 -4.11 -7.90 -24.02
N GLY F 58 -4.06 -9.12 -23.50
CA GLY F 58 -5.25 -9.86 -23.16
C GLY F 58 -6.15 -10.22 -24.32
N ALA F 59 -5.56 -10.70 -25.43
CA ALA F 59 -6.38 -11.09 -26.57
C ALA F 59 -7.07 -12.42 -26.30
N THR F 60 -8.31 -12.54 -26.74
CA THR F 60 -9.02 -13.80 -26.69
C THR F 60 -8.36 -14.80 -27.65
N PRO F 61 -8.58 -16.10 -27.45
CA PRO F 61 -8.01 -17.08 -28.39
C PRO F 61 -8.47 -16.86 -29.83
N GLU F 62 -9.71 -16.41 -30.03
CA GLU F 62 -10.19 -16.13 -31.37
C GLU F 62 -9.47 -14.93 -31.97
N GLN F 63 -9.33 -13.86 -31.19
CA GLN F 63 -8.57 -12.70 -31.64
C GLN F 63 -7.13 -13.07 -31.93
N ALA F 64 -6.53 -13.92 -31.09
CA ALA F 64 -5.14 -14.29 -31.27
C ALA F 64 -4.94 -15.11 -32.54
N LYS F 65 -5.91 -15.96 -32.88
CA LYS F 65 -5.79 -16.75 -34.10
C LYS F 65 -5.90 -15.87 -35.33
N ARG F 66 -6.88 -14.97 -35.35
CA ARG F 66 -7.00 -14.03 -36.46
C ARG F 66 -5.77 -13.15 -36.57
N HIS F 67 -5.20 -12.74 -35.43
CA HIS F 67 -3.99 -11.93 -35.44
C HIS F 67 -2.78 -12.75 -35.86
N LYS F 68 -2.72 -14.02 -35.44
CA LYS F 68 -1.59 -14.87 -35.81
C LYS F 68 -1.55 -15.09 -37.32
N ASP F 69 -2.71 -15.33 -37.94
CA ASP F 69 -2.75 -15.54 -39.39
C ASP F 69 -2.33 -14.29 -40.16
N ALA F 70 -2.66 -13.12 -39.62
CA ALA F 70 -2.29 -11.88 -40.32
C ALA F 70 -0.79 -11.62 -40.24
N VAL F 71 -0.18 -11.82 -39.06
CA VAL F 71 1.25 -11.64 -38.93
C VAL F 71 2.00 -12.68 -39.76
N GLU F 72 1.54 -13.94 -39.71
CA GLU F 72 2.14 -15.00 -40.51
C GLU F 72 2.11 -14.64 -41.98
N ALA F 73 0.99 -14.11 -42.47
CA ALA F 73 0.89 -13.74 -43.88
C ALA F 73 1.76 -12.53 -44.19
N PHE F 74 1.83 -11.57 -43.26
CA PHE F 74 2.60 -10.35 -43.51
C PHE F 74 4.09 -10.64 -43.66
N PHE F 75 4.69 -11.30 -42.67
CA PHE F 75 6.11 -11.62 -42.75
C PHE F 75 6.38 -12.70 -43.78
N GLY F 76 5.43 -13.61 -43.99
CA GLY F 76 5.58 -14.59 -45.05
C GLY F 76 5.61 -13.97 -46.44
N GLY F 77 4.94 -12.83 -46.60
CA GLY F 77 5.01 -12.10 -47.86
C GLY F 77 6.36 -11.48 -48.13
N ALA F 78 7.17 -11.28 -47.09
CA ALA F 78 8.53 -10.78 -47.23
C ALA F 78 9.55 -11.91 -47.39
N GLY F 79 9.09 -13.12 -47.69
CA GLY F 79 9.97 -14.23 -47.95
C GLY F 79 10.34 -15.08 -46.75
N MET F 80 9.89 -14.72 -45.56
CA MET F 80 10.23 -15.47 -44.36
C MET F 80 9.37 -16.72 -44.25
N LYS F 81 9.99 -17.82 -43.82
CA LYS F 81 9.33 -19.10 -43.72
C LYS F 81 9.65 -19.75 -42.37
N TYR F 82 8.76 -20.64 -41.95
CA TYR F 82 8.99 -21.38 -40.72
C TYR F 82 10.18 -22.31 -40.87
N GLY F 83 10.98 -22.41 -39.82
CA GLY F 83 12.17 -23.25 -39.86
C GLY F 83 13.26 -22.77 -40.79
N VAL F 84 13.17 -21.54 -41.29
CA VAL F 84 14.15 -20.97 -42.19
C VAL F 84 14.68 -19.68 -41.59
N GLU F 85 16.01 -19.50 -41.63
CA GLU F 85 16.66 -18.32 -41.11
C GLU F 85 16.92 -17.34 -42.25
N THR F 86 16.53 -16.08 -42.05
CA THR F 86 16.60 -15.05 -43.08
C THR F 86 17.65 -14.02 -42.66
N ASP F 87 18.75 -13.95 -43.42
CA ASP F 87 19.78 -12.96 -43.16
C ASP F 87 19.37 -11.62 -43.80
N TRP F 88 20.20 -10.60 -43.59
CA TRP F 88 19.86 -9.26 -44.06
C TRP F 88 19.69 -9.19 -45.58
N PRO F 89 20.60 -9.73 -46.41
CA PRO F 89 20.36 -9.64 -47.87
C PRO F 89 19.07 -10.31 -48.32
N ALA F 90 18.78 -11.51 -47.81
CA ALA F 90 17.51 -12.15 -48.15
C ALA F 90 16.33 -11.40 -47.56
N TYR F 91 16.53 -10.73 -46.42
CA TYR F 91 15.44 -10.00 -45.77
C TYR F 91 15.05 -8.77 -46.57
N ILE F 92 16.02 -7.96 -46.97
CA ILE F 92 15.71 -6.73 -47.70
C ILE F 92 15.21 -7.04 -49.10
N GLU F 93 15.70 -8.13 -49.72
CA GLU F 93 15.19 -8.53 -51.02
C GLU F 93 13.74 -8.98 -50.92
N GLY F 94 13.39 -9.71 -49.85
CA GLY F 94 12.01 -10.10 -49.64
C GLY F 94 11.10 -8.93 -49.32
N TRP F 95 11.65 -7.87 -48.72
CA TRP F 95 10.84 -6.69 -48.44
C TRP F 95 10.55 -5.90 -49.72
N LYS F 96 11.46 -5.94 -50.70
CA LYS F 96 11.15 -5.40 -52.01
C LYS F 96 9.99 -6.16 -52.64
N LYS F 97 9.95 -7.48 -52.48
CA LYS F 97 8.85 -8.28 -53.01
C LYS F 97 7.56 -7.99 -52.26
N LEU F 98 7.63 -7.93 -50.92
CA LEU F 98 6.45 -7.64 -50.13
C LEU F 98 5.85 -6.29 -50.50
N ALA F 99 6.69 -5.26 -50.56
CA ALA F 99 6.19 -3.94 -50.93
C ALA F 99 5.59 -3.93 -52.33
N THR F 100 6.24 -4.61 -53.27
CA THR F 100 5.73 -4.64 -54.64
C THR F 100 4.36 -5.32 -54.71
N ASP F 101 4.22 -6.47 -54.04
CA ASP F 101 2.94 -7.16 -54.05
C ASP F 101 1.87 -6.40 -53.26
N GLU F 102 2.27 -5.68 -52.21
CA GLU F 102 1.32 -4.87 -51.46
C GLU F 102 0.81 -3.71 -52.30
N LEU F 103 1.68 -3.11 -53.11
CA LEU F 103 1.27 -1.97 -53.93
C LEU F 103 0.28 -2.39 -55.02
N GLU F 104 0.38 -3.63 -55.48
CA GLU F 104 -0.61 -4.12 -56.44
C GLU F 104 -1.99 -4.23 -55.81
N LYS F 105 -2.05 -4.70 -54.56
CA LYS F 105 -3.33 -4.75 -53.86
C LYS F 105 -3.86 -3.36 -53.59
N TYR F 106 -2.98 -2.38 -53.35
CA TYR F 106 -3.41 -1.00 -53.18
C TYR F 106 -4.09 -0.49 -54.44
N ALA F 107 -3.46 -0.70 -55.60
CA ALA F 107 -4.00 -0.18 -56.85
C ALA F 107 -5.33 -0.83 -57.21
N LYS F 108 -5.52 -2.10 -56.88
CA LYS F 108 -6.77 -2.79 -57.17
C LYS F 108 -7.84 -2.56 -56.11
N ASN F 109 -7.58 -1.71 -55.12
CA ASN F 109 -8.51 -1.46 -54.01
C ASN F 109 -8.88 -2.77 -53.31
N GLU F 110 -7.90 -3.68 -53.23
CA GLU F 110 -7.88 -5.00 -52.63
C GLU F 110 -7.30 -4.93 -51.22
N PRO F 111 -7.84 -5.68 -50.26
CA PRO F 111 -7.27 -5.67 -48.90
C PRO F 111 -5.82 -6.10 -48.88
N THR F 112 -4.96 -5.23 -48.38
CA THR F 112 -3.54 -5.52 -48.28
C THR F 112 -3.24 -6.30 -47.00
N LEU F 113 -2.05 -6.90 -46.97
CA LEU F 113 -1.62 -7.63 -45.79
C LEU F 113 -1.45 -6.69 -44.59
N ILE F 114 -1.05 -5.44 -44.83
CA ILE F 114 -0.84 -4.52 -43.73
C ILE F 114 -2.17 -4.03 -43.17
N ARG F 115 -3.23 -4.01 -43.99
CA ARG F 115 -4.56 -3.69 -43.47
C ARG F 115 -5.12 -4.85 -42.67
N ILE F 116 -4.98 -6.08 -43.18
CA ILE F 116 -5.52 -7.24 -42.50
C ILE F 116 -4.85 -7.43 -41.14
N TRP F 117 -3.55 -7.12 -41.05
CA TRP F 117 -2.88 -7.12 -39.76
C TRP F 117 -3.40 -5.98 -38.88
N GLY F 118 -3.58 -4.80 -39.44
CA GLY F 118 -4.09 -3.68 -38.67
C GLY F 118 -5.49 -3.91 -38.16
N ASP F 119 -6.36 -4.52 -38.97
CA ASP F 119 -7.71 -4.84 -38.53
C ASP F 119 -7.69 -5.87 -37.41
N ALA F 120 -6.88 -6.92 -37.54
CA ALA F 120 -6.83 -7.94 -36.51
C ALA F 120 -6.22 -7.41 -35.21
N LEU F 121 -5.26 -6.48 -35.31
CA LEU F 121 -4.61 -5.96 -34.12
C LEU F 121 -5.46 -4.91 -33.42
N PHE F 122 -6.03 -3.98 -34.18
CA PHE F 122 -6.84 -2.93 -33.57
C PHE F 122 -8.07 -3.49 -32.89
N ASP F 123 -8.57 -4.64 -33.35
CA ASP F 123 -9.67 -5.30 -32.66
C ASP F 123 -9.27 -5.71 -31.25
N ILE F 124 -7.98 -5.98 -31.04
CA ILE F 124 -7.47 -6.33 -29.71
C ILE F 124 -7.11 -5.08 -28.92
N VAL F 125 -6.40 -4.14 -29.56
CA VAL F 125 -5.88 -2.98 -28.85
C VAL F 125 -7.01 -2.04 -28.44
N ASP F 126 -8.02 -1.88 -29.31
CA ASP F 126 -9.17 -1.07 -28.98
C ASP F 126 -10.06 -1.82 -28.01
N LYS F 127 -10.26 -1.26 -26.82
CA LYS F 127 -11.12 -1.91 -25.83
C LYS F 127 -12.57 -1.92 -26.28
N ASP F 128 -12.99 -0.91 -27.05
CA ASP F 128 -14.35 -0.89 -27.59
C ASP F 128 -14.51 -1.80 -28.79
N GLN F 129 -13.41 -2.17 -29.45
CA GLN F 129 -13.41 -3.11 -30.58
C GLN F 129 -14.23 -2.58 -31.75
N ASN F 130 -13.94 -1.34 -32.15
CA ASN F 130 -14.50 -0.77 -33.38
C ASN F 130 -13.41 -0.24 -34.31
N GLY F 131 -12.19 -0.77 -34.19
CA GLY F 131 -11.12 -0.38 -35.10
C GLY F 131 -10.60 1.03 -34.92
N ALA F 132 -10.56 1.52 -33.68
CA ALA F 132 -10.04 2.86 -33.42
C ALA F 132 -9.45 2.87 -32.01
N ILE F 133 -8.16 3.22 -31.91
CA ILE F 133 -7.45 3.16 -30.64
C ILE F 133 -7.11 4.58 -30.19
N THR F 134 -7.04 4.76 -28.88
CA THR F 134 -6.66 6.03 -28.28
C THR F 134 -5.14 6.16 -28.26
N LEU F 135 -4.66 7.30 -27.76
CA LEU F 135 -3.23 7.51 -27.64
C LEU F 135 -2.62 6.58 -26.60
N ASP F 136 -3.31 6.40 -25.46
CA ASP F 136 -2.81 5.48 -24.45
C ASP F 136 -2.80 4.04 -24.94
N GLU F 137 -3.77 3.67 -25.78
CA GLU F 137 -3.77 2.32 -26.35
C GLU F 137 -2.66 2.16 -27.40
N TRP F 138 -2.33 3.24 -28.11
CA TRP F 138 -1.22 3.19 -29.05
C TRP F 138 0.12 3.14 -28.32
N LYS F 139 0.23 3.87 -27.20
CA LYS F 139 1.42 3.76 -26.37
C LYS F 139 1.56 2.37 -25.77
N ALA F 140 0.44 1.77 -25.38
CA ALA F 140 0.48 0.46 -24.73
C ALA F 140 1.02 -0.61 -25.67
N TYR F 141 0.55 -0.62 -26.92
CA TYR F 141 1.00 -1.65 -27.85
C TYR F 141 2.44 -1.42 -28.29
N THR F 142 2.76 -0.20 -28.72
CA THR F 142 4.09 0.06 -29.27
C THR F 142 5.18 -0.13 -28.22
N LYS F 143 4.90 0.18 -26.96
CA LYS F 143 5.87 -0.07 -25.91
C LYS F 143 5.96 -1.55 -25.57
N ALA F 144 4.82 -2.27 -25.65
CA ALA F 144 4.86 -3.71 -25.44
C ALA F 144 5.64 -4.41 -26.55
N ALA F 145 5.42 -3.99 -27.80
CA ALA F 145 6.19 -4.55 -28.91
C ALA F 145 7.62 -4.04 -28.91
N GLY F 146 7.85 -2.84 -28.40
CA GLY F 146 9.16 -2.25 -28.37
C GLY F 146 9.52 -1.40 -29.58
N ILE F 147 8.63 -1.32 -30.57
CA ILE F 147 8.93 -0.52 -31.76
C ILE F 147 9.02 0.96 -31.41
N ILE F 148 8.32 1.39 -30.36
CA ILE F 148 8.45 2.74 -29.82
C ILE F 148 8.70 2.62 -28.32
N GLN F 149 9.63 3.43 -27.81
CA GLN F 149 10.01 3.40 -26.41
C GLN F 149 9.46 4.59 -25.63
N SER F 150 9.64 5.81 -26.13
CA SER F 150 9.22 7.00 -25.42
C SER F 150 7.79 7.39 -25.80
N SER F 151 7.06 7.93 -24.83
CA SER F 151 5.70 8.38 -25.07
C SER F 151 5.64 9.56 -26.02
N GLU F 152 6.72 10.32 -26.13
CA GLU F 152 6.73 11.49 -27.03
C GLU F 152 6.71 11.06 -28.48
N ASP F 153 7.39 9.96 -28.81
CA ASP F 153 7.33 9.44 -30.18
C ASP F 153 5.94 8.92 -30.51
N CYS F 154 5.25 8.33 -29.54
CA CYS F 154 3.88 7.89 -29.77
C CYS F 154 2.97 9.08 -30.07
N GLU F 155 3.16 10.18 -29.36
CA GLU F 155 2.37 11.39 -29.63
C GLU F 155 2.67 11.95 -31.01
N GLU F 156 3.89 11.74 -31.50
CA GLU F 156 4.22 12.16 -32.86
C GLU F 156 3.41 11.40 -33.90
N THR F 157 3.04 10.16 -33.61
CA THR F 157 2.22 9.39 -34.53
C THR F 157 0.86 10.05 -34.73
N PHE F 158 0.21 10.46 -33.64
CA PHE F 158 -1.08 11.13 -33.75
C PHE F 158 -0.97 12.51 -34.38
N ARG F 159 0.21 13.14 -34.33
CA ARG F 159 0.40 14.42 -35.00
C ARG F 159 0.53 14.23 -36.51
N VAL F 160 1.31 13.23 -36.94
CA VAL F 160 1.45 12.95 -38.37
C VAL F 160 0.13 12.49 -38.96
N CYS F 161 -0.62 11.69 -38.20
CA CYS F 161 -1.96 11.28 -38.63
C CYS F 161 -2.98 12.40 -38.52
N ASP F 162 -2.59 13.58 -38.01
CA ASP F 162 -3.47 14.73 -37.87
C ASP F 162 -4.69 14.38 -37.00
N ILE F 163 -4.42 13.76 -35.87
CA ILE F 163 -5.45 13.35 -34.91
C ILE F 163 -5.14 13.98 -33.57
N ASP F 164 -6.16 14.56 -32.95
CA ASP F 164 -5.98 15.12 -31.61
C ASP F 164 -5.66 14.02 -30.62
N GLU F 165 -4.87 14.35 -29.60
CA GLU F 165 -4.47 13.37 -28.60
C GLU F 165 -5.67 12.79 -27.86
N SER F 166 -6.80 13.51 -27.82
CA SER F 166 -8.03 12.94 -27.29
C SER F 166 -8.77 12.12 -28.33
N GLY F 167 -8.48 12.31 -29.62
CA GLY F 167 -9.10 11.54 -30.66
C GLY F 167 -8.52 10.14 -30.77
N GLN F 168 -9.01 9.40 -31.75
CA GLN F 168 -8.63 8.00 -31.95
C GLN F 168 -8.06 7.79 -33.34
N LEU F 169 -7.23 6.76 -33.47
CA LEU F 169 -6.60 6.38 -34.72
C LEU F 169 -7.24 5.10 -35.24
N ASP F 170 -7.69 5.13 -36.49
CA ASP F 170 -8.35 3.99 -37.11
C ASP F 170 -7.41 3.28 -38.08
N VAL F 171 -7.81 2.07 -38.48
CA VAL F 171 -6.99 1.28 -39.39
C VAL F 171 -6.93 1.92 -40.77
N ASP F 172 -8.00 2.61 -41.19
CA ASP F 172 -8.01 3.27 -42.49
C ASP F 172 -6.89 4.30 -42.60
N GLU F 173 -6.84 5.23 -41.64
CA GLU F 173 -5.82 6.27 -41.67
C GLU F 173 -4.43 5.68 -41.49
N MET F 174 -4.30 4.69 -40.61
CA MET F 174 -2.98 4.10 -40.35
C MET F 174 -2.48 3.28 -41.53
N THR F 175 -3.40 2.69 -42.31
CA THR F 175 -2.99 1.97 -43.50
C THR F 175 -2.42 2.92 -44.55
N ARG F 176 -3.03 4.10 -44.70
CA ARG F 176 -2.47 5.10 -45.61
C ARG F 176 -1.09 5.55 -45.14
N GLN F 177 -0.93 5.74 -43.84
CA GLN F 177 0.37 6.14 -43.31
C GLN F 177 1.40 5.03 -43.49
N HIS F 178 1.01 3.78 -43.25
CA HIS F 178 1.93 2.67 -43.46
C HIS F 178 2.26 2.47 -44.93
N LEU F 179 1.33 2.80 -45.82
CA LEU F 179 1.63 2.79 -47.25
C LEU F 179 2.84 3.67 -47.55
N GLY F 180 2.83 4.90 -47.05
CA GLY F 180 3.92 5.82 -47.34
C GLY F 180 5.14 5.60 -46.48
N PHE F 181 4.97 5.06 -45.27
CA PHE F 181 6.11 4.91 -44.37
C PHE F 181 6.91 3.65 -44.64
N TRP F 182 6.22 2.51 -44.81
CA TRP F 182 6.93 1.24 -45.01
C TRP F 182 7.22 0.95 -46.49
N TYR F 183 6.35 1.37 -47.40
CA TYR F 183 6.40 0.89 -48.78
C TYR F 183 6.98 1.90 -49.76
N THR F 184 6.52 3.17 -49.72
CA THR F 184 6.78 4.09 -50.82
C THR F 184 7.59 5.34 -50.44
N MET F 185 7.95 5.51 -49.17
CA MET F 185 8.75 6.66 -48.73
C MET F 185 8.04 7.98 -49.04
N ASP F 186 6.76 8.04 -48.69
CA ASP F 186 5.98 9.26 -48.87
C ASP F 186 6.50 10.34 -47.92
N PRO F 187 6.96 11.50 -48.42
CA PRO F 187 7.44 12.55 -47.51
C PRO F 187 6.40 13.02 -46.51
N ALA F 188 5.11 12.83 -46.80
CA ALA F 188 4.06 13.22 -45.87
C ALA F 188 3.92 12.27 -44.69
N CYS F 189 4.53 11.08 -44.77
CA CYS F 189 4.43 10.08 -43.71
C CYS F 189 5.69 10.03 -42.85
N GLU F 190 6.61 10.97 -43.04
CA GLU F 190 7.81 11.01 -42.20
C GLU F 190 7.44 11.25 -40.75
N LYS F 191 8.32 10.79 -39.85
CA LYS F 191 8.14 10.90 -38.40
C LYS F 191 6.85 10.23 -37.93
N LEU F 192 6.34 9.25 -38.68
CA LEU F 192 5.15 8.52 -38.25
C LEU F 192 5.39 7.81 -36.94
N TYR F 193 6.62 7.36 -36.70
CA TYR F 193 7.00 6.75 -35.43
C TYR F 193 7.92 7.65 -34.62
N GLY F 194 7.86 8.96 -34.85
CA GLY F 194 8.73 9.88 -34.14
C GLY F 194 10.19 9.63 -34.48
N GLY F 195 11.02 9.65 -33.44
CA GLY F 195 12.43 9.31 -33.59
C GLY F 195 12.74 7.84 -33.37
N ALA F 196 11.71 7.01 -33.15
CA ALA F 196 11.96 5.60 -32.89
C ALA F 196 12.42 4.87 -34.14
N VAL F 197 11.89 5.22 -35.30
CA VAL F 197 12.22 4.56 -36.56
C VAL F 197 12.70 5.63 -37.53
N PRO F 198 13.87 5.44 -38.17
CA PRO F 198 14.39 6.37 -39.17
C PRO F 198 13.59 6.31 -40.47
N HIS G 8 -12.18 24.07 46.12
CA HIS G 8 -13.31 23.40 45.50
C HIS G 8 -12.97 22.94 44.08
N HIS G 9 -13.25 21.68 43.78
CA HIS G 9 -12.89 21.08 42.50
C HIS G 9 -14.07 21.01 41.53
N GLY G 10 -15.19 20.46 41.97
CA GLY G 10 -16.33 20.32 41.08
C GLY G 10 -17.51 19.71 41.79
N LYS G 11 -18.49 19.29 40.99
CA LYS G 11 -19.74 18.76 41.53
C LYS G 11 -20.26 17.71 40.56
N LEU G 12 -20.44 16.48 41.05
CA LEU G 12 -20.95 15.37 40.25
C LEU G 12 -22.38 15.00 40.60
N THR G 13 -23.05 15.81 41.41
CA THR G 13 -24.43 15.54 41.82
C THR G 13 -25.37 16.37 40.95
N SER G 14 -26.31 15.69 40.29
CA SER G 14 -27.27 16.39 39.46
C SER G 14 -28.27 17.14 40.33
N ASP G 15 -29.03 18.03 39.68
CA ASP G 15 -30.00 18.88 40.36
C ASP G 15 -31.12 19.26 39.41
N PHE G 16 -31.81 18.25 38.87
CA PHE G 16 -32.78 18.49 37.81
C PHE G 16 -34.09 19.07 38.31
N ASP G 17 -34.42 18.89 39.59
CA ASP G 17 -35.62 19.48 40.16
C ASP G 17 -35.43 20.94 40.53
N ASN G 18 -34.19 21.42 40.55
CA ASN G 18 -33.91 22.84 40.75
C ASN G 18 -34.55 23.64 39.62
N PRO G 19 -35.49 24.55 39.92
CA PRO G 19 -36.11 25.33 38.84
C PRO G 19 -35.13 26.21 38.08
N ARG G 20 -34.00 26.59 38.69
CA ARG G 20 -33.00 27.36 37.98
C ARG G 20 -32.25 26.51 36.94
N TRP G 21 -32.23 25.18 37.12
CA TRP G 21 -31.69 24.32 36.07
C TRP G 21 -32.66 24.24 34.90
N ILE G 22 -33.95 24.09 35.19
CA ILE G 22 -34.96 24.10 34.15
C ILE G 22 -35.00 25.46 33.46
N GLY G 23 -34.86 26.53 34.24
CA GLY G 23 -34.86 27.86 33.66
C GLY G 23 -33.64 28.15 32.80
N ARG G 24 -32.50 27.58 33.16
CA ARG G 24 -31.28 27.79 32.38
C ARG G 24 -31.39 27.17 30.99
N HIS G 25 -31.91 25.93 30.91
CA HIS G 25 -32.07 25.28 29.62
C HIS G 25 -33.34 25.71 28.90
N LYS G 26 -34.30 26.28 29.61
CA LYS G 26 -35.43 26.94 28.95
C LYS G 26 -34.96 28.18 28.21
N HIS G 27 -34.04 28.94 28.81
CA HIS G 27 -33.46 30.09 28.12
C HIS G 27 -32.70 29.65 26.88
N MET G 28 -31.92 28.57 26.97
CA MET G 28 -31.20 28.08 25.82
C MET G 28 -32.15 27.55 24.75
N PHE G 29 -33.24 26.90 25.18
CA PHE G 29 -34.24 26.42 24.22
C PHE G 29 -34.82 27.57 23.40
N ASN G 30 -35.22 28.65 24.08
CA ASN G 30 -35.71 29.83 23.38
C ASN G 30 -34.64 30.42 22.48
N PHE G 31 -33.39 30.46 22.96
CA PHE G 31 -32.30 30.96 22.15
C PHE G 31 -32.10 30.12 20.89
N LEU G 32 -32.28 28.81 21.00
CA LEU G 32 -32.13 27.94 19.84
C LEU G 32 -33.33 28.00 18.91
N ASP G 33 -34.52 28.28 19.45
CA ASP G 33 -35.74 28.37 18.64
C ASP G 33 -35.89 29.79 18.10
N VAL G 34 -35.04 30.09 17.10
CA VAL G 34 -35.00 31.45 16.56
C VAL G 34 -36.28 31.79 15.81
N ASN G 35 -36.96 30.80 15.26
CA ASN G 35 -38.15 31.02 14.46
C ASN G 35 -39.44 30.90 15.26
N HIS G 36 -39.34 30.75 16.59
CA HIS G 36 -40.51 30.73 17.48
C HIS G 36 -41.49 29.63 17.10
N ASN G 37 -40.98 28.48 16.67
CA ASN G 37 -41.82 27.35 16.31
C ASN G 37 -42.22 26.51 17.52
N GLY G 38 -41.62 26.75 18.69
CA GLY G 38 -41.84 25.89 19.83
C GLY G 38 -41.19 24.52 19.72
N LYS G 39 -40.38 24.30 18.69
CA LYS G 39 -39.75 23.01 18.45
C LYS G 39 -38.49 23.22 17.62
N ILE G 40 -37.45 22.43 17.92
CA ILE G 40 -36.20 22.50 17.20
C ILE G 40 -35.78 21.09 16.80
N SER G 41 -34.93 21.01 15.78
CA SER G 41 -34.49 19.74 15.22
C SER G 41 -32.98 19.68 15.22
N LEU G 42 -32.46 18.45 15.14
CA LEU G 42 -31.02 18.26 15.04
C LEU G 42 -30.46 18.85 13.75
N ASP G 43 -31.28 18.87 12.68
CA ASP G 43 -30.84 19.47 11.43
C ASP G 43 -30.52 20.95 11.62
N GLU G 44 -31.33 21.66 12.41
CA GLU G 44 -31.09 23.07 12.65
C GLU G 44 -29.86 23.28 13.53
N MET G 45 -29.69 22.44 14.55
CA MET G 45 -28.56 22.61 15.47
C MET G 45 -27.23 22.37 14.75
N VAL G 46 -27.15 21.30 13.97
CA VAL G 46 -25.90 21.00 13.26
C VAL G 46 -25.65 22.02 12.15
N TYR G 47 -26.71 22.54 11.53
CA TYR G 47 -26.52 23.59 10.53
C TYR G 47 -25.96 24.85 11.17
N LYS G 48 -26.57 25.30 12.27
CA LYS G 48 -26.08 26.48 12.96
C LYS G 48 -24.63 26.32 13.39
N ALA G 49 -24.27 25.13 13.89
CA ALA G 49 -22.92 24.91 14.37
C ALA G 49 -21.90 24.98 13.23
N SER G 50 -22.17 24.28 12.12
CA SER G 50 -21.24 24.29 11.01
C SER G 50 -21.21 25.64 10.31
N ASP G 51 -22.34 26.35 10.29
CA ASP G 51 -22.37 27.67 9.66
C ASP G 51 -21.44 28.64 10.37
N ILE G 52 -21.33 28.52 11.70
CA ILE G 52 -20.48 29.43 12.46
C ILE G 52 -19.01 29.16 12.18
N VAL G 53 -18.59 27.90 12.26
CA VAL G 53 -17.17 27.59 12.13
C VAL G 53 -16.69 27.80 10.71
N ILE G 54 -17.54 27.54 9.71
CA ILE G 54 -17.11 27.65 8.32
C ILE G 54 -17.21 29.09 7.83
N ASN G 55 -18.38 29.70 7.98
CA ASN G 55 -18.64 31.01 7.39
C ASN G 55 -18.28 32.19 8.29
N ASN G 56 -17.95 31.95 9.55
CA ASN G 56 -17.55 33.03 10.45
C ASN G 56 -16.16 32.86 11.05
N LEU G 57 -15.70 31.63 11.25
CA LEU G 57 -14.43 31.36 11.90
C LEU G 57 -13.39 30.77 10.97
N GLY G 58 -13.74 30.52 9.70
CA GLY G 58 -12.78 30.05 8.72
C GLY G 58 -12.22 28.67 8.99
N ALA G 59 -13.08 27.71 9.28
CA ALA G 59 -12.65 26.35 9.58
C ALA G 59 -12.36 25.59 8.30
N THR G 60 -11.29 24.79 8.33
CA THR G 60 -10.99 23.91 7.22
C THR G 60 -12.05 22.82 7.13
N PRO G 61 -12.17 22.15 5.97
CA PRO G 61 -13.11 21.03 5.88
C PRO G 61 -12.89 19.96 6.92
N GLU G 62 -11.63 19.66 7.25
CA GLU G 62 -11.35 18.67 8.28
C GLU G 62 -11.75 19.16 9.67
N GLN G 63 -11.47 20.42 9.97
CA GLN G 63 -11.91 21.00 11.24
C GLN G 63 -13.43 21.02 11.33
N ALA G 64 -14.10 21.41 10.25
CA ALA G 64 -15.56 21.44 10.26
C ALA G 64 -16.16 20.05 10.39
N LYS G 65 -15.51 19.04 9.80
CA LYS G 65 -16.00 17.67 9.92
C LYS G 65 -15.92 17.19 11.36
N ARG G 66 -14.77 17.38 12.00
CA ARG G 66 -14.61 16.98 13.40
C ARG G 66 -15.59 17.74 14.29
N HIS G 67 -15.76 19.04 14.03
CA HIS G 67 -16.68 19.85 14.82
C HIS G 67 -18.12 19.41 14.62
N LYS G 68 -18.49 19.07 13.38
CA LYS G 68 -19.86 18.65 13.09
C LYS G 68 -20.22 17.38 13.84
N ASP G 69 -19.32 16.40 13.86
CA ASP G 69 -19.59 15.15 14.55
C ASP G 69 -19.73 15.36 16.05
N ALA G 70 -19.00 16.31 16.62
CA ALA G 70 -19.10 16.56 18.05
C ALA G 70 -20.40 17.25 18.40
N VAL G 71 -20.82 18.23 17.61
CA VAL G 71 -22.12 18.89 17.85
C VAL G 71 -23.25 17.89 17.63
N GLU G 72 -23.16 17.12 16.54
CA GLU G 72 -24.18 16.12 16.25
C GLU G 72 -24.32 15.13 17.40
N ALA G 73 -23.20 14.71 17.99
CA ALA G 73 -23.26 13.77 19.10
C ALA G 73 -23.73 14.44 20.39
N PHE G 74 -23.41 15.72 20.58
CA PHE G 74 -23.82 16.42 21.79
C PHE G 74 -25.34 16.56 21.86
N PHE G 75 -25.92 17.22 20.85
CA PHE G 75 -27.38 17.37 20.82
C PHE G 75 -28.08 16.05 20.57
N GLY G 76 -27.42 15.12 19.87
CA GLY G 76 -27.96 13.77 19.75
C GLY G 76 -28.03 13.05 21.07
N GLY G 77 -27.17 13.42 22.02
CA GLY G 77 -27.24 12.85 23.35
C GLY G 77 -28.42 13.33 24.17
N ALA G 78 -29.01 14.46 23.79
CA ALA G 78 -30.20 14.97 24.46
C ALA G 78 -31.49 14.50 23.79
N GLY G 79 -31.42 13.49 22.93
CA GLY G 79 -32.59 12.91 22.30
C GLY G 79 -32.95 13.49 20.94
N MET G 80 -32.23 14.51 20.47
CA MET G 80 -32.56 15.14 19.20
C MET G 80 -32.09 14.27 18.04
N LYS G 81 -32.91 14.21 16.99
CA LYS G 81 -32.63 13.37 15.83
C LYS G 81 -32.90 14.15 14.55
N TYR G 82 -32.25 13.72 13.47
CA TYR G 82 -32.48 14.34 12.17
C TYR G 82 -33.89 14.03 11.69
N GLY G 83 -34.52 15.03 11.07
CA GLY G 83 -35.89 14.88 10.61
C GLY G 83 -36.92 14.76 11.70
N VAL G 84 -36.55 15.05 12.96
CA VAL G 84 -37.45 14.97 14.10
C VAL G 84 -37.48 16.34 14.77
N GLU G 85 -38.69 16.82 15.09
CA GLU G 85 -38.88 18.09 15.76
C GLU G 85 -39.05 17.85 17.26
N THR G 86 -38.23 18.51 18.06
CA THR G 86 -38.21 18.33 19.51
C THR G 86 -38.84 19.54 20.18
N ASP G 87 -39.97 19.32 20.86
CA ASP G 87 -40.62 20.39 21.61
C ASP G 87 -39.98 20.52 22.99
N TRP G 88 -40.46 21.49 23.76
CA TRP G 88 -39.86 21.76 25.07
C TRP G 88 -39.96 20.59 26.03
N PRO G 89 -41.11 19.90 26.19
CA PRO G 89 -41.13 18.76 27.12
C PRO G 89 -40.14 17.66 26.75
N ALA G 90 -40.09 17.27 25.48
CA ALA G 90 -39.11 16.28 25.06
C ALA G 90 -37.69 16.81 25.17
N TYR G 91 -37.52 18.12 25.02
CA TYR G 91 -36.18 18.71 25.08
C TYR G 91 -35.62 18.65 26.49
N ILE G 92 -36.40 19.10 27.48
CA ILE G 92 -35.90 19.12 28.85
C ILE G 92 -35.79 17.71 29.41
N GLU G 93 -36.64 16.78 28.96
CA GLU G 93 -36.52 15.40 29.39
C GLU G 93 -35.26 14.75 28.83
N GLY G 94 -34.94 15.03 27.56
CA GLY G 94 -33.72 14.53 26.97
C GLY G 94 -32.46 15.16 27.54
N TRP G 95 -32.56 16.38 28.08
CA TRP G 95 -31.40 17.00 28.70
C TRP G 95 -31.09 16.39 30.06
N LYS G 96 -32.10 15.88 30.76
CA LYS G 96 -31.83 15.07 31.95
C LYS G 96 -31.03 13.83 31.58
N LYS G 97 -31.40 13.17 30.47
CA LYS G 97 -30.67 11.99 30.02
C LYS G 97 -29.26 12.35 29.58
N LEU G 98 -29.10 13.47 28.87
CA LEU G 98 -27.76 13.92 28.47
C LEU G 98 -26.89 14.21 29.68
N ALA G 99 -27.44 14.93 30.67
CA ALA G 99 -26.66 15.30 31.83
C ALA G 99 -26.25 14.08 32.65
N THR G 100 -27.16 13.12 32.84
CA THR G 100 -26.82 11.93 33.61
C THR G 100 -25.74 11.12 32.91
N ASP G 101 -25.86 10.93 31.59
CA ASP G 101 -24.88 10.16 30.86
C ASP G 101 -23.52 10.85 30.83
N GLU G 102 -23.50 12.19 30.85
CA GLU G 102 -22.23 12.91 30.91
C GLU G 102 -21.59 12.78 32.30
N LEU G 103 -22.41 12.84 33.36
CA LEU G 103 -21.87 12.72 34.71
C LEU G 103 -21.26 11.34 34.95
N GLU G 104 -21.80 10.31 34.30
CA GLU G 104 -21.16 9.00 34.36
C GLU G 104 -19.78 9.04 33.73
N LYS G 105 -19.67 9.65 32.54
CA LYS G 105 -18.37 9.77 31.89
C LYS G 105 -17.41 10.61 32.73
N TYR G 106 -17.93 11.64 33.41
CA TYR G 106 -17.11 12.41 34.33
C TYR G 106 -16.56 11.53 35.44
N ALA G 107 -17.43 10.75 36.09
CA ALA G 107 -17.01 9.91 37.20
C ALA G 107 -16.02 8.85 36.77
N LYS G 108 -16.14 8.34 35.55
CA LYS G 108 -15.21 7.35 35.04
C LYS G 108 -13.96 7.96 34.42
N ASN G 109 -13.81 9.29 34.51
CA ASN G 109 -12.68 9.99 33.90
C ASN G 109 -12.58 9.66 32.41
N GLU G 110 -13.74 9.63 31.75
CA GLU G 110 -13.97 9.29 30.36
C GLU G 110 -14.31 10.54 29.55
N PRO G 111 -13.81 10.65 28.33
CA PRO G 111 -14.12 11.83 27.51
C PRO G 111 -15.62 12.05 27.35
N THR G 112 -16.09 13.20 27.82
CA THR G 112 -17.49 13.58 27.72
C THR G 112 -17.78 14.22 26.37
N LEU G 113 -19.07 14.28 26.03
CA LEU G 113 -19.47 14.91 24.77
C LEU G 113 -19.12 16.39 24.77
N ILE G 114 -19.29 17.07 25.91
CA ILE G 114 -18.97 18.49 25.98
C ILE G 114 -17.46 18.71 25.91
N ARG G 115 -16.68 17.73 26.35
CA ARG G 115 -15.24 17.80 26.17
C ARG G 115 -14.85 17.68 24.70
N ILE G 116 -15.47 16.72 24.00
CA ILE G 116 -15.13 16.48 22.61
C ILE G 116 -15.55 17.66 21.73
N TRP G 117 -16.67 18.30 22.07
CA TRP G 117 -17.08 19.50 21.33
C TRP G 117 -16.09 20.65 21.58
N GLY G 118 -15.69 20.85 22.84
CA GLY G 118 -14.74 21.91 23.12
C GLY G 118 -13.42 21.72 22.43
N ASP G 119 -12.89 20.49 22.43
CA ASP G 119 -11.64 20.21 21.74
C ASP G 119 -11.77 20.49 20.24
N ALA G 120 -12.88 20.08 19.63
CA ALA G 120 -13.07 20.33 18.21
C ALA G 120 -13.24 21.82 17.92
N LEU G 121 -13.90 22.55 18.82
CA LEU G 121 -14.16 23.96 18.57
C LEU G 121 -12.92 24.82 18.83
N PHE G 122 -12.25 24.59 19.96
CA PHE G 122 -11.08 25.39 20.30
C PHE G 122 -9.97 25.24 19.27
N ASP G 123 -9.91 24.09 18.59
CA ASP G 123 -8.95 23.93 17.50
C ASP G 123 -9.23 24.88 16.35
N ILE G 124 -10.47 25.36 16.23
CA ILE G 124 -10.84 26.31 15.19
C ILE G 124 -10.73 27.74 15.69
N VAL G 125 -11.23 28.00 16.91
CA VAL G 125 -11.26 29.36 17.43
C VAL G 125 -9.84 29.86 17.71
N ASP G 126 -8.97 28.98 18.18
CA ASP G 126 -7.59 29.37 18.45
C ASP G 126 -6.79 29.41 17.15
N LYS G 127 -6.15 30.56 16.90
CA LYS G 127 -5.35 30.68 15.69
C LYS G 127 -4.11 29.80 15.73
N ASP G 128 -3.58 29.53 16.93
CA ASP G 128 -2.40 28.70 17.09
C ASP G 128 -2.71 27.22 17.21
N GLN G 129 -3.97 26.86 17.45
CA GLN G 129 -4.41 25.47 17.55
C GLN G 129 -3.66 24.73 18.66
N ASN G 130 -3.61 25.35 19.84
CA ASN G 130 -2.97 24.73 21.00
C ASN G 130 -3.97 24.49 22.13
N GLY G 131 -5.27 24.55 21.83
CA GLY G 131 -6.28 24.28 22.83
C GLY G 131 -6.54 25.41 23.81
N ALA G 132 -6.11 26.62 23.50
CA ALA G 132 -6.32 27.77 24.37
C ALA G 132 -6.73 28.97 23.52
N ILE G 133 -7.74 29.71 23.98
CA ILE G 133 -8.25 30.85 23.24
C ILE G 133 -8.11 32.11 24.09
N THR G 134 -7.85 33.23 23.42
CA THR G 134 -7.76 34.52 24.08
C THR G 134 -9.16 35.08 24.32
N LEU G 135 -9.22 36.24 24.98
CA LEU G 135 -10.51 36.87 25.24
C LEU G 135 -11.17 37.33 23.94
N ASP G 136 -10.39 37.89 23.03
CA ASP G 136 -10.94 38.32 21.75
C ASP G 136 -11.46 37.14 20.92
N GLU G 137 -10.79 35.99 21.03
CA GLU G 137 -11.28 34.80 20.33
C GLU G 137 -12.54 34.26 20.97
N TRP G 138 -12.63 34.33 22.30
CA TRP G 138 -13.85 33.93 22.99
C TRP G 138 -14.99 34.90 22.69
N LYS G 139 -14.68 36.20 22.55
CA LYS G 139 -15.68 37.16 22.12
C LYS G 139 -16.13 36.87 20.68
N ALA G 140 -15.21 36.41 19.84
CA ALA G 140 -15.53 36.20 18.44
C ALA G 140 -16.50 35.05 18.24
N TYR G 141 -16.33 33.95 18.99
CA TYR G 141 -17.22 32.81 18.82
C TYR G 141 -18.59 33.07 19.44
N THR G 142 -18.61 33.54 20.69
CA THR G 142 -19.89 33.67 21.40
C THR G 142 -20.78 34.73 20.77
N LYS G 143 -20.18 35.79 20.21
CA LYS G 143 -20.99 36.77 19.49
C LYS G 143 -21.44 36.24 18.14
N ALA G 144 -20.61 35.43 17.48
CA ALA G 144 -21.03 34.82 16.22
C ALA G 144 -22.12 33.78 16.46
N ALA G 145 -21.98 32.98 17.51
CA ALA G 145 -23.04 32.03 17.84
C ALA G 145 -24.26 32.74 18.43
N GLY G 146 -24.06 33.88 19.08
CA GLY G 146 -25.13 34.62 19.69
C GLY G 146 -25.40 34.28 21.14
N ILE G 147 -24.71 33.29 21.70
CA ILE G 147 -24.95 32.91 23.09
C ILE G 147 -24.55 34.03 24.03
N ILE G 148 -23.60 34.87 23.62
CA ILE G 148 -23.24 36.09 24.35
C ILE G 148 -23.26 37.25 23.37
N GLN G 149 -23.84 38.37 23.79
CA GLN G 149 -23.94 39.56 22.96
C GLN G 149 -22.95 40.64 23.36
N SER G 150 -22.84 40.92 24.66
CA SER G 150 -22.02 42.02 25.15
C SER G 150 -20.61 41.55 25.49
N SER G 151 -19.63 42.43 25.24
CA SER G 151 -18.25 42.11 25.60
C SER G 151 -18.09 41.98 27.11
N GLU G 152 -18.92 42.68 27.88
CA GLU G 152 -18.83 42.60 29.34
C GLU G 152 -19.11 41.19 29.84
N ASP G 153 -20.07 40.51 29.22
CA ASP G 153 -20.39 39.14 29.64
C ASP G 153 -19.29 38.16 29.25
N CYS G 154 -18.61 38.41 28.13
CA CYS G 154 -17.47 37.57 27.76
C CYS G 154 -16.33 37.74 28.77
N GLU G 155 -16.13 38.95 29.27
CA GLU G 155 -15.11 39.17 30.30
C GLU G 155 -15.48 38.50 31.61
N GLU G 156 -16.78 38.35 31.88
CA GLU G 156 -17.21 37.62 33.07
C GLU G 156 -16.84 36.15 32.99
N THR G 157 -16.77 35.59 31.78
CA THR G 157 -16.35 34.20 31.63
C THR G 157 -14.92 34.00 32.11
N PHE G 158 -14.01 34.88 31.69
CA PHE G 158 -12.62 34.78 32.11
C PHE G 158 -12.45 35.04 33.60
N ARG G 159 -13.33 35.87 34.18
CA ARG G 159 -13.26 36.10 35.62
C ARG G 159 -13.66 34.85 36.40
N VAL G 160 -14.75 34.20 35.99
CA VAL G 160 -15.19 32.98 36.66
C VAL G 160 -14.17 31.87 36.47
N CYS G 161 -13.51 31.81 35.32
CA CYS G 161 -12.47 30.83 35.08
C CYS G 161 -11.15 31.19 35.75
N ASP G 162 -11.07 32.35 36.41
CA ASP G 162 -9.85 32.82 37.07
C ASP G 162 -8.70 32.94 36.07
N ILE G 163 -8.94 33.74 35.04
CA ILE G 163 -7.97 33.93 33.95
C ILE G 163 -7.89 35.42 33.64
N ASP G 164 -6.66 35.91 33.47
CA ASP G 164 -6.46 37.31 33.09
C ASP G 164 -6.97 37.55 31.67
N GLU G 165 -7.39 38.80 31.41
CA GLU G 165 -7.91 39.13 30.09
C GLU G 165 -6.86 39.00 29.01
N SER G 166 -5.58 39.17 29.35
CA SER G 166 -4.50 38.89 28.42
C SER G 166 -4.12 37.41 28.38
N GLY G 167 -4.64 36.61 29.31
CA GLY G 167 -4.38 35.19 29.33
C GLY G 167 -5.26 34.45 28.33
N GLN G 168 -5.25 33.12 28.45
CA GLN G 168 -5.99 32.26 27.54
C GLN G 168 -6.83 31.28 28.32
N LEU G 169 -7.93 30.86 27.69
CA LEU G 169 -8.86 29.88 28.25
C LEU G 169 -8.71 28.57 27.50
N ASP G 170 -8.59 27.47 28.25
CA ASP G 170 -8.37 26.16 27.68
C ASP G 170 -9.62 25.29 27.83
N VAL G 171 -9.65 24.18 27.09
CA VAL G 171 -10.78 23.27 27.15
C VAL G 171 -10.88 22.61 28.52
N ASP G 172 -9.73 22.35 29.17
CA ASP G 172 -9.75 21.70 30.48
C ASP G 172 -10.54 22.53 31.49
N GLU G 173 -10.18 23.82 31.62
CA GLU G 173 -10.88 24.67 32.58
C GLU G 173 -12.33 24.87 32.17
N MET G 174 -12.59 25.07 30.89
CA MET G 174 -13.95 25.30 30.43
C MET G 174 -14.82 24.07 30.58
N THR G 175 -14.22 22.87 30.51
CA THR G 175 -14.99 21.65 30.72
C THR G 175 -15.44 21.53 32.18
N ARG G 176 -14.59 21.96 33.11
CA ARG G 176 -14.99 21.97 34.52
C ARG G 176 -16.09 22.98 34.77
N GLN G 177 -15.99 24.16 34.15
CA GLN G 177 -17.02 25.17 34.31
C GLN G 177 -18.35 24.70 33.69
N HIS G 178 -18.28 24.10 32.50
CA HIS G 178 -19.51 23.59 31.87
C HIS G 178 -20.13 22.47 32.68
N LEU G 179 -19.31 21.67 33.37
CA LEU G 179 -19.83 20.65 34.27
C LEU G 179 -20.80 21.25 35.27
N GLY G 180 -20.37 22.30 35.98
CA GLY G 180 -21.21 22.93 36.97
C GLY G 180 -22.28 23.84 36.40
N PHE G 181 -22.06 24.38 35.20
CA PHE G 181 -23.01 25.35 34.66
C PHE G 181 -24.18 24.65 33.95
N TRP G 182 -23.87 23.68 33.10
CA TRP G 182 -24.92 23.01 32.33
C TRP G 182 -25.50 21.79 33.02
N TYR G 183 -24.71 21.07 33.81
CA TYR G 183 -25.12 19.74 34.28
C TYR G 183 -25.54 19.72 35.75
N THR G 184 -24.82 20.39 36.64
CA THR G 184 -25.01 20.19 38.08
C THR G 184 -25.40 21.43 38.85
N MET G 185 -25.53 22.59 38.21
CA MET G 185 -25.90 23.84 38.88
C MET G 185 -24.95 24.17 40.04
N ASP G 186 -23.66 24.09 39.75
CA ASP G 186 -22.65 24.39 40.76
C ASP G 186 -22.65 25.89 41.05
N PRO G 187 -22.93 26.33 42.28
CA PRO G 187 -22.92 27.76 42.57
C PRO G 187 -21.60 28.44 42.29
N ALA G 188 -20.49 27.69 42.31
CA ALA G 188 -19.19 28.28 41.96
C ALA G 188 -19.10 28.65 40.50
N CYS G 189 -20.00 28.14 39.65
CA CYS G 189 -19.98 28.39 38.23
C CYS G 189 -21.02 29.42 37.79
N GLU G 190 -21.65 30.12 38.73
CA GLU G 190 -22.60 31.15 38.37
C GLU G 190 -21.92 32.27 37.60
N LYS G 191 -22.68 32.92 36.72
CA LYS G 191 -22.20 34.04 35.93
C LYS G 191 -21.07 33.64 34.99
N LEU G 192 -21.01 32.35 34.62
CA LEU G 192 -20.01 31.90 33.66
C LEU G 192 -20.21 32.57 32.30
N TYR G 193 -21.46 32.87 31.95
CA TYR G 193 -21.79 33.63 30.75
C TYR G 193 -22.33 35.01 31.09
N GLY G 194 -21.93 35.54 32.26
CA GLY G 194 -22.39 36.86 32.68
C GLY G 194 -23.90 36.89 32.86
N GLY G 195 -24.50 37.95 32.35
CA GLY G 195 -25.95 38.05 32.33
C GLY G 195 -26.62 37.49 31.10
N ALA G 196 -25.84 36.95 30.15
CA ALA G 196 -26.40 36.46 28.90
C ALA G 196 -27.23 35.20 29.12
N VAL G 197 -26.83 34.35 30.06
CA VAL G 197 -27.52 33.10 30.36
C VAL G 197 -27.86 33.09 31.84
N PRO G 198 -29.13 32.89 32.22
CA PRO G 198 -29.58 32.81 33.62
C PRO G 198 -29.02 31.59 34.35
N HIS H 9 -20.86 -19.83 24.85
CA HIS H 9 -20.35 -19.92 23.48
C HIS H 9 -21.48 -19.82 22.46
N GLY H 10 -22.64 -20.38 22.82
CA GLY H 10 -23.77 -20.35 21.91
C GLY H 10 -25.01 -20.92 22.56
N LYS H 11 -25.98 -21.29 21.71
CA LYS H 11 -27.27 -21.79 22.16
C LYS H 11 -27.73 -22.87 21.20
N LEU H 12 -28.03 -24.05 21.74
CA LEU H 12 -28.47 -25.18 20.93
C LEU H 12 -29.89 -25.62 21.26
N THR H 13 -30.65 -24.80 21.98
CA THR H 13 -32.04 -25.10 22.33
C THR H 13 -32.97 -24.21 21.52
N SER H 14 -34.00 -24.81 20.94
CA SER H 14 -34.95 -24.06 20.15
C SER H 14 -35.87 -23.25 21.05
N ASP H 15 -36.58 -22.30 20.44
CA ASP H 15 -37.50 -21.42 21.15
C ASP H 15 -38.72 -21.16 20.27
N PHE H 16 -39.35 -22.24 19.81
CA PHE H 16 -40.41 -22.13 18.79
C PHE H 16 -41.68 -21.52 19.34
N ASP H 17 -41.86 -21.49 20.67
CA ASP H 17 -43.02 -20.86 21.26
C ASP H 17 -42.81 -19.40 21.59
N ASN H 18 -41.61 -18.88 21.35
CA ASN H 18 -41.36 -17.45 21.48
C ASN H 18 -42.08 -16.72 20.37
N PRO H 19 -43.04 -15.84 20.66
CA PRO H 19 -43.73 -15.12 19.59
C PRO H 19 -42.80 -14.24 18.76
N ARG H 20 -41.66 -13.82 19.31
CA ARG H 20 -40.72 -13.04 18.52
C ARG H 20 -40.01 -13.91 17.47
N TRP H 21 -39.86 -15.21 17.75
CA TRP H 21 -39.31 -16.11 16.73
C TRP H 21 -40.31 -16.31 15.60
N ILE H 22 -41.57 -16.52 15.95
CA ILE H 22 -42.63 -16.61 14.94
C ILE H 22 -42.73 -15.30 14.16
N GLY H 23 -42.67 -14.17 14.86
CA GLY H 23 -42.76 -12.89 14.20
C GLY H 23 -41.55 -12.56 13.34
N ARG H 24 -40.38 -13.05 13.73
CA ARG H 24 -39.18 -12.83 12.92
C ARG H 24 -39.30 -13.49 11.56
N HIS H 25 -39.75 -14.75 11.54
CA HIS H 25 -39.93 -15.45 10.28
C HIS H 25 -41.21 -15.04 9.57
N LYS H 26 -42.16 -14.45 10.29
CA LYS H 26 -43.32 -13.86 9.63
C LYS H 26 -42.91 -12.61 8.84
N HIS H 27 -42.01 -11.81 9.41
CA HIS H 27 -41.47 -10.67 8.67
C HIS H 27 -40.74 -11.15 7.41
N MET H 28 -39.98 -12.23 7.52
CA MET H 28 -39.28 -12.76 6.35
C MET H 28 -40.25 -13.33 5.33
N PHE H 29 -41.34 -13.97 5.80
CA PHE H 29 -42.35 -14.47 4.88
C PHE H 29 -42.99 -13.33 4.09
N ASN H 30 -43.33 -12.24 4.78
CA ASN H 30 -43.89 -11.07 4.10
C ASN H 30 -42.89 -10.49 3.10
N PHE H 31 -41.61 -10.46 3.48
CA PHE H 31 -40.58 -9.94 2.59
C PHE H 31 -40.43 -10.81 1.35
N LEU H 32 -40.57 -12.13 1.50
CA LEU H 32 -40.45 -13.04 0.37
C LEU H 32 -41.71 -13.08 -0.48
N ASP H 33 -42.86 -12.70 0.07
CA ASP H 33 -44.11 -12.66 -0.68
C ASP H 33 -44.29 -11.29 -1.32
N VAL H 34 -43.46 -11.03 -2.33
CA VAL H 34 -43.41 -9.70 -2.94
C VAL H 34 -44.70 -9.37 -3.68
N ASN H 35 -45.41 -10.38 -4.16
CA ASN H 35 -46.65 -10.18 -4.90
C ASN H 35 -47.90 -10.27 -4.03
N HIS H 36 -47.72 -10.39 -2.72
CA HIS H 36 -48.84 -10.41 -1.76
C HIS H 36 -49.83 -11.52 -2.10
N ASN H 37 -49.31 -12.68 -2.50
CA ASN H 37 -50.14 -13.85 -2.79
C ASN H 37 -50.48 -14.67 -1.56
N GLY H 38 -49.80 -14.43 -0.44
CA GLY H 38 -50.02 -15.24 0.75
C GLY H 38 -49.38 -16.60 0.61
N LYS H 39 -48.68 -16.81 -0.51
CA LYS H 39 -48.04 -18.07 -0.82
C LYS H 39 -46.73 -17.79 -1.56
N ILE H 40 -45.74 -18.66 -1.32
CA ILE H 40 -44.46 -18.60 -2.02
C ILE H 40 -44.03 -20.01 -2.38
N SER H 41 -43.25 -20.12 -3.44
CA SER H 41 -42.80 -21.40 -3.97
C SER H 41 -41.27 -21.45 -3.96
N LEU H 42 -40.74 -22.68 -4.04
CA LEU H 42 -39.30 -22.86 -4.16
C LEU H 42 -38.78 -22.31 -5.48
N ASP H 43 -39.60 -22.35 -6.54
CA ASP H 43 -39.21 -21.77 -7.82
C ASP H 43 -38.89 -20.29 -7.67
N GLU H 44 -39.72 -19.56 -6.93
CA GLU H 44 -39.49 -18.13 -6.73
C GLU H 44 -38.27 -17.88 -5.86
N MET H 45 -38.08 -18.69 -4.82
CA MET H 45 -36.95 -18.50 -3.92
C MET H 45 -35.63 -18.73 -4.66
N VAL H 46 -35.54 -19.81 -5.43
CA VAL H 46 -34.32 -20.11 -6.15
C VAL H 46 -34.09 -19.10 -7.27
N TYR H 47 -35.16 -18.65 -7.92
CA TYR H 47 -35.01 -17.63 -8.96
C TYR H 47 -34.46 -16.33 -8.37
N LYS H 48 -35.02 -15.89 -7.24
CA LYS H 48 -34.54 -14.69 -6.59
C LYS H 48 -33.06 -14.80 -6.23
N ALA H 49 -32.66 -15.94 -5.68
CA ALA H 49 -31.28 -16.12 -5.23
C ALA H 49 -30.30 -16.08 -6.40
N SER H 50 -30.59 -16.82 -7.47
CA SER H 50 -29.70 -16.85 -8.62
C SER H 50 -29.68 -15.52 -9.35
N ASP H 51 -30.80 -14.81 -9.38
CA ASP H 51 -30.84 -13.51 -10.05
C ASP H 51 -29.92 -12.51 -9.36
N ILE H 52 -29.81 -12.59 -8.03
CA ILE H 52 -28.96 -11.66 -7.30
C ILE H 52 -27.50 -11.89 -7.63
N VAL H 53 -27.04 -13.15 -7.54
CA VAL H 53 -25.62 -13.42 -7.69
C VAL H 53 -25.18 -13.28 -9.15
N ILE H 54 -26.06 -13.56 -10.10
CA ILE H 54 -25.69 -13.55 -11.51
C ILE H 54 -25.84 -12.14 -12.08
N ASN H 55 -27.03 -11.57 -11.95
CA ASN H 55 -27.34 -10.31 -12.61
C ASN H 55 -26.99 -9.08 -11.80
N ASN H 56 -26.64 -9.23 -10.53
CA ASN H 56 -26.23 -8.10 -9.70
C ASN H 56 -24.82 -8.23 -9.15
N LEU H 57 -24.34 -9.44 -8.87
CA LEU H 57 -23.04 -9.64 -8.24
C LEU H 57 -22.02 -10.27 -9.17
N GLY H 58 -22.37 -10.54 -10.42
CA GLY H 58 -21.41 -11.01 -11.40
C GLY H 58 -20.78 -12.34 -11.08
N ALA H 59 -21.58 -13.30 -10.61
CA ALA H 59 -21.05 -14.62 -10.30
C ALA H 59 -20.76 -15.39 -11.57
N THR H 60 -19.74 -16.25 -11.50
CA THR H 60 -19.44 -17.16 -12.59
C THR H 60 -20.47 -18.28 -12.62
N PRO H 61 -20.64 -18.94 -13.77
CA PRO H 61 -21.60 -20.06 -13.83
C PRO H 61 -21.31 -21.15 -12.81
N GLU H 62 -20.04 -21.40 -12.50
CA GLU H 62 -19.72 -22.42 -11.50
C GLU H 62 -20.11 -21.95 -10.10
N GLN H 63 -19.84 -20.68 -9.79
CA GLN H 63 -20.28 -20.13 -8.50
C GLN H 63 -21.79 -20.13 -8.39
N ALA H 64 -22.48 -19.77 -9.49
CA ALA H 64 -23.94 -19.71 -9.46
C ALA H 64 -24.55 -21.09 -9.25
N LYS H 65 -23.97 -22.13 -9.85
CA LYS H 65 -24.46 -23.48 -9.65
C LYS H 65 -24.28 -23.92 -8.20
N ARG H 66 -23.09 -23.69 -7.65
CA ARG H 66 -22.83 -24.02 -6.25
C ARG H 66 -23.75 -23.23 -5.33
N HIS H 67 -23.98 -21.95 -5.63
CA HIS H 67 -24.86 -21.14 -4.82
C HIS H 67 -26.31 -21.57 -4.97
N LYS H 68 -26.72 -21.95 -6.18
CA LYS H 68 -28.10 -22.37 -6.40
C LYS H 68 -28.43 -23.63 -5.62
N ASP H 69 -27.49 -24.59 -5.57
CA ASP H 69 -27.75 -25.83 -4.85
C ASP H 69 -27.85 -25.60 -3.35
N ALA H 70 -27.15 -24.58 -2.82
CA ALA H 70 -27.22 -24.30 -1.39
C ALA H 70 -28.54 -23.65 -1.02
N VAL H 71 -29.02 -22.71 -1.81
CA VAL H 71 -30.32 -22.09 -1.55
C VAL H 71 -31.44 -23.10 -1.75
N GLU H 72 -31.35 -23.91 -2.81
CA GLU H 72 -32.34 -24.95 -3.04
C GLU H 72 -32.42 -25.91 -1.86
N ALA H 73 -31.28 -26.24 -1.25
CA ALA H 73 -31.30 -27.12 -0.09
C ALA H 73 -31.76 -26.39 1.16
N PHE H 74 -31.49 -25.09 1.27
CA PHE H 74 -31.88 -24.35 2.46
C PHE H 74 -33.39 -24.22 2.55
N PHE H 75 -34.02 -23.60 1.55
CA PHE H 75 -35.47 -23.50 1.53
C PHE H 75 -36.13 -24.85 1.33
N GLY H 76 -35.43 -25.81 0.73
CA GLY H 76 -35.94 -27.16 0.68
C GLY H 76 -36.02 -27.81 2.04
N GLY H 77 -35.12 -27.46 2.94
CA GLY H 77 -35.18 -27.96 4.30
C GLY H 77 -36.37 -27.47 5.09
N ALA H 78 -36.96 -26.34 4.69
CA ALA H 78 -38.15 -25.81 5.32
C ALA H 78 -39.43 -26.37 4.70
N GLY H 79 -39.33 -27.38 3.85
CA GLY H 79 -40.50 -28.02 3.28
C GLY H 79 -40.95 -27.48 1.94
N MET H 80 -40.33 -26.41 1.45
CA MET H 80 -40.72 -25.84 0.17
C MET H 80 -40.24 -26.73 -0.97
N LYS H 81 -41.07 -26.84 -2.01
CA LYS H 81 -40.76 -27.69 -3.16
C LYS H 81 -41.10 -26.96 -4.44
N TYR H 82 -40.44 -27.37 -5.52
CA TYR H 82 -40.77 -26.82 -6.83
C TYR H 82 -42.19 -27.19 -7.22
N GLY H 83 -42.90 -26.21 -7.80
CA GLY H 83 -44.26 -26.44 -8.23
C GLY H 83 -45.28 -26.50 -7.11
N VAL H 84 -44.89 -26.20 -5.87
CA VAL H 84 -45.77 -26.22 -4.73
C VAL H 84 -45.81 -24.82 -4.12
N GLU H 85 -47.01 -24.33 -3.84
CA GLU H 85 -47.19 -23.03 -3.19
C GLU H 85 -47.32 -23.24 -1.68
N THR H 86 -46.47 -22.57 -0.93
CA THR H 86 -46.40 -22.72 0.53
C THR H 86 -46.98 -21.48 1.18
N ASP H 87 -48.10 -21.66 1.89
CA ASP H 87 -48.70 -20.55 2.61
C ASP H 87 -48.03 -20.40 3.97
N TRP H 88 -48.42 -19.35 4.71
CA TRP H 88 -47.77 -19.05 5.98
C TRP H 88 -47.83 -20.19 6.98
N PRO H 89 -48.97 -20.86 7.21
CA PRO H 89 -48.97 -21.98 8.17
C PRO H 89 -48.01 -23.10 7.79
N ALA H 90 -48.07 -23.56 6.54
CA ALA H 90 -47.12 -24.58 6.10
C ALA H 90 -45.69 -24.05 6.11
N TYR H 91 -45.51 -22.74 5.96
CA TYR H 91 -44.17 -22.16 5.95
C TYR H 91 -43.56 -22.17 7.34
N ILE H 92 -44.31 -21.70 8.34
CA ILE H 92 -43.75 -21.61 9.69
C ILE H 92 -43.60 -23.00 10.30
N GLU H 93 -44.47 -23.95 9.92
CA GLU H 93 -44.29 -25.32 10.40
C GLU H 93 -43.02 -25.94 9.82
N GLY H 94 -42.76 -25.71 8.53
CA GLY H 94 -41.54 -26.23 7.94
C GLY H 94 -40.29 -25.55 8.46
N TRP H 95 -40.41 -24.29 8.92
CA TRP H 95 -39.25 -23.62 9.49
C TRP H 95 -38.92 -24.18 10.87
N LYS H 96 -39.91 -24.71 11.59
CA LYS H 96 -39.60 -25.44 12.81
C LYS H 96 -38.83 -26.72 12.50
N LYS H 97 -39.19 -27.39 11.40
CA LYS H 97 -38.43 -28.56 10.96
C LYS H 97 -37.02 -28.16 10.53
N LEU H 98 -36.90 -27.08 9.76
CA LEU H 98 -35.59 -26.63 9.31
C LEU H 98 -34.70 -26.27 10.48
N ALA H 99 -35.22 -25.50 11.43
CA ALA H 99 -34.43 -25.11 12.59
C ALA H 99 -34.05 -26.30 13.44
N THR H 100 -34.95 -27.28 13.57
CA THR H 100 -34.64 -28.47 14.35
C THR H 100 -33.55 -29.30 13.68
N ASP H 101 -33.64 -29.49 12.37
CA ASP H 101 -32.62 -30.25 11.65
C ASP H 101 -31.29 -29.51 11.67
N GLU H 102 -31.32 -28.18 11.55
CA GLU H 102 -30.08 -27.41 11.61
C GLU H 102 -29.43 -27.50 12.98
N LEU H 103 -30.24 -27.45 14.05
CA LEU H 103 -29.69 -27.59 15.39
C LEU H 103 -29.11 -28.98 15.61
N GLU H 104 -29.65 -30.00 14.93
CA GLU H 104 -29.05 -31.33 14.98
C GLU H 104 -27.68 -31.32 14.33
N LYS H 105 -27.54 -30.64 13.19
CA LYS H 105 -26.24 -30.55 12.52
C LYS H 105 -25.25 -29.75 13.37
N TYR H 106 -25.74 -28.72 14.06
CA TYR H 106 -24.87 -27.96 14.96
C TYR H 106 -24.31 -28.86 16.06
N ALA H 107 -25.19 -29.57 16.77
CA ALA H 107 -24.76 -30.41 17.88
C ALA H 107 -23.87 -31.56 17.41
N LYS H 108 -24.14 -32.11 16.24
CA LYS H 108 -23.30 -33.16 15.67
C LYS H 108 -22.07 -32.60 14.96
N ASN H 109 -21.86 -31.28 14.99
CA ASN H 109 -20.73 -30.64 14.31
C ASN H 109 -20.71 -30.98 12.83
N GLU H 110 -21.90 -31.05 12.22
CA GLU H 110 -22.10 -31.23 10.79
C GLU H 110 -22.20 -29.87 10.10
N PRO H 111 -21.71 -29.76 8.86
CA PRO H 111 -21.92 -28.53 8.10
C PRO H 111 -23.40 -28.26 7.92
N THR H 112 -23.84 -27.12 8.45
CA THR H 112 -25.25 -26.77 8.38
C THR H 112 -25.59 -26.19 7.01
N LEU H 113 -26.89 -26.23 6.68
CA LEU H 113 -27.35 -25.67 5.41
C LEU H 113 -27.07 -24.18 5.34
N ILE H 114 -27.23 -23.47 6.47
CA ILE H 114 -26.98 -22.03 6.47
C ILE H 114 -25.49 -21.75 6.29
N ARG H 115 -24.62 -22.68 6.70
CA ARG H 115 -23.20 -22.51 6.47
C ARG H 115 -22.84 -22.78 5.02
N ILE H 116 -23.42 -23.83 4.42
CA ILE H 116 -23.16 -24.13 3.02
C ILE H 116 -23.62 -22.98 2.13
N TRP H 117 -24.74 -22.35 2.48
CA TRP H 117 -25.18 -21.17 1.74
C TRP H 117 -24.19 -20.02 1.91
N GLY H 118 -23.76 -19.78 3.15
CA GLY H 118 -22.81 -18.71 3.40
C GLY H 118 -21.49 -18.91 2.69
N ASP H 119 -21.00 -20.16 2.66
CA ASP H 119 -19.76 -20.45 1.96
C ASP H 119 -19.90 -20.18 0.47
N ALA H 120 -20.95 -20.72 -0.15
CA ALA H 120 -21.16 -20.52 -1.58
C ALA H 120 -21.39 -19.06 -1.90
N LEU H 121 -22.01 -18.31 -1.00
CA LEU H 121 -22.33 -16.90 -1.27
C LEU H 121 -21.11 -16.01 -1.06
N PHE H 122 -20.41 -16.19 0.06
CA PHE H 122 -19.25 -15.34 0.34
C PHE H 122 -18.15 -15.52 -0.69
N ASP H 123 -18.10 -16.69 -1.34
CA ASP H 123 -17.18 -16.87 -2.45
C ASP H 123 -17.52 -15.93 -3.60
N ILE H 124 -18.79 -15.54 -3.72
CA ILE H 124 -19.22 -14.62 -4.76
C ILE H 124 -19.10 -13.17 -4.31
N VAL H 125 -19.55 -12.88 -3.08
CA VAL H 125 -19.62 -11.50 -2.61
C VAL H 125 -18.23 -10.93 -2.37
N ASP H 126 -17.31 -11.76 -1.88
CA ASP H 126 -15.95 -11.32 -1.63
C ASP H 126 -15.16 -11.33 -2.93
N LYS H 127 -14.60 -10.18 -3.31
CA LYS H 127 -13.85 -10.08 -4.55
C LYS H 127 -12.59 -10.95 -4.50
N ASP H 128 -12.00 -11.12 -3.32
CA ASP H 128 -10.80 -11.94 -3.18
C ASP H 128 -11.12 -13.43 -3.10
N GLN H 129 -12.37 -13.78 -2.79
CA GLN H 129 -12.82 -15.17 -2.72
C GLN H 129 -12.02 -15.96 -1.69
N ASN H 130 -11.94 -15.41 -0.48
CA ASN H 130 -11.27 -16.09 0.64
C ASN H 130 -12.21 -16.33 1.81
N GLY H 131 -13.50 -16.08 1.64
CA GLY H 131 -14.47 -16.34 2.69
C GLY H 131 -14.69 -15.19 3.67
N ALA H 132 -14.33 -13.97 3.30
CA ALA H 132 -14.50 -12.81 4.18
C ALA H 132 -14.89 -11.61 3.34
N ILE H 133 -15.99 -10.95 3.71
CA ILE H 133 -16.51 -9.82 2.96
C ILE H 133 -16.33 -8.54 3.77
N THR H 134 -16.12 -7.43 3.06
CA THR H 134 -16.04 -6.12 3.70
C THR H 134 -17.44 -5.61 4.00
N LEU H 135 -17.50 -4.44 4.67
CA LEU H 135 -18.80 -3.84 4.94
C LEU H 135 -19.48 -3.41 3.65
N ASP H 136 -18.73 -2.84 2.71
CA ASP H 136 -19.31 -2.44 1.44
C ASP H 136 -19.82 -3.64 0.65
N GLU H 137 -19.17 -4.79 0.78
CA GLU H 137 -19.68 -6.00 0.14
C GLU H 137 -20.89 -6.54 0.86
N TRP H 138 -20.97 -6.35 2.18
CA TRP H 138 -22.16 -6.74 2.92
C TRP H 138 -23.32 -5.81 2.61
N LYS H 139 -23.05 -4.52 2.46
CA LYS H 139 -24.09 -3.60 2.00
C LYS H 139 -24.53 -3.94 0.58
N ALA H 140 -23.59 -4.35 -0.26
CA ALA H 140 -23.92 -4.61 -1.66
C ALA H 140 -24.87 -5.79 -1.80
N TYR H 141 -24.66 -6.86 -1.03
CA TYR H 141 -25.53 -8.03 -1.16
C TYR H 141 -26.90 -7.77 -0.55
N THR H 142 -26.93 -7.37 0.73
CA THR H 142 -28.21 -7.24 1.44
C THR H 142 -29.12 -6.23 0.78
N LYS H 143 -28.56 -5.15 0.22
CA LYS H 143 -29.38 -4.19 -0.50
C LYS H 143 -29.88 -4.76 -1.82
N ALA H 144 -29.04 -5.55 -2.50
CA ALA H 144 -29.47 -6.20 -3.73
C ALA H 144 -30.56 -7.23 -3.45
N ALA H 145 -30.38 -8.02 -2.39
CA ALA H 145 -31.42 -8.97 -1.99
C ALA H 145 -32.61 -8.28 -1.36
N GLY H 146 -32.40 -7.10 -0.78
CA GLY H 146 -33.47 -6.35 -0.15
C GLY H 146 -33.70 -6.69 1.31
N ILE H 147 -32.98 -7.66 1.87
CA ILE H 147 -33.19 -8.01 3.27
C ILE H 147 -32.81 -6.86 4.18
N ILE H 148 -31.86 -6.02 3.77
CA ILE H 148 -31.54 -4.78 4.45
C ILE H 148 -31.60 -3.66 3.41
N GLN H 149 -32.14 -2.51 3.80
CA GLN H 149 -32.34 -1.38 2.91
C GLN H 149 -31.38 -0.24 3.17
N SER H 150 -31.27 0.22 4.40
CA SER H 150 -30.50 1.42 4.72
C SER H 150 -29.08 1.07 5.12
N SER H 151 -28.17 2.01 4.86
CA SER H 151 -26.77 1.87 5.25
C SER H 151 -26.56 2.06 6.74
N GLU H 152 -27.60 2.09 7.57
CA GLU H 152 -27.43 2.12 9.01
C GLU H 152 -27.56 0.74 9.66
N ASP H 153 -28.26 -0.19 9.01
CA ASP H 153 -28.45 -1.52 9.57
C ASP H 153 -27.35 -2.50 9.20
N CYS H 154 -26.74 -2.34 8.02
CA CYS H 154 -25.61 -3.19 7.66
C CYS H 154 -24.43 -2.96 8.60
N GLU H 155 -24.20 -1.70 8.98
CA GLU H 155 -23.16 -1.39 9.95
C GLU H 155 -23.48 -2.00 11.31
N GLU H 156 -24.77 -2.09 11.65
CA GLU H 156 -25.16 -2.74 12.90
C GLU H 156 -24.79 -4.22 12.90
N THR H 157 -24.77 -4.85 11.73
CA THR H 157 -24.33 -6.24 11.64
C THR H 157 -22.88 -6.38 12.08
N PHE H 158 -22.00 -5.52 11.56
CA PHE H 158 -20.59 -5.57 11.93
C PHE H 158 -20.39 -5.19 13.39
N ARG H 159 -21.30 -4.40 13.96
CA ARG H 159 -21.20 -4.08 15.39
C ARG H 159 -21.58 -5.29 16.24
N VAL H 160 -22.65 -5.99 15.86
CA VAL H 160 -23.04 -7.20 16.59
C VAL H 160 -22.00 -8.29 16.42
N CYS H 161 -21.41 -8.40 15.23
CA CYS H 161 -20.35 -9.37 14.99
C CYS H 161 -19.02 -8.97 15.61
N ASP H 162 -18.94 -7.79 16.23
CA ASP H 162 -17.70 -7.30 16.85
C ASP H 162 -16.58 -7.17 15.81
N ILE H 163 -16.90 -6.52 14.69
CA ILE H 163 -15.97 -6.33 13.59
C ILE H 163 -16.00 -4.86 13.19
N ASP H 164 -14.82 -4.27 12.98
CA ASP H 164 -14.75 -2.92 12.47
C ASP H 164 -15.17 -2.89 11.01
N GLU H 165 -15.62 -1.72 10.54
CA GLU H 165 -16.02 -1.59 9.15
C GLU H 165 -14.85 -1.78 8.21
N SER H 166 -13.62 -1.46 8.66
CA SER H 166 -12.43 -1.79 7.89
C SER H 166 -12.12 -3.28 7.94
N GLY H 167 -12.62 -3.99 8.95
CA GLY H 167 -12.47 -5.42 9.03
C GLY H 167 -13.43 -6.14 8.11
N GLN H 168 -13.32 -7.47 8.12
CA GLN H 168 -14.12 -8.31 7.25
C GLN H 168 -14.97 -9.29 8.06
N LEU H 169 -16.08 -9.71 7.47
CA LEU H 169 -17.01 -10.64 8.11
C LEU H 169 -16.75 -12.06 7.59
N ASP H 170 -16.58 -12.99 8.53
CA ASP H 170 -16.25 -14.37 8.21
C ASP H 170 -17.52 -15.22 8.19
N VAL H 171 -17.50 -16.27 7.36
CA VAL H 171 -18.61 -17.23 7.34
C VAL H 171 -18.70 -17.95 8.68
N ASP H 172 -17.55 -18.22 9.32
CA ASP H 172 -17.56 -18.85 10.62
C ASP H 172 -18.30 -17.97 11.64
N GLU H 173 -17.99 -16.68 11.67
CA GLU H 173 -18.65 -15.78 12.60
C GLU H 173 -20.12 -15.59 12.23
N MET H 174 -20.42 -15.48 10.94
CA MET H 174 -21.80 -15.26 10.53
C MET H 174 -22.66 -16.49 10.79
N THR H 175 -22.08 -17.69 10.72
CA THR H 175 -22.85 -18.90 11.02
C THR H 175 -23.20 -18.96 12.50
N ARG H 176 -22.31 -18.48 13.38
CA ARG H 176 -22.63 -18.42 14.80
C ARG H 176 -23.73 -17.42 15.07
N GLN H 177 -23.70 -16.27 14.39
CA GLN H 177 -24.74 -15.26 14.58
C GLN H 177 -26.08 -15.75 14.01
N HIS H 178 -26.05 -16.39 12.84
CA HIS H 178 -27.29 -16.92 12.27
C HIS H 178 -27.87 -18.05 13.12
N LEU H 179 -27.02 -18.78 13.83
CA LEU H 179 -27.51 -19.77 14.79
C LEU H 179 -28.44 -19.13 15.81
N GLY H 180 -28.00 -18.02 16.40
CA GLY H 180 -28.79 -17.36 17.42
C GLY H 180 -29.89 -16.45 16.89
N PHE H 181 -29.76 -15.99 15.65
CA PHE H 181 -30.75 -15.06 15.11
C PHE H 181 -31.91 -15.79 14.44
N TRP H 182 -31.63 -16.82 13.64
CA TRP H 182 -32.68 -17.51 12.91
C TRP H 182 -33.23 -18.74 13.64
N TYR H 183 -32.45 -19.34 14.54
CA TYR H 183 -32.79 -20.65 15.07
C TYR H 183 -33.12 -20.67 16.56
N THR H 184 -32.40 -19.92 17.40
CA THR H 184 -32.51 -20.10 18.84
C THR H 184 -32.93 -18.86 19.62
N MET H 185 -33.08 -17.71 18.96
CA MET H 185 -33.41 -16.45 19.64
C MET H 185 -32.40 -16.13 20.73
N ASP H 186 -31.12 -16.19 20.37
CA ASP H 186 -30.06 -15.88 21.32
C ASP H 186 -30.03 -14.38 21.59
N PRO H 187 -30.12 -13.95 22.85
CA PRO H 187 -30.09 -12.50 23.14
C PRO H 187 -28.85 -11.80 22.63
N ALA H 188 -27.72 -12.51 22.53
CA ALA H 188 -26.49 -11.89 22.07
C ALA H 188 -26.53 -11.54 20.59
N CYS H 189 -27.40 -12.20 19.81
CA CYS H 189 -27.47 -12.00 18.38
C CYS H 189 -28.55 -11.00 17.96
N GLU H 190 -29.21 -10.37 18.92
CA GLU H 190 -30.24 -9.39 18.58
C GLU H 190 -29.64 -8.23 17.79
N LYS H 191 -30.47 -7.63 16.94
CA LYS H 191 -30.07 -6.52 16.08
C LYS H 191 -28.95 -6.91 15.11
N LEU H 192 -28.85 -8.20 14.77
CA LEU H 192 -27.88 -8.63 13.77
C LEU H 192 -28.15 -7.99 12.42
N TYR H 193 -29.42 -7.71 12.12
CA TYR H 193 -29.80 -7.02 10.89
C TYR H 193 -30.32 -5.61 11.17
N GLY H 194 -29.87 -5.01 12.27
CA GLY H 194 -30.33 -3.69 12.66
C GLY H 194 -31.82 -3.67 12.91
N GLY H 195 -32.48 -2.65 12.37
CA GLY H 195 -33.92 -2.57 12.41
C GLY H 195 -34.61 -3.15 11.21
N ALA H 196 -33.86 -3.76 10.28
CA ALA H 196 -34.46 -4.30 9.07
C ALA H 196 -35.25 -5.58 9.35
N VAL H 197 -34.80 -6.39 10.31
CA VAL H 197 -35.46 -7.63 10.65
C VAL H 197 -35.75 -7.63 12.15
N PRO H 198 -37.01 -7.81 12.57
CA PRO H 198 -37.40 -7.83 13.99
C PRO H 198 -36.93 -9.08 14.72
N HIS I 9 24.51 -76.92 19.30
CA HIS I 9 23.57 -76.51 20.35
C HIS I 9 23.18 -75.04 20.21
N GLY I 10 24.10 -74.25 19.66
CA GLY I 10 23.84 -72.84 19.51
C GLY I 10 24.97 -72.15 18.79
N LYS I 11 24.91 -70.82 18.77
CA LYS I 11 25.88 -69.99 18.07
C LYS I 11 26.19 -68.78 18.95
N LEU I 12 27.45 -68.60 19.29
CA LEU I 12 27.88 -67.50 20.16
C LEU I 12 28.72 -66.45 19.43
N THR I 13 28.93 -66.59 18.13
CA THR I 13 29.71 -65.64 17.37
C THR I 13 28.79 -64.68 16.63
N SER I 14 29.14 -63.40 16.66
CA SER I 14 28.32 -62.37 16.03
C SER I 14 28.50 -62.41 14.51
N ASP I 15 27.62 -61.68 13.83
CA ASP I 15 27.61 -61.61 12.38
C ASP I 15 27.13 -60.21 11.97
N PHE I 16 27.83 -59.19 12.47
CA PHE I 16 27.33 -57.81 12.33
C PHE I 16 27.43 -57.30 10.91
N ASP I 17 28.39 -57.78 10.13
CA ASP I 17 28.52 -57.34 8.75
C ASP I 17 27.57 -58.07 7.81
N ASN I 18 26.82 -59.05 8.29
CA ASN I 18 25.83 -59.73 7.48
C ASN I 18 24.70 -58.77 7.15
N PRO I 19 24.46 -58.47 5.87
CA PRO I 19 23.35 -57.56 5.53
C PRO I 19 21.99 -58.06 5.97
N ARG I 20 21.82 -59.38 6.15
CA ARG I 20 20.57 -59.89 6.70
C ARG I 20 20.43 -59.60 8.17
N TRP I 21 21.54 -59.40 8.89
CA TRP I 21 21.45 -58.94 10.28
C TRP I 21 21.11 -57.46 10.33
N ILE I 22 21.78 -56.65 9.50
CA ILE I 22 21.44 -55.23 9.40
C ILE I 22 20.01 -55.06 8.94
N GLY I 23 19.59 -55.84 7.93
CA GLY I 23 18.24 -55.71 7.41
C GLY I 23 17.18 -56.20 8.38
N ARG I 24 17.53 -57.15 9.25
CA ARG I 24 16.57 -57.62 10.23
C ARG I 24 16.26 -56.55 11.28
N HIS I 25 17.29 -55.84 11.74
CA HIS I 25 17.08 -54.77 12.72
C HIS I 25 16.68 -53.46 12.07
N LYS I 26 16.92 -53.30 10.77
CA LYS I 26 16.34 -52.15 10.06
C LYS I 26 14.84 -52.31 9.91
N HIS I 27 14.38 -53.53 9.64
CA HIS I 27 12.94 -53.81 9.62
C HIS I 27 12.32 -53.52 10.98
N MET I 28 13.01 -53.91 12.05
CA MET I 28 12.49 -53.64 13.39
C MET I 28 12.51 -52.15 13.70
N PHE I 29 13.57 -51.44 13.26
CA PHE I 29 13.63 -50.01 13.47
C PHE I 29 12.46 -49.30 12.80
N ASN I 30 12.14 -49.68 11.57
CA ASN I 30 11.01 -49.07 10.88
C ASN I 30 9.69 -49.47 11.50
N PHE I 31 9.59 -50.71 11.99
CA PHE I 31 8.38 -51.14 12.68
C PHE I 31 8.18 -50.37 13.99
N LEU I 32 9.28 -50.03 14.68
CA LEU I 32 9.19 -49.25 15.90
C LEU I 32 9.02 -47.76 15.63
N ASP I 33 9.35 -47.30 14.42
CA ASP I 33 9.23 -45.89 14.06
C ASP I 33 7.87 -45.65 13.41
N VAL I 34 6.82 -45.74 14.23
CA VAL I 34 5.46 -45.73 13.70
C VAL I 34 5.11 -44.37 13.11
N ASN I 35 5.70 -43.29 13.61
CA ASN I 35 5.41 -41.95 13.11
C ASN I 35 6.36 -41.49 12.02
N HIS I 36 7.26 -42.37 11.56
CA HIS I 36 8.14 -42.10 10.43
C HIS I 36 8.99 -40.85 10.67
N ASN I 37 9.58 -40.76 11.86
CA ASN I 37 10.48 -39.67 12.20
C ASN I 37 11.93 -39.98 11.89
N GLY I 38 12.27 -41.24 11.62
CA GLY I 38 13.64 -41.64 11.56
C GLY I 38 14.35 -41.64 12.89
N LYS I 39 13.62 -41.42 13.98
CA LYS I 39 14.17 -41.35 15.32
C LYS I 39 13.19 -42.00 16.28
N ILE I 40 13.71 -42.82 17.19
CA ILE I 40 12.91 -43.39 18.26
C ILE I 40 13.62 -43.13 19.58
N SER I 41 12.82 -42.98 20.63
CA SER I 41 13.33 -42.69 21.96
C SER I 41 13.00 -43.84 22.91
N LEU I 42 13.73 -43.90 24.02
CA LEU I 42 13.42 -44.90 25.04
C LEU I 42 12.06 -44.66 25.66
N ASP I 43 11.65 -43.39 25.74
CA ASP I 43 10.30 -43.07 26.25
C ASP I 43 9.23 -43.77 25.43
N GLU I 44 9.38 -43.78 24.11
CA GLU I 44 8.39 -44.42 23.25
C GLU I 44 8.42 -45.94 23.39
N MET I 45 9.61 -46.51 23.48
CA MET I 45 9.72 -47.97 23.60
C MET I 45 9.10 -48.47 24.89
N VAL I 46 9.39 -47.77 26.01
CA VAL I 46 8.85 -48.21 27.29
C VAL I 46 7.36 -47.92 27.37
N TYR I 47 6.88 -46.87 26.70
CA TYR I 47 5.44 -46.63 26.65
C TYR I 47 4.75 -47.75 25.90
N LYS I 48 5.24 -48.08 24.70
CA LYS I 48 4.68 -49.19 23.93
C LYS I 48 4.65 -50.47 24.75
N ALA I 49 5.77 -50.81 25.40
CA ALA I 49 5.84 -52.05 26.15
C ALA I 49 4.86 -52.05 27.33
N SER I 50 4.79 -50.94 28.07
CA SER I 50 3.89 -50.89 29.22
C SER I 50 2.43 -50.82 28.79
N ASP I 51 2.15 -50.11 27.69
CA ASP I 51 0.77 -49.98 27.23
C ASP I 51 0.19 -51.32 26.81
N ILE I 52 1.04 -52.22 26.29
CA ILE I 52 0.55 -53.54 25.87
C ILE I 52 0.16 -54.38 27.08
N VAL I 53 1.05 -54.50 28.06
CA VAL I 53 0.80 -55.43 29.16
C VAL I 53 -0.29 -54.90 30.08
N ILE I 54 -0.41 -53.58 30.22
CA ILE I 54 -1.38 -53.02 31.15
C ILE I 54 -2.76 -52.92 30.49
N ASN I 55 -2.82 -52.39 29.28
CA ASN I 55 -4.10 -52.07 28.65
C ASN I 55 -4.58 -53.12 27.66
N ASN I 56 -3.76 -54.14 27.37
CA ASN I 56 -4.20 -55.22 26.49
C ASN I 56 -4.13 -56.60 27.14
N LEU I 57 -3.22 -56.81 28.09
CA LEU I 57 -3.03 -58.12 28.70
C LEU I 57 -3.35 -58.12 30.19
N GLY I 58 -3.83 -57.01 30.75
CA GLY I 58 -4.28 -56.97 32.12
C GLY I 58 -3.23 -57.31 33.15
N ALA I 59 -2.04 -56.72 33.03
CA ALA I 59 -0.99 -56.97 34.00
C ALA I 59 -1.26 -56.20 35.29
N THR I 60 -0.90 -56.82 36.42
CA THR I 60 -1.00 -56.14 37.70
C THR I 60 0.07 -55.04 37.78
N PRO I 61 -0.12 -54.08 38.69
CA PRO I 61 0.91 -53.02 38.84
C PRO I 61 2.30 -53.56 39.13
N GLU I 62 2.40 -54.67 39.86
CA GLU I 62 3.72 -55.25 40.12
C GLU I 62 4.27 -55.96 38.90
N GLN I 63 3.41 -56.65 38.15
CA GLN I 63 3.86 -57.30 36.92
C GLN I 63 4.31 -56.26 35.90
N ALA I 64 3.62 -55.12 35.83
CA ALA I 64 4.01 -54.07 34.89
C ALA I 64 5.33 -53.43 35.29
N LYS I 65 5.57 -53.28 36.60
CA LYS I 65 6.82 -52.67 37.06
C LYS I 65 8.01 -53.56 36.74
N ARG I 66 7.90 -54.85 37.03
CA ARG I 66 8.98 -55.78 36.69
C ARG I 66 9.16 -55.87 35.18
N HIS I 67 8.06 -55.83 34.43
CA HIS I 67 8.15 -55.83 32.97
C HIS I 67 8.76 -54.54 32.45
N LYS I 68 8.39 -53.40 33.05
CA LYS I 68 8.94 -52.13 32.59
C LYS I 68 10.45 -52.06 32.80
N ASP I 69 10.93 -52.51 33.96
CA ASP I 69 12.37 -52.52 34.22
C ASP I 69 13.12 -53.36 33.19
N ALA I 70 12.55 -54.50 32.81
CA ALA I 70 13.22 -55.38 31.86
C ALA I 70 13.27 -54.77 30.46
N VAL I 71 12.17 -54.13 30.03
CA VAL I 71 12.17 -53.48 28.71
C VAL I 71 13.09 -52.27 28.72
N GLU I 72 13.04 -51.48 29.80
CA GLU I 72 13.91 -50.32 29.90
C GLU I 72 15.38 -50.71 29.80
N ALA I 73 15.77 -51.80 30.46
CA ALA I 73 17.16 -52.25 30.42
C ALA I 73 17.51 -52.90 29.08
N PHE I 74 16.54 -53.51 28.40
CA PHE I 74 16.82 -54.15 27.12
C PHE I 74 17.17 -53.11 26.05
N PHE I 75 16.25 -52.17 25.79
CA PHE I 75 16.55 -51.11 24.83
C PHE I 75 17.61 -50.17 25.37
N GLY I 76 17.75 -50.07 26.70
CA GLY I 76 18.85 -49.30 27.26
C GLY I 76 20.20 -49.90 26.93
N GLY I 77 20.28 -51.23 26.82
CA GLY I 77 21.52 -51.87 26.41
C GLY I 77 21.92 -51.54 25.00
N ALA I 78 20.98 -51.12 24.16
CA ALA I 78 21.25 -50.68 22.80
C ALA I 78 21.57 -49.20 22.72
N GLY I 79 21.86 -48.55 23.85
CA GLY I 79 22.23 -47.16 23.88
C GLY I 79 21.09 -46.17 23.89
N MET I 80 19.84 -46.63 23.99
CA MET I 80 18.70 -45.74 24.01
C MET I 80 18.48 -45.19 25.41
N LYS I 81 18.10 -43.91 25.48
CA LYS I 81 17.96 -43.22 26.76
C LYS I 81 16.68 -42.39 26.74
N TYR I 82 16.19 -42.08 27.94
CA TYR I 82 15.03 -41.20 28.06
C TYR I 82 15.40 -39.78 27.65
N GLY I 83 14.55 -39.16 26.84
CA GLY I 83 14.80 -37.83 26.34
C GLY I 83 15.76 -37.75 25.17
N VAL I 84 16.24 -38.89 24.68
CA VAL I 84 17.17 -38.95 23.56
C VAL I 84 16.48 -39.59 22.37
N GLU I 85 16.57 -38.95 21.21
CA GLU I 85 16.02 -39.48 19.98
C GLU I 85 17.13 -40.21 19.22
N THR I 86 16.93 -41.52 19.00
CA THR I 86 17.93 -42.38 18.41
C THR I 86 17.65 -42.56 16.92
N ASP I 87 18.56 -42.09 16.08
CA ASP I 87 18.42 -42.29 14.65
C ASP I 87 18.94 -43.67 14.27
N TRP I 88 18.86 -44.01 12.97
CA TRP I 88 19.24 -45.35 12.53
C TRP I 88 20.72 -45.64 12.75
N PRO I 89 21.68 -44.78 12.38
CA PRO I 89 23.09 -45.13 12.64
C PRO I 89 23.41 -45.34 14.11
N ALA I 90 22.84 -44.52 15.00
CA ALA I 90 23.03 -44.75 16.43
C ALA I 90 22.33 -46.02 16.88
N TYR I 91 21.21 -46.36 16.24
CA TYR I 91 20.44 -47.53 16.65
C TYR I 91 21.19 -48.83 16.32
N ILE I 92 21.66 -48.96 15.07
CA ILE I 92 22.30 -50.21 14.67
C ILE I 92 23.67 -50.35 15.34
N GLU I 93 24.36 -49.23 15.57
CA GLU I 93 25.63 -49.30 16.30
C GLU I 93 25.39 -49.65 17.76
N GLY I 94 24.28 -49.17 18.35
CA GLY I 94 23.93 -49.59 19.69
C GLY I 94 23.51 -51.05 19.77
N TRP I 95 22.92 -51.57 18.70
CA TRP I 95 22.56 -52.99 18.68
C TRP I 95 23.79 -53.87 18.55
N LYS I 96 24.85 -53.38 17.93
CA LYS I 96 26.12 -54.11 17.97
C LYS I 96 26.61 -54.24 19.41
N LYS I 97 26.51 -53.17 20.19
CA LYS I 97 26.95 -53.22 21.59
C LYS I 97 26.03 -54.08 22.43
N LEU I 98 24.71 -53.99 22.20
CA LEU I 98 23.78 -54.84 22.93
C LEU I 98 24.03 -56.31 22.65
N ALA I 99 24.15 -56.68 21.37
CA ALA I 99 24.39 -58.07 21.02
C ALA I 99 25.71 -58.57 21.58
N THR I 100 26.74 -57.72 21.57
CA THR I 100 28.02 -58.11 22.14
C THR I 100 27.92 -58.36 23.64
N ASP I 101 27.20 -57.49 24.35
CA ASP I 101 27.01 -57.69 25.78
C ASP I 101 26.17 -58.93 26.06
N GLU I 102 25.14 -59.18 25.24
CA GLU I 102 24.29 -60.34 25.44
C GLU I 102 25.05 -61.64 25.22
N LEU I 103 25.84 -61.71 24.14
CA LEU I 103 26.65 -62.90 23.88
C LEU I 103 27.65 -63.15 25.00
N GLU I 104 28.14 -62.09 25.64
CA GLU I 104 29.00 -62.25 26.80
C GLU I 104 28.26 -62.90 27.96
N LYS I 105 27.01 -62.49 28.18
CA LYS I 105 26.21 -63.09 29.24
C LYS I 105 25.83 -64.53 28.91
N TYR I 106 25.60 -64.83 27.63
CA TYR I 106 25.35 -66.21 27.22
C TYR I 106 26.51 -67.11 27.59
N ALA I 107 27.74 -66.69 27.23
CA ALA I 107 28.91 -67.53 27.48
C ALA I 107 29.19 -67.67 28.96
N LYS I 108 29.00 -66.59 29.73
CA LYS I 108 29.16 -66.64 31.17
C LYS I 108 27.98 -67.30 31.87
N ASN I 109 26.98 -67.77 31.11
CA ASN I 109 25.76 -68.35 31.67
C ASN I 109 25.09 -67.40 32.65
N GLU I 110 25.16 -66.11 32.34
CA GLU I 110 24.59 -64.99 33.07
C GLU I 110 23.24 -64.61 32.48
N PRO I 111 22.24 -64.30 33.32
CA PRO I 111 20.92 -63.93 32.79
C PRO I 111 21.00 -62.77 31.83
N THR I 112 20.66 -63.04 30.57
CA THR I 112 20.69 -62.04 29.53
C THR I 112 19.52 -61.06 29.67
N LEU I 113 19.64 -59.92 28.99
CA LEU I 113 18.58 -58.93 29.03
C LEU I 113 17.32 -59.41 28.31
N ILE I 114 17.49 -60.20 27.24
CA ILE I 114 16.32 -60.70 26.51
C ILE I 114 15.61 -61.77 27.34
N ARG I 115 16.34 -62.52 28.17
CA ARG I 115 15.69 -63.51 29.02
C ARG I 115 14.89 -62.85 30.14
N ILE I 116 15.48 -61.83 30.78
CA ILE I 116 14.79 -61.13 31.86
C ILE I 116 13.48 -60.53 31.35
N TRP I 117 13.51 -59.95 30.14
CA TRP I 117 12.28 -59.49 29.51
C TRP I 117 11.33 -60.65 29.25
N GLY I 118 11.87 -61.79 28.81
CA GLY I 118 11.03 -62.95 28.55
C GLY I 118 10.32 -63.45 29.80
N ASP I 119 11.07 -63.60 30.89
CA ASP I 119 10.48 -64.03 32.16
C ASP I 119 9.41 -63.03 32.61
N ALA I 120 9.73 -61.74 32.59
CA ALA I 120 8.78 -60.72 33.04
C ALA I 120 7.54 -60.69 32.16
N LEU I 121 7.69 -60.95 30.86
CA LEU I 121 6.55 -60.89 29.95
C LEU I 121 5.69 -62.14 30.04
N PHE I 122 6.32 -63.32 30.02
CA PHE I 122 5.57 -64.57 30.06
C PHE I 122 4.81 -64.76 31.37
N ASP I 123 5.21 -64.08 32.44
CA ASP I 123 4.42 -64.09 33.66
C ASP I 123 3.09 -63.36 33.47
N ILE I 124 3.02 -62.46 32.51
CA ILE I 124 1.79 -61.73 32.21
C ILE I 124 0.97 -62.44 31.13
N VAL I 125 1.64 -62.93 30.08
CA VAL I 125 0.94 -63.54 28.96
C VAL I 125 0.34 -64.88 29.35
N ASP I 126 1.10 -65.68 30.11
CA ASP I 126 0.61 -66.98 30.55
C ASP I 126 -0.34 -66.79 31.73
N LYS I 127 -1.58 -67.28 31.57
CA LYS I 127 -2.58 -67.09 32.62
C LYS I 127 -2.27 -67.94 33.85
N ASP I 128 -1.62 -69.08 33.67
CA ASP I 128 -1.22 -69.91 34.80
C ASP I 128 0.05 -69.42 35.49
N GLN I 129 0.80 -68.52 34.85
CA GLN I 129 2.01 -67.94 35.43
C GLN I 129 3.05 -69.01 35.77
N ASN I 130 3.26 -69.93 34.83
CA ASN I 130 4.29 -70.96 34.96
C ASN I 130 5.39 -70.80 33.92
N GLY I 131 5.48 -69.63 33.29
CA GLY I 131 6.53 -69.38 32.33
C GLY I 131 6.40 -70.12 31.02
N ALA I 132 5.17 -70.42 30.60
CA ALA I 132 4.93 -71.13 29.34
C ALA I 132 3.59 -70.69 28.79
N ILE I 133 3.59 -70.23 27.53
CA ILE I 133 2.40 -69.67 26.91
C ILE I 133 1.93 -70.59 25.79
N THR I 134 0.61 -70.59 25.55
CA THR I 134 0.02 -71.36 24.48
C THR I 134 0.09 -70.59 23.16
N LEU I 135 -0.31 -71.26 22.08
CA LEU I 135 -0.30 -70.63 20.77
C LEU I 135 -1.24 -69.43 20.72
N ASP I 136 -2.44 -69.58 21.31
CA ASP I 136 -3.37 -68.45 21.36
C ASP I 136 -2.79 -67.29 22.14
N GLU I 137 -2.07 -67.58 23.23
CA GLU I 137 -1.44 -66.52 24.01
C GLU I 137 -0.28 -65.89 23.25
N TRP I 138 0.46 -66.68 22.46
CA TRP I 138 1.51 -66.12 21.63
C TRP I 138 0.93 -65.25 20.53
N LYS I 139 -0.20 -65.66 19.95
CA LYS I 139 -0.88 -64.83 18.97
C LYS I 139 -1.40 -63.55 19.59
N ALA I 140 -1.87 -63.62 20.84
CA ALA I 140 -2.47 -62.46 21.47
C ALA I 140 -1.44 -61.36 21.73
N TYR I 141 -0.23 -61.74 22.17
CA TYR I 141 0.78 -60.72 22.46
C TYR I 141 1.37 -60.15 21.17
N THR I 142 1.76 -61.01 20.24
CA THR I 142 2.45 -60.54 19.05
C THR I 142 1.54 -59.71 18.15
N LYS I 143 0.23 -59.99 18.15
CA LYS I 143 -0.69 -59.16 17.39
C LYS I 143 -0.94 -57.83 18.10
N ALA I 144 -0.98 -57.84 19.43
CA ALA I 144 -1.11 -56.58 20.17
C ALA I 144 0.14 -55.73 19.99
N ALA I 145 1.32 -56.33 20.08
CA ALA I 145 2.56 -55.59 19.84
C ALA I 145 2.68 -55.18 18.37
N GLY I 146 2.16 -56.00 17.46
CA GLY I 146 2.27 -55.74 16.04
C GLY I 146 3.47 -56.37 15.37
N ILE I 147 4.35 -57.02 16.12
CA ILE I 147 5.53 -57.64 15.53
C ILE I 147 5.11 -58.79 14.60
N ILE I 148 3.98 -59.42 14.86
CA ILE I 148 3.39 -60.40 13.96
C ILE I 148 1.93 -60.01 13.74
N GLN I 149 1.50 -60.01 12.48
CA GLN I 149 0.13 -59.66 12.12
C GLN I 149 -0.74 -60.87 11.84
N SER I 150 -0.25 -61.83 11.08
CA SER I 150 -1.05 -62.97 10.67
C SER I 150 -0.88 -64.14 11.63
N SER I 151 -1.95 -64.93 11.78
CA SER I 151 -1.88 -66.12 12.64
C SER I 151 -0.95 -67.17 12.06
N GLU I 152 -0.76 -67.18 10.74
CA GLU I 152 0.11 -68.19 10.13
C GLU I 152 1.55 -68.01 10.57
N ASP I 153 2.02 -66.77 10.66
CA ASP I 153 3.39 -66.54 11.12
C ASP I 153 3.57 -66.89 12.59
N CYS I 154 2.52 -66.72 13.41
CA CYS I 154 2.59 -67.16 14.80
C CYS I 154 2.73 -68.67 14.89
N GLU I 155 2.06 -69.39 13.99
CA GLU I 155 2.19 -70.85 13.98
C GLU I 155 3.57 -71.29 13.53
N GLU I 156 4.25 -70.48 12.70
CA GLU I 156 5.61 -70.80 12.32
C GLU I 156 6.56 -70.72 13.50
N THR I 157 6.26 -69.89 14.50
CA THR I 157 7.09 -69.81 15.69
C THR I 157 7.10 -71.15 16.44
N PHE I 158 5.92 -71.72 16.66
CA PHE I 158 5.85 -73.01 17.35
C PHE I 158 6.44 -74.13 16.49
N ARG I 159 6.37 -74.01 15.17
CA ARG I 159 7.00 -75.01 14.31
C ARG I 159 8.51 -74.95 14.44
N VAL I 160 9.08 -73.75 14.42
CA VAL I 160 10.54 -73.60 14.54
C VAL I 160 11.01 -74.06 15.92
N CYS I 161 10.24 -73.76 16.96
CA CYS I 161 10.59 -74.17 18.31
C CYS I 161 10.34 -75.66 18.57
N ASP I 162 9.89 -76.41 17.57
CA ASP I 162 9.59 -77.84 17.71
C ASP I 162 8.54 -78.07 18.79
N ILE I 163 7.44 -77.33 18.70
CA ILE I 163 6.35 -77.42 19.66
C ILE I 163 5.04 -77.41 18.88
N ASP I 164 4.19 -78.39 19.13
CA ASP I 164 2.90 -78.43 18.45
C ASP I 164 1.99 -77.32 18.97
N GLU I 165 0.92 -77.06 18.23
CA GLU I 165 0.02 -75.97 18.56
C GLU I 165 -0.70 -76.20 19.89
N SER I 166 -0.78 -77.44 20.36
CA SER I 166 -1.33 -77.72 21.68
C SER I 166 -0.30 -77.57 22.78
N GLY I 167 0.98 -77.57 22.44
CA GLY I 167 2.04 -77.40 23.43
C GLY I 167 2.20 -75.95 23.84
N GLN I 168 3.16 -75.74 24.74
CA GLN I 168 3.42 -74.41 25.30
C GLN I 168 4.84 -73.97 24.98
N LEU I 169 4.99 -72.67 24.76
CA LEU I 169 6.29 -72.08 24.45
C LEU I 169 6.98 -71.62 25.73
N ASP I 170 8.23 -72.04 25.91
CA ASP I 170 8.99 -71.80 27.13
C ASP I 170 9.91 -70.60 26.97
N VAL I 171 10.18 -69.92 28.08
CA VAL I 171 11.13 -68.82 28.06
C VAL I 171 12.53 -69.32 27.75
N ASP I 172 12.89 -70.50 28.28
CA ASP I 172 14.18 -71.09 27.97
C ASP I 172 14.29 -71.41 26.48
N GLU I 173 13.22 -71.93 25.88
CA GLU I 173 13.25 -72.24 24.46
C GLU I 173 13.31 -70.97 23.62
N MET I 174 12.54 -69.94 24.00
CA MET I 174 12.53 -68.72 23.21
C MET I 174 13.85 -67.97 23.33
N THR I 175 14.49 -68.02 24.50
CA THR I 175 15.80 -67.41 24.66
C THR I 175 16.83 -68.10 23.77
N ARG I 176 16.70 -69.42 23.61
CA ARG I 176 17.57 -70.15 22.68
C ARG I 176 17.33 -69.69 21.24
N GLN I 177 16.06 -69.51 20.87
CA GLN I 177 15.75 -69.07 19.51
C GLN I 177 16.12 -67.61 19.30
N HIS I 178 15.89 -66.76 20.29
CA HIS I 178 16.26 -65.35 20.17
C HIS I 178 17.75 -65.16 20.07
N LEU I 179 18.53 -66.09 20.64
CA LEU I 179 19.99 -66.03 20.50
C LEU I 179 20.39 -66.06 19.02
N GLY I 180 19.82 -66.99 18.25
CA GLY I 180 20.14 -67.09 16.85
C GLY I 180 19.40 -66.14 15.95
N PHE I 181 18.25 -65.62 16.39
CA PHE I 181 17.46 -64.75 15.54
C PHE I 181 17.89 -63.29 15.66
N TRP I 182 18.05 -62.79 16.87
CA TRP I 182 18.38 -61.39 17.07
C TRP I 182 19.88 -61.11 17.10
N TYR I 183 20.69 -62.06 17.56
CA TYR I 183 22.09 -61.79 17.86
C TYR I 183 23.08 -62.37 16.87
N THR I 184 22.94 -63.65 16.50
CA THR I 184 24.01 -64.35 15.81
C THR I 184 23.66 -64.81 14.39
N MET I 185 22.44 -64.59 13.91
CA MET I 185 22.03 -64.97 12.56
C MET I 185 22.22 -66.47 12.32
N ASP I 186 21.72 -67.27 13.26
CA ASP I 186 21.78 -68.71 13.14
C ASP I 186 20.78 -69.17 12.08
N PRO I 187 21.21 -69.85 11.02
CA PRO I 187 20.25 -70.29 10.00
C PRO I 187 19.17 -71.23 10.52
N ALA I 188 19.42 -71.93 11.64
CA ALA I 188 18.41 -72.79 12.23
C ALA I 188 17.25 -72.01 12.83
N CYS I 189 17.40 -70.70 13.05
CA CYS I 189 16.36 -69.88 13.64
C CYS I 189 15.58 -69.08 12.60
N GLU I 190 15.85 -69.29 11.32
CA GLU I 190 15.09 -68.61 10.28
C GLU I 190 13.61 -68.93 10.41
N LYS I 191 12.77 -67.96 10.04
CA LYS I 191 11.31 -68.08 10.10
C LYS I 191 10.79 -68.25 11.52
N LEU I 192 11.58 -67.85 12.53
CA LEU I 192 11.09 -67.86 13.90
C LEU I 192 9.85 -66.99 14.06
N TYR I 193 9.79 -65.88 13.31
CA TYR I 193 8.62 -65.02 13.27
C TYR I 193 7.90 -65.13 11.93
N GLY I 194 8.03 -66.27 11.25
CA GLY I 194 7.39 -66.45 9.97
C GLY I 194 7.90 -65.47 8.95
N GLY I 195 6.99 -64.94 8.13
CA GLY I 195 7.32 -63.92 7.17
C GLY I 195 7.19 -62.51 7.69
N ALA I 196 6.79 -62.33 8.94
CA ALA I 196 6.60 -60.99 9.49
C ALA I 196 7.92 -60.27 9.68
N VAL I 197 8.99 -60.99 10.03
CA VAL I 197 10.31 -60.42 10.25
C VAL I 197 11.28 -61.11 9.33
N PRO I 198 12.03 -60.38 8.49
CA PRO I 198 13.03 -60.97 7.59
C PRO I 198 14.24 -61.50 8.36
N HIS J 7 35.40 -38.58 41.80
CA HIS J 7 36.53 -38.05 41.04
C HIS J 7 36.57 -36.53 41.07
N HIS J 8 35.56 -35.90 40.49
CA HIS J 8 35.45 -34.45 40.44
C HIS J 8 34.30 -34.01 41.33
N HIS J 9 34.61 -33.27 42.39
CA HIS J 9 33.60 -32.79 43.32
C HIS J 9 33.23 -31.33 43.10
N GLY J 10 34.15 -30.52 42.58
CA GLY J 10 33.86 -29.13 42.35
C GLY J 10 34.99 -28.45 41.60
N LYS J 11 34.90 -27.13 41.50
CA LYS J 11 35.88 -26.33 40.79
C LYS J 11 36.17 -25.08 41.62
N LEU J 12 37.43 -24.91 42.01
CA LEU J 12 37.84 -23.77 42.82
C LEU J 12 38.62 -22.72 42.04
N THR J 13 38.83 -22.92 40.75
CA THR J 13 39.59 -21.98 39.93
C THR J 13 38.63 -21.05 39.18
N SER J 14 38.99 -19.77 39.13
CA SER J 14 38.17 -18.78 38.46
C SER J 14 38.38 -18.83 36.95
N ASP J 15 37.43 -18.24 36.23
CA ASP J 15 37.45 -18.20 34.77
C ASP J 15 36.92 -16.84 34.30
N PHE J 16 37.51 -15.78 34.84
CA PHE J 16 36.95 -14.43 34.66
C PHE J 16 37.10 -13.91 33.24
N ASP J 17 38.03 -14.44 32.46
CA ASP J 17 38.19 -14.01 31.07
C ASP J 17 37.32 -14.81 30.10
N ASN J 18 36.69 -15.87 30.57
CA ASN J 18 35.75 -16.63 29.76
C ASN J 18 34.59 -15.72 29.37
N PRO J 19 34.41 -15.43 28.08
CA PRO J 19 33.29 -14.57 27.67
C PRO J 19 31.93 -15.12 28.04
N ARG J 20 31.81 -16.44 28.27
CA ARG J 20 30.55 -16.98 28.75
C ARG J 20 30.31 -16.63 30.22
N TRP J 21 31.38 -16.41 30.99
CA TRP J 21 31.20 -15.95 32.36
C TRP J 21 30.77 -14.49 32.39
N ILE J 22 31.38 -13.66 31.54
CA ILE J 22 30.96 -12.26 31.42
C ILE J 22 29.53 -12.19 30.90
N GLY J 23 29.21 -12.99 29.87
CA GLY J 23 27.88 -12.97 29.30
C GLY J 23 26.81 -13.55 30.21
N ARG J 24 27.20 -14.46 31.10
CA ARG J 24 26.25 -14.99 32.08
C ARG J 24 25.82 -13.91 33.05
N HIS J 25 26.77 -13.13 33.55
CA HIS J 25 26.45 -12.04 34.47
C HIS J 25 25.97 -10.78 33.76
N LYS J 26 26.25 -10.64 32.47
CA LYS J 26 25.64 -9.56 31.71
C LYS J 26 24.16 -9.83 31.50
N HIS J 27 23.79 -11.09 31.25
CA HIS J 27 22.38 -11.46 31.19
C HIS J 27 21.68 -11.14 32.51
N MET J 28 22.32 -11.47 33.63
CA MET J 28 21.71 -11.17 34.93
C MET J 28 21.63 -9.66 35.17
N PHE J 29 22.67 -8.92 34.79
CA PHE J 29 22.64 -7.47 34.94
C PHE J 29 21.47 -6.87 34.16
N ASN J 30 21.26 -7.33 32.93
CA ASN J 30 20.13 -6.83 32.14
C ASN J 30 18.80 -7.28 32.75
N PHE J 31 18.76 -8.50 33.29
CA PHE J 31 17.56 -8.96 33.98
C PHE J 31 17.27 -8.13 35.22
N LEU J 32 18.32 -7.65 35.89
CA LEU J 32 18.13 -6.81 37.07
C LEU J 32 17.83 -5.37 36.72
N ASP J 33 18.29 -4.91 35.55
CA ASP J 33 18.06 -3.53 35.10
C ASP J 33 16.70 -3.43 34.42
N VAL J 34 15.65 -3.53 35.24
CA VAL J 34 14.29 -3.60 34.71
C VAL J 34 13.88 -2.28 34.06
N ASN J 35 14.48 -1.17 34.48
CA ASN J 35 14.12 0.15 33.95
C ASN J 35 15.11 0.64 32.90
N HIS J 36 16.05 -0.20 32.47
CA HIS J 36 16.96 0.11 31.36
C HIS J 36 17.73 1.41 31.60
N ASN J 37 18.23 1.58 32.83
CA ASN J 37 19.05 2.72 33.17
C ASN J 37 20.53 2.49 32.92
N GLY J 38 20.94 1.25 32.64
CA GLY J 38 22.34 0.91 32.62
C GLY J 38 23.01 0.95 33.98
N LYS J 39 22.22 1.13 35.05
CA LYS J 39 22.74 1.23 36.41
C LYS J 39 21.73 0.61 37.35
N ILE J 40 22.24 -0.12 38.35
CA ILE J 40 21.41 -0.67 39.41
C ILE J 40 22.04 -0.32 40.75
N SER J 41 21.21 -0.27 41.79
CA SER J 41 21.65 0.08 43.13
C SER J 41 21.35 -1.05 44.10
N LEU J 42 22.07 -1.05 45.22
CA LEU J 42 21.78 -2.00 46.27
C LEU J 42 20.38 -1.80 46.84
N ASP J 43 19.88 -0.56 46.81
CA ASP J 43 18.52 -0.28 47.25
C ASP J 43 17.52 -1.08 46.44
N GLU J 44 17.69 -1.11 45.12
CA GLU J 44 16.78 -1.85 44.26
C GLU J 44 16.92 -3.35 44.47
N MET J 45 18.14 -3.85 44.62
CA MET J 45 18.36 -5.28 44.78
C MET J 45 17.75 -5.79 46.08
N VAL J 46 17.95 -5.05 47.17
CA VAL J 46 17.41 -5.50 48.45
C VAL J 46 15.90 -5.30 48.49
N TYR J 47 15.39 -4.26 47.84
CA TYR J 47 13.94 -4.10 47.75
C TYR J 47 13.31 -5.27 47.01
N LYS J 48 13.83 -5.59 45.82
CA LYS J 48 13.34 -6.72 45.06
C LYS J 48 13.39 -8.00 45.88
N ALA J 49 14.51 -8.24 46.57
CA ALA J 49 14.66 -9.46 47.37
C ALA J 49 13.61 -9.53 48.46
N SER J 50 13.44 -8.46 49.24
CA SER J 50 12.49 -8.48 50.34
C SER J 50 11.05 -8.51 49.84
N ASP J 51 10.77 -7.81 48.74
CA ASP J 51 9.41 -7.77 48.21
C ASP J 51 8.93 -9.16 47.80
N ILE J 52 9.85 -10.01 47.33
CA ILE J 52 9.47 -11.35 46.91
C ILE J 52 9.10 -12.21 48.12
N VAL J 53 9.96 -12.23 49.14
CA VAL J 53 9.72 -13.14 50.26
C VAL J 53 8.57 -12.67 51.13
N ILE J 54 8.36 -11.35 51.23
CA ILE J 54 7.31 -10.84 52.10
C ILE J 54 5.96 -10.85 51.39
N ASN J 55 5.90 -10.31 50.18
CA ASN J 55 4.64 -10.09 49.49
C ASN J 55 4.26 -11.23 48.55
N ASN J 56 5.17 -12.16 48.27
CA ASN J 56 4.85 -13.31 47.41
C ASN J 56 5.01 -14.65 48.11
N LEU J 57 5.87 -14.76 49.12
CA LEU J 57 6.13 -16.02 49.80
C LEU J 57 5.75 -16.00 51.28
N GLY J 58 5.15 -14.92 51.75
CA GLY J 58 4.62 -14.87 53.11
C GLY J 58 5.64 -15.08 54.21
N ALA J 59 6.80 -14.44 54.10
CA ALA J 59 7.83 -14.59 55.11
C ALA J 59 7.47 -13.82 56.37
N THR J 60 7.80 -14.40 57.52
CA THR J 60 7.61 -13.71 58.79
C THR J 60 8.60 -12.56 58.91
N PRO J 61 8.30 -11.57 59.76
CA PRO J 61 9.26 -10.46 59.94
C PRO J 61 10.64 -10.92 60.37
N GLU J 62 10.73 -11.99 61.17
CA GLU J 62 12.03 -12.51 61.55
C GLU J 62 12.73 -13.17 60.36
N GLN J 63 11.97 -13.93 59.56
CA GLN J 63 12.55 -14.54 58.37
C GLN J 63 13.01 -13.49 57.37
N ALA J 64 12.23 -12.41 57.21
CA ALA J 64 12.57 -11.37 56.25
C ALA J 64 13.81 -10.61 56.66
N LYS J 65 14.04 -10.43 57.97
CA LYS J 65 15.22 -9.72 58.44
C LYS J 65 16.49 -10.53 58.13
N ARG J 66 16.48 -11.82 58.45
CA ARG J 66 17.63 -12.67 58.17
C ARG J 66 17.88 -12.76 56.66
N HIS J 67 16.80 -12.85 55.88
CA HIS J 67 16.95 -12.87 54.43
C HIS J 67 17.47 -11.56 53.89
N LYS J 68 16.98 -10.43 54.43
CA LYS J 68 17.43 -9.12 53.97
C LYS J 68 18.92 -8.94 54.20
N ASP J 69 19.42 -9.32 55.37
CA ASP J 69 20.85 -9.20 55.65
C ASP J 69 21.69 -10.05 54.71
N ALA J 70 21.17 -11.21 54.30
CA ALA J 70 21.94 -12.10 53.44
C ALA J 70 22.03 -11.55 52.02
N VAL J 71 20.93 -11.04 51.48
CA VAL J 71 20.96 -10.46 50.14
C VAL J 71 21.78 -9.19 50.13
N GLU J 72 21.66 -8.38 51.19
CA GLU J 72 22.44 -7.14 51.28
C GLU J 72 23.94 -7.44 51.27
N ALA J 73 24.37 -8.44 52.05
CA ALA J 73 25.79 -8.78 52.08
C ALA J 73 26.25 -9.43 50.78
N PHE J 74 25.36 -10.15 50.10
CA PHE J 74 25.73 -10.81 48.84
C PHE J 74 26.05 -9.78 47.78
N PHE J 75 25.07 -8.93 47.43
CA PHE J 75 25.32 -7.89 46.44
C PHE J 75 26.30 -6.85 46.95
N GLY J 76 26.35 -6.64 48.27
CA GLY J 76 27.38 -5.78 48.83
C GLY J 76 28.78 -6.33 48.62
N GLY J 77 28.92 -7.66 48.62
CA GLY J 77 30.20 -8.27 48.32
C GLY J 77 30.66 -8.03 46.90
N ALA J 78 29.75 -7.66 46.00
CA ALA J 78 30.10 -7.28 44.65
C ALA J 78 30.32 -5.78 44.49
N GLY J 79 30.50 -5.07 45.60
CA GLY J 79 30.81 -3.66 45.57
C GLY J 79 29.61 -2.72 45.53
N MET J 80 28.39 -3.25 45.48
CA MET J 80 27.21 -2.41 45.45
C MET J 80 26.93 -1.83 46.82
N LYS J 81 26.48 -0.57 46.85
CA LYS J 81 26.24 0.14 48.10
C LYS J 81 24.93 0.90 48.00
N TYR J 82 24.32 1.16 49.16
CA TYR J 82 23.10 1.94 49.20
C TYR J 82 23.37 3.37 48.72
N GLY J 83 22.48 3.88 47.87
CA GLY J 83 22.61 5.21 47.33
C GLY J 83 23.59 5.35 46.19
N VAL J 84 24.23 4.26 45.76
CA VAL J 84 25.18 4.28 44.66
C VAL J 84 24.57 3.53 43.49
N GLU J 85 24.67 4.13 42.30
CA GLU J 85 24.22 3.49 41.07
C GLU J 85 25.39 2.78 40.41
N THR J 86 25.31 1.46 40.32
CA THR J 86 26.39 0.64 39.77
C THR J 86 26.15 0.41 38.30
N ASP J 87 27.04 0.92 37.44
CA ASP J 87 26.93 0.66 36.01
C ASP J 87 27.51 -0.71 35.68
N TRP J 88 27.45 -1.09 34.41
CA TRP J 88 27.89 -2.43 34.02
C TRP J 88 29.38 -2.67 34.25
N PRO J 89 30.30 -1.77 33.88
CA PRO J 89 31.72 -2.04 34.19
C PRO J 89 32.01 -2.17 35.68
N ALA J 90 31.44 -1.30 36.51
CA ALA J 90 31.61 -1.46 37.96
C ALA J 90 30.98 -2.75 38.45
N TYR J 91 29.93 -3.22 37.77
CA TYR J 91 29.24 -4.42 38.20
C TYR J 91 30.10 -5.65 37.97
N ILE J 92 30.56 -5.87 36.73
CA ILE J 92 31.31 -7.08 36.42
C ILE J 92 32.66 -7.07 37.13
N GLU J 93 33.25 -5.90 37.34
CA GLU J 93 34.49 -5.83 38.10
C GLU J 93 34.23 -6.17 39.58
N GLY J 94 33.09 -5.74 40.11
CA GLY J 94 32.72 -6.13 41.46
C GLY J 94 32.40 -7.61 41.59
N TRP J 95 31.90 -8.22 40.51
CA TRP J 95 31.61 -9.65 40.57
C TRP J 95 32.88 -10.49 40.55
N LYS J 96 33.92 -10.02 39.88
CA LYS J 96 35.23 -10.68 40.01
C LYS J 96 35.68 -10.68 41.46
N LYS J 97 35.48 -9.56 42.17
CA LYS J 97 35.85 -9.49 43.57
C LYS J 97 34.95 -10.38 44.43
N LEU J 98 33.65 -10.39 44.16
CA LEU J 98 32.75 -11.26 44.89
C LEU J 98 33.12 -12.73 44.69
N ALA J 99 33.33 -13.13 43.44
CA ALA J 99 33.67 -14.52 43.15
C ALA J 99 35.01 -14.90 43.78
N THR J 100 35.98 -13.98 43.77
CA THR J 100 37.28 -14.27 44.36
C THR J 100 37.16 -14.46 45.88
N ASP J 101 36.42 -13.57 46.54
CA ASP J 101 36.25 -13.69 47.99
C ASP J 101 35.47 -14.94 48.35
N GLU J 102 34.46 -15.30 47.54
CA GLU J 102 33.70 -16.51 47.80
C GLU J 102 34.57 -17.75 47.63
N LEU J 103 35.41 -17.78 46.60
CA LEU J 103 36.27 -18.94 46.37
C LEU J 103 37.26 -19.13 47.50
N GLU J 104 37.74 -18.04 48.09
CA GLU J 104 38.59 -18.14 49.28
C GLU J 104 37.83 -18.78 50.43
N LYS J 105 36.56 -18.42 50.60
CA LYS J 105 35.75 -19.03 51.66
C LYS J 105 35.48 -20.50 51.37
N TYR J 106 35.29 -20.86 50.11
CA TYR J 106 35.16 -22.26 49.74
C TYR J 106 36.40 -23.05 50.13
N ALA J 107 37.58 -22.53 49.77
CA ALA J 107 38.82 -23.23 50.05
C ALA J 107 39.09 -23.34 51.54
N LYS J 108 38.84 -22.26 52.29
CA LYS J 108 39.00 -22.28 53.74
C LYS J 108 37.84 -22.95 54.46
N ASN J 109 36.85 -23.44 53.72
CA ASN J 109 35.65 -24.06 54.29
C ASN J 109 34.89 -23.09 55.21
N GLU J 110 34.93 -21.79 54.88
CA GLU J 110 34.15 -20.77 55.55
C GLU J 110 32.78 -20.63 54.88
N PRO J 111 31.75 -20.29 55.65
CA PRO J 111 30.42 -20.05 55.04
C PRO J 111 30.47 -18.92 54.03
N THR J 112 30.06 -19.23 52.81
CA THR J 112 30.05 -18.24 51.73
C THR J 112 28.79 -17.38 51.79
N LEU J 113 28.86 -16.23 51.14
CA LEU J 113 27.69 -15.35 51.06
C LEU J 113 26.55 -16.00 50.31
N ILE J 114 26.85 -16.83 49.30
CA ILE J 114 25.80 -17.49 48.54
C ILE J 114 25.14 -18.60 49.36
N ARG J 115 25.88 -19.18 50.31
CA ARG J 115 25.27 -20.17 51.19
C ARG J 115 24.41 -19.51 52.25
N ILE J 116 24.89 -18.41 52.84
CA ILE J 116 24.11 -17.70 53.86
C ILE J 116 22.80 -17.19 53.27
N TRP J 117 22.82 -16.76 52.02
CA TRP J 117 21.57 -16.40 51.35
C TRP J 117 20.69 -17.62 51.14
N GLY J 118 21.30 -18.76 50.78
CA GLY J 118 20.51 -19.96 50.53
C GLY J 118 19.78 -20.43 51.77
N ASP J 119 20.48 -20.48 52.90
CA ASP J 119 19.85 -20.92 54.15
C ASP J 119 18.71 -19.98 54.54
N ALA J 120 18.93 -18.68 54.43
CA ALA J 120 17.90 -17.72 54.80
C ALA J 120 16.71 -17.80 53.85
N LEU J 121 16.96 -18.04 52.57
CA LEU J 121 15.87 -18.09 51.60
C LEU J 121 15.10 -19.39 51.70
N PHE J 122 15.79 -20.53 51.76
CA PHE J 122 15.11 -21.81 51.82
C PHE J 122 14.31 -21.98 53.10
N ASP J 123 14.66 -21.26 54.18
CA ASP J 123 13.84 -21.28 55.37
C ASP J 123 12.47 -20.66 55.11
N ILE J 124 12.37 -19.78 54.12
CA ILE J 124 11.10 -19.17 53.74
C ILE J 124 10.39 -20.02 52.69
N VAL J 125 11.12 -20.44 51.65
CA VAL J 125 10.50 -21.15 50.53
C VAL J 125 10.00 -22.51 50.98
N ASP J 126 10.74 -23.20 51.85
CA ASP J 126 10.32 -24.48 52.39
C ASP J 126 9.23 -24.25 53.44
N LYS J 127 8.06 -24.83 53.21
CA LYS J 127 6.96 -24.69 54.17
C LYS J 127 7.22 -25.50 55.44
N ASP J 128 8.06 -26.53 55.37
CA ASP J 128 8.44 -27.29 56.55
C ASP J 128 9.66 -26.72 57.26
N GLN J 129 10.38 -25.80 56.61
CA GLN J 129 11.54 -25.11 57.20
C GLN J 129 12.62 -26.12 57.63
N ASN J 130 12.94 -27.04 56.73
CA ASN J 130 14.01 -28.01 56.96
C ASN J 130 15.11 -27.89 55.91
N GLY J 131 15.25 -26.73 55.29
CA GLY J 131 16.31 -26.51 54.32
C GLY J 131 16.21 -27.34 53.07
N ALA J 132 14.99 -27.73 52.67
CA ALA J 132 14.80 -28.52 51.46
C ALA J 132 13.48 -28.10 50.81
N ILE J 133 13.53 -27.70 49.55
CA ILE J 133 12.36 -27.19 48.85
C ILE J 133 11.96 -28.18 47.76
N THR J 134 10.66 -28.26 47.51
CA THR J 134 10.13 -29.11 46.46
C THR J 134 10.27 -28.43 45.10
N LEU J 135 9.89 -29.16 44.04
CA LEU J 135 9.95 -28.59 42.70
C LEU J 135 8.95 -27.46 42.54
N ASP J 136 7.74 -27.62 43.11
CA ASP J 136 6.74 -26.56 43.04
C ASP J 136 7.20 -25.31 43.79
N GLU J 137 7.84 -25.49 44.95
CA GLU J 137 8.34 -24.35 45.70
C GLU J 137 9.48 -23.67 44.95
N TRP J 138 10.33 -24.44 44.27
CA TRP J 138 11.39 -23.86 43.46
C TRP J 138 10.81 -23.09 42.27
N LYS J 139 9.77 -23.65 41.64
CA LYS J 139 9.06 -22.89 40.61
C LYS J 139 8.47 -21.62 41.19
N ALA J 140 7.94 -21.69 42.41
CA ALA J 140 7.27 -20.54 43.01
C ALA J 140 8.23 -19.37 43.21
N TYR J 141 9.42 -19.65 43.74
CA TYR J 141 10.37 -18.56 43.99
C TYR J 141 10.92 -18.02 42.67
N THR J 142 11.40 -18.90 41.79
CA THR J 142 12.09 -18.42 40.59
C THR J 142 11.16 -17.67 39.66
N LYS J 143 9.88 -18.06 39.59
CA LYS J 143 8.93 -17.32 38.77
C LYS J 143 8.56 -15.99 39.41
N ALA J 144 8.52 -15.93 40.74
CA ALA J 144 8.29 -14.67 41.42
C ALA J 144 9.46 -13.71 41.22
N ALA J 145 10.70 -14.23 41.31
CA ALA J 145 11.86 -13.40 41.05
C ALA J 145 12.02 -13.12 39.55
N GLY J 146 11.54 -14.01 38.70
CA GLY J 146 11.69 -13.86 37.27
C GLY J 146 12.98 -14.42 36.70
N ILE J 147 13.84 -14.99 37.53
CA ILE J 147 15.08 -15.56 37.02
C ILE J 147 14.79 -16.76 36.12
N ILE J 148 13.68 -17.45 36.36
CA ILE J 148 13.19 -18.49 35.49
C ILE J 148 11.73 -18.20 35.18
N GLN J 149 11.35 -18.32 33.90
CA GLN J 149 9.98 -18.07 33.47
C GLN J 149 9.18 -19.34 33.25
N SER J 150 9.68 -20.27 32.47
CA SER J 150 8.97 -21.50 32.14
C SER J 150 9.21 -22.56 33.20
N SER J 151 8.21 -23.43 33.38
CA SER J 151 8.37 -24.55 34.30
C SER J 151 9.38 -25.57 33.79
N GLU J 152 9.58 -25.61 32.47
CA GLU J 152 10.53 -26.57 31.90
C GLU J 152 11.96 -26.28 32.36
N ASP J 153 12.32 -25.00 32.47
CA ASP J 153 13.65 -24.65 32.95
C ASP J 153 13.80 -24.95 34.44
N CYS J 154 12.73 -24.83 35.21
CA CYS J 154 12.78 -25.18 36.63
C CYS J 154 13.07 -26.65 36.84
N GLU J 155 12.57 -27.51 35.95
CA GLU J 155 12.84 -28.94 36.06
C GLU J 155 14.28 -29.26 35.70
N GLU J 156 14.91 -28.43 34.84
CA GLU J 156 16.32 -28.62 34.53
C GLU J 156 17.20 -28.46 35.76
N THR J 157 16.78 -27.60 36.70
CA THR J 157 17.53 -27.43 37.95
C THR J 157 17.61 -28.75 38.71
N PHE J 158 16.47 -29.42 38.90
CA PHE J 158 16.46 -30.71 39.58
C PHE J 158 17.14 -31.79 38.76
N ARG J 159 17.21 -31.64 37.44
CA ARG J 159 17.95 -32.59 36.62
C ARG J 159 19.45 -32.42 36.81
N VAL J 160 19.93 -31.18 36.83
CA VAL J 160 21.35 -30.91 37.03
C VAL J 160 21.78 -31.30 38.43
N CYS J 161 20.94 -31.02 39.44
CA CYS J 161 21.25 -31.36 40.81
C CYS J 161 21.13 -32.85 41.09
N ASP J 162 20.59 -33.63 40.15
CA ASP J 162 20.43 -35.08 40.29
C ASP J 162 19.52 -35.40 41.49
N ILE J 163 18.36 -34.76 41.53
CA ILE J 163 17.32 -35.03 42.51
C ILE J 163 16.01 -35.20 41.76
N ASP J 164 15.29 -36.28 42.06
CA ASP J 164 14.03 -36.56 41.38
C ASP J 164 13.04 -35.42 41.63
N GLU J 165 12.15 -35.22 40.65
CA GLU J 165 11.15 -34.15 40.77
C GLU J 165 10.21 -34.36 41.95
N SER J 166 10.08 -35.60 42.44
CA SER J 166 9.34 -35.84 43.66
C SER J 166 10.17 -35.56 44.91
N GLY J 167 11.50 -35.48 44.76
CA GLY J 167 12.37 -35.19 45.88
C GLY J 167 12.44 -33.70 46.18
N GLN J 168 13.45 -33.34 46.99
CA GLN J 168 13.62 -31.97 47.43
C GLN J 168 15.04 -31.50 47.18
N LEU J 169 15.17 -30.19 46.98
CA LEU J 169 16.46 -29.55 46.74
C LEU J 169 16.89 -28.81 48.00
N ASP J 170 18.15 -29.01 48.40
CA ASP J 170 18.66 -28.45 49.64
C ASP J 170 19.77 -27.45 49.35
N VAL J 171 20.09 -26.65 50.38
CA VAL J 171 21.06 -25.57 50.22
C VAL J 171 22.46 -26.13 49.97
N ASP J 172 22.79 -27.29 50.56
CA ASP J 172 24.11 -27.87 50.37
C ASP J 172 24.36 -28.19 48.91
N GLU J 173 23.45 -28.94 48.28
CA GLU J 173 23.62 -29.29 46.88
C GLU J 173 23.56 -28.05 45.99
N MET J 174 22.69 -27.10 46.33
CA MET J 174 22.57 -25.90 45.52
C MET J 174 23.79 -25.01 45.64
N THR J 175 24.42 -24.98 46.82
CA THR J 175 25.63 -24.16 47.00
C THR J 175 26.76 -24.67 46.12
N ARG J 176 26.88 -25.99 45.95
CA ARG J 176 27.86 -26.54 45.03
C ARG J 176 27.55 -26.14 43.60
N GLN J 177 26.28 -26.21 43.20
CA GLN J 177 25.91 -25.83 41.84
C GLN J 177 26.17 -24.35 41.58
N HIS J 178 25.78 -23.49 42.54
CA HIS J 178 26.04 -22.06 42.39
C HIS J 178 27.53 -21.77 42.35
N LEU J 179 28.34 -22.56 43.07
CA LEU J 179 29.78 -22.47 42.96
C LEU J 179 30.23 -22.60 41.51
N GLY J 180 29.78 -23.66 40.83
CA GLY J 180 30.18 -23.87 39.46
C GLY J 180 29.46 -22.99 38.46
N PHE J 181 28.25 -22.54 38.80
CA PHE J 181 27.45 -21.77 37.85
C PHE J 181 27.76 -20.29 37.89
N TRP J 182 27.79 -19.68 39.08
CA TRP J 182 28.03 -18.25 39.17
C TRP J 182 29.51 -17.88 39.24
N TYR J 183 30.35 -18.75 39.80
CA TYR J 183 31.71 -18.37 40.17
C TYR J 183 32.79 -18.93 39.26
N THR J 184 32.74 -20.22 38.91
CA THR J 184 33.89 -20.87 38.30
C THR J 184 33.65 -21.41 36.90
N MET J 185 32.42 -21.35 36.38
CA MET J 185 32.09 -21.86 35.05
C MET J 185 32.40 -23.35 34.94
N ASP J 186 31.96 -24.11 35.93
CA ASP J 186 32.12 -25.56 35.90
C ASP J 186 31.21 -26.13 34.82
N PRO J 187 31.75 -26.81 33.80
CA PRO J 187 30.89 -27.37 32.74
C PRO J 187 29.87 -28.37 33.27
N ALA J 188 30.07 -28.92 34.47
CA ALA J 188 29.08 -29.84 35.03
C ALA J 188 27.85 -29.12 35.54
N CYS J 189 27.91 -27.80 35.73
CA CYS J 189 26.79 -27.02 36.22
C CYS J 189 26.03 -26.31 35.10
N GLU J 190 26.35 -26.60 33.85
CA GLU J 190 25.63 -26.02 32.74
C GLU J 190 24.15 -26.43 32.79
N LYS J 191 23.29 -25.54 32.29
CA LYS J 191 21.85 -25.76 32.25
C LYS J 191 21.23 -25.88 33.64
N LEU J 192 21.89 -25.31 34.66
CA LEU J 192 21.33 -25.33 36.01
C LEU J 192 20.03 -24.54 36.07
N TYR J 193 19.88 -23.51 35.23
CA TYR J 193 18.65 -22.76 35.11
C TYR J 193 17.99 -22.98 33.75
N GLY J 194 18.27 -24.12 33.13
CA GLY J 194 17.68 -24.42 31.84
C GLY J 194 18.18 -23.45 30.79
N GLY J 195 17.26 -22.95 29.97
CA GLY J 195 17.59 -21.93 29.00
C GLY J 195 17.33 -20.52 29.47
N ALA J 196 16.91 -20.34 30.73
CA ALA J 196 16.62 -19.00 31.24
C ALA J 196 17.88 -18.17 31.44
N VAL J 197 18.98 -18.80 31.83
CA VAL J 197 20.24 -18.11 32.06
C VAL J 197 21.34 -18.79 31.25
N PRO J 198 22.07 -18.06 30.40
CA PRO J 198 23.15 -18.61 29.58
C PRO J 198 24.33 -19.08 30.42
N LYS K 11 8.45 49.10 -40.68
CA LYS K 11 7.55 47.94 -40.69
C LYS K 11 6.49 48.07 -39.61
N LEU K 12 6.87 48.71 -38.50
CA LEU K 12 5.94 49.13 -37.47
C LEU K 12 5.83 50.65 -37.40
N THR K 13 6.13 51.32 -38.51
CA THR K 13 6.14 52.77 -38.59
C THR K 13 5.08 53.23 -39.59
N SER K 14 4.32 54.25 -39.20
CA SER K 14 3.26 54.76 -40.06
C SER K 14 3.86 55.60 -41.20
N ASP K 15 3.01 55.90 -42.17
CA ASP K 15 3.39 56.68 -43.34
C ASP K 15 2.15 57.40 -43.86
N PHE K 16 1.53 58.20 -43.00
CA PHE K 16 0.23 58.80 -43.31
C PHE K 16 0.32 59.90 -44.36
N ASP K 17 1.49 60.50 -44.54
CA ASP K 17 1.68 61.52 -45.57
C ASP K 17 2.07 60.94 -46.91
N ASN K 18 2.20 59.62 -47.00
CA ASN K 18 2.45 58.97 -48.28
C ASN K 18 1.23 59.14 -49.18
N PRO K 19 1.36 59.77 -50.35
CA PRO K 19 0.18 59.95 -51.21
C PRO K 19 -0.44 58.65 -51.69
N ARG K 20 0.32 57.55 -51.71
CA ARG K 20 -0.25 56.27 -52.11
C ARG K 20 -0.98 55.58 -50.96
N TRP K 21 -0.73 55.99 -49.71
CA TRP K 21 -1.54 55.52 -48.60
C TRP K 21 -2.90 56.21 -48.59
N ILE K 22 -2.89 57.54 -48.78
CA ILE K 22 -4.14 58.29 -48.88
C ILE K 22 -4.94 57.82 -50.09
N GLY K 23 -4.27 57.63 -51.22
CA GLY K 23 -4.96 57.15 -52.41
C GLY K 23 -5.52 55.75 -52.26
N ARG K 24 -4.86 54.90 -51.46
CA ARG K 24 -5.36 53.55 -51.25
C ARG K 24 -6.67 53.57 -50.45
N HIS K 25 -6.71 54.34 -49.37
CA HIS K 25 -7.93 54.43 -48.57
C HIS K 25 -8.97 55.33 -49.20
N LYS K 26 -8.58 56.26 -50.08
CA LYS K 26 -9.56 56.99 -50.87
C LYS K 26 -10.26 56.08 -51.85
N HIS K 27 -9.53 55.12 -52.43
CA HIS K 27 -10.16 54.11 -53.27
C HIS K 27 -11.17 53.29 -52.49
N MET K 28 -10.84 52.95 -51.24
CA MET K 28 -11.76 52.18 -50.42
C MET K 28 -12.96 53.03 -50.01
N PHE K 29 -12.74 54.31 -49.75
CA PHE K 29 -13.86 55.20 -49.40
C PHE K 29 -14.87 55.29 -50.54
N ASN K 30 -14.38 55.50 -51.77
CA ASN K 30 -15.27 55.57 -52.91
C ASN K 30 -15.95 54.22 -53.15
N PHE K 31 -15.23 53.13 -52.92
CA PHE K 31 -15.82 51.80 -53.08
C PHE K 31 -16.90 51.54 -52.04
N LEU K 32 -16.72 52.06 -50.83
CA LEU K 32 -17.70 51.86 -49.77
C LEU K 32 -18.89 52.81 -49.91
N ASP K 33 -18.69 53.96 -50.56
CA ASP K 33 -19.77 54.92 -50.79
C ASP K 33 -20.51 54.56 -52.09
N VAL K 34 -21.30 53.49 -52.00
CA VAL K 34 -21.95 52.96 -53.19
C VAL K 34 -23.06 53.88 -53.69
N ASN K 35 -23.57 54.78 -52.86
CA ASN K 35 -24.63 55.70 -53.27
C ASN K 35 -24.12 57.08 -53.61
N HIS K 36 -22.80 57.26 -53.67
CA HIS K 36 -22.18 58.53 -54.10
C HIS K 36 -22.68 59.71 -53.28
N ASN K 37 -22.69 59.52 -51.96
CA ASN K 37 -23.13 60.58 -51.05
C ASN K 37 -21.99 61.43 -50.53
N GLY K 38 -20.74 61.05 -50.81
CA GLY K 38 -19.61 61.65 -50.16
C GLY K 38 -19.54 61.41 -48.67
N LYS K 39 -20.44 60.59 -48.13
CA LYS K 39 -20.47 60.28 -46.71
C LYS K 39 -20.90 58.83 -46.53
N ILE K 40 -20.37 58.19 -45.49
CA ILE K 40 -20.76 56.83 -45.14
C ILE K 40 -20.93 56.75 -43.63
N SER K 41 -21.78 55.83 -43.19
CA SER K 41 -22.08 55.67 -41.78
C SER K 41 -21.65 54.28 -41.31
N LEU K 42 -21.53 54.13 -39.99
CA LEU K 42 -21.22 52.82 -39.43
C LEU K 42 -22.37 51.85 -39.63
N ASP K 43 -23.61 52.36 -39.69
CA ASP K 43 -24.75 51.50 -39.96
C ASP K 43 -24.60 50.81 -41.32
N GLU K 44 -24.13 51.55 -42.33
CA GLU K 44 -23.97 50.98 -43.66
C GLU K 44 -22.85 49.95 -43.68
N MET K 45 -21.72 50.27 -43.04
CA MET K 45 -20.58 49.35 -43.04
C MET K 45 -20.93 48.04 -42.35
N VAL K 46 -21.56 48.12 -41.18
CA VAL K 46 -21.92 46.92 -40.45
C VAL K 46 -23.02 46.15 -41.18
N TYR K 47 -23.94 46.86 -41.84
CA TYR K 47 -24.96 46.17 -42.62
C TYR K 47 -24.33 45.37 -43.75
N LYS K 48 -23.48 46.03 -44.54
CA LYS K 48 -22.78 45.35 -45.63
C LYS K 48 -22.01 44.14 -45.11
N ALA K 49 -21.30 44.29 -44.00
CA ALA K 49 -20.52 43.19 -43.45
C ALA K 49 -21.41 42.02 -43.07
N SER K 50 -22.50 42.29 -42.33
CA SER K 50 -23.37 41.21 -41.89
C SER K 50 -24.15 40.62 -43.06
N ASP K 51 -24.52 41.44 -44.05
CA ASP K 51 -25.27 40.93 -45.18
C ASP K 51 -24.45 39.91 -45.97
N ILE K 52 -23.13 40.12 -46.06
CA ILE K 52 -22.27 39.19 -46.77
C ILE K 52 -22.26 37.84 -46.08
N VAL K 53 -21.91 37.83 -44.79
CA VAL K 53 -21.71 36.56 -44.09
C VAL K 53 -23.04 35.83 -43.90
N ILE K 54 -24.14 36.56 -43.69
CA ILE K 54 -25.42 35.91 -43.42
C ILE K 54 -26.08 35.46 -44.72
N ASN K 55 -26.15 36.35 -45.71
CA ASN K 55 -26.92 36.09 -46.91
C ASN K 55 -26.11 35.52 -48.07
N ASN K 56 -24.78 35.63 -48.04
CA ASN K 56 -23.93 35.08 -49.10
C ASN K 56 -23.07 33.91 -48.64
N LEU K 57 -22.63 33.88 -47.39
CA LEU K 57 -21.69 32.89 -46.90
C LEU K 57 -22.30 31.93 -45.89
N GLY K 58 -23.60 32.02 -45.62
CA GLY K 58 -24.27 31.07 -44.77
C GLY K 58 -23.73 30.99 -43.35
N ALA K 59 -23.45 32.14 -42.74
CA ALA K 59 -22.93 32.15 -41.38
C ALA K 59 -24.03 31.82 -40.38
N THR K 60 -23.66 31.08 -39.33
CA THR K 60 -24.60 30.80 -38.26
C THR K 60 -24.85 32.07 -37.44
N PRO K 61 -25.94 32.11 -36.68
CA PRO K 61 -26.19 33.28 -35.82
C PRO K 61 -25.03 33.60 -34.89
N GLU K 62 -24.41 32.59 -34.30
CA GLU K 62 -23.25 32.83 -33.44
C GLU K 62 -22.08 33.40 -34.24
N GLN K 63 -21.83 32.84 -35.42
CA GLN K 63 -20.75 33.35 -36.26
C GLN K 63 -21.01 34.77 -36.71
N ALA K 64 -22.26 35.09 -37.06
CA ALA K 64 -22.59 36.44 -37.51
C ALA K 64 -22.43 37.45 -36.38
N LYS K 65 -22.76 37.05 -35.15
CA LYS K 65 -22.63 37.96 -34.02
C LYS K 65 -21.16 38.29 -33.75
N ARG K 66 -20.31 37.27 -33.65
CA ARG K 66 -18.88 37.50 -33.43
C ARG K 66 -18.29 38.32 -34.56
N HIS K 67 -18.70 38.04 -35.81
CA HIS K 67 -18.22 38.82 -36.95
C HIS K 67 -18.72 40.26 -36.88
N LYS K 68 -19.97 40.46 -36.43
CA LYS K 68 -20.53 41.81 -36.37
C LYS K 68 -19.78 42.68 -35.38
N ASP K 69 -19.51 42.15 -34.18
CA ASP K 69 -18.77 42.91 -33.18
C ASP K 69 -17.37 43.27 -33.68
N ALA K 70 -16.75 42.37 -34.45
CA ALA K 70 -15.41 42.61 -34.96
C ALA K 70 -15.41 43.75 -35.98
N VAL K 71 -16.32 43.68 -36.96
CA VAL K 71 -16.42 44.74 -37.96
C VAL K 71 -16.77 46.06 -37.28
N GLU K 72 -17.74 46.02 -36.37
CA GLU K 72 -18.17 47.21 -35.65
C GLU K 72 -16.99 47.88 -34.95
N ALA K 73 -16.14 47.08 -34.31
CA ALA K 73 -14.96 47.64 -33.64
C ALA K 73 -13.96 48.18 -34.65
N PHE K 74 -13.83 47.53 -35.80
CA PHE K 74 -12.84 47.95 -36.79
C PHE K 74 -13.16 49.34 -37.33
N PHE K 75 -14.33 49.51 -37.94
CA PHE K 75 -14.69 50.82 -38.45
C PHE K 75 -14.95 51.82 -37.34
N GLY K 76 -15.33 51.33 -36.15
CA GLY K 76 -15.43 52.21 -35.00
C GLY K 76 -14.09 52.78 -34.59
N GLY K 77 -13.02 52.00 -34.75
CA GLY K 77 -11.67 52.51 -34.49
C GLY K 77 -11.28 53.65 -35.41
N ALA K 78 -11.91 53.76 -36.57
CA ALA K 78 -11.69 54.86 -37.49
C ALA K 78 -12.63 56.04 -37.23
N GLY K 79 -13.30 56.07 -36.08
CA GLY K 79 -14.14 57.17 -35.71
C GLY K 79 -15.58 57.07 -36.19
N MET K 80 -15.92 56.09 -37.02
CA MET K 80 -17.27 55.97 -37.52
C MET K 80 -18.21 55.53 -36.40
N LYS K 81 -19.43 56.08 -36.41
CA LYS K 81 -20.40 55.82 -35.37
C LYS K 81 -21.77 55.61 -35.98
N TYR K 82 -22.66 54.97 -35.21
CA TYR K 82 -24.04 54.79 -35.65
C TYR K 82 -24.76 56.13 -35.66
N GLY K 83 -25.57 56.33 -36.69
CA GLY K 83 -26.30 57.58 -36.82
C GLY K 83 -25.47 58.78 -37.21
N VAL K 84 -24.20 58.58 -37.56
CA VAL K 84 -23.30 59.66 -37.95
C VAL K 84 -22.81 59.39 -39.36
N GLU K 85 -22.87 60.42 -40.21
CA GLU K 85 -22.35 60.33 -41.57
C GLU K 85 -20.91 60.84 -41.59
N THR K 86 -20.01 60.02 -42.10
CA THR K 86 -18.58 60.31 -42.10
C THR K 86 -18.15 60.66 -43.52
N ASP K 87 -17.75 61.91 -43.73
CA ASP K 87 -17.26 62.34 -45.04
C ASP K 87 -15.79 61.97 -45.19
N TRP K 88 -15.22 62.30 -46.35
CA TRP K 88 -13.83 61.92 -46.63
C TRP K 88 -12.81 62.57 -45.71
N PRO K 89 -12.89 63.87 -45.39
CA PRO K 89 -11.91 64.43 -44.43
C PRO K 89 -11.96 63.75 -43.07
N ALA K 90 -13.15 63.56 -42.51
CA ALA K 90 -13.26 62.87 -41.23
C ALA K 90 -12.91 61.40 -41.34
N TYR K 91 -13.01 60.81 -42.54
CA TYR K 91 -12.72 59.40 -42.71
C TYR K 91 -11.22 59.13 -42.71
N ILE K 92 -10.46 59.86 -43.53
CA ILE K 92 -9.03 59.63 -43.62
C ILE K 92 -8.34 60.01 -42.32
N GLU K 93 -8.85 61.04 -41.62
CA GLU K 93 -8.29 61.41 -40.34
C GLU K 93 -8.58 60.33 -39.30
N GLY K 94 -9.80 59.79 -39.30
CA GLY K 94 -10.10 58.66 -38.44
C GLY K 94 -9.27 57.44 -38.76
N TRP K 95 -8.89 57.27 -40.02
CA TRP K 95 -8.06 56.13 -40.41
C TRP K 95 -6.63 56.29 -39.91
N LYS K 96 -6.13 57.53 -39.81
CA LYS K 96 -4.85 57.76 -39.16
C LYS K 96 -4.91 57.33 -37.70
N LYS K 97 -6.03 57.60 -37.03
CA LYS K 97 -6.19 57.18 -35.64
C LYS K 97 -6.33 55.66 -35.53
N LEU K 98 -7.05 55.05 -36.47
CA LEU K 98 -7.20 53.60 -36.45
C LEU K 98 -5.86 52.91 -36.68
N ALA K 99 -5.12 53.34 -37.70
CA ALA K 99 -3.82 52.74 -37.99
C ALA K 99 -2.83 52.96 -36.84
N THR K 100 -2.94 54.10 -36.15
CA THR K 100 -2.05 54.36 -35.01
C THR K 100 -2.36 53.40 -33.87
N ASP K 101 -3.64 53.25 -33.53
CA ASP K 101 -4.02 52.34 -32.45
C ASP K 101 -3.70 50.89 -32.82
N GLU K 102 -3.82 50.53 -34.10
CA GLU K 102 -3.48 49.18 -34.53
C GLU K 102 -1.98 48.93 -34.41
N LEU K 103 -1.16 49.91 -34.81
CA LEU K 103 0.29 49.76 -34.70
C LEU K 103 0.73 49.69 -33.24
N GLU K 104 0.04 50.41 -32.35
CA GLU K 104 0.33 50.29 -30.93
C GLU K 104 0.02 48.87 -30.44
N LYS K 105 -1.11 48.31 -30.85
CA LYS K 105 -1.42 46.93 -30.49
C LYS K 105 -0.43 45.96 -31.12
N TYR K 106 -0.03 46.23 -32.37
CA TYR K 106 0.99 45.40 -33.02
C TYR K 106 2.26 45.38 -32.19
N ALA K 107 2.78 46.56 -31.84
CA ALA K 107 4.05 46.65 -31.12
C ALA K 107 3.95 46.01 -29.74
N LYS K 108 2.81 46.15 -29.07
CA LYS K 108 2.62 45.57 -27.74
C LYS K 108 2.26 44.09 -27.79
N ASN K 109 2.31 43.47 -28.97
CA ASN K 109 1.95 42.06 -29.14
C ASN K 109 0.54 41.78 -28.63
N GLU K 110 -0.35 42.75 -28.80
CA GLU K 110 -1.75 42.82 -28.41
C GLU K 110 -2.64 42.50 -29.62
N PRO K 111 -3.71 41.71 -29.42
CA PRO K 111 -4.57 41.36 -30.56
C PRO K 111 -5.18 42.60 -31.20
N THR K 112 -4.88 42.77 -32.49
CA THR K 112 -5.33 43.94 -33.22
C THR K 112 -6.77 43.74 -33.71
N LEU K 113 -7.40 44.85 -34.10
CA LEU K 113 -8.75 44.79 -34.61
C LEU K 113 -8.83 44.07 -35.95
N ILE K 114 -7.78 44.17 -36.77
CA ILE K 114 -7.80 43.50 -38.07
C ILE K 114 -7.68 41.99 -37.90
N ARG K 115 -6.96 41.54 -36.88
CA ARG K 115 -6.88 40.10 -36.62
C ARG K 115 -8.21 39.57 -36.11
N ILE K 116 -8.83 40.28 -35.16
CA ILE K 116 -10.10 39.85 -34.59
C ILE K 116 -11.16 39.73 -35.68
N TRP K 117 -11.18 40.67 -36.62
CA TRP K 117 -12.07 40.57 -37.77
C TRP K 117 -11.71 39.35 -38.62
N GLY K 118 -10.42 39.15 -38.88
CA GLY K 118 -10.00 38.01 -39.68
C GLY K 118 -10.39 36.69 -39.07
N ASP K 119 -10.11 36.52 -37.76
CA ASP K 119 -10.47 35.28 -37.09
C ASP K 119 -11.96 35.02 -37.15
N ALA K 120 -12.78 36.06 -36.94
CA ALA K 120 -14.21 35.89 -36.99
C ALA K 120 -14.69 35.57 -38.41
N LEU K 121 -14.06 36.19 -39.41
CA LEU K 121 -14.48 35.99 -40.79
C LEU K 121 -14.02 34.64 -41.33
N PHE K 122 -12.74 34.30 -41.11
CA PHE K 122 -12.23 33.04 -41.63
C PHE K 122 -12.95 31.84 -41.05
N ASP K 123 -13.47 31.96 -39.82
CA ASP K 123 -14.29 30.89 -39.25
C ASP K 123 -15.56 30.68 -40.06
N ILE K 124 -16.02 31.69 -40.78
CA ILE K 124 -17.18 31.56 -41.66
C ILE K 124 -16.78 31.10 -43.05
N VAL K 125 -15.73 31.71 -43.61
CA VAL K 125 -15.33 31.42 -44.99
C VAL K 125 -14.75 30.03 -45.11
N ASP K 126 -13.99 29.58 -44.11
CA ASP K 126 -13.42 28.25 -44.10
C ASP K 126 -14.50 27.23 -43.77
N LYS K 127 -14.81 26.35 -44.72
CA LYS K 127 -15.84 25.33 -44.49
C LYS K 127 -15.42 24.35 -43.40
N ASP K 128 -14.13 24.09 -43.27
CA ASP K 128 -13.63 23.25 -42.18
C ASP K 128 -13.53 24.01 -40.87
N GLN K 129 -13.52 25.34 -40.93
CA GLN K 129 -13.42 26.20 -39.75
C GLN K 129 -12.15 25.93 -38.95
N ASN K 130 -11.02 25.86 -39.67
CA ASN K 130 -9.71 25.73 -39.04
C ASN K 130 -8.85 26.98 -39.26
N GLY K 131 -9.48 28.12 -39.54
CA GLY K 131 -8.74 29.35 -39.71
C GLY K 131 -7.86 29.41 -40.94
N ALA K 132 -8.22 28.70 -42.00
CA ALA K 132 -7.44 28.72 -43.24
C ALA K 132 -8.39 28.51 -44.41
N ILE K 133 -8.33 29.41 -45.39
CA ILE K 133 -9.25 29.39 -46.52
C ILE K 133 -8.49 29.03 -47.80
N THR K 134 -9.21 28.37 -48.71
CA THR K 134 -8.66 28.05 -50.02
C THR K 134 -8.78 29.24 -50.95
N LEU K 135 -8.33 29.07 -52.20
CA LEU K 135 -8.44 30.14 -53.17
C LEU K 135 -9.89 30.37 -53.59
N ASP K 136 -10.65 29.28 -53.77
CA ASP K 136 -12.06 29.41 -54.13
C ASP K 136 -12.84 30.14 -53.04
N GLU K 137 -12.54 29.85 -51.77
CA GLU K 137 -13.22 30.52 -50.67
C GLU K 137 -12.83 31.99 -50.59
N TRP K 138 -11.56 32.31 -50.90
CA TRP K 138 -11.14 33.71 -50.95
C TRP K 138 -11.80 34.44 -52.09
N LYS K 139 -11.98 33.76 -53.23
CA LYS K 139 -12.72 34.36 -54.34
C LYS K 139 -14.18 34.61 -53.95
N ALA K 140 -14.76 33.68 -53.19
CA ALA K 140 -16.17 33.80 -52.84
C ALA K 140 -16.43 35.01 -51.94
N TYR K 141 -15.56 35.25 -50.95
CA TYR K 141 -15.78 36.37 -50.06
C TYR K 141 -15.52 37.70 -50.74
N THR K 142 -14.38 37.81 -51.43
CA THR K 142 -13.98 39.10 -52.01
C THR K 142 -14.91 39.52 -53.14
N LYS K 143 -15.43 38.56 -53.91
CA LYS K 143 -16.37 38.91 -54.97
C LYS K 143 -17.73 39.27 -54.39
N ALA K 144 -18.17 38.57 -53.33
CA ALA K 144 -19.40 38.93 -52.66
C ALA K 144 -19.29 40.32 -52.03
N ALA K 145 -18.15 40.60 -51.40
CA ALA K 145 -17.91 41.93 -50.85
C ALA K 145 -17.65 42.96 -51.94
N GLY K 146 -17.20 42.54 -53.12
CA GLY K 146 -16.89 43.44 -54.20
C GLY K 146 -15.51 44.07 -54.13
N ILE K 147 -14.75 43.82 -53.06
CA ILE K 147 -13.42 44.41 -52.94
C ILE K 147 -12.47 43.87 -54.00
N ILE K 148 -12.73 42.68 -54.52
CA ILE K 148 -12.03 42.13 -55.68
C ILE K 148 -13.09 41.65 -56.67
N GLN K 149 -12.91 42.02 -57.93
CA GLN K 149 -13.86 41.66 -58.98
C GLN K 149 -13.39 40.47 -59.82
N SER K 150 -12.15 40.50 -60.30
CA SER K 150 -11.65 39.46 -61.18
C SER K 150 -11.01 38.33 -60.39
N SER K 151 -10.96 37.15 -61.01
CA SER K 151 -10.29 36.01 -60.40
C SER K 151 -8.78 36.15 -60.45
N GLU K 152 -8.25 36.85 -61.45
CA GLU K 152 -6.80 37.02 -61.57
C GLU K 152 -6.25 37.81 -60.39
N ASP K 153 -7.00 38.79 -59.90
CA ASP K 153 -6.56 39.55 -58.72
C ASP K 153 -6.68 38.70 -57.46
N CYS K 154 -7.68 37.84 -57.37
CA CYS K 154 -7.77 36.91 -56.25
C CYS K 154 -6.56 35.99 -56.19
N GLU K 155 -6.05 35.59 -57.36
CA GLU K 155 -4.88 34.71 -57.41
C GLU K 155 -3.62 35.46 -57.02
N GLU K 156 -3.57 36.78 -57.24
CA GLU K 156 -2.41 37.55 -56.82
C GLU K 156 -2.26 37.55 -55.31
N THR K 157 -3.37 37.52 -54.58
CA THR K 157 -3.31 37.46 -53.11
C THR K 157 -2.55 36.22 -52.65
N PHE K 158 -2.89 35.06 -53.22
CA PHE K 158 -2.21 33.82 -52.86
C PHE K 158 -0.79 33.75 -53.40
N ARG K 159 -0.43 34.63 -54.34
CA ARG K 159 0.98 34.75 -54.73
C ARG K 159 1.75 35.61 -53.74
N VAL K 160 1.13 36.68 -53.24
CA VAL K 160 1.79 37.56 -52.29
C VAL K 160 1.88 36.90 -50.92
N CYS K 161 0.83 36.18 -50.53
CA CYS K 161 0.79 35.57 -49.20
C CYS K 161 1.58 34.26 -49.17
N ASP K 162 2.03 33.90 -47.96
CA ASP K 162 2.77 32.67 -47.74
C ASP K 162 1.78 31.57 -47.34
N ILE K 163 1.18 30.94 -48.35
CA ILE K 163 0.24 29.86 -48.11
C ILE K 163 0.99 28.58 -47.74
N ASP K 164 0.27 27.66 -47.12
CA ASP K 164 0.87 26.43 -46.62
C ASP K 164 0.96 25.40 -47.74
N GLU K 165 1.37 24.17 -47.38
CA GLU K 165 1.55 23.12 -48.39
C GLU K 165 0.25 22.77 -49.09
N SER K 166 -0.88 22.91 -48.41
CA SER K 166 -2.17 22.64 -49.03
C SER K 166 -2.62 23.78 -49.95
N GLY K 167 -1.99 24.94 -49.88
CA GLY K 167 -2.40 26.08 -50.66
C GLY K 167 -3.42 26.97 -50.00
N GLN K 168 -3.52 26.96 -48.68
CA GLN K 168 -4.52 27.72 -47.96
C GLN K 168 -3.88 28.89 -47.23
N LEU K 169 -4.69 29.92 -46.99
CA LEU K 169 -4.25 31.16 -46.34
C LEU K 169 -4.90 31.25 -44.97
N ASP K 170 -4.08 31.50 -43.95
CA ASP K 170 -4.57 31.64 -42.58
C ASP K 170 -4.55 33.09 -42.14
N VAL K 171 -5.20 33.36 -41.02
CA VAL K 171 -5.32 34.73 -40.51
C VAL K 171 -3.96 35.28 -40.12
N ASP K 172 -3.08 34.44 -39.59
CA ASP K 172 -1.74 34.90 -39.19
C ASP K 172 -1.01 35.55 -40.36
N GLU K 173 -0.95 34.86 -41.50
CA GLU K 173 -0.29 35.40 -42.67
C GLU K 173 -1.01 36.63 -43.21
N MET K 174 -2.35 36.57 -43.26
CA MET K 174 -3.12 37.70 -43.78
C MET K 174 -3.02 38.91 -42.86
N THR K 175 -2.89 38.69 -41.55
CA THR K 175 -2.73 39.81 -40.62
C THR K 175 -1.41 40.53 -40.87
N ARG K 176 -0.34 39.77 -41.14
CA ARG K 176 0.94 40.38 -41.48
C ARG K 176 0.84 41.17 -42.79
N GLN K 177 0.18 40.59 -43.79
CA GLN K 177 0.02 41.29 -45.06
C GLN K 177 -0.82 42.55 -44.90
N HIS K 178 -1.89 42.48 -44.10
CA HIS K 178 -2.72 43.65 -43.86
C HIS K 178 -1.97 44.71 -43.04
N LEU K 179 -1.00 44.29 -42.24
CA LEU K 179 -0.17 45.26 -41.52
C LEU K 179 0.54 46.20 -42.49
N GLY K 180 1.15 45.64 -43.53
CA GLY K 180 1.84 46.46 -44.52
C GLY K 180 0.95 47.07 -45.58
N PHE K 181 -0.21 46.46 -45.84
CA PHE K 181 -1.06 46.95 -46.92
C PHE K 181 -1.98 48.07 -46.47
N TRP K 182 -2.57 47.98 -45.28
CA TRP K 182 -3.49 49.02 -44.83
C TRP K 182 -2.82 50.07 -43.96
N TYR K 183 -1.74 49.71 -43.25
CA TYR K 183 -1.20 50.56 -42.20
C TYR K 183 0.13 51.21 -42.55
N THR K 184 1.14 50.42 -42.94
CA THR K 184 2.50 50.92 -43.03
C THR K 184 3.01 51.13 -44.45
N MET K 185 2.24 50.73 -45.48
CA MET K 185 2.66 50.85 -46.87
C MET K 185 3.96 50.09 -47.14
N ASP K 186 4.04 48.87 -46.63
CA ASP K 186 5.18 48.00 -46.88
C ASP K 186 5.24 47.64 -48.36
N PRO K 187 6.34 47.93 -49.06
CA PRO K 187 6.43 47.54 -50.48
C PRO K 187 6.34 46.04 -50.69
N ALA K 188 6.64 45.23 -49.68
CA ALA K 188 6.52 43.78 -49.81
C ALA K 188 5.07 43.31 -49.83
N CYS K 189 4.11 44.19 -49.52
CA CYS K 189 2.70 43.83 -49.52
C CYS K 189 1.96 44.40 -50.73
N GLU K 190 2.68 44.96 -51.70
CA GLU K 190 2.04 45.45 -52.91
C GLU K 190 1.38 44.29 -53.67
N LYS K 191 0.32 44.63 -54.40
CA LYS K 191 -0.45 43.66 -55.18
C LYS K 191 -1.11 42.60 -54.31
N LEU K 192 -1.30 42.89 -53.02
CA LEU K 192 -2.02 41.96 -52.15
C LEU K 192 -3.44 41.72 -52.65
N TYR K 193 -4.05 42.74 -53.24
CA TYR K 193 -5.35 42.61 -53.90
C TYR K 193 -5.24 42.72 -55.41
N GLY K 194 -4.08 42.41 -55.97
CA GLY K 194 -3.89 42.52 -57.41
C GLY K 194 -4.03 43.96 -57.85
N GLY K 195 -4.71 44.14 -58.98
CA GLY K 195 -5.05 45.46 -59.46
C GLY K 195 -6.35 46.01 -58.91
N ALA K 196 -7.03 45.26 -58.04
CA ALA K 196 -8.32 45.70 -57.52
C ALA K 196 -8.17 46.87 -56.55
N VAL K 197 -7.11 46.90 -55.76
CA VAL K 197 -6.87 47.99 -54.81
C VAL K 197 -5.51 48.60 -55.08
N PRO K 198 -5.41 49.92 -55.28
CA PRO K 198 -4.14 50.61 -55.50
C PRO K 198 -3.20 50.48 -54.30
N LYS L 11 -0.88 5.71 -59.42
CA LYS L 11 -0.94 7.14 -59.13
C LYS L 11 -2.23 7.50 -58.41
N LEU L 12 -2.11 8.30 -57.35
CA LEU L 12 -3.23 8.66 -56.49
C LEU L 12 -3.46 10.16 -56.43
N THR L 13 -3.00 10.91 -57.42
CA THR L 13 -3.20 12.36 -57.45
C THR L 13 -4.26 12.72 -58.50
N SER L 14 -5.00 13.77 -58.21
CA SER L 14 -6.06 14.21 -59.11
C SER L 14 -5.48 15.02 -60.27
N ASP L 15 -6.32 15.23 -61.28
CA ASP L 15 -5.94 15.97 -62.47
C ASP L 15 -7.19 16.65 -63.02
N PHE L 16 -7.81 17.49 -62.19
CA PHE L 16 -9.12 18.06 -62.51
C PHE L 16 -9.04 19.20 -63.51
N ASP L 17 -7.87 19.82 -63.68
CA ASP L 17 -7.69 20.84 -64.70
C ASP L 17 -7.34 20.27 -66.05
N ASN L 18 -7.06 18.98 -66.13
CA ASN L 18 -6.80 18.31 -67.40
C ASN L 18 -8.05 18.40 -68.28
N PRO L 19 -7.98 19.05 -69.44
CA PRO L 19 -9.18 19.16 -70.28
C PRO L 19 -9.71 17.82 -70.76
N ARG L 20 -8.86 16.80 -70.88
CA ARG L 20 -9.33 15.49 -71.28
C ARG L 20 -10.03 14.75 -70.15
N TRP L 21 -9.79 15.14 -68.90
CA TRP L 21 -10.61 14.61 -67.80
C TRP L 21 -11.98 15.26 -67.80
N ILE L 22 -12.04 16.55 -68.09
CA ILE L 22 -13.33 17.26 -68.15
C ILE L 22 -14.12 16.79 -69.36
N GLY L 23 -13.47 16.65 -70.51
CA GLY L 23 -14.15 16.16 -71.70
C GLY L 23 -14.60 14.72 -71.58
N ARG L 24 -13.89 13.93 -70.79
CA ARG L 24 -14.29 12.54 -70.57
C ARG L 24 -15.63 12.46 -69.84
N HIS L 25 -15.76 13.20 -68.74
CA HIS L 25 -17.01 13.19 -67.98
C HIS L 25 -18.08 14.06 -68.62
N LYS L 26 -17.70 14.99 -69.50
CA LYS L 26 -18.70 15.71 -70.28
C LYS L 26 -19.33 14.79 -71.32
N HIS L 27 -18.53 13.92 -71.93
CA HIS L 27 -19.07 12.89 -72.80
C HIS L 27 -20.05 12.00 -72.06
N MET L 28 -19.71 11.62 -70.83
CA MET L 28 -20.61 10.79 -70.04
C MET L 28 -21.88 11.54 -69.67
N PHE L 29 -21.75 12.83 -69.35
CA PHE L 29 -22.93 13.63 -69.02
C PHE L 29 -23.89 13.70 -70.20
N ASN L 30 -23.37 13.97 -71.40
CA ASN L 30 -24.21 13.99 -72.59
C ASN L 30 -24.78 12.62 -72.90
N PHE L 31 -24.04 11.55 -72.60
CA PHE L 31 -24.56 10.20 -72.78
C PHE L 31 -25.66 9.91 -71.76
N LEU L 32 -25.53 10.43 -70.54
CA LEU L 32 -26.55 10.22 -69.53
C LEU L 32 -27.77 11.11 -69.74
N ASP L 33 -27.58 12.26 -70.40
CA ASP L 33 -28.68 13.18 -70.66
C ASP L 33 -29.36 12.80 -71.98
N VAL L 34 -30.13 11.71 -71.92
CA VAL L 34 -30.72 11.17 -73.13
C VAL L 34 -31.82 12.07 -73.67
N ASN L 35 -32.49 12.83 -72.81
CA ASN L 35 -33.56 13.72 -73.22
C ASN L 35 -33.06 15.14 -73.51
N HIS L 36 -31.76 15.37 -73.44
CA HIS L 36 -31.15 16.66 -73.78
C HIS L 36 -31.74 17.81 -72.96
N ASN L 37 -31.97 17.55 -71.68
CA ASN L 37 -32.46 18.59 -70.78
C ASN L 37 -31.35 19.45 -70.22
N GLY L 38 -30.08 19.11 -70.48
CA GLY L 38 -28.99 19.80 -69.83
C GLY L 38 -28.90 19.56 -68.34
N LYS L 39 -29.61 18.55 -67.83
CA LYS L 39 -29.65 18.28 -66.40
C LYS L 39 -30.14 16.85 -66.20
N ILE L 40 -29.58 16.19 -65.19
CA ILE L 40 -29.96 14.82 -64.85
C ILE L 40 -30.19 14.74 -63.35
N SER L 41 -30.92 13.70 -62.94
CA SER L 41 -31.27 13.51 -61.54
C SER L 41 -30.84 12.12 -61.10
N LEU L 42 -30.72 11.95 -59.78
CA LEU L 42 -30.38 10.65 -59.22
C LEU L 42 -31.50 9.64 -59.49
N ASP L 43 -32.74 10.11 -59.58
CA ASP L 43 -33.84 9.21 -59.92
C ASP L 43 -33.61 8.54 -61.27
N GLU L 44 -33.17 9.32 -62.26
CA GLU L 44 -32.95 8.79 -63.60
C GLU L 44 -31.77 7.81 -63.61
N MET L 45 -30.69 8.15 -62.90
CA MET L 45 -29.52 7.29 -62.90
C MET L 45 -29.82 5.95 -62.25
N VAL L 46 -30.51 5.96 -61.11
CA VAL L 46 -30.83 4.71 -60.43
C VAL L 46 -31.88 3.92 -61.20
N TYR L 47 -32.83 4.61 -61.84
CA TYR L 47 -33.79 3.91 -62.68
C TYR L 47 -33.12 3.20 -63.84
N LYS L 48 -32.24 3.93 -64.55
CA LYS L 48 -31.50 3.32 -65.66
C LYS L 48 -30.70 2.11 -65.19
N ALA L 49 -30.01 2.25 -64.06
CA ALA L 49 -29.16 1.17 -63.57
C ALA L 49 -29.99 -0.07 -63.22
N SER L 50 -31.10 0.12 -62.50
CA SER L 50 -31.90 -1.03 -62.10
C SER L 50 -32.63 -1.64 -63.29
N ASP L 51 -33.06 -0.80 -64.24
CA ASP L 51 -33.77 -1.31 -65.41
C ASP L 51 -32.87 -2.22 -66.24
N ILE L 52 -31.57 -1.95 -66.27
CA ILE L 52 -30.63 -2.81 -66.99
C ILE L 52 -30.58 -4.19 -66.34
N VAL L 53 -30.23 -4.23 -65.05
CA VAL L 53 -29.97 -5.51 -64.40
C VAL L 53 -31.25 -6.31 -64.22
N ILE L 54 -32.38 -5.65 -64.01
CA ILE L 54 -33.64 -6.36 -63.78
C ILE L 54 -34.25 -6.82 -65.10
N ASN L 55 -34.37 -5.93 -66.07
CA ASN L 55 -35.14 -6.20 -67.28
C ASN L 55 -34.28 -6.65 -68.45
N ASN L 56 -32.96 -6.50 -68.39
CA ASN L 56 -32.08 -6.97 -69.45
C ASN L 56 -31.17 -8.11 -69.03
N LEU L 57 -30.79 -8.17 -67.75
CA LEU L 57 -29.82 -9.16 -67.28
C LEU L 57 -30.40 -10.14 -66.28
N GLY L 58 -31.69 -10.07 -65.99
CA GLY L 58 -32.33 -11.07 -65.14
C GLY L 58 -31.83 -11.12 -63.72
N ALA L 59 -31.61 -9.97 -63.09
CA ALA L 59 -31.14 -9.95 -61.71
C ALA L 59 -32.25 -10.36 -60.76
N THR L 60 -31.88 -11.09 -59.71
CA THR L 60 -32.82 -11.42 -58.65
C THR L 60 -33.14 -10.17 -57.85
N PRO L 61 -34.26 -10.16 -57.12
CA PRO L 61 -34.56 -8.99 -56.27
C PRO L 61 -33.48 -8.69 -55.26
N GLU L 62 -32.79 -9.72 -54.73
CA GLU L 62 -31.70 -9.47 -53.80
C GLU L 62 -30.50 -8.86 -54.51
N GLN L 63 -30.16 -9.38 -55.69
CA GLN L 63 -29.07 -8.79 -56.47
C GLN L 63 -29.39 -7.36 -56.90
N ALA L 64 -30.64 -7.12 -57.28
CA ALA L 64 -31.02 -5.78 -57.73
C ALA L 64 -30.97 -4.77 -56.58
N LYS L 65 -31.32 -5.20 -55.37
CA LYS L 65 -31.24 -4.31 -54.22
C LYS L 65 -29.80 -3.94 -53.91
N ARG L 66 -28.92 -4.94 -53.83
CA ARG L 66 -27.51 -4.67 -53.60
C ARG L 66 -26.92 -3.80 -54.70
N HIS L 67 -27.31 -4.05 -55.95
CA HIS L 67 -26.85 -3.22 -57.06
C HIS L 67 -27.42 -1.80 -56.94
N LYS L 68 -28.67 -1.67 -56.50
CA LYS L 68 -29.29 -0.36 -56.40
C LYS L 68 -28.58 0.53 -55.39
N ASP L 69 -28.32 -0.01 -54.19
CA ASP L 69 -27.62 0.76 -53.17
C ASP L 69 -26.26 1.24 -53.66
N ALA L 70 -25.54 0.37 -54.39
CA ALA L 70 -24.19 0.71 -54.84
C ALA L 70 -24.23 1.82 -55.88
N VAL L 71 -25.13 1.72 -56.86
CA VAL L 71 -25.27 2.79 -57.86
C VAL L 71 -25.68 4.08 -57.17
N GLU L 72 -26.62 3.98 -56.24
CA GLU L 72 -27.11 5.16 -55.52
C GLU L 72 -25.97 5.87 -54.79
N ALA L 73 -25.14 5.10 -54.07
CA ALA L 73 -24.02 5.68 -53.36
C ALA L 73 -22.99 6.27 -54.31
N PHE L 74 -22.84 5.69 -55.51
CA PHE L 74 -21.85 6.19 -56.46
C PHE L 74 -22.24 7.57 -56.98
N PHE L 75 -23.39 7.67 -57.66
CA PHE L 75 -23.81 8.95 -58.19
C PHE L 75 -24.16 9.94 -57.09
N GLY L 76 -24.66 9.44 -55.95
CA GLY L 76 -24.82 10.31 -54.79
C GLY L 76 -23.50 10.87 -54.30
N GLY L 77 -22.42 10.11 -54.42
CA GLY L 77 -21.10 10.62 -54.10
C GLY L 77 -20.64 11.75 -54.99
N ALA L 78 -21.23 11.88 -56.18
CA ALA L 78 -20.97 13.00 -57.07
C ALA L 78 -21.91 14.17 -56.81
N GLY L 79 -22.61 14.19 -55.69
CA GLY L 79 -23.51 15.27 -55.34
C GLY L 79 -24.93 15.13 -55.85
N MET L 80 -25.23 14.09 -56.61
CA MET L 80 -26.57 13.92 -57.15
C MET L 80 -27.53 13.44 -56.06
N LYS L 81 -28.75 13.97 -56.09
CA LYS L 81 -29.75 13.68 -55.07
C LYS L 81 -31.09 13.39 -55.72
N TYR L 82 -31.92 12.65 -55.00
CA TYR L 82 -33.28 12.38 -55.48
C TYR L 82 -34.10 13.66 -55.48
N GLY L 83 -34.92 13.83 -56.51
CA GLY L 83 -35.73 15.02 -56.64
C GLY L 83 -34.97 16.27 -57.01
N VAL L 84 -33.67 16.16 -57.28
CA VAL L 84 -32.82 17.29 -57.62
C VAL L 84 -32.23 17.06 -59.01
N GLU L 85 -32.31 18.07 -59.87
CA GLU L 85 -31.73 18.01 -61.19
C GLU L 85 -30.35 18.65 -61.18
N THR L 86 -29.37 17.95 -61.73
CA THR L 86 -27.96 18.36 -61.68
C THR L 86 -27.54 18.79 -63.08
N ASP L 87 -27.25 20.08 -63.25
CA ASP L 87 -26.75 20.58 -64.52
C ASP L 87 -25.27 20.25 -64.67
N TRP L 88 -24.69 20.61 -65.82
CA TRP L 88 -23.29 20.27 -66.07
C TRP L 88 -22.33 20.96 -65.11
N PRO L 89 -22.43 22.27 -64.83
CA PRO L 89 -21.51 22.86 -63.84
C PRO L 89 -21.55 22.19 -62.49
N ALA L 90 -22.75 21.90 -61.96
CA ALA L 90 -22.83 21.19 -60.68
C ALA L 90 -22.41 19.74 -60.84
N TYR L 91 -22.56 19.16 -62.03
CA TYR L 91 -22.18 17.77 -62.24
C TYR L 91 -20.66 17.60 -62.19
N ILE L 92 -19.93 18.47 -62.87
CA ILE L 92 -18.47 18.30 -62.96
C ILE L 92 -17.80 18.67 -61.64
N GLU L 93 -18.37 19.63 -60.91
CA GLU L 93 -17.78 19.97 -59.61
C GLU L 93 -18.07 18.88 -58.58
N GLY L 94 -19.26 18.27 -58.66
CA GLY L 94 -19.54 17.13 -57.81
C GLY L 94 -18.68 15.93 -58.11
N TRP L 95 -18.30 15.76 -59.38
CA TRP L 95 -17.39 14.68 -59.75
C TRP L 95 -15.98 14.91 -59.23
N LYS L 96 -15.59 16.17 -58.99
CA LYS L 96 -14.34 16.43 -58.29
C LYS L 96 -14.41 15.93 -56.85
N LYS L 97 -15.55 16.16 -56.19
CA LYS L 97 -15.73 15.66 -54.82
C LYS L 97 -15.78 14.15 -54.79
N LEU L 98 -16.40 13.52 -55.80
CA LEU L 98 -16.43 12.06 -55.86
C LEU L 98 -15.02 11.51 -56.07
N ALA L 99 -14.26 12.10 -56.99
CA ALA L 99 -12.92 11.60 -57.27
C ALA L 99 -12.01 11.77 -56.07
N THR L 100 -12.07 12.92 -55.39
CA THR L 100 -11.23 13.13 -54.22
C THR L 100 -11.57 12.16 -53.10
N ASP L 101 -12.87 11.88 -52.90
CA ASP L 101 -13.25 10.92 -51.88
C ASP L 101 -12.83 9.51 -52.26
N GLU L 102 -12.94 9.16 -53.54
CA GLU L 102 -12.51 7.83 -53.99
C GLU L 102 -11.01 7.65 -53.84
N LEU L 103 -10.23 8.67 -54.20
CA LEU L 103 -8.78 8.58 -54.04
C LEU L 103 -8.38 8.46 -52.58
N GLU L 104 -9.15 9.07 -51.67
CA GLU L 104 -8.90 8.90 -50.25
C GLU L 104 -9.13 7.46 -49.82
N LYS L 105 -10.16 6.81 -50.37
CA LYS L 105 -10.41 5.41 -50.04
C LYS L 105 -9.33 4.50 -50.63
N TYR L 106 -8.87 4.80 -51.84
CA TYR L 106 -7.79 4.03 -52.44
C TYR L 106 -6.55 4.03 -51.55
N ALA L 107 -6.11 5.21 -51.13
CA ALA L 107 -4.90 5.32 -50.32
C ALA L 107 -5.08 4.66 -48.96
N LYS L 108 -6.26 4.78 -48.37
CA LYS L 108 -6.55 4.12 -47.10
C LYS L 108 -6.79 2.62 -47.26
N ASN L 109 -6.74 2.09 -48.48
CA ASN L 109 -7.02 0.68 -48.75
C ASN L 109 -8.41 0.30 -48.25
N GLU L 110 -9.36 1.23 -48.40
CA GLU L 110 -10.77 1.24 -48.06
C GLU L 110 -11.62 0.92 -49.29
N PRO L 111 -12.66 0.11 -49.15
CA PRO L 111 -13.49 -0.24 -50.32
C PRO L 111 -14.10 1.01 -50.95
N THR L 112 -13.77 1.23 -52.22
CA THR L 112 -14.24 2.41 -52.94
C THR L 112 -15.67 2.19 -53.43
N LEU L 113 -16.32 3.31 -53.75
CA LEU L 113 -17.68 3.25 -54.29
C LEU L 113 -17.71 2.56 -55.65
N ILE L 114 -16.72 2.83 -56.49
CA ILE L 114 -16.69 2.22 -57.82
C ILE L 114 -16.45 0.71 -57.71
N ARG L 115 -15.76 0.27 -56.66
CA ARG L 115 -15.57 -1.17 -56.46
C ARG L 115 -16.85 -1.83 -55.97
N ILE L 116 -17.52 -1.23 -54.98
CA ILE L 116 -18.77 -1.78 -54.46
C ILE L 116 -19.79 -1.95 -55.57
N TRP L 117 -19.87 -0.97 -56.47
CA TRP L 117 -20.73 -1.12 -57.65
C TRP L 117 -20.26 -2.28 -58.52
N GLY L 118 -18.95 -2.44 -58.69
CA GLY L 118 -18.44 -3.53 -59.50
C GLY L 118 -18.79 -4.89 -58.91
N ASP L 119 -18.58 -5.06 -57.61
CA ASP L 119 -18.92 -6.32 -56.96
C ASP L 119 -20.41 -6.62 -57.09
N ALA L 120 -21.26 -5.60 -56.92
CA ALA L 120 -22.70 -5.81 -57.02
C ALA L 120 -23.12 -6.11 -58.46
N LEU L 121 -22.48 -5.46 -59.43
CA LEU L 121 -22.85 -5.66 -60.83
C LEU L 121 -22.30 -6.98 -61.38
N PHE L 122 -21.03 -7.28 -61.09
CA PHE L 122 -20.44 -8.50 -61.63
C PHE L 122 -21.12 -9.75 -61.09
N ASP L 123 -21.70 -9.69 -59.89
CA ASP L 123 -22.48 -10.82 -59.39
C ASP L 123 -23.70 -11.08 -60.25
N ILE L 124 -24.21 -10.05 -60.91
CA ILE L 124 -25.33 -10.19 -61.84
C ILE L 124 -24.86 -10.59 -63.24
N VAL L 125 -23.82 -9.91 -63.73
CA VAL L 125 -23.35 -10.14 -65.09
C VAL L 125 -22.74 -11.54 -65.22
N ASP L 126 -21.98 -11.97 -64.22
CA ASP L 126 -21.36 -13.29 -64.24
C ASP L 126 -22.43 -14.34 -63.97
N LYS L 127 -22.70 -15.18 -64.98
CA LYS L 127 -23.71 -16.22 -64.82
C LYS L 127 -23.32 -17.22 -63.74
N ASP L 128 -22.01 -17.37 -63.48
CA ASP L 128 -21.53 -18.22 -62.41
C ASP L 128 -21.53 -17.50 -61.06
N GLN L 129 -21.69 -16.17 -61.05
CA GLN L 129 -21.70 -15.38 -59.81
C GLN L 129 -20.41 -15.56 -59.03
N ASN L 130 -19.28 -15.47 -59.74
CA ASN L 130 -17.95 -15.61 -59.15
C ASN L 130 -17.13 -14.33 -59.27
N GLY L 131 -17.78 -13.20 -59.54
CA GLY L 131 -17.07 -11.93 -59.61
C GLY L 131 -16.15 -11.77 -60.79
N ALA L 132 -16.30 -12.59 -61.84
CA ALA L 132 -15.49 -12.49 -63.03
C ALA L 132 -16.37 -12.74 -64.25
N ILE L 133 -16.31 -11.84 -65.23
CA ILE L 133 -17.19 -11.89 -66.39
C ILE L 133 -16.38 -12.19 -67.65
N THR L 134 -17.01 -12.91 -68.57
CA THR L 134 -16.41 -13.20 -69.86
C THR L 134 -16.62 -12.01 -70.81
N LEU L 135 -15.98 -12.10 -71.98
CA LEU L 135 -16.08 -11.02 -72.95
C LEU L 135 -17.52 -10.86 -73.45
N ASP L 136 -18.21 -11.97 -73.68
CA ASP L 136 -19.60 -11.90 -74.11
C ASP L 136 -20.49 -11.24 -73.07
N GLU L 137 -20.25 -11.55 -71.79
CA GLU L 137 -21.02 -10.92 -70.72
C GLU L 137 -20.70 -9.44 -70.61
N TRP L 138 -19.46 -9.05 -70.87
CA TRP L 138 -19.10 -7.64 -70.91
C TRP L 138 -19.78 -6.94 -72.09
N LYS L 139 -19.87 -7.62 -73.23
CA LYS L 139 -20.57 -7.06 -74.38
C LYS L 139 -22.06 -6.87 -74.07
N ALA L 140 -22.66 -7.84 -73.37
CA ALA L 140 -24.10 -7.77 -73.10
C ALA L 140 -24.43 -6.59 -72.19
N TYR L 141 -23.62 -6.34 -71.16
CA TYR L 141 -23.95 -5.26 -70.24
C TYR L 141 -23.69 -3.89 -70.86
N THR L 142 -22.52 -3.70 -71.48
CA THR L 142 -22.18 -2.38 -71.98
C THR L 142 -23.06 -1.97 -73.16
N LYS L 143 -23.53 -2.94 -73.95
CA LYS L 143 -24.46 -2.61 -75.02
C LYS L 143 -25.87 -2.36 -74.49
N ALA L 144 -26.27 -3.07 -73.42
CA ALA L 144 -27.55 -2.79 -72.80
C ALA L 144 -27.53 -1.43 -72.10
N ALA L 145 -26.44 -1.11 -71.41
CA ALA L 145 -26.30 0.22 -70.83
C ALA L 145 -26.06 1.28 -71.89
N GLY L 146 -25.45 0.89 -73.01
CA GLY L 146 -25.16 1.81 -74.09
C GLY L 146 -23.83 2.53 -73.96
N ILE L 147 -23.05 2.26 -72.91
CA ILE L 147 -21.78 2.93 -72.74
C ILE L 147 -20.79 2.50 -73.83
N ILE L 148 -20.97 1.29 -74.37
CA ILE L 148 -20.23 0.84 -75.54
C ILE L 148 -21.25 0.31 -76.55
N GLN L 149 -21.08 0.70 -77.81
CA GLN L 149 -22.01 0.31 -78.87
C GLN L 149 -21.49 -0.82 -79.74
N SER L 150 -20.21 -0.82 -80.06
CA SER L 150 -19.63 -1.81 -80.98
C SER L 150 -18.89 -2.89 -80.21
N SER L 151 -18.88 -4.10 -80.80
CA SER L 151 -18.10 -5.19 -80.21
C SER L 151 -16.61 -4.90 -80.23
N GLU L 152 -16.15 -4.13 -81.22
CA GLU L 152 -14.73 -3.83 -81.33
C GLU L 152 -14.20 -3.10 -80.10
N ASP L 153 -14.99 -2.16 -79.57
CA ASP L 153 -14.56 -1.42 -78.38
C ASP L 153 -14.67 -2.28 -77.12
N CYS L 154 -15.63 -3.21 -77.07
CA CYS L 154 -15.69 -4.14 -75.97
C CYS L 154 -14.45 -5.03 -75.92
N GLU L 155 -13.91 -5.40 -77.08
CA GLU L 155 -12.72 -6.22 -77.12
C GLU L 155 -11.47 -5.42 -76.71
N GLU L 156 -11.50 -4.11 -76.90
CA GLU L 156 -10.39 -3.28 -76.43
C GLU L 156 -10.32 -3.26 -74.90
N THR L 157 -11.45 -3.46 -74.23
CA THR L 157 -11.45 -3.54 -72.77
C THR L 157 -10.66 -4.75 -72.29
N PHE L 158 -10.84 -5.90 -72.94
CA PHE L 158 -10.11 -7.11 -72.58
C PHE L 158 -8.68 -7.10 -73.10
N ARG L 159 -8.31 -6.13 -73.93
CA ARG L 159 -6.91 -5.93 -74.28
C ARG L 159 -6.19 -5.06 -73.26
N VAL L 160 -6.87 -4.03 -72.75
CA VAL L 160 -6.25 -3.16 -71.76
C VAL L 160 -6.16 -3.85 -70.40
N CYS L 161 -7.22 -4.56 -70.01
CA CYS L 161 -7.26 -5.18 -68.70
C CYS L 161 -6.42 -6.45 -68.66
N ASP L 162 -5.84 -6.72 -67.48
CA ASP L 162 -5.11 -7.96 -67.22
C ASP L 162 -6.12 -9.02 -66.80
N ILE L 163 -6.82 -9.58 -67.78
CA ILE L 163 -7.78 -10.63 -67.50
C ILE L 163 -7.05 -11.91 -67.08
N ASP L 164 -7.75 -12.75 -66.33
CA ASP L 164 -7.16 -13.96 -65.78
C ASP L 164 -6.94 -14.99 -66.90
N GLU L 165 -6.59 -16.21 -66.52
CA GLU L 165 -6.25 -17.24 -67.49
C GLU L 165 -7.46 -17.93 -68.12
N SER L 166 -8.68 -17.62 -67.66
CA SER L 166 -9.85 -18.34 -68.13
C SER L 166 -10.21 -18.01 -69.60
N GLY L 167 -10.20 -16.75 -70.02
CA GLY L 167 -9.82 -15.56 -69.27
C GLY L 167 -10.93 -14.55 -69.09
N GLN L 168 -11.28 -14.30 -67.84
CA GLN L 168 -12.38 -13.40 -67.49
C GLN L 168 -11.83 -12.16 -66.80
N LEU L 169 -12.66 -11.12 -66.78
CA LEU L 169 -12.36 -9.86 -66.09
C LEU L 169 -13.06 -9.84 -64.75
N ASP L 170 -12.30 -9.57 -63.69
CA ASP L 170 -12.83 -9.52 -62.34
C ASP L 170 -12.78 -8.08 -61.80
N VAL L 171 -13.41 -7.89 -60.64
CA VAL L 171 -13.60 -6.55 -60.09
C VAL L 171 -12.26 -5.93 -59.71
N ASP L 172 -11.33 -6.74 -59.21
CA ASP L 172 -10.01 -6.21 -58.83
C ASP L 172 -9.33 -5.52 -60.00
N GLU L 173 -9.30 -6.17 -61.16
CA GLU L 173 -8.63 -5.59 -62.32
C GLU L 173 -9.40 -4.38 -62.85
N MET L 174 -10.73 -4.46 -62.89
CA MET L 174 -11.51 -3.36 -63.40
C MET L 174 -11.45 -2.15 -62.47
N THR L 175 -11.38 -2.38 -61.16
CA THR L 175 -11.27 -1.28 -60.21
C THR L 175 -9.95 -0.53 -60.41
N ARG L 176 -8.87 -1.25 -60.69
CA ARG L 176 -7.60 -0.60 -60.97
C ARG L 176 -7.67 0.25 -62.23
N GLN L 177 -8.28 -0.30 -63.29
CA GLN L 177 -8.41 0.47 -64.52
C GLN L 177 -9.31 1.68 -64.33
N HIS L 178 -10.43 1.51 -63.60
CA HIS L 178 -11.32 2.63 -63.34
C HIS L 178 -10.65 3.72 -62.50
N LEU L 179 -9.69 3.33 -61.66
CA LEU L 179 -8.91 4.31 -60.91
C LEU L 179 -8.23 5.30 -61.85
N GLY L 180 -7.55 4.78 -62.88
CA GLY L 180 -6.86 5.65 -63.81
C GLY L 180 -7.74 6.22 -64.91
N PHE L 181 -8.87 5.57 -65.21
CA PHE L 181 -9.69 6.04 -66.32
C PHE L 181 -10.65 7.13 -65.88
N TRP L 182 -11.36 6.92 -64.78
CA TRP L 182 -12.37 7.88 -64.33
C TRP L 182 -11.80 8.97 -63.43
N TYR L 183 -10.75 8.69 -62.67
CA TYR L 183 -10.31 9.56 -61.59
C TYR L 183 -9.00 10.29 -61.89
N THR L 184 -7.93 9.58 -62.24
CA THR L 184 -6.59 10.17 -62.27
C THR L 184 -6.03 10.39 -63.66
N MET L 185 -6.71 9.94 -64.71
CA MET L 185 -6.23 10.10 -66.10
C MET L 185 -4.88 9.42 -66.32
N ASP L 186 -4.81 8.16 -65.90
CA ASP L 186 -3.60 7.37 -66.11
C ASP L 186 -3.46 7.03 -67.58
N PRO L 187 -2.36 7.42 -68.24
CA PRO L 187 -2.20 7.08 -69.67
C PRO L 187 -2.19 5.58 -69.94
N ALA L 188 -1.88 4.76 -68.94
CA ALA L 188 -1.92 3.32 -69.13
C ALA L 188 -3.34 2.78 -69.26
N CYS L 189 -4.34 3.55 -68.86
CA CYS L 189 -5.74 3.14 -68.89
C CYS L 189 -6.50 3.69 -70.09
N GLU L 190 -5.82 4.38 -71.00
CA GLU L 190 -6.48 4.91 -72.18
C GLU L 190 -7.08 3.78 -73.02
N LYS L 191 -8.23 4.09 -73.64
CA LYS L 191 -8.96 3.13 -74.48
C LYS L 191 -9.43 1.91 -73.69
N LEU L 192 -9.63 2.09 -72.39
CA LEU L 192 -10.28 1.06 -71.59
C LEU L 192 -11.68 0.73 -72.12
N TYR L 193 -12.34 1.72 -72.72
CA TYR L 193 -13.63 1.53 -73.38
C TYR L 193 -13.51 1.66 -74.90
N GLY L 194 -12.31 1.40 -75.43
CA GLY L 194 -12.11 1.52 -76.87
C GLY L 194 -12.25 2.97 -77.31
N GLY L 195 -12.89 3.15 -78.46
CA GLY L 195 -13.18 4.49 -78.94
C GLY L 195 -14.51 5.05 -78.48
N ALA L 196 -15.23 4.33 -77.63
CA ALA L 196 -16.56 4.76 -77.22
C ALA L 196 -16.53 5.87 -76.18
N VAL L 197 -15.49 5.91 -75.35
CA VAL L 197 -15.35 6.94 -74.32
C VAL L 197 -13.99 7.61 -74.49
N PRO L 198 -13.94 8.92 -74.77
CA PRO L 198 -12.66 9.63 -74.94
C PRO L 198 -11.88 9.73 -73.64
N HIS M 9 -31.26 50.86 -18.50
CA HIS M 9 -31.84 50.90 -17.16
C HIS M 9 -31.78 49.53 -16.48
N GLY M 10 -31.87 48.48 -17.28
CA GLY M 10 -31.83 47.13 -16.74
C GLY M 10 -32.09 46.11 -17.83
N LYS M 11 -32.23 44.86 -17.39
CA LYS M 11 -32.43 43.73 -18.29
C LYS M 11 -33.50 42.83 -17.69
N LEU M 12 -34.55 42.53 -18.46
CA LEU M 12 -35.66 41.70 -18.00
C LEU M 12 -35.73 40.37 -18.73
N THR M 13 -34.67 40.00 -19.43
CA THR M 13 -34.63 38.74 -20.18
C THR M 13 -33.84 37.71 -19.38
N SER M 14 -34.39 36.50 -19.27
CA SER M 14 -33.73 35.43 -18.57
C SER M 14 -32.61 34.83 -19.42
N ASP M 15 -31.72 34.12 -18.76
CA ASP M 15 -30.56 33.50 -19.40
C ASP M 15 -30.20 32.23 -18.64
N PHE M 16 -31.17 31.30 -18.55
CA PHE M 16 -31.00 30.13 -17.70
C PHE M 16 -30.01 29.14 -18.28
N ASP M 17 -29.82 29.13 -19.60
CA ASP M 17 -28.86 28.23 -20.22
C ASP M 17 -27.43 28.76 -20.15
N ASN M 18 -27.23 29.95 -19.58
CA ASN M 18 -25.89 30.50 -19.42
C ASN M 18 -25.11 29.66 -18.42
N PRO M 19 -23.97 29.08 -18.80
CA PRO M 19 -23.20 28.27 -17.82
C PRO M 19 -22.73 29.06 -16.62
N ARG M 20 -22.55 30.37 -16.75
CA ARG M 20 -22.18 31.19 -15.61
C ARG M 20 -23.36 31.54 -14.72
N TRP M 21 -24.59 31.48 -15.24
CA TRP M 21 -25.76 31.59 -14.37
C TRP M 21 -25.97 30.31 -13.58
N ILE M 22 -25.66 29.15 -14.17
CA ILE M 22 -25.72 27.90 -13.43
C ILE M 22 -24.65 27.86 -12.35
N GLY M 23 -23.42 28.23 -12.71
CA GLY M 23 -22.31 28.22 -11.76
C GLY M 23 -22.45 29.23 -10.65
N ARG M 24 -23.16 30.33 -10.89
CA ARG M 24 -23.36 31.32 -9.83
C ARG M 24 -24.26 30.77 -8.74
N HIS M 25 -25.33 30.08 -9.10
CA HIS M 25 -26.20 29.46 -8.12
C HIS M 25 -25.68 28.10 -7.67
N LYS M 26 -24.81 27.46 -8.46
CA LYS M 26 -24.11 26.29 -7.97
C LYS M 26 -23.18 26.65 -6.82
N HIS M 27 -22.53 27.81 -6.92
CA HIS M 27 -21.70 28.29 -5.81
C HIS M 27 -22.54 28.60 -4.58
N MET M 28 -23.72 29.20 -4.78
CA MET M 28 -24.58 29.51 -3.64
C MET M 28 -25.15 28.24 -3.02
N PHE M 29 -25.47 27.24 -3.83
CA PHE M 29 -25.99 25.99 -3.30
C PHE M 29 -24.96 25.31 -2.39
N ASN M 30 -23.70 25.25 -2.85
CA ASN M 30 -22.65 24.67 -2.02
C ASN M 30 -22.41 25.49 -0.76
N PHE M 31 -22.51 26.83 -0.88
CA PHE M 31 -22.34 27.70 0.28
C PHE M 31 -23.46 27.47 1.29
N LEU M 32 -24.68 27.22 0.81
CA LEU M 32 -25.78 26.96 1.72
C LEU M 32 -25.69 25.57 2.34
N ASP M 33 -25.06 24.63 1.63
CA ASP M 33 -24.94 23.25 2.11
C ASP M 33 -23.69 23.12 2.99
N VAL M 34 -23.79 23.65 4.21
CA VAL M 34 -22.65 23.66 5.10
C VAL M 34 -22.33 22.27 5.61
N ASN M 35 -23.33 21.40 5.70
CA ASN M 35 -23.13 20.04 6.19
C ASN M 35 -22.82 19.04 5.08
N HIS M 36 -22.67 19.52 3.84
CA HIS M 36 -22.25 18.70 2.70
C HIS M 36 -23.18 17.50 2.49
N ASN M 37 -24.47 17.72 2.71
CA ASN M 37 -25.46 16.67 2.51
C ASN M 37 -25.93 16.56 1.06
N GLY M 38 -25.48 17.45 0.18
CA GLY M 38 -26.01 17.50 -1.16
C GLY M 38 -27.45 17.95 -1.27
N LYS M 39 -28.06 18.36 -0.16
CA LYS M 39 -29.46 18.79 -0.16
C LYS M 39 -29.67 19.72 1.03
N ILE M 40 -30.55 20.71 0.83
CA ILE M 40 -30.89 21.69 1.84
C ILE M 40 -32.40 21.78 1.96
N SER M 41 -32.86 22.26 3.11
CA SER M 41 -34.28 22.39 3.40
C SER M 41 -34.62 23.85 3.69
N LEU M 42 -35.91 24.16 3.57
CA LEU M 42 -36.39 25.50 3.93
C LEU M 42 -36.24 25.75 5.41
N ASP M 43 -36.33 24.70 6.24
CA ASP M 43 -36.11 24.85 7.66
C ASP M 43 -34.72 25.42 7.95
N GLU M 44 -33.72 24.94 7.22
CA GLU M 44 -32.36 25.41 7.44
C GLU M 44 -32.17 26.83 6.93
N MET M 45 -32.76 27.16 5.78
CA MET M 45 -32.60 28.49 5.20
C MET M 45 -33.24 29.55 6.09
N VAL M 46 -34.47 29.29 6.55
CA VAL M 46 -35.14 30.25 7.42
C VAL M 46 -34.46 30.32 8.78
N TYR M 47 -33.93 29.19 9.26
CA TYR M 47 -33.19 29.21 10.53
C TYR M 47 -31.95 30.08 10.41
N LYS M 48 -31.17 29.89 9.35
CA LYS M 48 -29.98 30.70 9.14
C LYS M 48 -30.32 32.18 9.05
N ALA M 49 -31.37 32.52 8.32
CA ALA M 49 -31.73 33.92 8.13
C ALA M 49 -32.15 34.58 9.44
N SER M 50 -32.96 33.89 10.24
CA SER M 50 -33.37 34.45 11.52
C SER M 50 -32.23 34.46 12.54
N ASP M 51 -31.33 33.48 12.47
CA ASP M 51 -30.20 33.46 13.38
C ASP M 51 -29.29 34.66 13.16
N ILE M 52 -29.13 35.09 11.91
CA ILE M 52 -28.26 36.22 11.62
C ILE M 52 -28.84 37.52 12.18
N VAL M 53 -30.11 37.79 11.88
CA VAL M 53 -30.68 39.07 12.27
C VAL M 53 -30.96 39.13 13.77
N ILE M 54 -31.26 38.01 14.40
CA ILE M 54 -31.61 38.03 15.81
C ILE M 54 -30.36 37.97 16.68
N ASN M 55 -29.48 37.02 16.40
CA ASN M 55 -28.34 36.75 17.26
C ASN M 55 -27.06 37.46 16.85
N ASN M 56 -27.03 38.12 15.70
CA ASN M 56 -25.86 38.87 15.27
C ASN M 56 -26.12 40.33 15.00
N LEU M 57 -27.34 40.71 14.61
CA LEU M 57 -27.65 42.08 14.23
C LEU M 57 -28.64 42.76 15.17
N GLY M 58 -29.06 42.08 16.24
CA GLY M 58 -29.92 42.69 17.24
C GLY M 58 -31.26 43.18 16.71
N ALA M 59 -31.98 42.32 16.01
CA ALA M 59 -33.29 42.69 15.50
C ALA M 59 -34.35 42.52 16.57
N THR M 60 -35.36 43.39 16.54
CA THR M 60 -36.50 43.27 17.43
C THR M 60 -37.37 42.10 17.00
N PRO M 61 -38.22 41.59 17.90
CA PRO M 61 -39.15 40.53 17.50
C PRO M 61 -40.04 40.91 16.33
N GLU M 62 -40.43 42.18 16.23
CA GLU M 62 -41.24 42.62 15.10
C GLU M 62 -40.44 42.59 13.80
N GLN M 63 -39.21 43.10 13.85
CA GLN M 63 -38.34 43.06 12.67
C GLN M 63 -38.02 41.63 12.27
N ALA M 64 -37.83 40.75 13.26
CA ALA M 64 -37.48 39.36 12.96
C ALA M 64 -38.63 38.63 12.29
N LYS M 65 -39.87 38.90 12.69
CA LYS M 65 -41.02 38.25 12.07
C LYS M 65 -41.17 38.68 10.62
N ARG M 66 -41.10 40.00 10.36
CA ARG M 66 -41.19 40.49 9.00
C ARG M 66 -40.06 39.95 8.14
N HIS M 67 -38.85 39.87 8.70
CA HIS M 67 -37.72 39.33 7.96
C HIS M 67 -37.90 37.84 7.71
N LYS M 68 -38.42 37.10 8.69
CA LYS M 68 -38.63 35.66 8.52
C LYS M 68 -39.62 35.36 7.42
N ASP M 69 -40.73 36.10 7.37
CA ASP M 69 -41.71 35.90 6.31
C ASP M 69 -41.11 36.17 4.94
N ALA M 70 -40.24 37.17 4.84
CA ALA M 70 -39.63 37.52 3.55
C ALA M 70 -38.67 36.44 3.08
N VAL M 71 -37.84 35.90 3.99
CA VAL M 71 -36.91 34.86 3.60
C VAL M 71 -37.65 33.56 3.29
N GLU M 72 -38.69 33.25 4.08
CA GLU M 72 -39.50 32.07 3.81
C GLU M 72 -40.12 32.15 2.42
N ALA M 73 -40.65 33.31 2.05
CA ALA M 73 -41.26 33.46 0.73
C ALA M 73 -40.21 33.44 -0.38
N PHE M 74 -38.99 33.89 -0.09
CA PHE M 74 -37.96 33.92 -1.13
C PHE M 74 -37.51 32.52 -1.50
N PHE M 75 -37.07 31.72 -0.52
CA PHE M 75 -36.68 30.35 -0.81
C PHE M 75 -37.87 29.46 -1.10
N GLY M 76 -39.06 29.82 -0.60
CA GLY M 76 -40.26 29.12 -1.02
C GLY M 76 -40.58 29.34 -2.48
N GLY M 77 -40.27 30.52 -3.01
CA GLY M 77 -40.44 30.80 -4.41
C GLY M 77 -39.52 29.98 -5.31
N ALA M 78 -38.45 29.42 -4.75
CA ALA M 78 -37.57 28.52 -5.47
C ALA M 78 -37.96 27.06 -5.31
N GLY M 79 -39.13 26.79 -4.77
CA GLY M 79 -39.62 25.44 -4.61
C GLY M 79 -39.26 24.76 -3.30
N MET M 80 -38.47 25.41 -2.45
CA MET M 80 -38.09 24.80 -1.18
C MET M 80 -39.25 24.86 -0.20
N LYS M 81 -39.45 23.77 0.55
CA LYS M 81 -40.54 23.65 1.49
C LYS M 81 -40.01 23.11 2.82
N TYR M 82 -40.78 23.34 3.88
CA TYR M 82 -40.43 22.83 5.19
C TYR M 82 -40.53 21.31 5.22
N GLY M 83 -39.57 20.66 5.86
CA GLY M 83 -39.53 19.22 5.91
C GLY M 83 -39.16 18.54 4.61
N VAL M 84 -38.84 19.30 3.57
CA VAL M 84 -38.45 18.76 2.28
C VAL M 84 -37.00 19.16 2.01
N GLU M 85 -36.17 18.18 1.69
CA GLU M 85 -34.77 18.42 1.34
C GLU M 85 -34.63 18.54 -0.17
N THR M 86 -34.00 19.62 -0.61
CA THR M 86 -33.88 19.94 -2.03
C THR M 86 -32.45 19.69 -2.48
N ASP M 87 -32.28 18.75 -3.41
CA ASP M 87 -30.97 18.50 -3.98
C ASP M 87 -30.69 19.50 -5.11
N TRP M 88 -29.47 19.44 -5.64
CA TRP M 88 -29.06 20.40 -6.67
C TRP M 88 -29.94 20.39 -7.91
N PRO M 89 -30.32 19.24 -8.49
CA PRO M 89 -31.18 19.29 -9.68
C PRO M 89 -32.51 19.98 -9.44
N ALA M 90 -33.22 19.63 -8.37
CA ALA M 90 -34.46 20.31 -8.04
C ALA M 90 -34.23 21.75 -7.61
N TYR M 91 -33.02 22.06 -7.11
CA TYR M 91 -32.74 23.42 -6.65
C TYR M 91 -32.59 24.37 -7.82
N ILE M 92 -31.73 24.03 -8.79
CA ILE M 92 -31.52 24.91 -9.94
C ILE M 92 -32.78 24.97 -10.80
N GLU M 93 -33.58 23.90 -10.81
CA GLU M 93 -34.84 23.93 -11.54
C GLU M 93 -35.83 24.86 -10.86
N GLY M 94 -35.85 24.87 -9.52
CA GLY M 94 -36.71 25.77 -8.79
C GLY M 94 -36.25 27.22 -8.85
N TRP M 95 -34.96 27.46 -9.08
CA TRP M 95 -34.48 28.82 -9.23
C TRP M 95 -34.83 29.41 -10.60
N LYS M 96 -35.00 28.55 -11.61
CA LYS M 96 -35.51 29.03 -12.88
C LYS M 96 -36.94 29.52 -12.75
N LYS M 97 -37.75 28.85 -11.93
CA LYS M 97 -39.12 29.29 -11.70
C LYS M 97 -39.17 30.53 -10.82
N LEU M 98 -38.25 30.63 -9.85
CA LEU M 98 -38.20 31.82 -9.01
C LEU M 98 -37.81 33.05 -9.81
N ALA M 99 -36.75 32.94 -10.61
CA ALA M 99 -36.32 34.08 -11.42
C ALA M 99 -37.39 34.47 -12.43
N THR M 100 -38.12 33.49 -12.96
CA THR M 100 -39.19 33.79 -13.91
C THR M 100 -40.32 34.56 -13.23
N ASP M 101 -40.72 34.14 -12.03
CA ASP M 101 -41.78 34.83 -11.31
C ASP M 101 -41.32 36.22 -10.88
N GLU M 102 -40.05 36.36 -10.49
CA GLU M 102 -39.52 37.66 -10.11
C GLU M 102 -39.46 38.60 -11.30
N LEU M 103 -38.98 38.10 -12.44
CA LEU M 103 -38.95 38.92 -13.66
C LEU M 103 -40.34 39.37 -14.06
N GLU M 104 -41.34 38.50 -13.88
CA GLU M 104 -42.72 38.88 -14.19
C GLU M 104 -43.21 39.98 -13.25
N LYS M 105 -42.76 39.97 -12.00
CA LYS M 105 -43.15 41.01 -11.05
C LYS M 105 -42.42 42.32 -11.33
N TYR M 106 -41.20 42.26 -11.86
CA TYR M 106 -40.50 43.48 -12.28
C TYR M 106 -41.28 44.22 -13.35
N ALA M 107 -41.65 43.50 -14.43
CA ALA M 107 -42.37 44.13 -15.54
C ALA M 107 -43.72 44.67 -15.09
N LYS M 108 -44.42 43.92 -14.24
CA LYS M 108 -45.67 44.39 -13.67
C LYS M 108 -45.47 45.47 -12.61
N ASN M 109 -44.22 45.80 -12.27
CA ASN M 109 -43.91 46.75 -11.20
C ASN M 109 -44.58 46.36 -9.88
N GLU M 110 -44.69 45.06 -9.65
CA GLU M 110 -45.19 44.41 -8.44
C GLU M 110 -44.04 44.16 -7.48
N PRO M 111 -44.24 44.40 -6.17
CA PRO M 111 -43.17 44.15 -5.20
C PRO M 111 -42.62 42.73 -5.27
N THR M 112 -41.37 42.61 -5.70
CA THR M 112 -40.73 41.31 -5.86
C THR M 112 -40.36 40.72 -4.50
N LEU M 113 -40.00 39.43 -4.53
CA LEU M 113 -39.58 38.76 -3.29
C LEU M 113 -38.22 39.27 -2.83
N ILE M 114 -37.31 39.55 -3.78
CA ILE M 114 -35.99 40.02 -3.41
C ILE M 114 -36.04 41.42 -2.82
N ARG M 115 -37.06 42.21 -3.19
CA ARG M 115 -37.21 43.54 -2.62
C ARG M 115 -37.83 43.49 -1.23
N ILE M 116 -38.86 42.66 -1.04
CA ILE M 116 -39.48 42.52 0.28
C ILE M 116 -38.45 42.05 1.31
N TRP M 117 -37.56 41.14 0.90
CA TRP M 117 -36.49 40.70 1.77
C TRP M 117 -35.52 41.85 2.07
N GLY M 118 -35.14 42.60 1.03
CA GLY M 118 -34.21 43.70 1.22
C GLY M 118 -34.76 44.77 2.15
N ASP M 119 -36.05 45.12 1.98
CA ASP M 119 -36.66 46.11 2.86
C ASP M 119 -36.71 45.62 4.29
N ALA M 120 -37.10 44.36 4.50
CA ALA M 120 -37.15 43.81 5.85
C ALA M 120 -35.76 43.70 6.46
N LEU M 121 -34.75 43.38 5.65
CA LEU M 121 -33.41 43.23 6.17
C LEU M 121 -32.76 44.59 6.44
N PHE M 122 -32.88 45.52 5.50
CA PHE M 122 -32.24 46.83 5.66
C PHE M 122 -32.83 47.61 6.82
N ASP M 123 -34.10 47.37 7.14
CA ASP M 123 -34.67 47.97 8.34
C ASP M 123 -33.98 47.48 9.60
N ILE M 124 -33.35 46.31 9.54
CA ILE M 124 -32.60 45.77 10.67
C ILE M 124 -31.15 46.25 10.65
N VAL M 125 -30.50 46.15 9.48
CA VAL M 125 -29.08 46.46 9.38
C VAL M 125 -28.84 47.96 9.56
N ASP M 126 -29.73 48.79 9.03
CA ASP M 126 -29.63 50.23 9.20
C ASP M 126 -30.08 50.61 10.61
N LYS M 127 -29.16 51.19 11.39
CA LYS M 127 -29.52 51.64 12.72
C LYS M 127 -30.42 52.87 12.69
N ASP M 128 -30.44 53.61 11.58
CA ASP M 128 -31.34 54.75 11.43
C ASP M 128 -32.73 54.34 10.96
N GLN M 129 -32.87 53.12 10.43
CA GLN M 129 -34.15 52.59 9.96
C GLN M 129 -34.76 53.46 8.87
N ASN M 130 -33.95 53.76 7.85
CA ASN M 130 -34.41 54.49 6.67
C ASN M 130 -34.05 53.75 5.40
N GLY M 131 -33.89 52.43 5.49
CA GLY M 131 -33.61 51.62 4.32
C GLY M 131 -32.31 51.95 3.62
N ALA M 132 -31.32 52.44 4.36
CA ALA M 132 -30.03 52.79 3.78
C ALA M 132 -28.94 52.38 4.75
N ILE M 133 -28.04 51.50 4.31
CA ILE M 133 -26.98 50.96 5.15
C ILE M 133 -25.63 51.51 4.70
N THR M 134 -24.72 51.66 5.65
CA THR M 134 -23.37 52.11 5.34
C THR M 134 -22.51 50.93 4.90
N LEU M 135 -21.25 51.21 4.57
CA LEU M 135 -20.35 50.13 4.17
C LEU M 135 -20.03 49.21 5.34
N ASP M 136 -19.76 49.77 6.52
CA ASP M 136 -19.49 48.95 7.69
C ASP M 136 -20.69 48.06 8.03
N GLU M 137 -21.90 48.58 7.85
CA GLU M 137 -23.08 47.76 8.07
C GLU M 137 -23.22 46.69 7.00
N TRP M 138 -22.83 47.02 5.75
CA TRP M 138 -22.84 46.01 4.69
C TRP M 138 -21.80 44.93 4.94
N LYS M 139 -20.64 45.32 5.48
CA LYS M 139 -19.65 44.33 5.89
C LYS M 139 -20.16 43.50 7.06
N ALA M 140 -20.91 44.13 7.97
CA ALA M 140 -21.40 43.41 9.15
C ALA M 140 -22.35 42.28 8.78
N TYR M 141 -23.31 42.56 7.89
CA TYR M 141 -24.29 41.54 7.55
C TYR M 141 -23.67 40.43 6.71
N THR M 142 -22.99 40.79 5.62
CA THR M 142 -22.50 39.80 4.68
C THR M 142 -21.46 38.88 5.32
N LYS M 143 -20.62 39.43 6.20
CA LYS M 143 -19.68 38.59 6.92
C LYS M 143 -20.38 37.71 7.95
N ALA M 144 -21.48 38.20 8.53
CA ALA M 144 -22.26 37.37 9.43
C ALA M 144 -22.94 36.23 8.68
N ALA M 145 -23.52 36.54 7.52
CA ALA M 145 -24.13 35.49 6.71
C ALA M 145 -23.08 34.59 6.08
N GLY M 146 -21.89 35.12 5.82
CA GLY M 146 -20.83 34.37 5.18
C GLY M 146 -20.80 34.45 3.67
N ILE M 147 -21.74 35.17 3.05
CA ILE M 147 -21.75 35.28 1.60
C ILE M 147 -20.54 36.04 1.11
N ILE M 148 -20.02 36.97 1.91
CA ILE M 148 -18.77 37.67 1.64
C ILE M 148 -17.88 37.53 2.86
N GLN M 149 -16.61 37.18 2.64
CA GLN M 149 -15.66 36.97 3.72
C GLN M 149 -14.69 38.13 3.90
N SER M 150 -14.16 38.67 2.80
CA SER M 150 -13.16 39.73 2.88
C SER M 150 -13.82 41.10 2.79
N SER M 151 -13.18 42.09 3.42
CA SER M 151 -13.68 43.46 3.37
C SER M 151 -13.53 44.09 2.00
N GLU M 152 -12.60 43.59 1.18
CA GLU M 152 -12.39 44.18 -0.13
C GLU M 152 -13.54 43.88 -1.07
N ASP M 153 -14.09 42.66 -1.01
CA ASP M 153 -15.25 42.33 -1.82
C ASP M 153 -16.48 43.14 -1.40
N CYS M 154 -16.58 43.49 -0.11
CA CYS M 154 -17.65 44.37 0.33
C CYS M 154 -17.50 45.76 -0.26
N GLU M 155 -16.27 46.24 -0.43
CA GLU M 155 -16.06 47.54 -1.05
C GLU M 155 -16.35 47.51 -2.54
N GLU M 156 -16.21 46.33 -3.18
CA GLU M 156 -16.59 46.20 -4.58
C GLU M 156 -18.10 46.39 -4.76
N THR M 157 -18.89 45.99 -3.77
CA THR M 157 -20.34 46.17 -3.85
C THR M 157 -20.69 47.65 -3.99
N PHE M 158 -20.09 48.49 -3.16
CA PHE M 158 -20.37 49.92 -3.23
C PHE M 158 -19.79 50.54 -4.50
N ARG M 159 -18.72 49.95 -5.04
CA ARG M 159 -18.17 50.46 -6.30
C ARG M 159 -19.11 50.18 -7.46
N VAL M 160 -19.68 48.98 -7.51
CA VAL M 160 -20.60 48.63 -8.60
C VAL M 160 -21.90 49.44 -8.48
N CYS M 161 -22.36 49.68 -7.27
CA CYS M 161 -23.55 50.48 -7.04
C CYS M 161 -23.31 51.97 -7.18
N ASP M 162 -22.09 52.38 -7.53
CA ASP M 162 -21.74 53.79 -7.70
C ASP M 162 -21.99 54.58 -6.42
N ILE M 163 -21.42 54.08 -5.32
CA ILE M 163 -21.53 54.72 -4.01
C ILE M 163 -20.15 54.68 -3.35
N ASP M 164 -19.69 55.83 -2.87
CA ASP M 164 -18.41 55.87 -2.19
C ASP M 164 -18.51 55.20 -0.82
N GLU M 165 -17.35 54.98 -0.19
CA GLU M 165 -17.32 54.28 1.09
C GLU M 165 -18.05 55.06 2.17
N SER M 166 -18.15 56.38 2.02
CA SER M 166 -18.82 57.22 3.01
C SER M 166 -20.33 57.29 2.82
N GLY M 167 -20.82 56.94 1.63
CA GLY M 167 -22.24 56.98 1.36
C GLY M 167 -22.96 55.74 1.87
N GLN M 168 -24.25 55.66 1.53
CA GLN M 168 -25.09 54.56 1.97
C GLN M 168 -25.78 53.90 0.78
N LEU M 169 -26.03 52.61 0.92
CA LEU M 169 -26.70 51.80 -0.09
C LEU M 169 -28.14 51.55 0.33
N ASP M 170 -29.08 51.79 -0.57
CA ASP M 170 -30.50 51.63 -0.28
C ASP M 170 -31.06 50.41 -0.99
N VAL M 171 -32.29 50.05 -0.61
CA VAL M 171 -32.91 48.84 -1.15
C VAL M 171 -33.23 48.99 -2.63
N ASP M 172 -33.57 50.21 -3.07
CA ASP M 172 -33.93 50.43 -4.47
C ASP M 172 -32.78 50.11 -5.39
N GLU M 173 -31.58 50.63 -5.09
CA GLU M 173 -30.43 50.38 -5.93
C GLU M 173 -30.01 48.92 -5.89
N MET M 174 -30.01 48.32 -4.70
CA MET M 174 -29.60 46.92 -4.57
C MET M 174 -30.61 45.99 -5.24
N THR M 175 -31.88 46.38 -5.30
CA THR M 175 -32.87 45.58 -6.00
C THR M 175 -32.61 45.57 -7.50
N ARG M 176 -32.18 46.70 -8.06
CA ARG M 176 -31.80 46.74 -9.46
C ARG M 176 -30.54 45.93 -9.71
N GLN M 177 -29.59 45.96 -8.77
CA GLN M 177 -28.37 45.18 -8.93
C GLN M 177 -28.65 43.68 -8.83
N HIS M 178 -29.52 43.28 -7.91
CA HIS M 178 -29.86 41.86 -7.77
C HIS M 178 -30.62 41.36 -8.99
N LEU M 179 -31.40 42.22 -9.65
CA LEU M 179 -32.06 41.85 -10.88
C LEU M 179 -31.07 41.35 -11.91
N GLY M 180 -29.95 42.07 -12.08
CA GLY M 180 -28.95 41.66 -13.04
C GLY M 180 -27.96 40.64 -12.53
N PHE M 181 -27.88 40.45 -11.21
CA PHE M 181 -26.90 39.53 -10.66
C PHE M 181 -27.47 38.14 -10.41
N TRP M 182 -28.66 38.06 -9.81
CA TRP M 182 -29.27 36.78 -9.51
C TRP M 182 -30.18 36.26 -10.61
N TYR M 183 -30.72 37.13 -11.47
CA TYR M 183 -31.79 36.75 -12.38
C TYR M 183 -31.38 36.77 -13.84
N THR M 184 -30.76 37.86 -14.33
CA THR M 184 -30.62 38.07 -15.76
C THR M 184 -29.19 38.08 -16.27
N MET M 185 -28.19 37.94 -15.39
CA MET M 185 -26.77 37.92 -15.80
C MET M 185 -26.40 39.19 -16.56
N ASP M 186 -26.84 40.34 -16.04
CA ASP M 186 -26.52 41.62 -16.66
C ASP M 186 -25.03 41.90 -16.51
N PRO M 187 -24.29 42.09 -17.60
CA PRO M 187 -22.84 42.37 -17.46
C PRO M 187 -22.54 43.60 -16.62
N ALA M 188 -23.46 44.56 -16.55
CA ALA M 188 -23.23 45.74 -15.72
C ALA M 188 -23.25 45.42 -14.23
N CYS M 189 -23.67 44.22 -13.84
CA CYS M 189 -23.76 43.83 -12.44
C CYS M 189 -22.68 42.84 -12.02
N GLU M 190 -21.69 42.60 -12.87
CA GLU M 190 -20.60 41.70 -12.50
C GLU M 190 -19.83 42.27 -11.32
N LYS M 191 -19.27 41.37 -10.51
CA LYS M 191 -18.46 41.72 -9.34
C LYS M 191 -19.27 42.54 -8.34
N LEU M 192 -20.59 42.35 -8.32
CA LEU M 192 -21.42 42.98 -7.29
C LEU M 192 -21.05 42.47 -5.90
N TYR M 193 -20.65 41.21 -5.80
CA TYR M 193 -20.17 40.62 -4.56
C TYR M 193 -18.65 40.37 -4.61
N GLY M 194 -17.95 41.15 -5.43
CA GLY M 194 -16.52 40.98 -5.56
C GLY M 194 -16.17 39.60 -6.08
N GLY M 195 -15.08 39.04 -5.55
CA GLY M 195 -14.69 37.68 -5.84
C GLY M 195 -15.34 36.65 -4.96
N ALA M 196 -16.29 37.04 -4.11
CA ALA M 196 -16.93 36.10 -3.20
C ALA M 196 -17.97 35.23 -3.90
N VAL M 197 -18.62 35.76 -4.93
CA VAL M 197 -19.62 35.02 -5.69
C VAL M 197 -19.26 35.09 -7.17
N PRO M 198 -19.07 33.95 -7.85
CA PRO M 198 -18.74 33.89 -9.27
C PRO M 198 -19.81 34.53 -10.16
N HIS N 9 -40.96 8.54 -38.74
CA HIS N 9 -41.50 8.62 -37.40
C HIS N 9 -41.38 7.28 -36.66
N GLY N 10 -41.44 6.19 -37.42
CA GLY N 10 -41.35 4.87 -36.81
C GLY N 10 -41.54 3.79 -37.85
N LYS N 11 -41.73 2.57 -37.34
CA LYS N 11 -41.86 1.39 -38.19
C LYS N 11 -42.93 0.49 -37.59
N LEU N 12 -43.94 0.14 -38.39
CA LEU N 12 -45.07 -0.67 -37.94
C LEU N 12 -45.16 -1.99 -38.68
N THR N 13 -44.04 -2.50 -39.18
CA THR N 13 -44.00 -3.76 -39.91
C THR N 13 -43.18 -4.77 -39.10
N SER N 14 -43.75 -5.96 -38.90
CA SER N 14 -43.04 -7.00 -38.17
C SER N 14 -41.93 -7.60 -39.02
N ASP N 15 -40.99 -8.25 -38.35
CA ASP N 15 -39.82 -8.84 -38.99
C ASP N 15 -39.43 -10.10 -38.21
N PHE N 16 -40.39 -11.04 -38.09
CA PHE N 16 -40.18 -12.22 -37.27
C PHE N 16 -39.19 -13.21 -37.89
N ASP N 17 -39.03 -13.18 -39.21
CA ASP N 17 -38.06 -14.06 -39.86
C ASP N 17 -36.64 -13.53 -39.81
N ASN N 18 -36.45 -12.30 -39.32
CA ASN N 18 -35.11 -11.74 -39.16
C ASN N 18 -34.35 -12.55 -38.12
N PRO N 19 -33.21 -13.14 -38.47
CA PRO N 19 -32.45 -13.90 -37.46
C PRO N 19 -31.98 -13.05 -36.29
N ARG N 20 -31.79 -11.75 -36.49
CA ARG N 20 -31.39 -10.88 -35.39
C ARG N 20 -32.56 -10.54 -34.48
N TRP N 21 -33.80 -10.69 -34.94
CA TRP N 21 -34.94 -10.55 -34.04
C TRP N 21 -35.12 -11.79 -33.18
N ILE N 22 -34.87 -12.97 -33.75
CA ILE N 22 -34.92 -14.20 -32.97
C ILE N 22 -33.81 -14.22 -31.94
N GLY N 23 -32.60 -13.83 -32.33
CA GLY N 23 -31.49 -13.84 -31.41
C GLY N 23 -31.59 -12.78 -30.32
N ARG N 24 -32.25 -11.66 -30.62
CA ARG N 24 -32.43 -10.62 -29.60
C ARG N 24 -33.30 -11.13 -28.46
N HIS N 25 -34.39 -11.84 -28.80
CA HIS N 25 -35.24 -12.45 -27.78
C HIS N 25 -34.72 -13.81 -27.32
N LYS N 26 -33.82 -14.42 -28.08
CA LYS N 26 -33.08 -15.58 -27.57
C LYS N 26 -32.13 -15.16 -26.46
N HIS N 27 -31.47 -14.01 -26.63
CA HIS N 27 -30.62 -13.48 -25.56
C HIS N 27 -31.44 -13.14 -24.33
N MET N 28 -32.62 -12.54 -24.52
CA MET N 28 -33.45 -12.19 -23.38
C MET N 28 -33.97 -13.43 -22.67
N PHE N 29 -34.29 -14.48 -23.42
CA PHE N 29 -34.78 -15.71 -22.81
C PHE N 29 -33.72 -16.32 -21.90
N ASN N 30 -32.47 -16.39 -22.37
CA ASN N 30 -31.39 -16.92 -21.55
C ASN N 30 -31.15 -16.03 -20.34
N PHE N 31 -31.26 -14.71 -20.52
CA PHE N 31 -31.12 -13.79 -19.40
C PHE N 31 -32.20 -14.00 -18.35
N LEU N 32 -33.41 -14.35 -18.79
CA LEU N 32 -34.50 -14.59 -17.85
C LEU N 32 -34.39 -15.97 -17.20
N ASP N 33 -33.79 -16.93 -17.88
CA ASP N 33 -33.63 -18.29 -17.36
C ASP N 33 -32.35 -18.37 -16.53
N VAL N 34 -32.41 -17.75 -15.36
CA VAL N 34 -31.22 -17.64 -14.51
C VAL N 34 -30.81 -19.01 -13.97
N ASN N 35 -31.75 -19.93 -13.80
CA ASN N 35 -31.44 -21.25 -13.27
C ASN N 35 -31.13 -22.27 -14.36
N HIS N 36 -31.10 -21.85 -15.62
CA HIS N 36 -30.74 -22.73 -16.74
C HIS N 36 -31.63 -23.97 -16.78
N ASN N 37 -32.93 -23.77 -16.58
CA ASN N 37 -33.91 -24.84 -16.67
C ASN N 37 -34.49 -25.02 -18.07
N GLY N 38 -34.18 -24.11 -18.99
CA GLY N 38 -34.71 -24.19 -20.34
C GLY N 38 -36.17 -23.78 -20.40
N LYS N 39 -36.72 -23.41 -19.25
CA LYS N 39 -38.12 -23.03 -19.13
C LYS N 39 -38.26 -21.90 -18.11
N ILE N 40 -39.22 -21.02 -18.37
CA ILE N 40 -39.56 -19.92 -17.48
C ILE N 40 -41.07 -19.85 -17.35
N SER N 41 -41.52 -19.26 -16.23
CA SER N 41 -42.93 -19.16 -15.92
C SER N 41 -43.29 -17.71 -15.60
N LEU N 42 -44.58 -17.40 -15.73
CA LEU N 42 -45.07 -16.08 -15.35
C LEU N 42 -44.83 -15.80 -13.87
N ASP N 43 -44.90 -16.85 -13.04
CA ASP N 43 -44.62 -16.69 -11.62
C ASP N 43 -43.23 -16.08 -11.40
N GLU N 44 -42.25 -16.53 -12.18
CA GLU N 44 -40.89 -16.03 -12.02
C GLU N 44 -40.76 -14.61 -12.55
N MET N 45 -41.36 -14.32 -13.70
CA MET N 45 -41.24 -13.00 -14.30
C MET N 45 -41.89 -11.94 -13.41
N VAL N 46 -43.09 -12.21 -12.91
CA VAL N 46 -43.78 -11.25 -12.06
C VAL N 46 -43.05 -11.11 -10.73
N TYR N 47 -42.48 -12.19 -10.21
CA TYR N 47 -41.73 -12.11 -8.96
C TYR N 47 -40.50 -11.23 -9.14
N LYS N 48 -39.73 -11.46 -10.21
CA LYS N 48 -38.55 -10.64 -10.48
C LYS N 48 -38.93 -9.17 -10.65
N ALA N 49 -40.01 -8.89 -11.37
CA ALA N 49 -40.41 -7.51 -11.60
C ALA N 49 -40.76 -6.81 -10.30
N SER N 50 -41.54 -7.47 -9.44
CA SER N 50 -41.95 -6.84 -8.19
C SER N 50 -40.80 -6.78 -7.18
N ASP N 51 -39.91 -7.78 -7.19
CA ASP N 51 -38.76 -7.75 -6.29
C ASP N 51 -37.90 -6.52 -6.54
N ILE N 52 -37.75 -6.13 -7.81
CA ILE N 52 -36.92 -4.97 -8.14
C ILE N 52 -37.54 -3.69 -7.62
N VAL N 53 -38.83 -3.47 -7.90
CA VAL N 53 -39.44 -2.19 -7.53
C VAL N 53 -39.65 -2.09 -6.03
N ILE N 54 -39.94 -3.21 -5.36
CA ILE N 54 -40.22 -3.16 -3.93
C ILE N 54 -38.92 -3.15 -3.12
N ASN N 55 -38.03 -4.09 -3.41
CA ASN N 55 -36.85 -4.30 -2.56
C ASN N 55 -35.61 -3.55 -3.05
N ASN N 56 -35.62 -3.00 -4.25
CA ASN N 56 -34.48 -2.24 -4.75
C ASN N 56 -34.79 -0.77 -5.02
N LEU N 57 -36.03 -0.44 -5.41
CA LEU N 57 -36.38 0.92 -5.78
C LEU N 57 -37.43 1.54 -4.86
N GLY N 58 -37.80 0.86 -3.78
CA GLY N 58 -38.68 1.41 -2.76
C GLY N 58 -40.06 1.83 -3.27
N ALA N 59 -40.71 0.95 -4.03
CA ALA N 59 -42.05 1.26 -4.51
C ALA N 59 -43.07 1.10 -3.40
N THR N 60 -44.05 2.00 -3.36
CA THR N 60 -45.14 1.88 -2.43
C THR N 60 -46.00 0.67 -2.79
N PRO N 61 -46.78 0.15 -1.85
CA PRO N 61 -47.66 -0.99 -2.17
C PRO N 61 -48.63 -0.69 -3.31
N GLU N 62 -49.07 0.55 -3.46
CA GLU N 62 -49.95 0.90 -4.57
C GLU N 62 -49.20 0.89 -5.90
N GLN N 63 -48.01 1.49 -5.93
CA GLN N 63 -47.19 1.48 -7.14
C GLN N 63 -46.84 0.06 -7.54
N ALA N 64 -46.49 -0.78 -6.57
CA ALA N 64 -46.13 -2.17 -6.88
C ALA N 64 -47.31 -2.95 -7.41
N LYS N 65 -48.52 -2.65 -6.94
CA LYS N 65 -49.71 -3.32 -7.46
C LYS N 65 -49.95 -2.93 -8.92
N ARG N 66 -49.89 -1.63 -9.22
CA ARG N 66 -50.06 -1.17 -10.60
C ARG N 66 -48.95 -1.71 -11.49
N HIS N 67 -47.72 -1.77 -10.96
CA HIS N 67 -46.60 -2.31 -11.74
C HIS N 67 -46.76 -3.81 -11.95
N LYS N 68 -47.24 -4.54 -10.95
CA LYS N 68 -47.42 -5.98 -11.08
C LYS N 68 -48.43 -6.32 -12.16
N ASP N 69 -49.55 -5.59 -12.19
CA ASP N 69 -50.57 -5.85 -13.21
C ASP N 69 -50.01 -5.63 -14.62
N ALA N 70 -49.18 -4.60 -14.79
CA ALA N 70 -48.64 -4.30 -16.11
C ALA N 70 -47.64 -5.36 -16.56
N VAL N 71 -46.76 -5.80 -15.66
CA VAL N 71 -45.81 -6.86 -16.01
C VAL N 71 -46.54 -8.17 -16.26
N GLU N 72 -47.51 -8.50 -15.41
CA GLU N 72 -48.30 -9.71 -15.61
C GLU N 72 -48.98 -9.72 -16.97
N ALA N 73 -49.53 -8.57 -17.39
CA ALA N 73 -50.19 -8.50 -18.69
C ALA N 73 -49.19 -8.52 -19.83
N PHE N 74 -47.97 -8.00 -19.61
CA PHE N 74 -46.98 -7.97 -20.66
C PHE N 74 -46.54 -9.38 -21.05
N PHE N 75 -45.97 -10.12 -20.08
CA PHE N 75 -45.55 -11.49 -20.37
C PHE N 75 -46.74 -12.41 -20.62
N GLY N 76 -47.91 -12.06 -20.07
CA GLY N 76 -49.12 -12.78 -20.43
C GLY N 76 -49.47 -12.64 -21.89
N GLY N 77 -49.12 -11.51 -22.50
CA GLY N 77 -49.33 -11.31 -23.93
C GLY N 77 -48.44 -12.18 -24.79
N ALA N 78 -47.41 -12.80 -24.20
CA ALA N 78 -46.55 -13.74 -24.90
C ALA N 78 -46.93 -15.19 -24.62
N GLY N 79 -48.13 -15.42 -24.08
CA GLY N 79 -48.60 -16.75 -23.81
C GLY N 79 -48.12 -17.36 -22.50
N MET N 80 -47.42 -16.61 -21.67
CA MET N 80 -46.96 -17.13 -20.39
C MET N 80 -48.08 -17.04 -19.36
N LYS N 81 -48.22 -18.11 -18.57
CA LYS N 81 -49.27 -18.21 -17.57
C LYS N 81 -48.67 -18.64 -16.24
N TYR N 82 -49.44 -18.43 -15.17
CA TYR N 82 -49.01 -18.85 -13.85
C TYR N 82 -49.08 -20.38 -13.75
N GLY N 83 -48.07 -20.96 -13.10
CA GLY N 83 -48.01 -22.40 -12.97
C GLY N 83 -47.73 -23.15 -14.25
N VAL N 84 -47.29 -22.45 -15.30
CA VAL N 84 -46.96 -23.06 -16.58
C VAL N 84 -45.54 -22.68 -16.95
N GLU N 85 -44.72 -23.68 -17.27
CA GLU N 85 -43.34 -23.44 -17.66
C GLU N 85 -43.23 -23.34 -19.17
N THR N 86 -42.66 -22.24 -19.65
CA THR N 86 -42.60 -21.91 -21.07
C THR N 86 -41.19 -22.16 -21.58
N ASP N 87 -41.04 -23.13 -22.47
CA ASP N 87 -39.75 -23.40 -23.09
C ASP N 87 -39.48 -22.41 -24.22
N TRP N 88 -38.31 -22.51 -24.82
CA TRP N 88 -37.94 -21.59 -25.89
C TRP N 88 -38.85 -21.66 -27.11
N PRO N 89 -39.28 -22.83 -27.61
CA PRO N 89 -40.20 -22.83 -28.76
C PRO N 89 -41.50 -22.10 -28.50
N ALA N 90 -42.19 -22.44 -27.40
CA ALA N 90 -43.42 -21.74 -27.06
C ALA N 90 -43.18 -20.28 -26.68
N TYR N 91 -41.95 -19.93 -26.29
CA TYR N 91 -41.64 -18.56 -25.93
C TYR N 91 -41.56 -17.66 -27.15
N ILE N 92 -40.71 -18.02 -28.12
CA ILE N 92 -40.57 -17.20 -29.32
C ILE N 92 -41.85 -17.24 -30.14
N GLU N 93 -42.62 -18.33 -30.06
CA GLU N 93 -43.91 -18.37 -30.73
C GLU N 93 -44.89 -17.40 -30.08
N GLY N 94 -44.90 -17.33 -28.75
CA GLY N 94 -45.75 -16.37 -28.06
C GLY N 94 -45.29 -14.94 -28.23
N TRP N 95 -43.99 -14.74 -28.47
CA TRP N 95 -43.48 -13.39 -28.68
C TRP N 95 -43.84 -12.87 -30.07
N LYS N 96 -44.06 -13.76 -31.04
CA LYS N 96 -44.66 -13.32 -32.30
C LYS N 96 -46.08 -12.84 -32.08
N LYS N 97 -46.85 -13.57 -31.26
CA LYS N 97 -48.21 -13.14 -30.94
C LYS N 97 -48.20 -11.84 -30.15
N LEU N 98 -47.28 -11.70 -29.20
CA LEU N 98 -47.21 -10.46 -28.42
C LEU N 98 -46.90 -9.27 -29.32
N ALA N 99 -45.87 -9.40 -30.16
CA ALA N 99 -45.49 -8.29 -31.04
C ALA N 99 -46.61 -7.96 -32.02
N THR N 100 -47.33 -8.97 -32.50
CA THR N 100 -48.45 -8.72 -33.41
C THR N 100 -49.56 -7.94 -32.71
N ASP N 101 -49.95 -8.38 -31.52
CA ASP N 101 -50.98 -7.67 -30.76
C ASP N 101 -50.53 -6.26 -30.41
N GLU N 102 -49.24 -6.10 -30.07
CA GLU N 102 -48.72 -4.77 -29.75
C GLU N 102 -48.72 -3.87 -30.98
N LEU N 103 -48.33 -4.41 -32.15
CA LEU N 103 -48.36 -3.61 -33.37
C LEU N 103 -49.78 -3.24 -33.75
N GLU N 104 -50.75 -4.10 -33.44
CA GLU N 104 -52.15 -3.73 -33.64
C GLU N 104 -52.53 -2.54 -32.76
N LYS N 105 -52.05 -2.52 -31.52
CA LYS N 105 -52.38 -1.42 -30.61
C LYS N 105 -51.70 -0.12 -31.03
N TYR N 106 -50.46 -0.21 -31.53
CA TYR N 106 -49.79 0.97 -32.05
C TYR N 106 -50.59 1.60 -33.19
N ALA N 107 -50.96 0.80 -34.18
CA ALA N 107 -51.67 1.32 -35.34
C ALA N 107 -53.03 1.89 -34.97
N LYS N 108 -53.77 1.21 -34.10
CA LYS N 108 -55.04 1.70 -33.62
C LYS N 108 -54.90 2.82 -32.60
N ASN N 109 -53.68 3.24 -32.28
CA ASN N 109 -53.42 4.26 -31.27
C ASN N 109 -54.00 3.85 -29.92
N GLU N 110 -53.93 2.56 -29.63
CA GLU N 110 -54.39 1.90 -28.41
C GLU N 110 -53.23 1.76 -27.42
N PRO N 111 -53.49 1.97 -26.13
CA PRO N 111 -52.41 1.82 -25.13
C PRO N 111 -51.81 0.42 -25.16
N THR N 112 -50.54 0.35 -25.51
CA THR N 112 -49.83 -0.92 -25.62
C THR N 112 -49.46 -1.45 -24.23
N LEU N 113 -49.16 -2.75 -24.18
CA LEU N 113 -48.72 -3.36 -22.93
C LEU N 113 -47.36 -2.81 -22.51
N ILE N 114 -46.49 -2.53 -23.47
CA ILE N 114 -45.16 -2.01 -23.14
C ILE N 114 -45.25 -0.58 -22.63
N ARG N 115 -46.24 0.19 -23.10
CA ARG N 115 -46.42 1.54 -22.56
C ARG N 115 -46.97 1.50 -21.14
N ILE N 116 -47.96 0.64 -20.90
CA ILE N 116 -48.55 0.54 -19.57
C ILE N 116 -47.52 0.10 -18.54
N TRP N 117 -46.60 -0.80 -18.94
CA TRP N 117 -45.50 -1.17 -18.06
C TRP N 117 -44.58 0.03 -17.82
N GLY N 118 -44.24 0.77 -18.88
CA GLY N 118 -43.36 1.91 -18.71
C GLY N 118 -43.96 2.99 -17.83
N ASP N 119 -45.27 3.25 -17.99
CA ASP N 119 -45.92 4.25 -17.14
C ASP N 119 -45.90 3.82 -15.68
N ALA N 120 -46.23 2.56 -15.41
CA ALA N 120 -46.24 2.08 -14.04
C ALA N 120 -44.84 2.00 -13.45
N LEU N 121 -43.83 1.72 -14.27
CA LEU N 121 -42.47 1.58 -13.77
C LEU N 121 -41.82 2.94 -13.54
N PHE N 122 -41.94 3.85 -14.52
CA PHE N 122 -41.29 5.16 -14.39
C PHE N 122 -41.88 5.97 -13.25
N ASP N 123 -43.14 5.73 -12.89
CA ASP N 123 -43.69 6.37 -11.71
C ASP N 123 -42.96 5.93 -10.45
N ILE N 124 -42.29 4.78 -10.48
CA ILE N 124 -41.49 4.31 -9.36
C ILE N 124 -40.04 4.77 -9.47
N VAL N 125 -39.45 4.62 -10.66
CA VAL N 125 -38.04 4.96 -10.84
C VAL N 125 -37.81 6.46 -10.73
N ASP N 126 -38.77 7.27 -11.17
CA ASP N 126 -38.66 8.71 -11.04
C ASP N 126 -39.12 9.13 -9.64
N LYS N 127 -38.19 9.70 -8.87
CA LYS N 127 -38.52 10.13 -7.52
C LYS N 127 -39.55 11.25 -7.51
N ASP N 128 -39.58 12.07 -8.57
CA ASP N 128 -40.55 13.15 -8.65
C ASP N 128 -41.91 12.69 -9.14
N GLN N 129 -42.00 11.48 -9.71
CA GLN N 129 -43.26 10.91 -10.18
C GLN N 129 -43.90 11.80 -11.27
N ASN N 130 -43.08 12.25 -12.20
CA ASN N 130 -43.55 13.01 -13.36
C ASN N 130 -43.39 12.24 -14.67
N GLY N 131 -43.15 10.93 -14.58
CA GLY N 131 -42.99 10.12 -15.77
C GLY N 131 -41.72 10.39 -16.54
N ALA N 132 -40.64 10.78 -15.85
CA ALA N 132 -39.37 11.08 -16.52
C ALA N 132 -38.24 10.75 -15.56
N ILE N 133 -37.31 9.89 -15.99
CA ILE N 133 -36.22 9.43 -15.14
C ILE N 133 -34.91 10.03 -15.64
N THR N 134 -33.97 10.20 -14.72
CA THR N 134 -32.64 10.69 -15.06
C THR N 134 -31.77 9.52 -15.52
N LEU N 135 -30.52 9.83 -15.88
CA LEU N 135 -29.59 8.80 -16.30
C LEU N 135 -29.21 7.88 -15.13
N ASP N 136 -28.97 8.48 -13.95
CA ASP N 136 -28.65 7.67 -12.78
C ASP N 136 -29.81 6.77 -12.40
N GLU N 137 -31.05 7.26 -12.53
CA GLU N 137 -32.22 6.44 -12.26
C GLU N 137 -32.37 5.34 -13.30
N TRP N 138 -32.01 5.61 -14.55
CA TRP N 138 -32.01 4.57 -15.57
C TRP N 138 -30.92 3.54 -15.30
N LYS N 139 -29.77 3.99 -14.79
CA LYS N 139 -28.74 3.05 -14.34
C LYS N 139 -29.22 2.24 -13.15
N ALA N 140 -29.99 2.87 -12.25
CA ALA N 140 -30.45 2.18 -11.05
C ALA N 140 -31.35 1.00 -11.40
N TYR N 141 -32.32 1.21 -12.30
CA TYR N 141 -33.26 0.13 -12.61
C TYR N 141 -32.60 -0.97 -13.44
N THR N 142 -31.94 -0.59 -14.53
CA THR N 142 -31.41 -1.59 -15.46
C THR N 142 -30.35 -2.46 -14.81
N LYS N 143 -29.52 -1.88 -13.94
CA LYS N 143 -28.54 -2.69 -13.22
C LYS N 143 -29.19 -3.55 -12.16
N ALA N 144 -30.28 -3.08 -11.55
CA ALA N 144 -31.03 -3.91 -10.62
C ALA N 144 -31.69 -5.08 -11.34
N ALA N 145 -32.27 -4.81 -12.51
CA ALA N 145 -32.86 -5.89 -13.31
C ALA N 145 -31.80 -6.79 -13.91
N GLY N 146 -30.61 -6.24 -14.19
CA GLY N 146 -29.56 -7.00 -14.84
C GLY N 146 -29.61 -6.98 -16.35
N ILE N 147 -30.59 -6.29 -16.94
CA ILE N 147 -30.66 -6.21 -18.40
C ILE N 147 -29.48 -5.41 -18.93
N ILE N 148 -28.94 -4.50 -18.13
CA ILE N 148 -27.71 -3.76 -18.45
C ILE N 148 -26.79 -3.84 -17.25
N GLN N 149 -25.51 -4.12 -17.50
CA GLN N 149 -24.52 -4.26 -16.45
C GLN N 149 -23.59 -3.05 -16.35
N SER N 150 -23.05 -2.59 -17.47
CA SER N 150 -22.10 -1.48 -17.47
C SER N 150 -22.82 -0.14 -17.58
N SER N 151 -22.20 0.90 -17.02
CA SER N 151 -22.79 2.23 -17.06
C SER N 151 -22.73 2.84 -18.45
N GLU N 152 -21.76 2.43 -19.27
CA GLU N 152 -21.65 2.99 -20.61
C GLU N 152 -22.84 2.61 -21.48
N ASP N 153 -23.31 1.37 -21.36
CA ASP N 153 -24.50 0.95 -22.09
C ASP N 153 -25.74 1.72 -21.64
N CYS N 154 -25.80 2.09 -20.35
CA CYS N 154 -26.88 2.95 -19.88
C CYS N 154 -26.77 4.34 -20.50
N GLU N 155 -25.55 4.87 -20.59
CA GLU N 155 -25.36 6.16 -21.24
C GLU N 155 -25.59 6.07 -22.75
N GLU N 156 -25.40 4.88 -23.32
CA GLU N 156 -25.70 4.68 -24.74
C GLU N 156 -27.20 4.81 -25.00
N THR N 157 -28.03 4.42 -24.03
CA THR N 157 -29.47 4.57 -24.19
C THR N 157 -29.86 6.04 -24.36
N PHE N 158 -29.28 6.92 -23.53
CA PHE N 158 -29.59 8.33 -23.64
C PHE N 158 -29.02 8.96 -24.90
N ARG N 159 -28.00 8.34 -25.50
CA ARG N 159 -27.47 8.85 -26.76
C ARG N 159 -28.41 8.55 -27.91
N VAL N 160 -29.03 7.36 -27.90
CA VAL N 160 -29.98 7.00 -28.95
C VAL N 160 -31.24 7.85 -28.86
N CYS N 161 -31.76 8.05 -27.64
CA CYS N 161 -32.95 8.87 -27.45
C CYS N 161 -32.69 10.36 -27.64
N ASP N 162 -31.44 10.76 -27.88
CA ASP N 162 -31.06 12.16 -28.06
C ASP N 162 -31.49 13.01 -26.87
N ILE N 163 -31.02 12.61 -25.69
CA ILE N 163 -31.29 13.32 -24.45
C ILE N 163 -29.98 13.47 -23.67
N ASP N 164 -29.81 14.61 -23.03
CA ASP N 164 -28.58 14.92 -22.32
C ASP N 164 -28.38 13.97 -21.14
N GLU N 165 -27.12 13.85 -20.71
CA GLU N 165 -26.81 13.06 -19.52
C GLU N 165 -27.46 13.64 -18.28
N SER N 166 -27.72 14.95 -18.28
CA SER N 166 -28.49 15.59 -17.21
C SER N 166 -29.98 15.65 -17.53
N GLY N 167 -30.36 15.47 -18.79
CA GLY N 167 -31.76 15.44 -19.16
C GLY N 167 -32.45 14.19 -18.65
N GLN N 168 -33.74 14.11 -18.97
CA GLN N 168 -34.58 13.01 -18.49
C GLN N 168 -35.18 12.24 -19.66
N LEU N 169 -35.59 11.01 -19.38
CA LEU N 169 -36.20 10.11 -20.35
C LEU N 169 -37.62 9.78 -19.90
N ASP N 170 -38.59 10.03 -20.77
CA ASP N 170 -39.99 9.77 -20.45
C ASP N 170 -40.47 8.50 -21.15
N VAL N 171 -41.66 8.04 -20.74
CA VAL N 171 -42.23 6.82 -21.29
C VAL N 171 -42.56 6.99 -22.76
N ASP N 172 -42.97 8.20 -23.17
CA ASP N 172 -43.34 8.44 -24.57
C ASP N 172 -42.18 8.16 -25.50
N GLU N 173 -41.00 8.69 -25.18
CA GLU N 173 -39.83 8.46 -26.03
C GLU N 173 -39.39 7.01 -25.97
N MET N 174 -39.43 6.40 -24.78
CA MET N 174 -39.00 5.01 -24.65
C MET N 174 -39.99 4.05 -25.29
N THR N 175 -41.28 4.41 -25.33
CA THR N 175 -42.26 3.58 -26.03
C THR N 175 -41.98 3.55 -27.52
N ARG N 176 -41.55 4.68 -28.09
CA ARG N 176 -41.15 4.70 -29.49
C ARG N 176 -39.89 3.87 -29.72
N GLN N 177 -38.92 3.96 -28.81
CA GLN N 177 -37.69 3.20 -28.97
C GLN N 177 -37.94 1.70 -28.80
N HIS N 178 -38.83 1.33 -27.86
CA HIS N 178 -39.15 -0.09 -27.67
C HIS N 178 -39.96 -0.63 -28.84
N LEU N 179 -40.68 0.24 -29.56
CA LEU N 179 -41.38 -0.19 -30.77
C LEU N 179 -40.39 -0.77 -31.79
N GLY N 180 -39.33 -0.02 -32.08
CA GLY N 180 -38.35 -0.48 -33.05
C GLY N 180 -37.35 -1.49 -32.52
N PHE N 181 -37.15 -1.53 -31.21
CA PHE N 181 -36.14 -2.42 -30.64
C PHE N 181 -36.68 -3.81 -30.34
N TRP N 182 -37.87 -3.90 -29.74
CA TRP N 182 -38.41 -5.20 -29.38
C TRP N 182 -39.33 -5.79 -30.45
N TYR N 183 -39.97 -4.96 -31.27
CA TYR N 183 -41.06 -5.41 -32.12
C TYR N 183 -40.72 -5.42 -33.61
N THR N 184 -40.14 -4.35 -34.15
CA THR N 184 -40.04 -4.19 -35.60
C THR N 184 -38.61 -4.15 -36.13
N MET N 185 -37.59 -4.23 -35.27
CA MET N 185 -36.20 -4.25 -35.71
C MET N 185 -35.84 -3.01 -36.54
N ASP N 186 -36.19 -1.85 -35.99
CA ASP N 186 -35.89 -0.59 -36.66
C ASP N 186 -34.39 -0.29 -36.54
N PRO N 187 -33.68 -0.09 -37.65
CA PRO N 187 -32.24 0.23 -37.55
C PRO N 187 -31.96 1.49 -36.76
N ALA N 188 -32.91 2.42 -36.68
CA ALA N 188 -32.71 3.63 -35.89
C ALA N 188 -32.75 3.36 -34.39
N CYS N 189 -33.13 2.15 -33.97
CA CYS N 189 -33.21 1.79 -32.57
C CYS N 189 -32.09 0.87 -32.12
N GLU N 190 -31.10 0.63 -32.98
CA GLU N 190 -29.97 -0.21 -32.60
C GLU N 190 -29.17 0.44 -31.48
N LYS N 191 -28.55 -0.41 -30.66
CA LYS N 191 -27.75 0.04 -29.51
C LYS N 191 -28.59 0.82 -28.51
N LEU N 192 -29.89 0.55 -28.45
CA LEU N 192 -30.73 1.16 -27.42
C LEU N 192 -30.30 0.70 -26.03
N TYR N 193 -29.81 -0.53 -25.91
CA TYR N 193 -29.25 -1.05 -24.68
C TYR N 193 -27.74 -1.24 -24.77
N GLY N 194 -27.08 -0.52 -25.67
CA GLY N 194 -25.65 -0.65 -25.84
C GLY N 194 -25.28 -2.04 -26.32
N GLY N 195 -24.24 -2.60 -25.70
CA GLY N 195 -23.85 -3.97 -25.95
C GLY N 195 -24.49 -5.00 -25.04
N ALA N 196 -25.33 -4.55 -24.10
CA ALA N 196 -25.95 -5.48 -23.17
C ALA N 196 -26.96 -6.39 -23.85
N VAL N 197 -27.67 -5.89 -24.87
CA VAL N 197 -28.68 -6.65 -25.58
C VAL N 197 -28.38 -6.57 -27.07
N PRO N 198 -28.19 -7.70 -27.77
CA PRO N 198 -27.90 -7.72 -29.21
C PRO N 198 -29.08 -7.22 -30.04
N HIS O 8 24.17 4.71 17.91
CA HIS O 8 24.98 5.32 18.96
C HIS O 8 26.39 5.64 18.46
N HIS O 9 26.66 6.93 18.24
CA HIS O 9 27.97 7.38 17.82
C HIS O 9 28.79 7.95 18.96
N GLY O 10 28.17 8.28 20.08
CA GLY O 10 28.88 8.84 21.20
C GLY O 10 27.95 9.09 22.36
N LYS O 11 28.44 9.85 23.34
CA LYS O 11 27.70 10.17 24.54
C LYS O 11 28.04 11.60 24.94
N LEU O 12 27.03 12.46 25.02
CA LEU O 12 27.23 13.86 25.37
C LEU O 12 26.75 14.20 26.77
N THR O 13 26.21 13.23 27.51
CA THR O 13 25.70 13.48 28.85
C THR O 13 26.76 13.12 29.89
N SER O 14 26.92 13.99 30.87
CA SER O 14 27.92 13.77 31.91
C SER O 14 27.41 12.78 32.94
N ASP O 15 28.35 12.26 33.73
CA ASP O 15 28.05 11.27 34.75
C ASP O 15 28.96 11.52 35.95
N PHE O 16 28.84 12.72 36.53
CA PHE O 16 29.79 13.17 37.55
C PHE O 16 29.59 12.46 38.89
N ASP O 17 28.42 11.87 39.13
CA ASP O 17 28.19 11.13 40.36
C ASP O 17 28.59 9.67 40.27
N ASN O 18 28.98 9.21 39.10
CA ASN O 18 29.47 7.85 38.93
C ASN O 18 30.79 7.70 39.70
N PRO O 19 30.86 6.80 40.69
CA PRO O 19 32.13 6.64 41.42
C PRO O 19 33.28 6.17 40.53
N ARG O 20 33.00 5.54 39.39
CA ARG O 20 34.08 5.18 38.47
C ARG O 20 34.63 6.42 37.77
N TRP O 21 33.80 7.44 37.53
CA TRP O 21 34.31 8.69 36.99
C TRP O 21 35.17 9.41 38.01
N ILE O 22 34.73 9.43 39.27
CA ILE O 22 35.55 9.99 40.33
C ILE O 22 36.83 9.17 40.51
N GLY O 23 36.70 7.85 40.50
CA GLY O 23 37.86 6.99 40.68
C GLY O 23 38.82 7.02 39.50
N ARG O 24 38.30 7.29 38.29
CA ARG O 24 39.18 7.39 37.13
C ARG O 24 40.09 8.61 37.23
N HIS O 25 39.53 9.75 37.63
CA HIS O 25 40.33 10.96 37.78
C HIS O 25 41.05 11.02 39.13
N LYS O 26 40.63 10.20 40.09
CA LYS O 26 41.42 10.06 41.32
C LYS O 26 42.68 9.24 41.05
N HIS O 27 42.59 8.24 40.18
CA HIS O 27 43.77 7.50 39.76
C HIS O 27 44.74 8.39 39.00
N MET O 28 44.22 9.23 38.10
CA MET O 28 45.09 10.15 37.37
C MET O 28 45.72 11.17 38.32
N PHE O 29 44.95 11.65 39.30
CA PHE O 29 45.48 12.61 40.26
C PHE O 29 46.67 12.03 41.02
N ASN O 30 46.54 10.78 41.48
CA ASN O 30 47.65 10.14 42.20
C ASN O 30 48.82 9.87 41.27
N PHE O 31 48.54 9.52 40.01
CA PHE O 31 49.61 9.32 39.04
C PHE O 31 50.35 10.62 38.77
N LEU O 32 49.64 11.74 38.76
CA LEU O 32 50.27 13.03 38.56
C LEU O 32 50.98 13.53 39.81
N ASP O 33 50.53 13.10 40.99
CA ASP O 33 51.13 13.53 42.26
C ASP O 33 52.30 12.59 42.60
N VAL O 34 53.37 12.74 41.84
CA VAL O 34 54.51 11.82 41.96
C VAL O 34 55.20 11.96 43.31
N ASN O 35 55.20 13.17 43.88
CA ASN O 35 55.87 13.40 45.16
C ASN O 35 54.93 13.22 46.35
N HIS O 36 53.71 12.73 46.12
CA HIS O 36 52.77 12.39 47.18
C HIS O 36 52.51 13.59 48.10
N ASN O 37 52.29 14.75 47.50
CA ASN O 37 51.98 15.96 48.27
C ASN O 37 50.49 16.17 48.47
N GLY O 38 49.64 15.36 47.83
CA GLY O 38 48.23 15.65 47.79
C GLY O 38 47.87 16.92 47.06
N LYS O 39 48.83 17.51 46.35
CA LYS O 39 48.62 18.75 45.62
C LYS O 39 49.45 18.73 44.34
N ILE O 40 48.87 19.20 43.25
CA ILE O 40 49.61 19.39 42.01
C ILE O 40 49.37 20.80 41.51
N SER O 41 50.35 21.34 40.79
CA SER O 41 50.27 22.68 40.26
C SER O 41 50.32 22.64 38.74
N LEU O 42 49.84 23.73 38.13
CA LEU O 42 49.95 23.85 36.67
C LEU O 42 51.41 23.93 36.24
N ASP O 43 52.29 24.43 37.10
CA ASP O 43 53.72 24.45 36.80
C ASP O 43 54.25 23.03 36.59
N GLU O 44 53.88 22.12 37.49
CA GLU O 44 54.35 20.73 37.39
C GLU O 44 53.76 20.05 36.17
N MET O 45 52.47 20.29 35.88
CA MET O 45 51.82 19.62 34.76
C MET O 45 52.41 20.07 33.43
N VAL O 46 52.59 21.37 33.24
CA VAL O 46 53.17 21.86 31.99
C VAL O 46 54.64 21.48 31.89
N TYR O 47 55.35 21.44 33.02
CA TYR O 47 56.74 20.99 32.98
C TYR O 47 56.82 19.55 32.49
N LYS O 48 56.04 18.65 33.10
CA LYS O 48 56.04 17.26 32.67
C LYS O 48 55.68 17.12 31.20
N ALA O 49 54.70 17.90 30.74
CA ALA O 49 54.28 17.83 29.34
C ALA O 49 55.40 18.29 28.41
N SER O 50 56.06 19.40 28.74
CA SER O 50 57.12 19.91 27.89
C SER O 50 58.37 19.03 27.98
N ASP O 51 58.67 18.52 29.17
CA ASP O 51 59.83 17.65 29.35
C ASP O 51 59.74 16.42 28.45
N ILE O 52 58.53 15.85 28.33
CA ILE O 52 58.36 14.64 27.52
C ILE O 52 58.64 14.94 26.04
N VAL O 53 58.00 15.98 25.51
CA VAL O 53 58.08 16.21 24.06
C VAL O 53 59.45 16.74 23.66
N ILE O 54 60.10 17.50 24.54
CA ILE O 54 61.41 18.09 24.21
C ILE O 54 62.54 17.11 24.47
N ASN O 55 62.54 16.47 25.64
CA ASN O 55 63.68 15.66 26.06
C ASN O 55 63.51 14.17 25.78
N ASN O 56 62.32 13.72 25.40
CA ASN O 56 62.11 12.32 25.07
C ASN O 56 61.66 12.08 23.63
N LEU O 57 60.93 13.01 23.03
CA LEU O 57 60.35 12.81 21.71
C LEU O 57 60.94 13.73 20.64
N GLY O 58 61.93 14.56 20.99
CA GLY O 58 62.64 15.36 20.02
C GLY O 58 61.78 16.38 19.29
N ALA O 59 61.03 17.17 20.02
CA ALA O 59 60.18 18.18 19.41
C ALA O 59 60.96 19.45 19.11
N THR O 60 60.65 20.08 17.98
CA THR O 60 61.23 21.37 17.64
C THR O 60 60.70 22.43 18.59
N PRO O 61 61.39 23.57 18.70
CA PRO O 61 60.87 24.65 19.56
C PRO O 61 59.46 25.09 19.20
N GLU O 62 59.15 25.18 17.91
CA GLU O 62 57.80 25.54 17.50
C GLU O 62 56.80 24.46 17.87
N GLN O 63 57.15 23.19 17.65
CA GLN O 63 56.29 22.10 18.08
C GLN O 63 56.09 22.12 19.59
N ALA O 64 57.15 22.41 20.34
CA ALA O 64 57.05 22.44 21.80
C ALA O 64 56.19 23.61 22.28
N LYS O 65 56.21 24.73 21.56
CA LYS O 65 55.40 25.88 21.96
C LYS O 65 53.92 25.62 21.73
N ARG O 66 53.56 25.11 20.54
CA ARG O 66 52.18 24.76 20.26
C ARG O 66 51.67 23.70 21.23
N HIS O 67 52.51 22.71 21.56
CA HIS O 67 52.12 21.68 22.51
C HIS O 67 51.99 22.26 23.92
N LYS O 68 52.86 23.20 24.29
CA LYS O 68 52.82 23.77 25.63
C LYS O 68 51.54 24.56 25.85
N ASP O 69 51.14 25.37 24.88
CA ASP O 69 49.90 26.15 25.01
C ASP O 69 48.71 25.22 25.15
N ALA O 70 48.73 24.08 24.45
CA ALA O 70 47.59 23.16 24.48
C ALA O 70 47.45 22.50 25.84
N VAL O 71 48.56 21.99 26.40
CA VAL O 71 48.52 21.38 27.72
C VAL O 71 48.16 22.43 28.78
N GLU O 72 48.70 23.64 28.63
CA GLU O 72 48.40 24.72 29.57
C GLU O 72 46.90 25.02 29.58
N ALA O 73 46.27 25.05 28.40
CA ALA O 73 44.85 25.33 28.34
C ALA O 73 44.01 24.15 28.83
N PHE O 74 44.53 22.93 28.67
CA PHE O 74 43.77 21.74 29.09
C PHE O 74 43.62 21.72 30.61
N PHE O 75 44.74 21.65 31.33
CA PHE O 75 44.65 21.65 32.79
C PHE O 75 44.18 22.99 33.32
N GLY O 76 44.39 24.08 32.58
CA GLY O 76 43.81 25.35 32.95
C GLY O 76 42.29 25.32 32.91
N GLY O 77 41.71 24.55 31.98
CA GLY O 77 40.27 24.38 31.94
C GLY O 77 39.74 23.63 33.14
N ALA O 78 40.60 22.91 33.87
CA ALA O 78 40.23 22.26 35.11
C ALA O 78 40.50 23.13 36.33
N GLY O 79 40.73 24.43 36.12
CA GLY O 79 40.92 25.37 37.21
C GLY O 79 42.32 25.48 37.75
N MET O 80 43.28 24.72 37.20
CA MET O 80 44.65 24.78 37.69
C MET O 80 45.33 26.04 37.19
N LYS O 81 46.17 26.63 38.05
CA LYS O 81 46.85 27.88 37.75
C LYS O 81 48.29 27.81 38.20
N TYR O 82 49.13 28.63 37.58
CA TYR O 82 50.53 28.70 37.97
C TYR O 82 50.67 29.25 39.37
N GLY O 83 51.60 28.68 40.14
CA GLY O 83 51.81 29.08 41.52
C GLY O 83 50.73 28.67 42.49
N VAL O 84 49.74 27.91 42.04
CA VAL O 84 48.64 27.45 42.89
C VAL O 84 48.75 25.94 43.03
N GLU O 85 48.63 25.46 44.27
CA GLU O 85 48.65 24.03 44.56
C GLU O 85 47.21 23.53 44.63
N THR O 86 46.84 22.66 43.69
CA THR O 86 45.48 22.15 43.60
C THR O 86 45.38 20.83 44.36
N ASP O 87 44.58 20.83 45.44
CA ASP O 87 44.35 19.60 46.17
C ASP O 87 43.30 18.75 45.45
N TRP O 88 43.00 17.57 46.00
CA TRP O 88 42.08 16.67 45.33
C TRP O 88 40.67 17.23 45.19
N PRO O 89 40.04 17.79 46.23
CA PRO O 89 38.68 18.33 46.03
C PRO O 89 38.60 19.45 45.01
N ALA O 90 39.55 20.38 45.01
CA ALA O 90 39.56 21.41 43.97
C ALA O 90 39.83 20.81 42.61
N TYR O 91 40.59 19.71 42.55
CA TYR O 91 40.90 19.07 41.28
C TYR O 91 39.64 18.46 40.67
N ILE O 92 38.95 17.61 41.42
CA ILE O 92 37.79 16.91 40.86
C ILE O 92 36.64 17.89 40.63
N GLU O 93 36.56 18.96 41.42
CA GLU O 93 35.58 20.01 41.15
C GLU O 93 35.93 20.77 39.88
N GLY O 94 37.23 21.02 39.67
CA GLY O 94 37.65 21.65 38.43
C GLY O 94 37.47 20.77 37.22
N TRP O 95 37.52 19.45 37.41
CA TRP O 95 37.35 18.54 36.28
C TRP O 95 35.90 18.45 35.84
N LYS O 96 34.95 18.66 36.76
CA LYS O 96 33.55 18.77 36.36
C LYS O 96 33.35 19.96 35.43
N LYS O 97 33.99 21.09 35.74
CA LYS O 97 33.89 22.27 34.90
C LYS O 97 34.56 22.04 33.55
N LEU O 98 35.72 21.37 33.55
CA LEU O 98 36.39 21.06 32.28
C LEU O 98 35.53 20.16 31.42
N ALA O 99 35.00 19.08 32.00
CA ALA O 99 34.14 18.18 31.24
C ALA O 99 32.90 18.90 30.73
N THR O 100 32.30 19.76 31.57
CA THR O 100 31.12 20.51 31.14
C THR O 100 31.46 21.45 29.99
N ASP O 101 32.59 22.16 30.09
CA ASP O 101 32.98 23.08 29.03
C ASP O 101 33.27 22.32 27.73
N GLU O 102 33.96 21.18 27.83
CA GLU O 102 34.28 20.40 26.64
C GLU O 102 33.02 19.86 25.98
N LEU O 103 32.07 19.36 26.78
CA LEU O 103 30.85 18.79 26.22
C LEU O 103 30.02 19.84 25.48
N GLU O 104 30.09 21.10 25.92
CA GLU O 104 29.44 22.17 25.16
C GLU O 104 30.13 22.37 23.82
N LYS O 105 31.46 22.28 23.79
CA LYS O 105 32.18 22.41 22.52
C LYS O 105 31.90 21.22 21.61
N TYR O 106 31.73 20.03 22.19
CA TYR O 106 31.35 18.86 21.39
C TYR O 106 30.01 19.10 20.69
N ALA O 107 29.01 19.57 21.44
CA ALA O 107 27.68 19.77 20.86
C ALA O 107 27.71 20.86 19.80
N LYS O 108 28.48 21.92 20.02
CA LYS O 108 28.60 23.01 19.06
C LYS O 108 29.55 22.69 17.91
N ASN O 109 30.14 21.48 17.89
CA ASN O 109 31.12 21.10 16.87
C ASN O 109 32.25 22.11 16.78
N GLU O 110 32.71 22.56 17.94
CA GLU O 110 33.77 23.51 18.26
C GLU O 110 35.02 22.75 18.72
N PRO O 111 36.21 23.16 18.26
CA PRO O 111 37.43 22.43 18.65
C PRO O 111 37.62 22.39 20.15
N THR O 112 37.60 21.17 20.69
CA THR O 112 37.73 20.96 22.12
C THR O 112 39.19 21.13 22.56
N LEU O 113 39.36 21.30 23.87
CA LEU O 113 40.72 21.42 24.42
C LEU O 113 41.49 20.12 24.28
N ILE O 114 40.79 18.98 24.40
CA ILE O 114 41.47 17.69 24.29
C ILE O 114 41.88 17.42 22.84
N ARG O 115 41.16 18.00 21.88
CA ARG O 115 41.55 17.85 20.48
C ARG O 115 42.77 18.70 20.15
N ILE O 116 42.79 19.95 20.64
CA ILE O 116 43.92 20.83 20.36
C ILE O 116 45.21 20.27 20.96
N TRP O 117 45.12 19.64 22.13
CA TRP O 117 46.28 18.93 22.67
C TRP O 117 46.64 17.75 21.78
N GLY O 118 45.64 17.01 21.30
CA GLY O 118 45.92 15.86 20.46
C GLY O 118 46.63 16.22 19.17
N ASP O 119 46.13 17.25 18.48
CA ASP O 119 46.75 17.67 17.22
C ASP O 119 48.18 18.14 17.44
N ALA O 120 48.42 18.90 18.50
CA ALA O 120 49.76 19.39 18.77
C ALA O 120 50.70 18.26 19.16
N LEU O 121 50.18 17.26 19.88
CA LEU O 121 51.02 16.16 20.34
C LEU O 121 51.31 15.17 19.21
N PHE O 122 50.28 14.77 18.47
CA PHE O 122 50.46 13.82 17.39
C PHE O 122 51.33 14.37 16.26
N ASP O 123 51.47 15.69 16.18
CA ASP O 123 52.42 16.26 15.22
C ASP O 123 53.85 15.96 15.63
N ILE O 124 54.09 15.76 16.92
CA ILE O 124 55.42 15.43 17.43
C ILE O 124 55.62 13.91 17.45
N VAL O 125 54.63 13.17 17.92
CA VAL O 125 54.79 11.73 18.08
C VAL O 125 54.89 11.04 16.73
N ASP O 126 54.11 11.49 15.74
CA ASP O 126 54.16 10.93 14.40
C ASP O 126 55.36 11.50 13.65
N LYS O 127 56.24 10.62 13.18
CA LYS O 127 57.43 11.08 12.47
C LYS O 127 57.11 11.63 11.09
N ASP O 128 55.98 11.24 10.51
CA ASP O 128 55.53 11.80 9.24
C ASP O 128 54.70 13.07 9.42
N GLN O 129 54.24 13.35 10.64
CA GLN O 129 53.57 14.60 10.98
C GLN O 129 52.29 14.80 10.16
N ASN O 130 51.48 13.74 10.09
CA ASN O 130 50.18 13.81 9.42
C ASN O 130 49.03 13.43 10.35
N GLY O 131 49.26 13.50 11.66
CA GLY O 131 48.21 13.26 12.62
C GLY O 131 47.83 11.81 12.81
N ALA O 132 48.71 10.87 12.48
CA ALA O 132 48.44 9.45 12.66
C ALA O 132 49.71 8.79 13.17
N ILE O 133 49.61 8.11 14.31
CA ILE O 133 50.76 7.49 14.96
C ILE O 133 50.62 5.97 14.90
N THR O 134 51.75 5.29 14.81
CA THR O 134 51.78 3.84 14.79
C THR O 134 51.69 3.31 16.23
N LEU O 135 51.65 1.98 16.36
CA LEU O 135 51.57 1.37 17.67
C LEU O 135 52.85 1.60 18.48
N ASP O 136 54.01 1.49 17.84
CA ASP O 136 55.27 1.72 18.53
C ASP O 136 55.38 3.17 19.00
N GLU O 137 54.89 4.11 18.19
CA GLU O 137 54.90 5.51 18.61
C GLU O 137 53.93 5.75 19.76
N TRP O 138 52.78 5.07 19.74
CA TRP O 138 51.84 5.17 20.85
C TRP O 138 52.43 4.57 22.12
N LYS O 139 53.11 3.43 21.99
CA LYS O 139 53.83 2.86 23.14
C LYS O 139 54.91 3.80 23.62
N ALA O 140 55.63 4.44 22.69
CA ALA O 140 56.74 5.30 23.07
C ALA O 140 56.27 6.50 23.87
N TYR O 141 55.16 7.12 23.47
CA TYR O 141 54.68 8.29 24.20
C TYR O 141 54.14 7.90 25.58
N THR O 142 53.22 6.93 25.61
CA THR O 142 52.55 6.60 26.86
C THR O 142 53.50 6.04 27.90
N LYS O 143 54.53 5.31 27.47
CA LYS O 143 55.55 4.85 28.42
C LYS O 143 56.42 5.99 28.89
N ALA O 144 56.70 6.97 28.03
CA ALA O 144 57.45 8.14 28.46
C ALA O 144 56.66 8.97 29.45
N ALA O 145 55.37 9.17 29.18
CA ALA O 145 54.52 9.91 30.12
C ALA O 145 54.24 9.08 31.37
N GLY O 146 54.24 7.75 31.25
CA GLY O 146 53.93 6.88 32.37
C GLY O 146 52.48 6.54 32.53
N ILE O 147 51.59 7.12 31.72
CA ILE O 147 50.16 6.81 31.84
C ILE O 147 49.91 5.35 31.51
N ILE O 148 50.73 4.75 30.67
CA ILE O 148 50.72 3.31 30.42
C ILE O 148 52.12 2.79 30.65
N GLN O 149 52.22 1.65 31.34
CA GLN O 149 53.51 1.03 31.63
C GLN O 149 53.80 -0.17 30.74
N SER O 150 52.84 -1.10 30.63
CA SER O 150 53.05 -2.32 29.86
C SER O 150 52.56 -2.16 28.43
N SER O 151 53.22 -2.85 27.51
CA SER O 151 52.85 -2.80 26.10
C SER O 151 51.50 -3.47 25.84
N GLU O 152 51.06 -4.36 26.72
CA GLU O 152 49.77 -5.01 26.54
C GLU O 152 48.64 -3.99 26.58
N ASP O 153 48.70 -3.02 27.49
CA ASP O 153 47.65 -2.01 27.58
C ASP O 153 47.69 -1.07 26.38
N CYS O 154 48.87 -0.79 25.83
CA CYS O 154 48.97 0.02 24.62
C CYS O 154 48.26 -0.65 23.45
N GLU O 155 48.32 -1.98 23.38
CA GLU O 155 47.62 -2.69 22.31
C GLU O 155 46.12 -2.69 22.52
N GLU O 156 45.67 -2.64 23.78
CA GLU O 156 44.25 -2.52 24.06
C GLU O 156 43.69 -1.20 23.52
N THR O 157 44.51 -0.15 23.48
CA THR O 157 44.06 1.12 22.91
C THR O 157 43.67 0.94 21.45
N PHE O 158 44.51 0.24 20.67
CA PHE O 158 44.21 0.03 19.27
C PHE O 158 43.02 -0.90 19.07
N ARG O 159 42.84 -1.87 19.97
CA ARG O 159 41.68 -2.75 19.87
C ARG O 159 40.39 -1.97 20.11
N VAL O 160 40.37 -1.11 21.13
CA VAL O 160 39.19 -0.32 21.42
C VAL O 160 38.92 0.68 20.30
N CYS O 161 39.99 1.26 19.72
CA CYS O 161 39.84 2.20 18.61
C CYS O 161 39.49 1.52 17.30
N ASP O 162 39.39 0.19 17.28
CA ASP O 162 39.05 -0.57 16.07
C ASP O 162 40.08 -0.34 14.96
N ILE O 163 41.35 -0.26 15.34
CA ILE O 163 42.45 -0.10 14.41
C ILE O 163 43.46 -1.20 14.67
N ASP O 164 43.86 -1.92 13.62
CA ASP O 164 44.80 -3.01 13.77
C ASP O 164 46.19 -2.47 14.14
N GLU O 165 47.02 -3.36 14.69
CA GLU O 165 48.34 -2.97 15.14
C GLU O 165 49.23 -2.49 13.99
N SER O 166 48.95 -2.93 12.76
CA SER O 166 49.68 -2.43 11.60
C SER O 166 49.19 -1.07 11.15
N GLY O 167 47.96 -0.69 11.51
CA GLY O 167 47.41 0.60 11.16
C GLY O 167 47.91 1.69 12.08
N GLN O 168 47.33 2.88 11.90
CA GLN O 168 47.72 4.05 12.67
C GLN O 168 46.51 4.61 13.43
N LEU O 169 46.82 5.34 14.50
CA LEU O 169 45.81 5.92 15.37
C LEU O 169 45.64 7.40 15.05
N ASP O 170 44.39 7.82 14.88
CA ASP O 170 44.07 9.17 14.43
C ASP O 170 43.64 10.04 15.60
N VAL O 171 43.86 11.36 15.46
CA VAL O 171 43.39 12.31 16.46
C VAL O 171 41.87 12.36 16.48
N ASP O 172 41.24 12.25 15.30
CA ASP O 172 39.78 12.23 15.23
C ASP O 172 39.21 11.05 16.00
N GLU O 173 39.80 9.87 15.82
CA GLU O 173 39.31 8.69 16.51
C GLU O 173 39.60 8.75 18.01
N MET O 174 40.77 9.28 18.38
CA MET O 174 41.12 9.36 19.80
C MET O 174 40.29 10.41 20.52
N THR O 175 39.86 11.46 19.81
CA THR O 175 38.99 12.45 20.43
C THR O 175 37.61 11.88 20.74
N ARG O 176 37.12 10.96 19.91
CA ARG O 176 35.87 10.28 20.21
C ARG O 176 36.02 9.36 21.42
N GLN O 177 37.16 8.66 21.51
CA GLN O 177 37.39 7.76 22.64
C GLN O 177 37.58 8.56 23.93
N HIS O 178 38.34 9.65 23.87
CA HIS O 178 38.54 10.48 25.06
C HIS O 178 37.24 11.13 25.50
N LEU O 179 36.31 11.36 24.58
CA LEU O 179 34.99 11.85 24.94
C LEU O 179 34.31 10.91 25.93
N GLY O 180 34.24 9.62 25.58
CA GLY O 180 33.62 8.66 26.46
C GLY O 180 34.49 8.22 27.62
N PHE O 181 35.80 8.37 27.51
CA PHE O 181 36.69 7.88 28.56
C PHE O 181 36.94 8.92 29.65
N TRP O 182 37.27 10.15 29.26
CA TRP O 182 37.56 11.19 30.25
C TRP O 182 36.32 11.95 30.71
N TYR O 183 35.30 12.07 29.86
CA TYR O 183 34.22 13.01 30.11
C TYR O 183 32.89 12.37 30.48
N THR O 184 32.43 11.38 29.73
CA THR O 184 31.05 10.91 29.86
C THR O 184 30.90 9.49 30.37
N MET O 185 32.00 8.76 30.58
CA MET O 185 31.94 7.38 31.09
C MET O 185 31.12 6.48 30.17
N ASP O 186 31.33 6.61 28.87
CA ASP O 186 30.69 5.73 27.90
C ASP O 186 31.22 4.31 28.09
N PRO O 187 30.37 3.33 28.40
CA PRO O 187 30.87 1.96 28.57
C PRO O 187 31.53 1.39 27.33
N ALA O 188 31.27 1.96 26.16
CA ALA O 188 31.93 1.51 24.93
C ALA O 188 33.39 1.90 24.87
N CYS O 189 33.85 2.79 25.74
CA CYS O 189 35.21 3.27 25.74
C CYS O 189 36.07 2.66 26.84
N GLU O 190 35.54 1.65 27.54
CA GLU O 190 36.32 0.98 28.59
C GLU O 190 37.55 0.30 27.97
N LYS O 191 38.56 0.11 28.81
CA LYS O 191 39.83 -0.51 28.42
C LYS O 191 40.57 0.29 27.35
N LEU O 192 40.24 1.59 27.20
CA LEU O 192 40.96 2.41 26.24
C LEU O 192 42.45 2.48 26.55
N TYR O 193 42.80 2.48 27.84
CA TYR O 193 44.19 2.41 28.28
C TYR O 193 44.50 1.06 28.91
N GLY O 194 43.81 0.02 28.47
CA GLY O 194 44.02 -1.31 29.02
C GLY O 194 43.67 -1.35 30.49
N GLY O 195 44.54 -1.98 31.27
CA GLY O 195 44.42 -2.00 32.70
C GLY O 195 45.17 -0.90 33.42
N ALA O 196 45.82 -0.02 32.67
CA ALA O 196 46.63 1.03 33.30
C ALA O 196 45.78 2.12 33.91
N VAL O 197 44.58 2.37 33.37
CA VAL O 197 43.70 3.41 33.88
C VAL O 197 42.33 2.79 34.14
N PRO O 198 41.82 2.82 35.38
CA PRO O 198 40.49 2.29 35.72
C PRO O 198 39.38 3.10 35.07
N HIS P 7 17.11 -39.28 -6.56
CA HIS P 7 15.93 -38.96 -5.77
C HIS P 7 16.29 -38.06 -4.59
N HIS P 8 17.25 -38.50 -3.78
CA HIS P 8 17.69 -37.76 -2.60
C HIS P 8 19.07 -37.18 -2.91
N HIS P 9 19.11 -35.87 -3.13
CA HIS P 9 20.36 -35.20 -3.48
C HIS P 9 21.09 -34.64 -2.27
N GLY P 10 20.39 -34.37 -1.18
CA GLY P 10 21.03 -33.83 0.00
C GLY P 10 20.01 -33.61 1.10
N LYS P 11 20.50 -33.03 2.20
CA LYS P 11 19.70 -32.76 3.38
C LYS P 11 19.97 -31.34 3.84
N LEU P 12 18.92 -30.55 3.99
CA LEU P 12 19.05 -29.14 4.37
C LEU P 12 18.55 -28.86 5.77
N THR P 13 18.00 -29.83 6.48
CA THR P 13 17.45 -29.62 7.81
C THR P 13 18.52 -29.89 8.87
N SER P 14 18.51 -29.08 9.91
CA SER P 14 19.47 -29.25 11.00
C SER P 14 19.02 -30.37 11.94
N ASP P 15 19.96 -30.85 12.74
CA ASP P 15 19.74 -31.95 13.66
C ASP P 15 20.61 -31.73 14.89
N PHE P 16 20.42 -30.57 15.55
CA PHE P 16 21.31 -30.14 16.62
C PHE P 16 21.07 -30.86 17.94
N ASP P 17 19.92 -31.51 18.10
CA ASP P 17 19.67 -32.31 19.29
C ASP P 17 20.11 -33.76 19.14
N ASN P 18 20.57 -34.14 17.96
CA ASN P 18 21.09 -35.48 17.75
C ASN P 18 22.40 -35.65 18.51
N PRO P 19 22.48 -36.57 19.48
CA PRO P 19 23.74 -36.75 20.21
C PRO P 19 24.89 -37.19 19.32
N ARG P 20 24.62 -37.77 18.15
CA ARG P 20 25.70 -38.08 17.22
C ARG P 20 26.24 -36.84 16.53
N TRP P 21 25.44 -35.77 16.44
CA TRP P 21 25.97 -34.51 15.93
C TRP P 21 26.79 -33.78 16.99
N ILE P 22 26.31 -33.77 18.23
CA ILE P 22 27.09 -33.20 19.32
C ILE P 22 28.39 -33.97 19.50
N GLY P 23 28.31 -35.30 19.51
CA GLY P 23 29.50 -36.11 19.69
C GLY P 23 30.46 -36.03 18.53
N ARG P 24 29.95 -35.77 17.33
CA ARG P 24 30.82 -35.62 16.17
C ARG P 24 31.71 -34.38 16.32
N HIS P 25 31.14 -33.28 16.79
CA HIS P 25 31.92 -32.07 17.01
C HIS P 25 32.60 -32.07 18.37
N LYS P 26 32.13 -32.88 19.31
CA LYS P 26 32.88 -33.10 20.55
C LYS P 26 34.20 -33.80 20.25
N HIS P 27 34.16 -34.83 19.40
CA HIS P 27 35.40 -35.48 18.96
C HIS P 27 36.33 -34.49 18.30
N MET P 28 35.80 -33.61 17.45
CA MET P 28 36.63 -32.63 16.76
C MET P 28 37.17 -31.59 17.73
N PHE P 29 36.37 -31.20 18.73
CA PHE P 29 36.85 -30.24 19.72
C PHE P 29 38.04 -30.79 20.49
N ASN P 30 37.95 -32.05 20.93
CA ASN P 30 39.06 -32.66 21.65
C ASN P 30 40.28 -32.83 20.75
N PHE P 31 40.05 -33.21 19.48
CA PHE P 31 41.14 -33.34 18.53
C PHE P 31 41.84 -32.00 18.30
N LEU P 32 41.07 -30.91 18.29
CA LEU P 32 41.65 -29.58 18.13
C LEU P 32 42.27 -29.07 19.42
N ASP P 33 41.89 -29.63 20.56
CA ASP P 33 42.43 -29.20 21.86
C ASP P 33 43.64 -30.06 22.22
N VAL P 34 44.71 -29.85 21.45
CA VAL P 34 45.88 -30.72 21.55
C VAL P 34 46.56 -30.61 22.91
N ASN P 35 46.43 -29.45 23.57
CA ASN P 35 47.07 -29.22 24.86
C ASN P 35 46.15 -29.48 26.04
N HIS P 36 44.94 -30.02 25.80
CA HIS P 36 44.02 -30.42 26.86
C HIS P 36 43.70 -29.25 27.80
N ASN P 37 43.45 -28.09 27.22
CA ASN P 37 43.10 -26.90 27.99
C ASN P 37 41.58 -26.75 28.17
N GLY P 38 40.78 -27.55 27.48
CA GLY P 38 39.35 -27.30 27.45
C GLY P 38 38.96 -26.03 26.75
N LYS P 39 39.91 -25.35 26.11
CA LYS P 39 39.68 -24.09 25.42
C LYS P 39 40.55 -24.05 24.17
N ILE P 40 40.00 -23.53 23.08
CA ILE P 40 40.75 -23.32 21.86
C ILE P 40 40.44 -21.91 21.34
N SER P 41 41.41 -21.32 20.66
CA SER P 41 41.29 -19.96 20.16
C SER P 41 41.39 -19.95 18.63
N LEU P 42 40.85 -18.88 18.04
CA LEU P 42 41.01 -18.70 16.60
C LEU P 42 42.47 -18.56 16.22
N ASP P 43 43.29 -18.02 17.12
CA ASP P 43 44.73 -17.93 16.87
C ASP P 43 45.32 -19.31 16.62
N GLU P 44 44.95 -20.28 17.46
CA GLU P 44 45.49 -21.63 17.32
C GLU P 44 44.95 -22.32 16.07
N MET P 45 43.68 -22.06 15.73
CA MET P 45 43.08 -22.73 14.58
C MET P 45 43.68 -22.24 13.27
N VAL P 46 43.85 -20.93 13.12
CA VAL P 46 44.42 -20.39 11.90
C VAL P 46 45.92 -20.68 11.83
N TYR P 47 46.60 -20.74 12.97
CA TYR P 47 48.01 -21.12 12.98
C TYR P 47 48.17 -22.55 12.47
N LYS P 48 47.42 -23.49 13.06
CA LYS P 48 47.46 -24.87 12.59
C LYS P 48 47.14 -24.96 11.11
N ALA P 49 46.13 -24.20 10.65
CA ALA P 49 45.73 -24.25 9.25
C ALA P 49 46.84 -23.77 8.34
N SER P 50 47.44 -22.62 8.65
CA SER P 50 48.49 -22.08 7.80
C SER P 50 49.77 -22.89 7.89
N ASP P 51 50.08 -23.40 9.09
CA ASP P 51 51.29 -24.20 9.26
C ASP P 51 51.26 -25.46 8.40
N ILE P 52 50.07 -26.04 8.19
CA ILE P 52 49.97 -27.23 7.36
C ILE P 52 50.25 -26.88 5.90
N VAL P 53 49.53 -25.91 5.36
CA VAL P 53 49.64 -25.63 3.92
C VAL P 53 51.00 -25.01 3.59
N ILE P 54 51.56 -24.22 4.51
CA ILE P 54 52.83 -23.55 4.21
C ILE P 54 54.01 -24.49 4.43
N ASN P 55 54.06 -25.13 5.60
CA ASN P 55 55.24 -25.90 6.00
C ASN P 55 55.14 -27.39 5.67
N ASN P 56 53.97 -27.89 5.30
CA ASN P 56 53.85 -29.29 4.91
C ASN P 56 53.43 -29.49 3.46
N LEU P 57 52.72 -28.53 2.86
CA LEU P 57 52.19 -28.69 1.51
C LEU P 57 52.79 -27.71 0.52
N GLY P 58 53.75 -26.89 0.95
CA GLY P 58 54.47 -26.02 0.04
C GLY P 58 53.61 -24.98 -0.66
N ALA P 59 52.65 -24.39 0.07
CA ALA P 59 51.79 -23.38 -0.53
C ALA P 59 52.56 -22.09 -0.78
N THR P 60 52.28 -21.46 -1.91
CA THR P 60 52.83 -20.16 -2.21
C THR P 60 52.26 -19.12 -1.25
N PRO P 61 52.93 -17.97 -1.08
CA PRO P 61 52.35 -16.92 -0.23
C PRO P 61 50.95 -16.49 -0.66
N GLU P 62 50.68 -16.50 -1.97
CA GLU P 62 49.35 -16.14 -2.44
C GLU P 62 48.33 -17.19 -2.08
N GLN P 63 48.67 -18.47 -2.29
CA GLN P 63 47.77 -19.55 -1.89
C GLN P 63 47.56 -19.56 -0.38
N ALA P 64 48.60 -19.25 0.38
CA ALA P 64 48.48 -19.26 1.84
C ALA P 64 47.60 -18.14 2.34
N LYS P 65 47.60 -16.99 1.67
CA LYS P 65 46.75 -15.88 2.08
C LYS P 65 45.28 -16.22 1.84
N ARG P 66 44.95 -16.71 0.64
CA ARG P 66 43.58 -17.10 0.33
C ARG P 66 43.09 -18.20 1.27
N HIS P 67 43.96 -19.18 1.56
CA HIS P 67 43.59 -20.25 2.48
C HIS P 67 43.40 -19.72 3.89
N LYS P 68 44.26 -18.79 4.33
CA LYS P 68 44.14 -18.25 5.68
C LYS P 68 42.83 -17.50 5.86
N ASP P 69 42.43 -16.69 4.87
CA ASP P 69 41.18 -15.96 4.97
C ASP P 69 39.98 -16.91 5.04
N ALA P 70 40.06 -18.04 4.34
CA ALA P 70 38.93 -18.98 4.32
C ALA P 70 38.79 -19.72 5.64
N VAL P 71 39.90 -20.19 6.21
CA VAL P 71 39.84 -20.85 7.51
C VAL P 71 39.44 -19.85 8.59
N GLU P 72 39.97 -18.64 8.53
CA GLU P 72 39.60 -17.60 9.49
C GLU P 72 38.10 -17.35 9.49
N ALA P 73 37.48 -17.30 8.30
CA ALA P 73 36.05 -17.06 8.21
C ALA P 73 35.24 -18.28 8.63
N PHE P 74 35.80 -19.48 8.44
CA PHE P 74 35.07 -20.71 8.79
C PHE P 74 34.93 -20.84 10.30
N PHE P 75 36.06 -20.86 11.02
CA PHE P 75 36.00 -20.93 12.48
C PHE P 75 35.48 -19.62 13.06
N GLY P 76 35.71 -18.50 12.38
CA GLY P 76 35.08 -17.26 12.79
C GLY P 76 33.57 -17.31 12.71
N GLY P 77 33.04 -18.08 11.76
CA GLY P 77 31.60 -18.28 11.67
C GLY P 77 31.02 -19.07 12.82
N ALA P 78 31.83 -19.87 13.49
CA ALA P 78 31.40 -20.61 14.68
C ALA P 78 31.59 -19.80 15.96
N GLY P 79 31.77 -18.48 15.85
CA GLY P 79 31.86 -17.62 17.01
C GLY P 79 33.24 -17.43 17.59
N MET P 80 34.26 -18.12 17.06
CA MET P 80 35.60 -17.98 17.59
C MET P 80 36.23 -16.68 17.12
N LYS P 81 37.11 -16.12 17.96
CA LYS P 81 37.72 -14.82 17.71
C LYS P 81 39.17 -14.85 18.17
N TYR P 82 39.97 -13.97 17.58
CA TYR P 82 41.36 -13.83 17.98
C TYR P 82 41.45 -13.30 19.41
N GLY P 83 42.35 -13.88 20.20
CA GLY P 83 42.50 -13.48 21.58
C GLY P 83 41.40 -13.95 22.50
N VAL P 84 40.54 -14.86 22.05
CA VAL P 84 39.43 -15.38 22.85
C VAL P 84 39.57 -16.89 22.94
N GLU P 85 39.50 -17.42 24.15
CA GLU P 85 39.52 -18.86 24.39
C GLU P 85 38.10 -19.39 24.41
N THR P 86 37.80 -20.32 23.51
CA THR P 86 36.46 -20.87 23.34
C THR P 86 36.36 -22.21 24.06
N ASP P 87 35.50 -22.29 25.07
CA ASP P 87 35.31 -23.56 25.76
C ASP P 87 34.29 -24.41 25.00
N TRP P 88 34.02 -25.61 25.52
CA TRP P 88 33.14 -26.53 24.81
C TRP P 88 31.72 -26.01 24.67
N PRO P 89 31.06 -25.48 25.71
CA PRO P 89 29.67 -24.99 25.50
C PRO P 89 29.59 -23.83 24.52
N ALA P 90 30.53 -22.88 24.58
CA ALA P 90 30.54 -21.82 23.57
C ALA P 90 30.86 -22.36 22.20
N TYR P 91 31.66 -23.42 22.13
CA TYR P 91 32.03 -24.00 20.84
C TYR P 91 30.84 -24.66 20.16
N ILE P 92 30.13 -25.54 20.88
CA ILE P 92 29.02 -26.25 20.28
C ILE P 92 27.85 -25.32 20.02
N GLU P 93 27.68 -24.29 20.86
CA GLU P 93 26.66 -23.28 20.59
C GLU P 93 27.04 -22.47 19.36
N GLY P 94 28.33 -22.16 19.20
CA GLY P 94 28.77 -21.48 17.99
C GLY P 94 28.65 -22.33 16.74
N TRP P 95 28.76 -23.66 16.89
CA TRP P 95 28.62 -24.53 15.73
C TRP P 95 27.17 -24.65 15.28
N LYS P 96 26.21 -24.48 16.21
CA LYS P 96 24.82 -24.35 15.80
C LYS P 96 24.63 -23.11 14.93
N LYS P 97 25.25 -22.00 15.30
CA LYS P 97 25.14 -20.77 14.52
C LYS P 97 25.81 -20.93 13.16
N LEU P 98 26.99 -21.54 13.12
CA LEU P 98 27.69 -21.74 11.86
C LEU P 98 26.87 -22.62 10.91
N ALA P 99 26.34 -23.73 11.42
CA ALA P 99 25.57 -24.63 10.59
C ALA P 99 24.33 -23.95 10.03
N THR P 100 23.60 -23.21 10.88
CA THR P 100 22.40 -22.52 10.40
C THR P 100 22.74 -21.46 9.36
N ASP P 101 23.85 -20.75 9.55
CA ASP P 101 24.29 -19.78 8.54
C ASP P 101 24.68 -20.47 7.25
N GLU P 102 25.35 -21.62 7.34
CA GLU P 102 25.75 -22.35 6.15
C GLU P 102 24.53 -22.93 5.43
N LEU P 103 23.57 -23.47 6.19
CA LEU P 103 22.40 -24.08 5.57
C LEU P 103 21.57 -23.04 4.82
N GLU P 104 21.51 -21.82 5.34
CA GLU P 104 20.85 -20.75 4.61
C GLU P 104 21.55 -20.45 3.30
N LYS P 105 22.88 -20.48 3.29
CA LYS P 105 23.63 -20.27 2.07
C LYS P 105 23.41 -21.41 1.07
N TYR P 106 23.32 -22.64 1.57
CA TYR P 106 22.99 -23.78 0.71
C TYR P 106 21.65 -23.56 0.03
N ALA P 107 20.60 -23.25 0.80
CA ALA P 107 19.27 -23.10 0.24
C ALA P 107 19.21 -21.93 -0.74
N LYS P 108 19.88 -20.83 -0.42
CA LYS P 108 19.96 -19.69 -1.33
C LYS P 108 20.96 -19.88 -2.46
N ASN P 109 21.58 -21.05 -2.55
CA ASN P 109 22.61 -21.35 -3.56
C ASN P 109 23.70 -20.28 -3.53
N GLU P 110 24.16 -19.98 -2.32
CA GLU P 110 25.17 -18.97 -2.01
C GLU P 110 26.48 -19.66 -1.60
N PRO P 111 27.63 -19.11 -2.01
CA PRO P 111 28.90 -19.75 -1.63
C PRO P 111 29.07 -19.90 -0.13
N THR P 112 29.10 -21.15 0.34
CA THR P 112 29.23 -21.44 1.75
C THR P 112 30.67 -21.27 2.22
N LEU P 113 30.82 -21.12 3.53
CA LEU P 113 32.16 -21.01 4.12
C LEU P 113 32.96 -22.28 3.93
N ILE P 114 32.30 -23.44 4.04
CA ILE P 114 32.99 -24.72 3.87
C ILE P 114 33.44 -24.88 2.43
N ARG P 115 32.73 -24.28 1.47
CA ARG P 115 33.14 -24.36 0.07
C ARG P 115 34.34 -23.48 -0.20
N ILE P 116 34.32 -22.25 0.33
CA ILE P 116 35.43 -21.32 0.11
C ILE P 116 36.73 -21.89 0.67
N TRP P 117 36.65 -22.55 1.83
CA TRP P 117 37.83 -23.23 2.38
C TRP P 117 38.27 -24.36 1.45
N GLY P 118 37.32 -25.12 0.92
CA GLY P 118 37.69 -26.24 0.06
C GLY P 118 38.39 -25.79 -1.20
N ASP P 119 37.85 -24.76 -1.86
CA ASP P 119 38.49 -24.25 -3.08
C ASP P 119 39.91 -23.76 -2.79
N ALA P 120 40.08 -22.99 -1.71
CA ALA P 120 41.40 -22.48 -1.37
C ALA P 120 42.35 -23.61 -1.01
N LEU P 121 41.85 -24.64 -0.32
CA LEU P 121 42.72 -25.74 0.09
C LEU P 121 43.08 -26.64 -1.08
N PHE P 122 42.08 -27.07 -1.86
CA PHE P 122 42.34 -27.96 -2.98
C PHE P 122 43.23 -27.33 -4.04
N ASP P 123 43.24 -25.99 -4.13
CA ASP P 123 44.19 -25.34 -5.03
C ASP P 123 45.62 -25.56 -4.58
N ILE P 124 45.83 -25.80 -3.28
CA ILE P 124 47.16 -26.12 -2.76
C ILE P 124 47.43 -27.61 -2.83
N VAL P 125 46.47 -28.43 -2.41
CA VAL P 125 46.68 -29.88 -2.34
C VAL P 125 46.82 -30.47 -3.73
N ASP P 126 46.04 -29.98 -4.69
CA ASP P 126 46.15 -30.45 -6.06
C ASP P 126 47.41 -29.88 -6.71
N LYS P 127 48.25 -30.77 -7.23
CA LYS P 127 49.48 -30.33 -7.89
C LYS P 127 49.18 -29.67 -9.24
N ASP P 128 48.10 -30.10 -9.91
CA ASP P 128 47.69 -29.48 -11.16
C ASP P 128 46.87 -28.22 -10.93
N GLN P 129 46.43 -27.97 -9.69
CA GLN P 129 45.62 -26.79 -9.36
C GLN P 129 44.34 -26.73 -10.19
N ASN P 130 43.60 -27.84 -10.19
CA ASN P 130 42.35 -27.96 -10.93
C ASN P 130 41.16 -28.27 -10.02
N GLY P 131 41.31 -28.04 -8.72
CA GLY P 131 40.23 -28.32 -7.80
C GLY P 131 39.85 -29.78 -7.69
N ALA P 132 40.77 -30.69 -8.00
CA ALA P 132 40.54 -32.13 -7.87
C ALA P 132 41.82 -32.78 -7.37
N ILE P 133 41.71 -33.56 -6.30
CA ILE P 133 42.88 -34.16 -5.67
C ILE P 133 42.79 -35.68 -5.76
N THR P 134 43.97 -36.31 -5.83
CA THR P 134 44.05 -37.76 -5.89
C THR P 134 43.93 -38.34 -4.48
N LEU P 135 43.97 -39.68 -4.40
CA LEU P 135 43.88 -40.33 -3.10
C LEU P 135 45.13 -40.08 -2.27
N ASP P 136 46.31 -40.11 -2.90
CA ASP P 136 47.55 -39.85 -2.18
C ASP P 136 47.59 -38.41 -1.67
N GLU P 137 47.05 -37.47 -2.44
CA GLU P 137 47.00 -36.08 -1.98
C GLU P 137 46.02 -35.92 -0.83
N TRP P 138 44.88 -36.61 -0.89
CA TRP P 138 43.94 -36.57 0.21
C TRP P 138 44.52 -37.25 1.45
N LYS P 139 45.28 -38.33 1.25
CA LYS P 139 46.00 -38.93 2.37
C LYS P 139 47.02 -37.95 2.95
N ALA P 140 47.69 -37.19 2.08
CA ALA P 140 48.75 -36.30 2.54
C ALA P 140 48.20 -35.18 3.41
N TYR P 141 47.08 -34.57 3.02
CA TYR P 141 46.54 -33.47 3.81
C TYR P 141 45.98 -33.96 5.14
N THR P 142 45.11 -34.98 5.10
CA THR P 142 44.43 -35.42 6.31
C THR P 142 45.41 -35.99 7.33
N LYS P 143 46.49 -36.62 6.88
CA LYS P 143 47.50 -37.09 7.83
C LYS P 143 48.35 -35.93 8.34
N ALA P 144 48.59 -34.91 7.51
CA ALA P 144 49.29 -33.73 7.98
C ALA P 144 48.43 -32.94 8.96
N ALA P 145 47.12 -32.87 8.71
CA ALA P 145 46.22 -32.23 9.66
C ALA P 145 45.98 -33.11 10.88
N GLY P 146 46.01 -34.43 10.71
CA GLY P 146 45.74 -35.35 11.78
C GLY P 146 44.29 -35.76 11.93
N ILE P 147 43.39 -35.19 11.13
CA ILE P 147 41.98 -35.53 11.23
C ILE P 147 41.75 -36.99 10.85
N ILE P 148 42.58 -37.53 9.96
CA ILE P 148 42.62 -38.95 9.64
C ILE P 148 44.04 -39.44 9.88
N GLN P 149 44.17 -40.64 10.44
CA GLN P 149 45.47 -41.23 10.74
C GLN P 149 45.82 -42.39 9.81
N SER P 150 44.89 -43.31 9.58
CA SER P 150 45.15 -44.50 8.78
C SER P 150 44.77 -44.29 7.33
N SER P 151 45.52 -44.93 6.43
CA SER P 151 45.19 -44.87 5.01
C SER P 151 43.85 -45.53 4.71
N GLU P 152 43.48 -46.54 5.50
CA GLU P 152 42.20 -47.22 5.29
C GLU P 152 41.03 -46.26 5.44
N ASP P 153 41.10 -45.35 6.43
CA ASP P 153 40.04 -44.37 6.59
C ASP P 153 40.06 -43.33 5.48
N CYS P 154 41.23 -43.01 4.94
CA CYS P 154 41.30 -42.11 3.79
C CYS P 154 40.63 -42.72 2.56
N GLU P 155 40.72 -44.05 2.41
CA GLU P 155 40.08 -44.71 1.28
C GLU P 155 38.58 -44.76 1.44
N GLU P 156 38.08 -44.82 2.68
CA GLU P 156 36.64 -44.76 2.91
C GLU P 156 36.05 -43.46 2.39
N THR P 157 36.83 -42.37 2.41
CA THR P 157 36.35 -41.10 1.87
C THR P 157 36.02 -41.24 0.39
N PHE P 158 36.93 -41.83 -0.38
CA PHE P 158 36.67 -42.01 -1.81
C PHE P 158 35.55 -43.01 -2.06
N ARG P 159 35.36 -43.98 -1.16
CA ARG P 159 34.25 -44.92 -1.31
C ARG P 159 32.91 -44.23 -1.07
N VAL P 160 32.83 -43.37 -0.05
CA VAL P 160 31.59 -42.67 0.23
C VAL P 160 31.29 -41.64 -0.84
N CYS P 161 32.34 -40.99 -1.37
CA CYS P 161 32.17 -40.01 -2.44
C CYS P 161 31.95 -40.66 -3.80
N ASP P 162 31.91 -42.00 -3.88
CA ASP P 162 31.72 -42.72 -5.13
C ASP P 162 32.79 -42.35 -6.15
N ILE P 163 34.05 -42.39 -5.71
CA ILE P 163 35.20 -42.06 -6.55
C ILE P 163 36.18 -43.21 -6.47
N ASP P 164 36.69 -43.64 -7.62
CA ASP P 164 37.72 -44.66 -7.65
C ASP P 164 39.00 -44.14 -7.01
N GLU P 165 39.80 -45.07 -6.47
CA GLU P 165 41.06 -44.69 -5.86
C GLU P 165 42.03 -44.11 -6.90
N SER P 166 41.86 -44.45 -8.18
CA SER P 166 42.61 -43.80 -9.24
C SER P 166 42.00 -42.47 -9.66
N GLY P 167 40.73 -42.24 -9.34
CA GLY P 167 40.07 -41.00 -9.67
C GLY P 167 40.47 -39.87 -8.76
N GLN P 168 39.75 -38.75 -8.89
CA GLN P 168 40.03 -37.55 -8.13
C GLN P 168 38.78 -37.06 -7.40
N LEU P 169 39.01 -36.35 -6.31
CA LEU P 169 37.94 -35.79 -5.48
C LEU P 169 37.93 -34.27 -5.64
N ASP P 170 36.78 -33.72 -6.00
CA ASP P 170 36.63 -32.30 -6.26
C ASP P 170 35.87 -31.60 -5.14
N VAL P 171 35.96 -30.27 -5.13
CA VAL P 171 35.33 -29.48 -4.07
C VAL P 171 33.81 -29.58 -4.16
N ASP P 172 33.27 -29.71 -5.37
CA ASP P 172 31.82 -29.81 -5.53
C ASP P 172 31.27 -31.03 -4.78
N GLU P 173 31.87 -32.19 -5.00
CA GLU P 173 31.40 -33.41 -4.34
C GLU P 173 31.69 -33.38 -2.84
N MET P 174 32.86 -32.86 -2.46
CA MET P 174 33.22 -32.83 -1.04
C MET P 174 32.36 -31.82 -0.27
N THR P 175 31.92 -30.75 -0.94
CA THR P 175 31.03 -29.80 -0.27
C THR P 175 29.67 -30.43 0.01
N ARG P 176 29.18 -31.27 -0.91
CA ARG P 176 27.93 -31.97 -0.65
C ARG P 176 28.07 -32.97 0.48
N GLN P 177 29.21 -33.67 0.55
CA GLN P 177 29.43 -34.63 1.63
C GLN P 177 29.57 -33.92 2.97
N HIS P 178 30.30 -32.79 3.00
CA HIS P 178 30.44 -32.05 4.23
C HIS P 178 29.12 -31.45 4.69
N LEU P 179 28.21 -31.18 3.75
CA LEU P 179 26.87 -30.75 4.12
C LEU P 179 26.20 -31.78 5.03
N GLY P 180 26.20 -33.04 4.61
CA GLY P 180 25.58 -34.09 5.41
C GLY P 180 26.41 -34.56 6.58
N PHE P 181 27.73 -34.37 6.54
CA PHE P 181 28.59 -34.87 7.59
C PHE P 181 28.77 -33.86 8.72
N TRP P 182 29.04 -32.60 8.38
CA TRP P 182 29.29 -31.59 9.40
C TRP P 182 28.03 -30.87 9.86
N TYR P 183 27.01 -30.77 9.02
CA TYR P 183 25.88 -29.88 9.28
C TYR P 183 24.58 -30.60 9.58
N THR P 184 24.16 -31.54 8.73
CA THR P 184 22.80 -32.05 8.76
C THR P 184 22.67 -33.50 9.20
N MET P 185 23.78 -34.21 9.43
CA MET P 185 23.75 -35.61 9.86
C MET P 185 23.01 -36.49 8.85
N ASP P 186 23.29 -36.28 7.57
CA ASP P 186 22.71 -37.11 6.52
C ASP P 186 23.27 -38.52 6.63
N PRO P 187 22.44 -39.54 6.86
CA PRO P 187 22.97 -40.90 7.03
C PRO P 187 23.71 -41.43 5.81
N ALA P 188 23.50 -40.84 4.64
CA ALA P 188 24.25 -41.25 3.45
C ALA P 188 25.71 -40.80 3.49
N CYS P 189 26.07 -39.94 4.44
CA CYS P 189 27.44 -39.43 4.54
C CYS P 189 28.22 -40.08 5.66
N GLU P 190 27.65 -41.07 6.35
CA GLU P 190 28.38 -41.76 7.41
C GLU P 190 29.64 -42.41 6.84
N LYS P 191 30.66 -42.52 7.69
CA LYS P 191 31.97 -43.07 7.35
C LYS P 191 32.67 -42.27 6.26
N LEU P 192 32.31 -40.99 6.09
CA LEU P 192 33.04 -40.14 5.15
C LEU P 192 34.50 -40.01 5.54
N TYR P 193 34.79 -40.05 6.84
CA TYR P 193 36.15 -40.06 7.35
C TYR P 193 36.50 -41.41 7.98
N GLY P 194 35.80 -42.46 7.55
CA GLY P 194 36.06 -43.80 8.06
C GLY P 194 35.80 -43.90 9.54
N GLY P 195 36.70 -44.58 10.25
CA GLY P 195 36.65 -44.67 11.68
C GLY P 195 37.33 -43.54 12.41
N ALA P 196 37.93 -42.60 11.69
CA ALA P 196 38.65 -41.51 12.33
C ALA P 196 37.73 -40.52 13.02
N VAL P 197 36.54 -40.29 12.46
CA VAL P 197 35.59 -39.33 13.04
C VAL P 197 34.23 -40.01 13.19
N PRO P 198 33.62 -40.00 14.39
CA PRO P 198 32.31 -40.62 14.63
C PRO P 198 31.19 -39.87 13.92
#